data_7WTC
#
_entry.id   7WTC
#
_cell.length_a   1.00
_cell.length_b   1.00
_cell.length_c   1.00
_cell.angle_alpha   90.00
_cell.angle_beta   90.00
_cell.angle_gamma   90.00
#
_symmetry.space_group_name_H-M   'P 1'
#
loop_
_entity.id
_entity.type
_entity.pdbx_description
1 polymer 'Pyruvate carboxylase, mitochondrial'
2 non-polymer 5-(HEXAHYDRO-2-OXO-1H-THIENO[3,4-D]IMIDAZOL-6-YL)PENTANAL
3 non-polymer 'ACETYL COENZYME *A'
#
_entity_poly.entity_id   1
_entity_poly.type   'polypeptide(L)'
_entity_poly.pdbx_seq_one_letter_code
;MLKFRTVHGGLRLLGIRRTSTAPAASPNVRRLEYKPIKKVMVANRGEIAIRVFRACTELGIRTVAIYSEQDTGQMHRQKA
DEAYLIGRGLAPVQAYLHIPDIIKVAKENNVDAVHPGYGFLSERADFAQACQDAGVRFIGPSPEVVRKMGDKVEARAIAI
AAGVPVVPGTDAPITSLHEAHEFSNTYGFPIIFKAAYGGGGRGMRVVHSYEELEENYTRAYSEALAAFGNGALFVEKFIE
KPRHIEVQILGDQYGNILHLYERDCSIQRRHQKVVEIAPAAHLDPQLRTRLTSDSVKLAKQVGYENAGTVEFLVDRHGKH
YFIEVNSRLQVEHTVTEEITDVDLVHAQIHVAEGRSLPDLGLRQENIRINGCAIQCRVTTEDPARSFQPDTGRIEVFRSG
EGMGIRLDNASAFQGAVISPHYDSLLVKVIAHGKDHPTAATKMSRALAEFRVRGVKTNIAFLQNVLNNQQFLAGTVDTQF
IDENPELFQLRPAQNRAQKLLHYLGHVMVNGPTTPIPVKASPSPTDPVVPAVPIGPPPAGFRDILLREGPEGFARAVRNH
PGLLLMDTTFRDAHQSLLATRVRTHDLKKIAPYVAHNFSKLFSMENWGGATFDVAMRFLYECPWRRLQELRELIPNIPFQ
MLLRGANAVGYTNYPDNVVFKFCEVAKENGMDVFRVFDSLNYLPNMLLGMEAAGSAGGVVEAAISYTGDVADPSRTKYSL
QYYMGLAEELVRAGTHILCIKDMAGLLKPTACTMLVSSLRDRFPDLPLHIHTHDTSGAGVAAMLACAQAGADVVDVAADS
MSGMTSQPSMGALVACTRGTPLDTEVPMERVFDYSEYWEGARGLYAAFDCTATMKSGNSDVYENEIPGGQYTNLHFQAHS
MGLGSKFKEVKKAYVEANQMLGDLIKVTPSSKIVGDLAQFMVQNGLSRAEAEAQAEELSFPRSVVEFLQGYIGVPHGGFP
EPFRSKVLKDLPRVEGRPGASLPPLDLQALEKELVDRHGEEVTPEDVLSAAMYPDVFAHFKDFTATFGPLDSLNTRLFLQ
GPKIAEEFEVELERGKTLHIKALAVSDLNRAGQRQVFFELNGQLRSILVKDTQAMKEMHFHPKALKDVKGQIGAPMPGKV
IDIKVVAGAKVAKGQPLCVLSAMKMETVVTSPMEGTVRKVHVTKDMTLEGDDLILEIE
;
_entity_poly.pdbx_strand_id   A,B,C,D
#
loop_
_chem_comp.id
_chem_comp.type
_chem_comp.name
_chem_comp.formula
ACO non-polymer 'ACETYL COENZYME *A' 'C23 H38 N7 O17 P3 S'
BTI non-polymer 5-(HEXAHYDRO-2-OXO-1H-THIENO[3,4-D]IMIDAZOL-6-YL)PENTANAL 'C10 H16 N2 O2 S'
#
# COMPACT_ATOMS: atom_id res chain seq x y z
N GLU A 33 27.37 -52.82 19.84
CA GLU A 33 26.99 -54.21 20.08
C GLU A 33 25.57 -54.32 20.61
N TYR A 34 25.12 -53.25 21.27
CA TYR A 34 23.80 -53.20 21.88
C TYR A 34 22.79 -52.63 20.87
N LYS A 35 21.64 -52.20 21.37
CA LYS A 35 20.55 -51.65 20.57
C LYS A 35 20.97 -50.36 19.88
N PRO A 36 20.89 -50.29 18.56
CA PRO A 36 21.16 -49.01 17.87
C PRO A 36 20.07 -48.00 18.15
N ILE A 37 20.43 -46.73 18.00
CA ILE A 37 19.56 -45.62 18.38
C ILE A 37 18.87 -45.07 17.12
N LYS A 38 17.56 -44.83 17.23
CA LYS A 38 16.76 -44.38 16.10
C LYS A 38 16.11 -43.03 16.29
N LYS A 39 16.11 -42.48 17.50
CA LYS A 39 15.53 -41.15 17.73
C LYS A 39 16.28 -40.47 18.86
N VAL A 40 16.63 -39.20 18.64
CA VAL A 40 17.45 -38.45 19.60
C VAL A 40 16.75 -37.14 19.94
N MET A 41 16.75 -36.81 21.24
CA MET A 41 16.15 -35.62 21.79
C MET A 41 17.19 -34.78 22.51
N VAL A 42 17.00 -33.47 22.51
CA VAL A 42 17.79 -32.56 23.33
C VAL A 42 16.86 -31.51 23.91
N ALA A 43 17.24 -31.00 25.10
CA ALA A 43 16.42 -30.05 25.83
C ALA A 43 17.02 -28.65 25.84
N ASN A 44 17.93 -28.35 24.92
CA ASN A 44 18.65 -27.10 24.93
C ASN A 44 18.43 -26.37 23.60
N ARG A 45 18.49 -25.04 23.65
CA ARG A 45 18.36 -24.23 22.46
C ARG A 45 19.64 -23.44 22.26
N GLY A 46 19.87 -23.03 21.02
CA GLY A 46 21.11 -22.37 20.65
C GLY A 46 21.97 -23.25 19.78
N GLU A 47 23.27 -22.99 19.76
CA GLU A 47 24.17 -23.81 18.97
C GLU A 47 24.19 -25.26 19.43
N ILE A 48 23.77 -25.51 20.67
CA ILE A 48 23.72 -26.87 21.20
C ILE A 48 22.80 -27.73 20.34
N ALA A 49 21.54 -27.31 20.21
CA ALA A 49 20.58 -28.07 19.42
C ALA A 49 21.03 -28.17 17.96
N ILE A 50 21.60 -27.08 17.43
CA ILE A 50 22.05 -27.07 16.04
C ILE A 50 23.11 -28.15 15.80
N ARG A 51 24.13 -28.19 16.66
CA ARG A 51 25.20 -29.16 16.47
C ARG A 51 24.71 -30.58 16.69
N VAL A 52 23.84 -30.78 17.70
CA VAL A 52 23.40 -32.14 17.95
C VAL A 52 22.54 -32.65 16.80
N PHE A 53 21.67 -31.81 16.22
CA PHE A 53 20.90 -32.28 15.08
C PHE A 53 21.80 -32.54 13.88
N ARG A 54 22.81 -31.69 13.68
CA ARG A 54 23.76 -31.98 12.61
C ARG A 54 24.37 -33.36 12.80
N ALA A 55 24.83 -33.65 14.02
CA ALA A 55 25.47 -34.94 14.30
C ALA A 55 24.50 -36.09 14.10
N CYS A 56 23.25 -35.92 14.51
CA CYS A 56 22.31 -37.03 14.47
C CYS A 56 21.84 -37.31 13.05
N THR A 57 21.55 -36.27 12.27
CA THR A 57 21.17 -36.48 10.88
C THR A 57 22.35 -36.98 10.06
N GLU A 58 23.58 -36.70 10.51
CA GLU A 58 24.71 -37.41 9.95
C GLU A 58 24.55 -38.92 10.16
N LEU A 59 23.80 -39.31 11.19
CA LEU A 59 23.60 -40.71 11.54
C LEU A 59 22.25 -41.28 11.12
N GLY A 60 21.47 -40.54 10.33
CA GLY A 60 20.22 -41.07 9.82
C GLY A 60 19.24 -41.46 10.90
N ILE A 61 19.05 -40.57 11.86
CA ILE A 61 18.26 -40.84 13.06
C ILE A 61 17.20 -39.75 13.19
N ARG A 62 15.97 -40.17 13.51
CA ARG A 62 14.87 -39.21 13.56
C ARG A 62 15.09 -38.21 14.69
N THR A 63 14.68 -36.97 14.42
CA THR A 63 15.04 -35.82 15.24
C THR A 63 13.80 -35.27 15.94
N VAL A 64 13.96 -34.95 17.22
CA VAL A 64 12.93 -34.25 17.98
C VAL A 64 13.60 -33.13 18.77
N ALA A 65 12.97 -31.96 18.78
CA ALA A 65 13.48 -30.79 19.49
C ALA A 65 12.35 -30.17 20.30
N ILE A 66 12.70 -29.17 21.11
CA ILE A 66 11.74 -28.56 22.02
C ILE A 66 11.82 -27.04 21.90
N TYR A 67 10.68 -26.38 22.16
CA TYR A 67 10.59 -24.94 22.10
C TYR A 67 9.41 -24.48 22.95
N SER A 68 9.41 -23.20 23.28
CA SER A 68 8.31 -22.60 24.04
C SER A 68 7.58 -21.56 23.18
N GLU A 69 6.58 -20.94 23.79
CA GLU A 69 5.77 -19.94 23.08
C GLU A 69 6.58 -18.68 22.78
N GLN A 70 7.41 -18.24 23.72
CA GLN A 70 8.28 -17.11 23.47
C GLN A 70 9.49 -17.48 22.65
N ASP A 71 9.78 -18.78 22.52
CA ASP A 71 10.92 -19.28 21.80
C ASP A 71 10.47 -20.03 20.55
N THR A 72 9.47 -19.49 19.87
CA THR A 72 8.90 -20.11 18.67
C THR A 72 9.57 -19.62 17.40
N GLY A 73 10.58 -18.76 17.51
CA GLY A 73 11.21 -18.19 16.33
C GLY A 73 12.68 -18.52 16.17
N GLN A 74 13.05 -19.78 16.35
CA GLN A 74 14.44 -20.18 16.21
C GLN A 74 14.64 -21.02 14.95
N MET A 75 15.90 -21.19 14.56
CA MET A 75 16.25 -21.99 13.40
C MET A 75 16.31 -23.48 13.71
N HIS A 76 16.46 -23.87 14.97
CA HIS A 76 16.39 -25.28 15.32
C HIS A 76 15.00 -25.83 15.05
N ARG A 77 13.98 -24.97 15.01
CA ARG A 77 12.61 -25.45 15.00
C ARG A 77 12.27 -26.11 13.66
N GLN A 78 12.82 -25.59 12.56
CA GLN A 78 12.59 -26.24 11.27
C GLN A 78 13.79 -27.02 10.78
N LYS A 79 14.97 -26.84 11.40
CA LYS A 79 16.13 -27.62 10.99
C LYS A 79 15.91 -29.10 11.25
N ALA A 80 15.37 -29.45 12.41
CA ALA A 80 15.02 -30.82 12.70
C ALA A 80 13.73 -31.19 11.98
N ASP A 81 13.41 -32.48 11.95
CA ASP A 81 12.17 -32.91 11.32
C ASP A 81 10.93 -32.49 12.10
N GLU A 82 10.89 -32.74 13.40
CA GLU A 82 9.70 -32.47 14.20
C GLU A 82 10.09 -31.91 15.56
N ALA A 83 9.19 -31.07 16.11
CA ALA A 83 9.38 -30.45 17.42
C ALA A 83 8.02 -30.17 18.04
N TYR A 84 8.01 -29.93 19.35
CA TYR A 84 6.79 -29.77 20.13
C TYR A 84 6.98 -28.68 21.17
N LEU A 85 5.87 -28.19 21.70
CA LEU A 85 5.90 -27.13 22.70
C LEU A 85 5.55 -27.69 24.07
N ILE A 86 6.37 -27.33 25.06
CA ILE A 86 6.10 -27.63 26.46
C ILE A 86 6.34 -26.36 27.27
N GLY A 87 5.97 -26.43 28.55
CA GLY A 87 6.09 -25.28 29.41
C GLY A 87 5.24 -24.13 28.90
N ARG A 88 4.01 -24.46 28.50
CA ARG A 88 3.15 -23.50 27.82
C ARG A 88 2.82 -22.32 28.72
N GLY A 89 2.51 -22.57 29.98
CA GLY A 89 2.22 -21.49 30.90
C GLY A 89 3.36 -21.26 31.86
N LEU A 90 4.54 -21.69 31.48
CA LEU A 90 5.72 -21.70 32.34
C LEU A 90 6.66 -20.57 31.94
N ALA A 91 7.66 -20.33 32.80
CA ALA A 91 8.66 -19.33 32.49
C ALA A 91 9.47 -19.78 31.27
N PRO A 92 9.82 -18.85 30.38
CA PRO A 92 10.45 -19.23 29.11
C PRO A 92 11.71 -20.06 29.29
N VAL A 93 12.54 -19.74 30.29
CA VAL A 93 13.65 -20.60 30.63
C VAL A 93 13.19 -21.83 31.42
N GLN A 94 12.21 -21.67 32.30
CA GLN A 94 11.71 -22.78 33.10
C GLN A 94 10.79 -23.70 32.33
N ALA A 95 10.28 -23.26 31.18
CA ALA A 95 9.58 -24.17 30.29
C ALA A 95 10.46 -25.33 29.87
N TYR A 96 11.73 -25.05 29.59
CA TYR A 96 12.72 -26.08 29.30
C TYR A 96 13.12 -26.87 30.55
N LEU A 97 12.69 -26.44 31.73
CA LEU A 97 13.00 -27.13 32.98
C LEU A 97 11.87 -28.05 33.44
N HIS A 98 10.84 -28.25 32.63
CA HIS A 98 9.70 -29.05 33.07
C HIS A 98 9.94 -30.50 32.73
N ILE A 99 10.46 -31.25 33.69
CA ILE A 99 10.71 -32.68 33.48
C ILE A 99 9.45 -33.46 33.13
N PRO A 100 8.30 -33.28 33.81
CA PRO A 100 7.13 -34.08 33.41
C PRO A 100 6.72 -33.87 31.96
N ASP A 101 6.78 -32.64 31.46
CA ASP A 101 6.45 -32.40 30.05
C ASP A 101 7.46 -33.08 29.13
N ILE A 102 8.74 -33.01 29.47
CA ILE A 102 9.76 -33.67 28.67
C ILE A 102 9.51 -35.17 28.65
N ILE A 103 9.20 -35.76 29.80
CA ILE A 103 8.98 -37.19 29.89
C ILE A 103 7.77 -37.60 29.09
N LYS A 104 6.66 -36.87 29.24
CA LYS A 104 5.45 -37.23 28.53
C LYS A 104 5.62 -37.06 27.03
N VAL A 105 6.30 -36.00 26.59
CA VAL A 105 6.50 -35.82 25.16
C VAL A 105 7.49 -36.86 24.63
N ALA A 106 8.40 -37.32 25.47
CA ALA A 106 9.35 -38.34 25.03
C ALA A 106 8.66 -39.68 24.82
N LYS A 107 7.83 -40.10 25.77
CA LYS A 107 7.25 -41.43 25.68
C LYS A 107 5.97 -41.44 24.86
N GLU A 108 5.38 -40.27 24.62
CA GLU A 108 4.18 -40.25 23.76
C GLU A 108 4.56 -40.42 22.31
N ASN A 109 5.80 -40.11 21.95
CA ASN A 109 6.29 -40.28 20.59
C ASN A 109 7.18 -41.52 20.50
N ASN A 110 7.42 -42.19 21.62
CA ASN A 110 8.39 -43.28 21.71
C ASN A 110 9.80 -42.78 21.37
N VAL A 111 10.32 -41.88 22.19
CA VAL A 111 11.69 -41.41 22.04
C VAL A 111 12.63 -42.44 22.64
N ASP A 112 13.79 -42.63 22.02
CA ASP A 112 14.74 -43.66 22.45
C ASP A 112 15.95 -43.10 23.17
N ALA A 113 16.55 -42.01 22.69
CA ALA A 113 17.73 -41.44 23.30
C ALA A 113 17.58 -39.93 23.48
N VAL A 114 18.24 -39.39 24.51
CA VAL A 114 18.19 -37.96 24.80
C VAL A 114 19.50 -37.51 25.43
N HIS A 115 19.90 -36.27 25.10
CA HIS A 115 21.09 -35.55 25.56
C HIS A 115 20.70 -34.53 26.62
N PRO A 116 21.57 -34.25 27.59
CA PRO A 116 21.29 -33.17 28.53
C PRO A 116 21.85 -31.84 28.06
N GLY A 117 22.78 -31.87 27.10
CA GLY A 117 23.43 -30.68 26.62
C GLY A 117 24.19 -29.99 27.73
N TYR A 118 24.02 -28.67 27.81
CA TYR A 118 24.51 -27.91 28.95
C TYR A 118 23.63 -26.69 29.15
N GLY A 119 23.36 -26.37 30.42
CA GLY A 119 22.52 -25.25 30.75
C GLY A 119 21.04 -25.53 30.82
N PHE A 120 20.60 -26.71 30.40
CA PHE A 120 19.19 -27.10 30.48
C PHE A 120 19.15 -28.56 30.90
N LEU A 121 18.92 -28.79 32.19
CA LEU A 121 18.77 -30.10 32.82
C LEU A 121 20.04 -30.94 32.72
N SER A 122 21.16 -30.35 32.31
CA SER A 122 22.37 -31.14 32.10
C SER A 122 23.07 -31.48 33.40
N GLU A 123 23.11 -30.54 34.35
CA GLU A 123 23.90 -30.71 35.56
C GLU A 123 23.07 -31.12 36.76
N ARG A 124 21.82 -31.51 36.55
CA ARG A 124 20.95 -31.93 37.65
C ARG A 124 20.61 -33.40 37.42
N ALA A 125 21.00 -34.24 38.37
CA ALA A 125 20.99 -35.69 38.16
C ALA A 125 19.62 -36.32 38.31
N ASP A 126 18.66 -35.61 38.88
CA ASP A 126 17.30 -36.17 38.94
C ASP A 126 16.76 -36.38 37.53
N PHE A 127 17.08 -35.48 36.60
CA PHE A 127 16.72 -35.69 35.21
C PHE A 127 17.41 -36.92 34.64
N ALA A 128 18.69 -37.11 34.97
CA ALA A 128 19.40 -38.29 34.48
C ALA A 128 18.76 -39.57 35.00
N GLN A 129 18.42 -39.62 36.28
CA GLN A 129 17.84 -40.83 36.86
C GLN A 129 16.42 -41.05 36.37
N ALA A 130 15.67 -39.97 36.14
CA ALA A 130 14.34 -40.11 35.55
C ALA A 130 14.44 -40.65 34.13
N CYS A 131 15.41 -40.15 33.36
CA CYS A 131 15.63 -40.67 32.01
C CYS A 131 15.97 -42.14 32.05
N GLN A 132 16.87 -42.54 32.95
CA GLN A 132 17.24 -43.95 33.06
C GLN A 132 16.03 -44.78 33.46
N ASP A 133 15.24 -44.29 34.42
CA ASP A 133 14.03 -44.97 34.86
C ASP A 133 12.94 -44.95 33.81
N ALA A 134 13.03 -44.04 32.83
CA ALA A 134 12.04 -43.97 31.77
C ALA A 134 12.33 -44.97 30.65
N GLY A 135 13.38 -45.78 30.79
CA GLY A 135 13.79 -46.65 29.70
C GLY A 135 14.52 -45.94 28.59
N VAL A 136 14.78 -44.64 28.75
CA VAL A 136 15.38 -43.81 27.73
C VAL A 136 16.87 -43.67 28.02
N ARG A 137 17.67 -43.62 26.96
CA ARG A 137 19.10 -43.42 27.11
C ARG A 137 19.41 -41.98 27.45
N PHE A 138 20.27 -41.79 28.45
CA PHE A 138 20.77 -40.48 28.86
C PHE A 138 22.22 -40.35 28.42
N ILE A 139 22.52 -39.30 27.66
CA ILE A 139 23.89 -39.12 27.15
C ILE A 139 24.75 -38.51 28.26
N GLY A 140 25.42 -39.36 29.02
CA GLY A 140 26.31 -38.88 30.06
C GLY A 140 26.56 -39.94 31.12
N PRO A 141 27.24 -39.56 32.19
CA PRO A 141 27.53 -40.50 33.27
C PRO A 141 26.26 -40.87 34.02
N SER A 142 26.37 -41.92 34.82
CA SER A 142 25.25 -42.33 35.65
C SER A 142 24.91 -41.22 36.62
N PRO A 143 23.63 -41.12 37.04
CA PRO A 143 23.25 -40.04 37.96
C PRO A 143 24.03 -40.05 39.25
N GLU A 144 24.47 -41.22 39.70
CA GLU A 144 25.34 -41.28 40.87
C GLU A 144 26.67 -40.58 40.59
N VAL A 145 27.27 -40.83 39.43
CA VAL A 145 28.49 -40.13 39.06
C VAL A 145 28.23 -38.63 38.96
N VAL A 146 27.08 -38.26 38.38
CA VAL A 146 26.71 -36.84 38.31
C VAL A 146 26.67 -36.25 39.71
N ARG A 147 26.18 -37.03 40.69
CA ARG A 147 26.13 -36.56 42.07
C ARG A 147 27.52 -36.52 42.70
N LYS A 148 28.47 -37.29 42.15
CA LYS A 148 29.80 -37.32 42.76
C LYS A 148 30.50 -35.97 42.66
N MET A 149 30.32 -35.27 41.55
CA MET A 149 30.77 -33.88 41.45
C MET A 149 29.64 -32.95 41.87
N GLY A 150 29.79 -31.66 41.58
CA GLY A 150 28.78 -30.69 41.94
C GLY A 150 29.19 -29.80 43.10
N ASP A 151 28.64 -30.06 44.28
CA ASP A 151 29.04 -29.31 45.46
C ASP A 151 30.49 -29.59 45.79
N LYS A 152 31.13 -28.64 46.46
CA LYS A 152 32.57 -28.73 46.68
C LYS A 152 32.95 -29.71 47.78
N VAL A 153 32.02 -30.05 48.68
CA VAL A 153 32.35 -30.96 49.76
C VAL A 153 32.59 -32.38 49.23
N GLU A 154 31.66 -32.91 48.43
CA GLU A 154 31.86 -34.25 47.91
C GLU A 154 32.85 -34.25 46.75
N ALA A 155 32.99 -33.11 46.07
CA ALA A 155 34.07 -32.98 45.08
C ALA A 155 35.43 -33.11 45.76
N ARG A 156 35.61 -32.42 46.89
CA ARG A 156 36.78 -32.62 47.72
C ARG A 156 36.91 -34.08 48.14
N ALA A 157 35.80 -34.68 48.56
CA ALA A 157 35.84 -36.05 49.04
C ALA A 157 36.38 -37.00 47.97
N ILE A 158 35.85 -36.90 46.75
CA ILE A 158 36.27 -37.82 45.70
C ILE A 158 37.69 -37.49 45.23
N ALA A 159 38.06 -36.21 45.22
CA ALA A 159 39.39 -35.85 44.73
C ALA A 159 40.46 -36.00 45.79
N ILE A 160 40.09 -36.26 47.04
CA ILE A 160 41.06 -36.35 48.13
C ILE A 160 41.20 -37.78 48.64
N ALA A 161 40.17 -38.61 48.48
CA ALA A 161 40.19 -40.02 48.92
C ALA A 161 39.06 -40.72 48.17
N ALA A 162 39.43 -41.60 47.24
CA ALA A 162 40.82 -41.98 47.01
C ALA A 162 41.41 -41.19 45.85
N GLY A 163 41.00 -39.94 45.73
CA GLY A 163 41.45 -39.06 44.68
C GLY A 163 42.91 -38.70 44.72
N VAL A 164 43.72 -39.47 45.47
CA VAL A 164 45.17 -39.33 45.48
C VAL A 164 45.56 -37.93 45.95
N PRO A 165 45.47 -37.66 47.25
CA PRO A 165 45.78 -36.31 47.76
C PRO A 165 47.23 -35.89 47.53
N VAL A 166 47.57 -34.69 48.00
CA VAL A 166 48.88 -34.06 47.81
C VAL A 166 48.96 -33.57 46.37
N VAL A 167 48.96 -34.51 45.42
CA VAL A 167 48.65 -34.18 44.03
C VAL A 167 47.14 -33.92 44.04
N PRO A 168 46.58 -33.22 43.04
CA PRO A 168 45.32 -32.48 43.24
C PRO A 168 44.24 -33.20 44.06
N GLY A 169 43.96 -32.63 45.22
CA GLY A 169 42.85 -33.02 46.07
C GLY A 169 42.18 -31.80 46.64
N THR A 170 42.20 -30.70 45.88
CA THR A 170 41.80 -29.39 46.36
C THR A 170 40.27 -29.30 46.35
N ASP A 171 39.71 -28.10 46.47
CA ASP A 171 38.30 -27.83 46.73
C ASP A 171 37.89 -28.26 48.13
N ALA A 172 38.81 -28.21 49.08
CA ALA A 172 38.50 -28.50 50.47
C ALA A 172 37.99 -27.23 51.14
N PRO A 173 36.72 -27.20 51.55
CA PRO A 173 36.22 -26.02 52.28
C PRO A 173 37.03 -25.77 53.53
N ILE A 174 37.76 -24.66 53.59
CA ILE A 174 38.72 -24.46 54.65
C ILE A 174 37.97 -24.01 55.91
N THR A 175 37.52 -24.99 56.69
CA THR A 175 37.08 -24.77 58.05
C THR A 175 38.18 -25.06 59.05
N SER A 176 39.31 -25.62 58.60
CA SER A 176 40.46 -25.92 59.44
C SER A 176 41.70 -25.37 58.76
N LEU A 177 42.57 -24.73 59.55
CA LEU A 177 43.80 -24.17 59.01
C LEU A 177 44.76 -25.24 58.49
N HIS A 178 44.62 -26.48 58.97
CA HIS A 178 45.59 -27.52 58.64
C HIS A 178 45.62 -27.79 57.13
N GLU A 179 44.45 -28.04 56.53
CA GLU A 179 44.41 -28.37 55.11
C GLU A 179 44.92 -27.21 54.25
N ALA A 180 44.64 -25.97 54.65
CA ALA A 180 45.25 -24.82 53.98
C ALA A 180 46.77 -24.87 54.11
N HIS A 181 47.27 -25.28 55.28
CA HIS A 181 48.72 -25.34 55.48
C HIS A 181 49.39 -26.36 54.57
N GLU A 182 48.85 -27.59 54.49
CA GLU A 182 49.44 -28.55 53.57
C GLU A 182 49.22 -28.19 52.11
N PHE A 183 48.10 -27.57 51.77
CA PHE A 183 47.90 -27.19 50.37
C PHE A 183 48.86 -26.07 49.97
N SER A 184 49.27 -25.25 50.94
CA SER A 184 50.34 -24.28 50.67
C SER A 184 51.69 -24.97 50.58
N ASN A 185 52.01 -25.85 51.53
CA ASN A 185 53.34 -26.44 51.58
C ASN A 185 53.61 -27.34 50.36
N THR A 186 52.61 -28.12 49.96
CA THR A 186 52.79 -29.06 48.85
C THR A 186 53.02 -28.32 47.53
N TYR A 187 52.17 -27.33 47.24
CA TYR A 187 52.26 -26.67 45.94
C TYR A 187 53.14 -25.43 46.02
N GLY A 188 52.75 -24.46 46.83
CA GLY A 188 53.55 -23.25 46.94
C GLY A 188 52.99 -22.34 48.01
N PHE A 189 53.86 -21.45 48.50
CA PHE A 189 53.56 -20.72 49.73
C PHE A 189 52.51 -19.63 49.53
N PRO A 190 52.61 -18.73 48.54
CA PRO A 190 51.57 -17.70 48.39
C PRO A 190 50.27 -18.32 47.89
N ILE A 191 49.27 -18.34 48.77
CA ILE A 191 47.95 -18.88 48.46
C ILE A 191 46.91 -17.84 48.84
N ILE A 192 45.75 -17.95 48.19
CA ILE A 192 44.61 -17.07 48.48
C ILE A 192 43.40 -17.94 48.76
N PHE A 193 42.58 -17.51 49.70
CA PHE A 193 41.34 -18.20 49.99
C PHE A 193 40.22 -17.63 49.13
N LYS A 194 39.66 -18.44 48.26
CA LYS A 194 38.50 -18.06 47.48
C LYS A 194 37.25 -18.63 48.14
N ALA A 195 36.22 -17.80 48.26
CA ALA A 195 35.04 -18.17 49.03
C ALA A 195 33.88 -18.53 48.10
N ALA A 196 33.02 -19.42 48.60
CA ALA A 196 31.81 -19.84 47.93
C ALA A 196 30.65 -18.99 48.47
N TYR A 197 29.43 -19.39 48.09
CA TYR A 197 28.21 -18.66 48.45
C TYR A 197 28.30 -17.21 47.93
N GLY A 198 28.36 -17.11 46.62
CA GLY A 198 28.45 -15.77 46.02
C GLY A 198 29.71 -15.66 45.18
N GLY A 199 29.53 -15.20 43.94
CA GLY A 199 30.64 -15.01 43.04
C GLY A 199 31.42 -13.74 43.26
N GLY A 200 31.01 -12.92 44.22
CA GLY A 200 31.71 -11.69 44.50
C GLY A 200 33.09 -11.93 45.09
N GLY A 201 33.88 -10.86 45.13
CA GLY A 201 35.23 -10.98 45.64
C GLY A 201 35.28 -11.39 47.09
N ARG A 202 34.44 -10.76 47.91
CA ARG A 202 34.31 -11.04 49.35
C ARG A 202 35.69 -10.82 49.97
N GLY A 203 36.19 -11.73 50.80
CA GLY A 203 37.47 -11.54 51.44
C GLY A 203 38.66 -12.12 50.70
N MET A 204 39.04 -11.51 49.57
CA MET A 204 40.23 -11.96 48.84
C MET A 204 41.44 -11.24 49.43
N ARG A 205 42.03 -11.83 50.47
CA ARG A 205 43.29 -11.36 50.99
C ARG A 205 44.35 -12.42 50.78
N VAL A 206 45.47 -11.99 50.21
CA VAL A 206 46.53 -12.89 49.77
C VAL A 206 47.44 -13.19 50.96
N VAL A 207 47.86 -14.43 51.07
CA VAL A 207 48.75 -14.88 52.14
C VAL A 207 50.14 -15.07 51.56
N HIS A 208 51.10 -14.29 52.04
CA HIS A 208 52.48 -14.39 51.60
C HIS A 208 53.44 -14.87 52.66
N SER A 209 52.97 -15.20 53.86
CA SER A 209 53.83 -15.69 54.93
C SER A 209 53.05 -16.68 55.78
N TYR A 210 53.72 -17.27 56.76
CA TYR A 210 53.11 -18.21 57.69
C TYR A 210 52.52 -17.53 58.91
N GLU A 211 53.19 -16.50 59.43
CA GLU A 211 52.64 -15.75 60.56
C GLU A 211 51.31 -15.12 60.19
N GLU A 212 51.23 -14.51 59.02
CA GLU A 212 49.96 -13.93 58.58
C GLU A 212 48.99 -14.99 58.07
N LEU A 213 49.47 -16.20 57.80
CA LEU A 213 48.58 -17.25 57.30
C LEU A 213 47.50 -17.59 58.31
N GLU A 214 47.88 -17.80 59.57
CA GLU A 214 46.90 -18.16 60.59
C GLU A 214 45.85 -17.06 60.75
N GLU A 215 46.30 -15.81 60.86
CA GLU A 215 45.37 -14.71 61.11
C GLU A 215 44.48 -14.44 59.91
N ASN A 216 45.04 -14.50 58.69
CA ASN A 216 44.20 -14.31 57.51
C ASN A 216 43.17 -15.43 57.38
N TYR A 217 43.57 -16.68 57.65
CA TYR A 217 42.60 -17.76 57.61
C TYR A 217 41.51 -17.54 58.65
N THR A 218 41.88 -17.16 59.86
CA THR A 218 40.89 -16.98 60.92
C THR A 218 39.93 -15.86 60.57
N ARG A 219 40.44 -14.73 60.07
CA ARG A 219 39.57 -13.62 59.73
C ARG A 219 38.67 -13.98 58.55
N ALA A 220 39.22 -14.64 57.53
CA ALA A 220 38.43 -15.02 56.37
C ALA A 220 37.33 -16.01 56.74
N TYR A 221 37.66 -17.00 57.57
CA TYR A 221 36.65 -17.97 58.00
C TYR A 221 35.61 -17.33 58.91
N SER A 222 36.03 -16.43 59.78
CA SER A 222 35.09 -15.72 60.64
C SER A 222 34.13 -14.89 59.80
N GLU A 223 34.64 -14.23 58.76
CA GLU A 223 33.78 -13.46 57.87
C GLU A 223 32.84 -14.39 57.10
N ALA A 224 33.35 -15.53 56.62
CA ALA A 224 32.53 -16.46 55.85
C ALA A 224 31.41 -17.03 56.70
N LEU A 225 31.68 -17.35 57.96
CA LEU A 225 30.64 -17.87 58.83
C LEU A 225 29.71 -16.78 59.32
N ALA A 226 30.21 -15.57 59.53
CA ALA A 226 29.42 -14.51 60.14
C ALA A 226 28.80 -13.57 59.10
N ALA A 227 29.64 -12.86 58.34
CA ALA A 227 29.11 -11.91 57.36
C ALA A 227 28.51 -12.59 56.15
N PHE A 228 28.83 -13.86 55.92
CA PHE A 228 28.32 -14.61 54.78
C PHE A 228 27.70 -15.91 55.25
N GLY A 229 27.41 -16.81 54.31
CA GLY A 229 26.76 -18.06 54.64
C GLY A 229 27.73 -19.19 54.87
N ASN A 230 27.85 -20.08 53.89
CA ASN A 230 28.75 -21.23 54.01
C ASN A 230 30.18 -20.77 54.24
N GLY A 231 30.85 -21.38 55.22
CA GLY A 231 32.24 -21.07 55.48
C GLY A 231 33.17 -21.84 54.56
N ALA A 232 32.74 -22.05 53.33
CA ALA A 232 33.52 -22.80 52.35
C ALA A 232 34.62 -21.90 51.79
N LEU A 233 35.87 -22.25 52.09
CA LEU A 233 37.03 -21.55 51.57
C LEU A 233 37.89 -22.53 50.79
N PHE A 234 38.60 -22.04 49.79
CA PHE A 234 39.45 -22.90 48.97
C PHE A 234 40.83 -22.27 48.81
N VAL A 235 41.85 -23.12 48.84
CA VAL A 235 43.24 -22.73 48.72
C VAL A 235 43.69 -22.95 47.29
N GLU A 236 44.22 -21.91 46.67
CA GLU A 236 44.74 -22.01 45.31
C GLU A 236 45.99 -21.15 45.19
N LYS A 237 46.41 -20.86 43.96
CA LYS A 237 47.59 -20.04 43.71
C LYS A 237 47.17 -18.63 43.33
N PHE A 238 47.68 -17.65 44.06
CA PHE A 238 47.53 -16.25 43.70
C PHE A 238 48.82 -15.78 43.05
N ILE A 239 48.74 -15.41 41.78
CA ILE A 239 49.90 -14.99 41.01
C ILE A 239 50.06 -13.48 41.03
N GLU A 240 49.03 -12.74 41.46
CA GLU A 240 48.74 -11.36 41.09
C GLU A 240 48.19 -11.35 39.67
N LYS A 241 48.23 -12.51 39.00
CA LYS A 241 47.75 -12.67 37.64
C LYS A 241 47.52 -14.15 37.34
N PRO A 242 46.39 -14.73 37.79
CA PRO A 242 46.20 -16.18 37.63
C PRO A 242 46.01 -16.63 36.20
N ARG A 243 45.80 -17.94 36.04
CA ARG A 243 45.75 -18.61 34.75
C ARG A 243 44.53 -19.53 34.72
N HIS A 244 44.22 -20.13 33.58
CA HIS A 244 43.15 -21.12 33.53
C HIS A 244 43.46 -22.25 32.55
N ILE A 245 43.62 -23.46 33.07
CA ILE A 245 43.82 -24.65 32.26
C ILE A 245 42.69 -25.62 32.55
N GLU A 246 42.12 -26.17 31.49
CA GLU A 246 41.04 -27.13 31.58
C GLU A 246 41.31 -28.29 30.63
N VAL A 247 41.04 -29.51 31.10
CA VAL A 247 41.45 -30.71 30.37
C VAL A 247 40.24 -31.62 30.22
N GLN A 248 40.02 -32.13 29.01
CA GLN A 248 38.89 -32.99 28.71
C GLN A 248 39.26 -34.46 28.92
N ILE A 249 38.29 -35.23 29.38
CA ILE A 249 38.42 -36.67 29.59
C ILE A 249 37.17 -37.33 29.02
N LEU A 250 37.37 -38.31 28.14
CA LEU A 250 36.29 -39.07 27.56
C LEU A 250 36.41 -40.52 28.01
N GLY A 251 35.30 -41.09 28.50
CA GLY A 251 35.32 -42.41 29.05
C GLY A 251 34.25 -43.28 28.43
N ASP A 252 34.26 -44.55 28.83
CA ASP A 252 33.28 -45.53 28.40
C ASP A 252 33.01 -46.52 29.52
N GLN A 253 32.05 -47.40 29.27
CA GLN A 253 31.69 -48.45 30.22
C GLN A 253 32.70 -49.57 30.28
N TYR A 254 33.65 -49.63 29.35
CA TYR A 254 34.71 -50.62 29.36
C TYR A 254 35.94 -50.13 30.12
N GLY A 255 35.76 -49.18 31.04
CA GLY A 255 36.85 -48.71 31.87
C GLY A 255 38.00 -48.09 31.10
N ASN A 256 37.70 -47.39 30.01
CA ASN A 256 38.73 -46.74 29.22
C ASN A 256 38.55 -45.24 29.33
N ILE A 257 39.59 -44.57 29.79
CA ILE A 257 39.57 -43.13 30.03
C ILE A 257 40.68 -42.49 29.23
N LEU A 258 40.33 -41.50 28.42
CA LEU A 258 41.25 -40.95 27.42
C LEU A 258 41.21 -39.43 27.50
N HIS A 259 42.37 -38.80 27.54
CA HIS A 259 42.46 -37.35 27.51
C HIS A 259 42.67 -36.88 26.07
N LEU A 260 42.00 -35.80 25.70
CA LEU A 260 42.28 -35.18 24.40
C LEU A 260 43.51 -34.29 24.49
N TYR A 261 43.43 -33.24 25.30
CA TYR A 261 44.56 -32.35 25.57
C TYR A 261 44.15 -31.31 26.61
N GLU A 262 44.99 -30.30 26.82
CA GLU A 262 44.70 -29.21 27.72
C GLU A 262 44.24 -27.97 26.96
N ARG A 263 43.68 -27.02 27.70
CA ARG A 263 43.13 -25.78 27.16
C ARG A 263 43.49 -24.64 28.08
N ASP A 264 43.82 -23.50 27.47
CA ASP A 264 44.12 -22.27 28.21
C ASP A 264 42.97 -21.30 28.02
N CYS A 265 42.53 -20.69 29.11
CA CYS A 265 41.44 -19.72 29.08
C CYS A 265 41.85 -18.48 29.88
N SER A 266 43.01 -17.92 29.54
CA SER A 266 43.55 -16.81 30.30
C SER A 266 42.67 -15.57 30.29
N ILE A 267 41.84 -15.38 29.27
CA ILE A 267 41.16 -14.10 29.07
C ILE A 267 39.81 -14.17 29.77
N GLN A 268 39.65 -13.37 30.82
CA GLN A 268 38.36 -13.17 31.48
C GLN A 268 38.15 -11.69 31.70
N ARG A 269 36.95 -11.20 31.38
CA ARG A 269 36.65 -9.79 31.59
C ARG A 269 36.57 -9.47 33.08
N ARG A 270 35.65 -10.11 33.80
CA ARG A 270 35.67 -10.12 35.26
C ARG A 270 36.05 -11.51 35.75
N HIS A 271 35.29 -12.53 35.38
CA HIS A 271 35.66 -13.92 35.62
C HIS A 271 35.21 -14.82 34.48
N GLN A 272 34.60 -14.27 33.43
CA GLN A 272 33.91 -15.04 32.42
C GLN A 272 34.78 -15.24 31.19
N LYS A 273 34.56 -16.36 30.53
CA LYS A 273 35.34 -16.73 29.35
C LYS A 273 35.14 -15.68 28.26
N VAL A 274 36.23 -15.29 27.62
CA VAL A 274 36.17 -14.25 26.59
C VAL A 274 36.71 -14.79 25.27
N VAL A 275 37.96 -15.21 25.26
CA VAL A 275 38.62 -15.69 24.05
C VAL A 275 39.27 -17.03 24.37
N GLU A 276 39.18 -17.97 23.44
CA GLU A 276 39.73 -19.30 23.63
C GLU A 276 40.91 -19.53 22.70
N ILE A 277 41.98 -20.11 23.25
CA ILE A 277 43.14 -20.53 22.47
C ILE A 277 43.19 -22.06 22.49
N ALA A 278 43.21 -22.67 21.30
CA ALA A 278 43.10 -24.12 21.22
C ALA A 278 44.27 -24.83 21.87
N PRO A 279 45.54 -24.47 21.60
CA PRO A 279 46.62 -24.98 22.45
C PRO A 279 46.94 -24.05 23.60
N ALA A 280 47.73 -24.51 24.57
CA ALA A 280 48.04 -23.70 25.73
C ALA A 280 49.05 -22.60 25.38
N ALA A 281 49.03 -21.52 26.16
CA ALA A 281 49.91 -20.38 25.88
C ALA A 281 51.37 -20.75 26.03
N HIS A 282 51.81 -21.08 27.25
CA HIS A 282 53.22 -21.37 27.52
C HIS A 282 53.27 -22.32 28.71
N LEU A 283 53.43 -23.61 28.43
CA LEU A 283 53.60 -24.61 29.47
C LEU A 283 54.76 -25.55 29.12
N ASP A 284 55.49 -25.95 30.15
CA ASP A 284 56.56 -26.92 29.96
C ASP A 284 55.96 -28.27 29.61
N PRO A 285 56.66 -29.09 28.81
CA PRO A 285 56.19 -30.46 28.60
C PRO A 285 56.04 -31.25 29.89
N GLN A 286 56.93 -31.03 30.87
CA GLN A 286 56.79 -31.71 32.15
C GLN A 286 55.50 -31.30 32.84
N LEU A 287 55.19 -30.00 32.84
CA LEU A 287 53.99 -29.54 33.52
C LEU A 287 52.74 -30.11 32.85
N ARG A 288 52.71 -30.09 31.52
CA ARG A 288 51.53 -30.60 30.83
C ARG A 288 51.38 -32.10 31.03
N THR A 289 52.48 -32.86 31.03
CA THR A 289 52.35 -34.30 31.18
C THR A 289 52.01 -34.68 32.62
N ARG A 290 52.56 -33.97 33.60
CA ARG A 290 52.17 -34.19 34.99
C ARG A 290 50.70 -33.86 35.21
N LEU A 291 50.24 -32.74 34.66
CA LEU A 291 48.85 -32.36 34.82
C LEU A 291 47.93 -33.32 34.08
N THR A 292 48.38 -33.83 32.92
CA THR A 292 47.60 -34.81 32.17
C THR A 292 47.47 -36.10 32.96
N SER A 293 48.56 -36.55 33.58
CA SER A 293 48.48 -37.73 34.44
C SER A 293 47.58 -37.47 35.64
N ASP A 294 47.64 -36.26 36.19
CA ASP A 294 46.72 -35.88 37.27
C ASP A 294 45.28 -36.03 36.82
N SER A 295 44.93 -35.48 35.66
CA SER A 295 43.56 -35.56 35.17
C SER A 295 43.14 -36.99 34.92
N VAL A 296 44.01 -37.78 34.27
CA VAL A 296 43.67 -39.16 33.95
C VAL A 296 43.46 -39.97 35.21
N LYS A 297 44.35 -39.82 36.19
CA LYS A 297 44.21 -40.57 37.43
C LYS A 297 43.01 -40.11 38.23
N LEU A 298 42.71 -38.81 38.22
CA LEU A 298 41.53 -38.33 38.92
C LEU A 298 40.26 -38.88 38.29
N ALA A 299 40.20 -38.90 36.95
CA ALA A 299 39.04 -39.46 36.27
C ALA A 299 38.91 -40.96 36.56
N LYS A 300 40.04 -41.67 36.58
CA LYS A 300 40.02 -43.10 36.88
C LYS A 300 39.51 -43.35 38.28
N GLN A 301 39.95 -42.53 39.24
CA GLN A 301 39.44 -42.62 40.60
C GLN A 301 37.95 -42.33 40.67
N VAL A 302 37.49 -41.32 39.93
CA VAL A 302 36.06 -41.10 39.80
C VAL A 302 35.41 -42.21 38.99
N GLY A 303 36.18 -42.91 38.17
CA GLY A 303 35.61 -43.96 37.34
C GLY A 303 34.66 -43.43 36.28
N TYR A 304 35.04 -42.33 35.62
CA TYR A 304 34.17 -41.68 34.65
C TYR A 304 34.05 -42.52 33.38
N GLU A 305 32.85 -42.49 32.78
CA GLU A 305 32.59 -43.29 31.59
C GLU A 305 32.01 -42.47 30.45
N ASN A 306 32.18 -41.15 30.44
CA ASN A 306 31.60 -40.29 29.41
C ASN A 306 32.48 -39.05 29.25
N ALA A 307 31.91 -38.00 28.69
CA ALA A 307 32.65 -36.76 28.45
C ALA A 307 32.56 -35.82 29.65
N GLY A 308 33.73 -35.45 30.18
CA GLY A 308 33.83 -34.52 31.29
C GLY A 308 35.14 -33.75 31.19
N THR A 309 35.38 -32.87 32.16
CA THR A 309 36.58 -32.05 32.15
C THR A 309 36.98 -31.67 33.57
N VAL A 310 38.25 -31.30 33.72
CA VAL A 310 38.83 -30.90 35.01
C VAL A 310 39.52 -29.56 34.83
N GLU A 311 39.29 -28.63 35.75
CA GLU A 311 39.94 -27.34 35.77
C GLU A 311 41.02 -27.32 36.83
N PHE A 312 42.18 -26.76 36.47
CA PHE A 312 43.27 -26.58 37.43
C PHE A 312 43.71 -25.12 37.48
N LEU A 313 44.78 -24.85 38.23
CA LEU A 313 45.36 -23.52 38.32
C LEU A 313 46.87 -23.65 38.42
N VAL A 314 47.59 -22.90 37.59
CA VAL A 314 49.04 -23.01 37.47
C VAL A 314 49.64 -21.63 37.75
N ASP A 315 50.59 -21.59 38.67
CA ASP A 315 51.35 -20.38 38.95
C ASP A 315 52.43 -20.20 37.89
N ARG A 316 53.09 -19.04 37.90
CA ARG A 316 54.18 -18.82 36.96
C ARG A 316 55.28 -19.84 37.16
N HIS A 317 55.61 -20.15 38.41
CA HIS A 317 56.56 -21.22 38.70
C HIS A 317 56.01 -22.57 38.26
N GLY A 318 54.70 -22.76 38.39
CA GLY A 318 54.01 -23.97 38.00
C GLY A 318 53.65 -24.83 39.19
N LYS A 319 52.44 -24.64 39.71
CA LYS A 319 51.99 -25.30 40.93
C LYS A 319 50.51 -25.62 40.75
N HIS A 320 50.21 -26.87 40.44
CA HIS A 320 48.87 -27.28 40.05
C HIS A 320 47.97 -27.37 41.28
N TYR A 321 46.89 -26.61 41.27
CA TYR A 321 45.79 -26.74 42.24
C TYR A 321 44.55 -27.24 41.53
N PHE A 322 43.77 -28.06 42.21
CA PHE A 322 42.49 -28.48 41.65
C PHE A 322 41.45 -27.39 41.82
N ILE A 323 40.74 -27.09 40.73
CA ILE A 323 39.74 -26.03 40.70
C ILE A 323 38.32 -26.60 40.74
N GLU A 324 37.97 -27.45 39.79
CA GLU A 324 36.65 -28.07 39.76
C GLU A 324 36.65 -29.16 38.70
N VAL A 325 35.53 -29.87 38.62
CA VAL A 325 35.29 -30.85 37.56
C VAL A 325 33.90 -30.61 37.01
N ASN A 326 33.79 -30.54 35.69
CA ASN A 326 32.51 -30.37 35.02
C ASN A 326 32.16 -31.65 34.26
N SER A 327 30.98 -32.19 34.53
CA SER A 327 30.61 -33.50 33.99
C SER A 327 30.08 -33.44 32.56
N ARG A 328 29.93 -32.25 31.99
CA ARG A 328 29.39 -32.08 30.65
C ARG A 328 30.48 -31.67 29.67
N LEU A 329 30.11 -31.64 28.39
CA LEU A 329 31.03 -31.23 27.34
C LEU A 329 30.93 -29.73 27.09
N GLN A 330 32.02 -29.01 27.31
CA GLN A 330 32.05 -27.56 27.22
C GLN A 330 31.82 -27.10 25.78
N VAL A 331 31.33 -25.87 25.65
CA VAL A 331 31.10 -25.29 24.33
C VAL A 331 32.40 -25.05 23.58
N GLU A 332 33.47 -24.63 24.28
CA GLU A 332 34.74 -24.34 23.62
C GLU A 332 35.49 -25.61 23.24
N HIS A 333 34.86 -26.77 23.40
CA HIS A 333 35.43 -28.03 22.95
C HIS A 333 35.80 -28.00 21.48
N THR A 334 35.07 -27.21 20.68
CA THR A 334 35.22 -27.24 19.23
C THR A 334 36.65 -26.95 18.81
N VAL A 335 37.39 -26.16 19.60
CA VAL A 335 38.77 -25.86 19.25
C VAL A 335 39.57 -27.15 19.13
N THR A 336 39.45 -28.03 20.13
CA THR A 336 40.09 -29.34 20.08
C THR A 336 39.56 -30.13 18.91
N GLU A 337 38.26 -30.01 18.65
CA GLU A 337 37.63 -30.72 17.54
C GLU A 337 38.28 -30.37 16.21
N GLU A 338 39.03 -29.25 16.17
CA GLU A 338 39.83 -28.96 14.99
C GLU A 338 41.29 -29.32 15.16
N ILE A 339 41.85 -29.17 16.37
CA ILE A 339 43.26 -29.41 16.57
C ILE A 339 43.57 -30.89 16.48
N THR A 340 42.74 -31.72 17.12
CA THR A 340 42.84 -33.16 16.92
C THR A 340 41.92 -33.67 15.83
N ASP A 341 41.02 -32.82 15.32
CA ASP A 341 40.07 -33.20 14.28
C ASP A 341 39.31 -34.47 14.66
N VAL A 342 38.84 -34.52 15.91
CA VAL A 342 38.10 -35.67 16.42
C VAL A 342 36.72 -35.21 16.86
N ASP A 343 35.70 -35.93 16.42
CA ASP A 343 34.31 -35.56 16.67
C ASP A 343 33.91 -35.92 18.09
N LEU A 344 33.67 -34.90 18.92
CA LEU A 344 33.21 -35.15 20.29
C LEU A 344 31.81 -35.75 20.31
N VAL A 345 30.89 -35.19 19.53
CA VAL A 345 29.49 -35.58 19.63
C VAL A 345 29.28 -36.98 19.07
N HIS A 346 29.92 -37.31 17.94
CA HIS A 346 29.80 -38.67 17.44
C HIS A 346 30.38 -39.65 18.44
N ALA A 347 31.44 -39.26 19.15
CA ALA A 347 32.01 -40.13 20.18
C ALA A 347 31.02 -40.36 21.32
N GLN A 348 30.36 -39.30 21.79
CA GLN A 348 29.39 -39.47 22.87
C GLN A 348 28.22 -40.33 22.41
N ILE A 349 27.78 -40.15 21.17
CA ILE A 349 26.72 -40.98 20.61
C ILE A 349 27.16 -42.44 20.59
N HIS A 350 28.39 -42.69 20.12
CA HIS A 350 28.87 -44.05 19.98
C HIS A 350 29.05 -44.72 21.35
N VAL A 351 29.50 -43.99 22.35
CA VAL A 351 29.58 -44.56 23.69
C VAL A 351 28.17 -44.77 24.23
N ALA A 352 27.21 -43.96 23.80
CA ALA A 352 25.82 -44.23 24.13
C ALA A 352 25.31 -45.50 23.47
N GLU A 353 25.90 -45.87 22.33
CA GLU A 353 25.51 -47.12 21.68
C GLU A 353 25.83 -48.32 22.56
N GLY A 354 26.95 -48.27 23.26
CA GLY A 354 27.42 -49.40 24.04
C GLY A 354 28.77 -49.83 23.52
N ARG A 355 29.14 -49.27 22.37
CA ARG A 355 30.42 -49.58 21.76
C ARG A 355 31.55 -48.91 22.51
N SER A 356 32.65 -49.64 22.70
CA SER A 356 33.73 -49.16 23.55
C SER A 356 34.70 -48.27 22.77
N LEU A 357 35.61 -47.64 23.52
CA LEU A 357 36.64 -46.82 22.90
C LEU A 357 37.56 -47.59 21.96
N PRO A 358 38.07 -48.78 22.29
CA PRO A 358 38.92 -49.50 21.32
C PRO A 358 38.21 -49.84 20.03
N ASP A 359 36.89 -50.06 20.06
CA ASP A 359 36.17 -50.42 18.83
C ASP A 359 36.27 -49.32 17.78
N LEU A 360 36.12 -48.06 18.20
CA LEU A 360 36.17 -46.97 17.24
C LEU A 360 37.59 -46.63 16.84
N GLY A 361 38.58 -47.17 17.55
CA GLY A 361 39.98 -46.91 17.22
C GLY A 361 40.52 -45.59 17.70
N LEU A 362 40.03 -45.08 18.83
CA LEU A 362 40.44 -43.78 19.36
C LEU A 362 41.15 -43.98 20.68
N ARG A 363 42.44 -43.65 20.71
CA ARG A 363 43.26 -43.73 21.91
C ARG A 363 44.15 -42.51 22.01
N GLN A 364 45.11 -42.57 22.93
CA GLN A 364 45.98 -41.43 23.16
C GLN A 364 47.03 -41.26 22.06
N GLU A 365 47.39 -42.34 21.38
CA GLU A 365 48.57 -42.31 20.52
C GLU A 365 48.28 -42.01 19.06
N ASN A 366 47.06 -42.29 18.55
CA ASN A 366 46.76 -41.97 17.17
C ASN A 366 46.62 -40.48 16.95
N ILE A 367 45.98 -39.77 17.87
CA ILE A 367 45.73 -38.35 17.74
C ILE A 367 47.02 -37.59 18.00
N ARG A 368 47.30 -36.62 17.14
CA ARG A 368 48.49 -35.79 17.24
C ARG A 368 48.08 -34.33 17.08
N ILE A 369 48.74 -33.46 17.84
CA ILE A 369 48.39 -32.04 17.82
C ILE A 369 48.62 -31.51 16.41
N ASN A 370 47.62 -30.81 15.87
CA ASN A 370 47.69 -30.31 14.50
C ASN A 370 47.22 -28.87 14.51
N GLY A 371 48.16 -27.94 14.34
CA GLY A 371 47.85 -26.55 14.10
C GLY A 371 47.44 -25.79 15.35
N CYS A 372 47.02 -24.55 15.12
CA CYS A 372 46.54 -23.67 16.17
C CYS A 372 45.16 -23.15 15.78
N ALA A 373 44.37 -22.77 16.79
CA ALA A 373 43.03 -22.28 16.55
C ALA A 373 42.62 -21.32 17.66
N ILE A 374 41.77 -20.37 17.31
CA ILE A 374 41.29 -19.37 18.25
C ILE A 374 39.77 -19.25 18.11
N GLN A 375 39.07 -19.22 19.24
CA GLN A 375 37.62 -19.23 19.30
C GLN A 375 37.13 -17.94 19.91
N CYS A 376 36.11 -17.34 19.28
CA CYS A 376 35.50 -16.12 19.79
C CYS A 376 33.99 -16.24 19.80
N ARG A 377 33.38 -15.47 20.70
CA ARG A 377 31.94 -15.34 20.81
C ARG A 377 31.59 -13.88 20.58
N VAL A 378 30.59 -13.64 19.74
CA VAL A 378 30.12 -12.29 19.44
C VAL A 378 28.86 -12.04 20.25
N THR A 379 28.84 -10.95 21.00
CA THR A 379 27.75 -10.66 21.93
C THR A 379 27.08 -9.35 21.54
N THR A 380 25.93 -9.11 22.18
CA THR A 380 25.14 -7.92 21.91
C THR A 380 25.18 -7.03 23.15
N GLU A 381 26.35 -6.92 23.75
CA GLU A 381 26.55 -6.06 24.90
C GLU A 381 27.04 -4.70 24.42
N ASP A 382 26.57 -3.65 25.09
CA ASP A 382 27.11 -2.33 24.83
C ASP A 382 28.52 -2.26 25.37
N PRO A 383 29.55 -2.28 24.53
CA PRO A 383 30.93 -2.32 25.03
C PRO A 383 31.40 -1.02 25.66
N ALA A 384 30.50 -0.06 25.88
CA ALA A 384 30.85 1.25 26.41
C ALA A 384 30.36 1.45 27.83
N ARG A 385 29.05 1.29 28.08
CA ARG A 385 28.51 1.61 29.39
C ARG A 385 29.06 0.70 30.49
N SER A 386 28.67 -0.57 30.48
CA SER A 386 29.15 -1.52 31.47
C SER A 386 29.35 -2.92 30.88
N PHE A 387 29.57 -3.02 29.57
CA PHE A 387 29.33 -4.26 28.83
C PHE A 387 27.90 -4.73 29.07
N GLN A 388 27.00 -3.77 29.13
CA GLN A 388 25.59 -4.07 29.37
C GLN A 388 24.96 -4.59 28.08
N PRO A 389 24.37 -5.78 28.11
CA PRO A 389 23.80 -6.36 26.88
C PRO A 389 22.71 -5.48 26.31
N ASP A 390 22.69 -5.40 24.98
CA ASP A 390 21.71 -4.60 24.25
C ASP A 390 20.64 -5.50 23.66
N THR A 391 19.48 -4.91 23.39
CA THR A 391 18.35 -5.62 22.80
C THR A 391 17.85 -4.86 21.59
N GLY A 392 17.34 -5.59 20.62
CA GLY A 392 16.84 -4.98 19.40
C GLY A 392 16.56 -6.02 18.34
N ARG A 393 16.36 -5.52 17.12
CA ARG A 393 16.05 -6.35 15.96
C ARG A 393 17.10 -6.11 14.87
N ILE A 394 17.51 -7.16 14.19
CA ILE A 394 18.56 -7.08 13.19
C ILE A 394 18.01 -6.41 11.94
N GLU A 395 18.84 -5.60 11.27
CA GLU A 395 18.52 -5.04 9.97
C GLU A 395 19.37 -5.62 8.85
N VAL A 396 20.69 -5.53 8.97
CA VAL A 396 21.60 -6.00 7.93
C VAL A 396 22.46 -7.11 8.50
N PHE A 397 22.48 -8.25 7.83
CA PHE A 397 23.27 -9.40 8.25
C PHE A 397 24.16 -9.85 7.11
N ARG A 398 25.47 -9.82 7.32
CA ARG A 398 26.43 -10.35 6.35
C ARG A 398 27.45 -11.23 7.05
N SER A 399 27.65 -12.42 6.48
CA SER A 399 28.53 -13.44 7.03
C SER A 399 29.82 -13.51 6.24
N GLY A 400 30.89 -13.91 6.93
CA GLY A 400 32.22 -13.93 6.37
C GLY A 400 33.00 -15.20 6.61
N GLU A 401 33.32 -15.91 5.53
CA GLU A 401 33.99 -17.20 5.58
C GLU A 401 35.29 -17.13 4.78
N GLY A 402 36.32 -17.80 5.27
CA GLY A 402 37.57 -17.91 4.54
C GLY A 402 38.09 -19.33 4.51
N MET A 403 39.37 -19.51 4.20
CA MET A 403 39.96 -20.84 4.29
C MET A 403 40.09 -21.30 5.74
N GLY A 404 40.63 -20.43 6.59
CA GLY A 404 40.86 -20.79 7.97
C GLY A 404 39.78 -20.24 8.88
N ILE A 405 38.60 -19.99 8.31
CA ILE A 405 37.48 -19.42 9.04
C ILE A 405 36.43 -20.51 9.24
N ARG A 406 35.71 -20.44 10.36
CA ARG A 406 34.58 -21.31 10.62
C ARG A 406 33.56 -20.58 11.47
N LEU A 407 32.30 -20.63 11.04
CA LEU A 407 31.21 -19.90 11.65
C LEU A 407 30.19 -20.88 12.24
N ASP A 408 29.52 -20.44 13.31
CA ASP A 408 28.45 -21.21 13.94
C ASP A 408 27.29 -20.25 14.24
N ASN A 409 26.14 -20.45 13.59
CA ASN A 409 25.03 -19.52 13.68
C ASN A 409 24.03 -19.99 14.73
N ALA A 410 23.77 -19.16 15.74
CA ALA A 410 22.80 -19.50 16.76
C ALA A 410 21.38 -19.13 16.35
N SER A 411 21.12 -17.83 16.18
CA SER A 411 19.79 -17.34 15.83
C SER A 411 19.87 -16.18 14.84
N ALA A 412 20.88 -16.17 13.97
CA ALA A 412 21.17 -15.03 13.12
C ALA A 412 20.64 -15.26 11.71
N PHE A 413 19.85 -14.32 11.22
CA PHE A 413 19.37 -14.33 9.84
C PHE A 413 18.76 -12.96 9.55
N GLN A 414 18.33 -12.78 8.30
CA GLN A 414 17.76 -11.52 7.88
C GLN A 414 16.41 -11.29 8.57
N GLY A 415 16.25 -10.13 9.19
CA GLY A 415 14.99 -9.79 9.83
C GLY A 415 14.61 -10.67 11.00
N ALA A 416 15.57 -11.00 11.86
CA ALA A 416 15.37 -11.87 12.99
C ALA A 416 14.95 -11.09 14.23
N VAL A 417 14.50 -11.81 15.25
CA VAL A 417 14.16 -11.23 16.54
C VAL A 417 14.82 -12.07 17.63
N ILE A 418 15.53 -11.39 18.54
CA ILE A 418 16.15 -12.03 19.69
C ILE A 418 15.31 -11.77 20.93
N SER A 419 15.21 -12.78 21.79
CA SER A 419 14.44 -12.48 23.00
C SER A 419 15.37 -12.42 24.21
N PRO A 420 15.14 -11.47 25.12
CA PRO A 420 16.01 -11.34 26.29
C PRO A 420 15.84 -12.45 27.32
N HIS A 421 14.84 -13.32 27.17
CA HIS A 421 14.69 -14.43 28.11
C HIS A 421 15.84 -15.41 27.97
N TYR A 422 16.54 -15.39 26.84
CA TYR A 422 17.62 -16.33 26.56
C TYR A 422 18.91 -15.55 26.35
N ASP A 423 19.98 -16.28 26.06
CA ASP A 423 21.29 -15.66 25.94
C ASP A 423 21.36 -14.79 24.69
N SER A 424 22.37 -13.92 24.65
CA SER A 424 22.60 -13.00 23.55
C SER A 424 23.75 -13.49 22.67
N LEU A 425 23.86 -14.81 22.53
CA LEU A 425 24.90 -15.42 21.72
C LEU A 425 24.40 -15.55 20.28
N LEU A 426 25.07 -14.86 19.36
CA LEU A 426 24.69 -14.85 17.95
C LEU A 426 25.58 -15.77 17.11
N VAL A 427 26.89 -15.54 17.12
CA VAL A 427 27.81 -16.27 16.28
C VAL A 427 28.96 -16.80 17.12
N LYS A 428 29.20 -18.11 17.02
CA LYS A 428 30.35 -18.75 17.66
C LYS A 428 31.35 -19.08 16.56
N VAL A 429 32.51 -18.43 16.61
CA VAL A 429 33.44 -18.46 15.48
C VAL A 429 34.75 -19.10 15.92
N ILE A 430 35.28 -19.97 15.07
CA ILE A 430 36.58 -20.61 15.30
C ILE A 430 37.43 -20.45 14.05
N ALA A 431 38.65 -19.96 14.23
CA ALA A 431 39.58 -19.79 13.13
C ALA A 431 40.82 -20.65 13.35
N HIS A 432 41.17 -21.45 12.35
CA HIS A 432 42.34 -22.30 12.38
C HIS A 432 43.45 -21.68 11.55
N GLY A 433 44.69 -21.94 11.96
CA GLY A 433 45.87 -21.51 11.24
C GLY A 433 47.03 -22.37 11.63
N LYS A 434 48.16 -22.10 10.98
CA LYS A 434 49.37 -22.87 11.22
C LYS A 434 50.18 -22.30 12.37
N ASP A 435 49.73 -21.20 12.96
CA ASP A 435 50.36 -20.63 14.15
C ASP A 435 49.37 -19.71 14.84
N HIS A 436 49.74 -19.29 16.06
CA HIS A 436 48.94 -18.31 16.78
C HIS A 436 48.81 -16.96 16.07
N PRO A 437 49.88 -16.30 15.64
CA PRO A 437 49.71 -15.00 14.98
C PRO A 437 48.87 -15.08 13.71
N THR A 438 48.99 -16.17 12.97
CA THR A 438 48.16 -16.36 11.77
C THR A 438 46.69 -16.37 12.15
N ALA A 439 46.34 -17.08 13.23
CA ALA A 439 44.96 -17.11 13.68
C ALA A 439 44.48 -15.73 14.14
N ALA A 440 45.34 -15.00 14.87
CA ALA A 440 44.94 -13.66 15.31
C ALA A 440 44.62 -12.76 14.12
N THR A 441 45.50 -12.74 13.12
CA THR A 441 45.27 -11.91 11.95
C THR A 441 44.04 -12.38 11.18
N LYS A 442 43.88 -13.70 11.05
CA LYS A 442 42.73 -14.24 10.35
C LYS A 442 41.42 -13.80 11.00
N MET A 443 41.39 -13.77 12.33
CA MET A 443 40.16 -13.35 13.00
C MET A 443 39.96 -11.84 12.93
N SER A 444 41.05 -11.06 12.93
CA SER A 444 40.87 -9.63 12.69
C SER A 444 40.19 -9.39 11.35
N ARG A 445 40.69 -10.06 10.30
CA ARG A 445 40.06 -9.95 8.99
C ARG A 445 38.62 -10.45 9.01
N ALA A 446 38.36 -11.59 9.65
CA ALA A 446 37.01 -12.14 9.67
C ALA A 446 36.03 -11.22 10.37
N LEU A 447 36.43 -10.69 11.53
CA LEU A 447 35.60 -9.70 12.22
C LEU A 447 35.33 -8.50 11.34
N ALA A 448 36.29 -8.09 10.52
CA ALA A 448 36.01 -7.05 9.54
C ALA A 448 34.97 -7.50 8.53
N GLU A 449 34.98 -8.79 8.16
CA GLU A 449 34.17 -9.24 7.03
C GLU A 449 32.67 -9.20 7.31
N PHE A 450 32.22 -9.60 8.50
CA PHE A 450 30.79 -9.55 8.80
C PHE A 450 30.25 -8.16 8.60
N ARG A 451 28.93 -8.06 8.55
CA ARG A 451 28.30 -6.74 8.53
C ARG A 451 26.95 -6.89 9.22
N VAL A 452 26.91 -6.59 10.51
CA VAL A 452 25.68 -6.66 11.30
C VAL A 452 25.30 -5.23 11.67
N ARG A 453 24.24 -4.73 11.04
CA ARG A 453 23.84 -3.34 11.14
C ARG A 453 22.44 -3.24 11.71
N GLY A 454 22.27 -2.30 12.64
CA GLY A 454 20.98 -2.03 13.25
C GLY A 454 21.05 -2.09 14.76
N VAL A 455 22.00 -2.86 15.28
CA VAL A 455 22.09 -3.14 16.71
C VAL A 455 23.53 -2.95 17.17
N LYS A 456 23.71 -2.65 18.45
CA LYS A 456 25.03 -2.55 19.04
C LYS A 456 25.69 -3.92 19.15
N THR A 457 26.96 -3.98 18.78
CA THR A 457 27.76 -5.20 18.86
C THR A 457 29.16 -4.80 19.29
N ASN A 458 30.09 -5.76 19.30
CA ASN A 458 31.40 -5.53 19.88
C ASN A 458 32.50 -6.20 19.05
N ILE A 459 32.34 -6.20 17.71
CA ILE A 459 33.46 -6.58 16.86
C ILE A 459 34.61 -5.62 17.03
N ALA A 460 34.33 -4.33 17.25
CA ALA A 460 35.39 -3.38 17.49
C ALA A 460 36.16 -3.72 18.76
N PHE A 461 35.46 -4.14 19.82
CA PHE A 461 36.13 -4.47 21.06
C PHE A 461 37.05 -5.67 20.90
N LEU A 462 36.57 -6.73 20.25
CA LEU A 462 37.41 -7.90 20.05
C LEU A 462 38.58 -7.60 19.11
N GLN A 463 38.35 -6.75 18.12
CA GLN A 463 39.47 -6.30 17.29
C GLN A 463 40.49 -5.56 18.12
N ASN A 464 40.02 -4.70 19.02
CA ASN A 464 40.91 -3.95 19.90
C ASN A 464 41.72 -4.87 20.80
N VAL A 465 41.08 -5.89 21.35
CA VAL A 465 41.80 -6.86 22.18
C VAL A 465 42.83 -7.61 21.33
N LEU A 466 42.42 -8.04 20.14
CA LEU A 466 43.28 -8.86 19.30
C LEU A 466 44.49 -8.08 18.80
N ASN A 467 44.33 -6.78 18.56
CA ASN A 467 45.43 -5.96 18.09
C ASN A 467 46.40 -5.58 19.19
N ASN A 468 46.10 -5.90 20.44
CA ASN A 468 47.07 -5.68 21.50
C ASN A 468 48.25 -6.62 21.33
N GLN A 469 49.45 -6.04 21.30
CA GLN A 469 50.66 -6.82 21.09
C GLN A 469 50.88 -7.85 22.19
N GLN A 470 50.45 -7.53 23.41
CA GLN A 470 50.65 -8.45 24.52
C GLN A 470 49.92 -9.76 24.29
N PHE A 471 48.71 -9.70 23.73
CA PHE A 471 48.00 -10.91 23.36
C PHE A 471 48.76 -11.68 22.29
N LEU A 472 49.24 -10.99 21.26
CA LEU A 472 49.87 -11.68 20.14
C LEU A 472 51.18 -12.34 20.54
N ALA A 473 51.87 -11.80 21.56
CA ALA A 473 53.14 -12.38 21.99
C ALA A 473 52.98 -13.86 22.34
N GLY A 474 51.81 -14.27 22.79
CA GLY A 474 51.59 -15.63 23.22
C GLY A 474 51.39 -15.69 24.72
N THR A 475 51.69 -14.58 25.38
CA THR A 475 51.54 -14.46 26.83
C THR A 475 50.24 -13.76 27.17
N VAL A 476 49.51 -14.34 28.13
CA VAL A 476 48.20 -13.83 28.51
C VAL A 476 47.79 -14.48 29.82
N ASP A 477 47.10 -13.72 30.67
CA ASP A 477 46.55 -14.18 31.94
C ASP A 477 45.26 -13.44 32.26
N THR A 478 44.82 -13.57 33.51
CA THR A 478 43.48 -13.14 33.88
C THR A 478 43.33 -11.63 33.85
N GLN A 479 44.14 -10.91 34.62
CA GLN A 479 44.02 -9.45 34.67
C GLN A 479 44.63 -8.75 33.47
N PHE A 480 44.87 -9.49 32.37
CA PHE A 480 45.35 -8.86 31.14
C PHE A 480 44.44 -7.72 30.72
N ILE A 481 43.12 -7.90 30.83
CA ILE A 481 42.20 -6.81 30.59
C ILE A 481 42.26 -5.77 31.71
N ASP A 482 42.45 -6.21 32.95
CA ASP A 482 42.47 -5.28 34.07
C ASP A 482 43.65 -4.32 33.98
N GLU A 483 44.79 -4.81 33.51
CA GLU A 483 45.98 -3.99 33.32
C GLU A 483 45.96 -3.23 32.00
N ASN A 484 44.84 -3.29 31.26
CA ASN A 484 44.70 -2.58 29.99
C ASN A 484 43.41 -1.77 30.03
N PRO A 485 43.43 -0.60 30.67
CA PRO A 485 42.25 0.29 30.67
C PRO A 485 42.13 1.10 29.37
N GLU A 486 42.39 0.43 28.25
CA GLU A 486 42.32 1.04 26.94
C GLU A 486 41.50 0.23 25.94
N LEU A 487 41.33 -1.08 26.17
CA LEU A 487 40.59 -1.90 25.25
C LEU A 487 39.12 -1.54 25.24
N PHE A 488 38.64 -0.92 26.32
CA PHE A 488 37.26 -0.45 26.37
C PHE A 488 37.01 0.78 25.51
N GLN A 489 38.07 1.50 25.12
CA GLN A 489 37.92 2.83 24.56
C GLN A 489 38.02 2.87 23.04
N LEU A 490 39.04 2.23 22.47
CA LEU A 490 39.28 2.33 21.03
C LEU A 490 38.34 1.38 20.30
N ARG A 491 37.28 1.93 19.69
CA ARG A 491 36.30 1.17 18.93
C ARG A 491 35.83 1.97 17.73
N PRO A 492 36.28 1.63 16.51
CA PRO A 492 35.90 2.42 15.34
C PRO A 492 34.70 1.88 14.57
N ALA A 493 33.84 2.80 14.11
CA ALA A 493 32.70 2.49 13.24
C ALA A 493 32.11 3.80 12.75
N GLN A 494 31.78 3.90 11.47
CA GLN A 494 31.50 5.21 10.88
C GLN A 494 30.08 5.32 10.32
N ASN A 495 29.66 4.44 9.41
CA ASN A 495 28.26 4.24 9.03
C ASN A 495 27.58 5.43 8.34
N ARG A 496 27.08 5.23 7.12
CA ARG A 496 26.30 6.21 6.37
C ARG A 496 24.95 5.72 5.89
N ALA A 497 24.89 4.55 5.26
CA ALA A 497 23.75 4.22 4.41
C ALA A 497 22.45 4.20 5.22
N GLN A 498 22.50 3.66 6.43
CA GLN A 498 21.27 3.46 7.18
C GLN A 498 20.58 4.77 7.49
N LYS A 499 21.35 5.79 7.87
CA LYS A 499 20.76 7.10 8.14
C LYS A 499 20.17 7.73 6.88
N LEU A 500 20.82 7.55 5.74
CA LEU A 500 20.25 8.02 4.49
C LEU A 500 18.89 7.37 4.25
N LEU A 501 18.81 6.06 4.44
CA LEU A 501 17.54 5.38 4.22
C LEU A 501 16.48 5.84 5.23
N HIS A 502 16.91 6.08 6.47
CA HIS A 502 15.97 6.56 7.48
C HIS A 502 15.41 7.92 7.11
N TYR A 503 16.28 8.82 6.65
CA TYR A 503 15.82 10.14 6.21
C TYR A 503 14.91 10.01 5.00
N LEU A 504 15.23 9.12 4.08
CA LEU A 504 14.38 8.93 2.91
C LEU A 504 12.99 8.46 3.31
N GLY A 505 12.92 7.52 4.24
CA GLY A 505 11.63 7.08 4.73
C GLY A 505 10.88 8.17 5.46
N HIS A 506 11.60 8.99 6.23
CA HIS A 506 10.95 10.13 6.86
C HIS A 506 10.35 11.07 5.83
N VAL A 507 11.08 11.31 4.74
CA VAL A 507 10.57 12.14 3.66
C VAL A 507 9.32 11.52 3.07
N MET A 508 9.33 10.21 2.88
CA MET A 508 8.16 9.52 2.35
C MET A 508 6.96 9.65 3.27
N VAL A 509 7.17 9.55 4.57
CA VAL A 509 6.07 9.49 5.51
C VAL A 509 5.54 10.88 5.81
N ASN A 510 6.37 11.73 6.40
CA ASN A 510 5.93 13.00 6.94
C ASN A 510 6.04 14.15 5.93
N GLY A 511 6.58 13.90 4.75
CA GLY A 511 6.82 14.95 3.80
C GLY A 511 8.14 15.64 4.03
N PRO A 512 8.44 16.67 3.23
CA PRO A 512 9.76 17.30 3.31
C PRO A 512 9.94 18.07 4.61
N THR A 513 11.22 18.26 4.98
CA THR A 513 11.56 18.91 6.24
C THR A 513 11.66 20.42 6.09
N THR A 514 12.42 20.88 5.10
CA THR A 514 12.65 22.30 4.93
C THR A 514 11.35 23.01 4.51
N PRO A 515 11.13 24.23 4.97
CA PRO A 515 9.92 24.96 4.60
C PRO A 515 9.84 25.22 3.10
N ILE A 516 8.61 25.17 2.59
CA ILE A 516 8.34 25.44 1.18
C ILE A 516 7.26 26.52 1.09
N PRO A 517 7.61 27.75 0.68
CA PRO A 517 6.59 28.80 0.58
C PRO A 517 5.52 28.55 -0.48
N VAL A 518 5.89 28.17 -1.69
CA VAL A 518 4.91 27.93 -2.76
C VAL A 518 5.00 26.47 -3.19
N LYS A 519 3.83 25.84 -3.32
CA LYS A 519 3.73 24.41 -3.60
C LYS A 519 4.12 24.15 -5.06
N ALA A 520 5.35 23.68 -5.26
CA ALA A 520 5.80 23.26 -6.57
C ALA A 520 6.79 22.12 -6.40
N SER A 521 6.95 21.33 -7.45
CA SER A 521 7.77 20.14 -7.37
C SER A 521 8.96 20.24 -8.31
N PRO A 522 10.03 19.51 -8.03
CA PRO A 522 11.12 19.41 -9.01
C PRO A 522 10.61 18.88 -10.34
N SER A 523 11.05 19.53 -11.41
CA SER A 523 10.62 19.15 -12.73
C SER A 523 11.21 17.80 -13.10
N PRO A 524 10.54 17.02 -13.95
CA PRO A 524 11.11 15.76 -14.45
C PRO A 524 12.08 15.95 -15.61
N THR A 525 12.99 16.91 -15.47
CA THR A 525 13.97 17.24 -16.49
C THR A 525 15.36 17.31 -15.86
N ASP A 526 16.23 16.40 -16.28
CA ASP A 526 17.62 16.46 -15.84
C ASP A 526 18.40 17.42 -16.72
N PRO A 527 19.17 18.32 -16.12
CA PRO A 527 19.91 19.31 -16.92
C PRO A 527 20.96 18.63 -17.79
N VAL A 528 21.27 19.30 -18.90
CA VAL A 528 22.21 18.79 -19.90
C VAL A 528 23.59 19.39 -19.63
N VAL A 529 24.57 18.52 -19.37
CA VAL A 529 25.96 18.93 -19.18
C VAL A 529 26.72 18.59 -20.45
N PRO A 530 27.15 19.57 -21.23
CA PRO A 530 27.92 19.27 -22.44
C PRO A 530 29.27 18.69 -22.10
N ALA A 531 29.81 17.91 -23.05
CA ALA A 531 31.11 17.30 -22.86
C ALA A 531 32.20 18.36 -22.81
N VAL A 532 33.35 17.99 -22.24
CA VAL A 532 34.43 18.95 -22.01
C VAL A 532 35.68 18.45 -22.72
N PRO A 533 36.60 19.33 -23.09
CA PRO A 533 37.91 18.86 -23.54
C PRO A 533 38.59 18.05 -22.46
N ILE A 534 39.17 16.93 -22.88
CA ILE A 534 39.76 15.99 -21.92
C ILE A 534 41.01 16.57 -21.26
N GLY A 535 41.83 17.29 -22.00
CA GLY A 535 43.07 17.83 -21.46
C GLY A 535 42.84 18.90 -20.42
N PRO A 536 43.90 19.28 -19.72
CA PRO A 536 43.78 20.30 -18.69
C PRO A 536 43.31 21.62 -19.29
N PRO A 537 42.59 22.42 -18.53
CA PRO A 537 42.10 23.68 -19.07
C PRO A 537 43.25 24.65 -19.32
N PRO A 538 43.08 25.60 -20.23
CA PRO A 538 44.11 26.62 -20.43
C PRO A 538 44.25 27.55 -19.23
N ALA A 539 45.33 28.31 -19.23
CA ALA A 539 45.67 29.17 -18.11
C ALA A 539 44.72 30.36 -18.03
N GLY A 540 44.71 30.99 -16.86
CA GLY A 540 43.89 32.16 -16.65
C GLY A 540 44.59 33.25 -15.85
N PHE A 541 43.80 34.12 -15.24
CA PHE A 541 44.33 35.23 -14.45
C PHE A 541 45.03 34.76 -13.18
N ARG A 542 44.79 33.51 -12.78
CA ARG A 542 45.29 33.01 -11.50
C ARG A 542 46.80 32.88 -11.51
N ASP A 543 47.38 32.45 -12.62
CA ASP A 543 48.83 32.30 -12.69
C ASP A 543 49.51 33.67 -12.54
N ILE A 544 48.98 34.68 -13.21
CA ILE A 544 49.54 36.02 -13.11
C ILE A 544 49.36 36.57 -11.70
N LEU A 545 48.19 36.35 -11.10
CA LEU A 545 47.99 36.81 -9.73
C LEU A 545 48.96 36.14 -8.78
N LEU A 546 49.21 34.84 -8.96
CA LEU A 546 50.15 34.13 -8.11
C LEU A 546 51.57 34.66 -8.26
N ARG A 547 52.02 34.87 -9.50
CA ARG A 547 53.39 35.30 -9.70
C ARG A 547 53.59 36.75 -9.32
N GLU A 548 52.87 37.65 -10.00
CA GLU A 548 53.11 39.08 -9.84
C GLU A 548 52.51 39.62 -8.55
N GLY A 549 51.35 39.13 -8.16
CA GLY A 549 50.73 39.58 -6.93
C GLY A 549 49.58 40.54 -7.18
N PRO A 550 48.97 41.02 -6.09
CA PRO A 550 47.76 41.87 -6.25
C PRO A 550 47.99 43.11 -7.07
N GLU A 551 49.12 43.79 -6.89
CA GLU A 551 49.36 45.03 -7.63
C GLU A 551 49.64 44.76 -9.10
N GLY A 552 50.45 43.74 -9.39
CA GLY A 552 50.69 43.38 -10.77
C GLY A 552 49.41 42.94 -11.46
N PHE A 553 48.57 42.19 -10.76
CA PHE A 553 47.26 41.81 -11.29
C PHE A 553 46.40 43.02 -11.58
N ALA A 554 46.35 43.98 -10.64
CA ALA A 554 45.55 45.17 -10.84
C ALA A 554 46.06 45.98 -12.02
N ARG A 555 47.39 46.10 -12.15
CA ARG A 555 47.96 46.83 -13.28
C ARG A 555 47.64 46.15 -14.61
N ALA A 556 47.74 44.82 -14.65
CA ALA A 556 47.38 44.10 -15.86
C ALA A 556 45.92 44.34 -16.22
N VAL A 557 45.05 44.38 -15.21
CA VAL A 557 43.63 44.63 -15.45
C VAL A 557 43.43 46.03 -16.01
N ARG A 558 44.03 47.03 -15.35
CA ARG A 558 43.83 48.42 -15.76
C ARG A 558 44.37 48.67 -17.16
N ASN A 559 45.53 48.12 -17.47
CA ASN A 559 46.16 48.38 -18.76
C ASN A 559 45.54 47.59 -19.90
N HIS A 560 44.63 46.67 -19.61
CA HIS A 560 44.12 45.78 -20.64
C HIS A 560 43.37 46.55 -21.71
N PRO A 561 43.57 46.25 -22.99
CA PRO A 561 42.90 46.99 -24.08
C PRO A 561 41.52 46.44 -24.39
N GLY A 562 40.72 46.21 -23.35
CA GLY A 562 39.41 45.64 -23.54
C GLY A 562 38.68 45.55 -22.22
N LEU A 563 37.39 45.31 -22.30
CA LEU A 563 36.55 45.28 -21.12
C LEU A 563 36.65 43.92 -20.43
N LEU A 564 36.55 43.94 -19.11
CA LEU A 564 36.62 42.75 -18.29
C LEU A 564 35.25 42.46 -17.69
N LEU A 565 34.92 41.18 -17.55
CA LEU A 565 33.63 40.75 -17.04
C LEU A 565 33.82 39.76 -15.89
N MET A 566 32.85 39.75 -14.98
CA MET A 566 32.83 38.81 -13.86
C MET A 566 31.43 38.22 -13.76
N ASP A 567 31.36 36.88 -13.72
CA ASP A 567 30.09 36.16 -13.69
C ASP A 567 29.55 36.12 -12.28
N THR A 568 28.33 36.61 -12.09
CA THR A 568 27.66 36.62 -10.80
C THR A 568 26.59 35.55 -10.71
N THR A 569 26.68 34.52 -11.56
CA THR A 569 25.69 33.45 -11.56
C THR A 569 25.66 32.71 -10.23
N PHE A 570 26.84 32.39 -9.70
CA PHE A 570 26.90 31.45 -8.58
C PHE A 570 26.52 32.08 -7.26
N ARG A 571 26.54 33.41 -7.16
CA ARG A 571 26.28 34.05 -5.86
C ARG A 571 25.02 34.89 -5.86
N ASP A 572 24.92 35.91 -6.70
CA ASP A 572 23.83 36.85 -6.58
C ASP A 572 22.70 36.57 -7.56
N ALA A 573 22.97 35.83 -8.64
CA ALA A 573 21.90 35.46 -9.55
C ALA A 573 20.82 34.66 -8.82
N HIS A 574 21.24 33.67 -8.03
CA HIS A 574 20.29 32.93 -7.22
C HIS A 574 20.04 33.58 -5.87
N GLN A 575 20.78 34.63 -5.52
CA GLN A 575 20.43 35.38 -4.32
C GLN A 575 19.24 36.29 -4.58
N SER A 576 19.16 36.85 -5.78
CA SER A 576 18.11 37.79 -6.14
C SER A 576 16.90 37.10 -6.76
N LEU A 577 17.11 36.43 -7.90
CA LEU A 577 16.02 35.68 -8.52
C LEU A 577 15.51 34.60 -7.58
N LEU A 578 16.42 33.82 -7.02
CA LEU A 578 16.09 32.73 -6.12
C LEU A 578 16.24 33.24 -4.68
N ALA A 579 15.90 32.42 -3.70
CA ALA A 579 16.22 32.69 -2.31
C ALA A 579 17.51 32.00 -1.91
N THR A 580 18.49 32.01 -2.82
CA THR A 580 19.79 31.37 -2.68
C THR A 580 19.70 30.01 -2.01
N ARG A 581 18.88 29.14 -2.61
CA ARG A 581 18.74 27.77 -2.15
C ARG A 581 19.47 26.77 -3.03
N VAL A 582 20.32 27.23 -3.92
CA VAL A 582 21.01 26.32 -4.84
C VAL A 582 21.92 25.40 -4.04
N ARG A 583 21.83 24.11 -4.31
CA ARG A 583 22.68 23.12 -3.66
C ARG A 583 24.00 22.98 -4.40
N THR A 584 25.02 22.55 -3.66
CA THR A 584 26.37 22.49 -4.22
C THR A 584 26.47 21.50 -5.37
N HIS A 585 25.62 20.46 -5.36
CA HIS A 585 25.70 19.42 -6.37
C HIS A 585 25.43 19.99 -7.76
N ASP A 586 24.51 20.95 -7.86
CA ASP A 586 24.24 21.58 -9.14
C ASP A 586 25.47 22.29 -9.67
N LEU A 587 26.19 22.99 -8.79
CA LEU A 587 27.42 23.66 -9.20
C LEU A 587 28.47 22.65 -9.64
N LYS A 588 28.63 21.57 -8.88
CA LYS A 588 29.66 20.58 -9.21
C LYS A 588 29.37 19.89 -10.53
N LYS A 589 28.10 19.77 -10.89
CA LYS A 589 27.77 19.16 -12.17
C LYS A 589 28.36 19.93 -13.35
N ILE A 590 28.41 21.26 -13.24
CA ILE A 590 28.76 22.10 -14.38
C ILE A 590 30.15 22.70 -14.30
N ALA A 591 30.82 22.59 -13.14
CA ALA A 591 32.13 23.23 -12.99
C ALA A 591 33.15 22.90 -14.08
N PRO A 592 33.37 21.62 -14.47
CA PRO A 592 34.44 21.34 -15.43
C PRO A 592 34.28 22.05 -16.76
N TYR A 593 33.06 22.19 -17.25
CA TYR A 593 32.85 22.88 -18.52
C TYR A 593 33.27 24.34 -18.43
N VAL A 594 32.91 25.01 -17.34
CA VAL A 594 33.34 26.39 -17.17
C VAL A 594 34.86 26.45 -17.07
N ALA A 595 35.46 25.47 -16.38
CA ALA A 595 36.91 25.44 -16.24
C ALA A 595 37.59 25.36 -17.60
N HIS A 596 37.09 24.48 -18.47
CA HIS A 596 37.74 24.32 -19.76
C HIS A 596 37.38 25.43 -20.76
N ASN A 597 36.32 26.18 -20.50
CA ASN A 597 35.89 27.16 -21.48
C ASN A 597 36.09 28.61 -21.02
N PHE A 598 35.55 28.96 -19.85
CA PHE A 598 35.57 30.36 -19.39
C PHE A 598 36.85 30.65 -18.61
N SER A 599 37.97 30.59 -19.33
CA SER A 599 39.24 31.05 -18.78
C SER A 599 39.44 32.55 -18.95
N LYS A 600 38.64 33.20 -19.77
CA LYS A 600 38.78 34.63 -20.04
C LYS A 600 38.09 35.48 -18.98
N LEU A 601 37.45 34.86 -17.99
CA LEU A 601 36.78 35.61 -16.95
C LEU A 601 37.79 36.35 -16.08
N PHE A 602 37.43 37.58 -15.69
CA PHE A 602 38.30 38.36 -14.81
C PHE A 602 38.39 37.74 -13.43
N SER A 603 37.25 37.42 -12.83
CA SER A 603 37.18 36.75 -11.53
C SER A 603 35.80 36.11 -11.44
N MET A 604 35.49 35.53 -10.28
CA MET A 604 34.19 34.90 -10.11
C MET A 604 33.75 35.04 -8.66
N GLU A 605 32.44 35.13 -8.45
CA GLU A 605 31.84 35.40 -7.15
C GLU A 605 31.05 34.19 -6.70
N ASN A 606 31.33 33.69 -5.49
CA ASN A 606 30.60 32.55 -4.98
C ASN A 606 30.21 32.68 -3.51
N TRP A 607 30.84 33.57 -2.75
CA TRP A 607 30.46 33.68 -1.36
C TRP A 607 29.74 34.99 -1.06
N GLY A 608 29.08 35.00 0.10
CA GLY A 608 28.34 36.15 0.56
C GLY A 608 27.66 35.84 1.87
N GLY A 609 27.17 36.86 2.57
CA GLY A 609 26.55 36.63 3.86
C GLY A 609 25.25 35.85 3.74
N ALA A 610 24.40 36.22 2.79
CA ALA A 610 23.13 35.53 2.62
C ALA A 610 23.36 34.05 2.29
N THR A 611 24.29 33.77 1.39
CA THR A 611 24.55 32.40 0.99
C THR A 611 24.99 31.57 2.19
N PHE A 612 25.97 32.06 2.93
CA PHE A 612 26.50 31.31 4.06
C PHE A 612 25.43 31.09 5.11
N ASP A 613 24.68 32.14 5.43
CA ASP A 613 23.66 32.05 6.48
C ASP A 613 22.56 31.06 6.11
N VAL A 614 22.05 31.14 4.87
CA VAL A 614 20.97 30.24 4.48
C VAL A 614 21.47 28.81 4.33
N ALA A 615 22.61 28.61 3.67
CA ALA A 615 23.12 27.26 3.48
C ALA A 615 23.42 26.60 4.80
N MET A 616 23.84 27.37 5.80
CA MET A 616 23.96 26.80 7.13
C MET A 616 22.59 26.50 7.71
N ARG A 617 21.64 27.42 7.55
CA ARG A 617 20.34 27.26 8.18
C ARG A 617 19.42 26.34 7.39
N PHE A 618 19.01 26.75 6.20
CA PHE A 618 17.94 26.05 5.50
C PHE A 618 18.42 24.75 4.88
N LEU A 619 19.35 24.85 3.94
CA LEU A 619 20.01 23.62 3.50
C LEU A 619 20.94 23.11 4.59
N TYR A 620 21.46 21.90 4.39
CA TYR A 620 22.37 21.28 5.34
C TYR A 620 23.68 20.99 4.63
N GLU A 621 24.55 21.99 4.56
CA GLU A 621 25.86 21.85 3.96
C GLU A 621 26.83 22.76 4.68
N CYS A 622 28.03 22.25 4.93
CA CYS A 622 29.10 23.08 5.45
C CYS A 622 29.70 23.88 4.31
N PRO A 623 29.59 25.20 4.33
CA PRO A 623 30.03 26.00 3.17
C PRO A 623 31.49 25.81 2.85
N TRP A 624 32.30 25.47 3.86
CA TRP A 624 33.73 25.28 3.63
C TRP A 624 34.00 24.13 2.68
N ARG A 625 33.23 23.06 2.78
CA ARG A 625 33.44 21.94 1.87
C ARG A 625 33.15 22.36 0.43
N ARG A 626 32.08 23.14 0.24
CA ARG A 626 31.81 23.75 -1.06
C ARG A 626 33.00 24.58 -1.53
N LEU A 627 33.53 25.41 -0.66
CA LEU A 627 34.62 26.28 -1.05
C LEU A 627 35.83 25.48 -1.50
N GLN A 628 36.22 24.46 -0.72
CA GLN A 628 37.37 23.65 -1.10
C GLN A 628 37.13 22.89 -2.39
N GLU A 629 35.93 22.33 -2.57
CA GLU A 629 35.69 21.55 -3.77
C GLU A 629 35.67 22.42 -5.03
N LEU A 630 35.18 23.65 -4.94
CA LEU A 630 35.27 24.53 -6.10
C LEU A 630 36.69 25.06 -6.26
N ARG A 631 37.43 25.14 -5.16
CA ARG A 631 38.82 25.57 -5.22
C ARG A 631 39.69 24.60 -6.00
N GLU A 632 39.48 23.29 -5.82
CA GLU A 632 40.35 22.32 -6.46
C GLU A 632 40.08 22.19 -7.96
N LEU A 633 38.83 22.19 -8.39
CA LEU A 633 38.53 21.90 -9.78
C LEU A 633 38.62 23.12 -10.68
N ILE A 634 38.72 24.32 -10.09
CA ILE A 634 38.77 25.56 -10.85
C ILE A 634 40.12 26.24 -10.59
N PRO A 635 41.21 25.81 -11.23
CA PRO A 635 42.45 26.57 -11.12
C PRO A 635 42.60 27.64 -12.20
N ASN A 636 41.54 28.36 -12.51
CA ASN A 636 41.69 29.31 -13.61
C ASN A 636 41.19 30.70 -13.30
N ILE A 637 40.07 30.84 -12.61
CA ILE A 637 39.37 32.12 -12.48
C ILE A 637 39.27 32.45 -11.00
N PRO A 638 39.87 33.55 -10.55
CA PRO A 638 39.88 33.86 -9.12
C PRO A 638 38.48 34.03 -8.56
N PHE A 639 38.33 33.61 -7.32
CA PHE A 639 37.07 33.70 -6.60
C PHE A 639 36.95 35.09 -5.97
N GLN A 640 35.71 35.57 -5.86
CA GLN A 640 35.42 36.83 -5.20
C GLN A 640 34.34 36.64 -4.14
N MET A 641 34.53 37.29 -2.99
CA MET A 641 33.64 37.16 -1.85
C MET A 641 33.14 38.54 -1.48
N LEU A 642 31.83 38.68 -1.32
CA LEU A 642 31.23 39.93 -0.88
C LEU A 642 31.30 39.99 0.63
N LEU A 643 32.10 40.92 1.16
CA LEU A 643 32.34 41.01 2.59
C LEU A 643 31.81 42.33 3.12
N ARG A 644 31.01 42.26 4.18
CA ARG A 644 30.62 43.47 4.88
C ARG A 644 31.81 44.03 5.65
N GLY A 645 31.65 45.25 6.15
CA GLY A 645 32.76 45.95 6.77
C GLY A 645 33.33 45.28 8.00
N ALA A 646 32.58 45.29 9.11
CA ALA A 646 33.05 44.68 10.34
C ALA A 646 32.59 43.22 10.43
N ASN A 647 31.28 43.00 10.42
CA ASN A 647 30.75 41.65 10.40
C ASN A 647 31.21 40.93 9.15
N ALA A 648 31.62 39.68 9.32
CA ALA A 648 32.09 38.89 8.18
C ALA A 648 30.94 38.54 7.25
N VAL A 649 29.98 37.77 7.75
CA VAL A 649 28.77 37.45 7.01
C VAL A 649 27.51 37.80 7.78
N GLY A 650 27.60 38.01 9.08
CA GLY A 650 26.46 38.30 9.91
C GLY A 650 26.07 39.76 9.85
N TYR A 651 25.15 40.13 10.73
CA TYR A 651 24.59 41.48 10.78
C TYR A 651 24.89 42.15 12.10
N THR A 652 25.87 41.66 12.85
CA THR A 652 26.27 42.22 14.14
C THR A 652 27.78 42.38 14.17
N ASN A 653 28.23 43.47 14.78
CA ASN A 653 29.66 43.71 14.93
C ASN A 653 30.30 42.65 15.81
N TYR A 654 31.55 42.36 15.52
CA TYR A 654 32.34 41.36 16.23
C TYR A 654 33.74 41.89 16.46
N PRO A 655 34.44 41.40 17.48
CA PRO A 655 35.79 41.89 17.76
C PRO A 655 36.73 41.65 16.59
N ASP A 656 37.88 42.35 16.64
CA ASP A 656 38.81 42.33 15.52
C ASP A 656 39.41 40.96 15.27
N ASN A 657 39.69 40.21 16.33
CA ASN A 657 40.38 38.93 16.19
C ASN A 657 39.59 37.97 15.31
N VAL A 658 38.27 37.93 15.48
CA VAL A 658 37.48 36.98 14.72
C VAL A 658 37.45 37.37 13.24
N VAL A 659 37.39 38.66 12.93
CA VAL A 659 37.41 39.08 11.53
C VAL A 659 38.76 38.77 10.91
N PHE A 660 39.84 39.00 11.67
CA PHE A 660 41.18 38.72 11.18
C PHE A 660 41.35 37.25 10.87
N LYS A 661 40.94 36.37 11.79
CA LYS A 661 41.06 34.94 11.52
C LYS A 661 40.12 34.51 10.41
N PHE A 662 38.95 35.15 10.30
CA PHE A 662 38.05 34.88 9.19
C PHE A 662 38.74 35.10 7.85
N CYS A 663 39.32 36.29 7.67
CA CYS A 663 39.99 36.59 6.41
C CYS A 663 41.20 35.70 6.21
N GLU A 664 41.94 35.43 7.29
CA GLU A 664 43.12 34.58 7.19
C GLU A 664 42.76 33.18 6.72
N VAL A 665 41.74 32.57 7.33
CA VAL A 665 41.34 31.22 6.97
C VAL A 665 40.74 31.20 5.56
N ALA A 666 40.00 32.25 5.21
CA ALA A 666 39.48 32.33 3.84
C ALA A 666 40.63 32.32 2.83
N LYS A 667 41.60 33.20 3.01
CA LYS A 667 42.72 33.27 2.09
C LYS A 667 43.52 31.97 2.08
N GLU A 668 43.66 31.35 3.26
CA GLU A 668 44.36 30.07 3.34
C GLU A 668 43.65 29.00 2.50
N ASN A 669 42.32 28.98 2.56
CA ASN A 669 41.56 27.96 1.85
C ASN A 669 41.70 28.07 0.34
N GLY A 670 42.22 29.20 -0.14
CA GLY A 670 42.48 29.38 -1.56
C GLY A 670 41.70 30.53 -2.14
N MET A 671 41.29 31.44 -1.30
CA MET A 671 40.45 32.54 -1.75
C MET A 671 41.31 33.71 -2.22
N ASP A 672 40.89 34.37 -3.29
CA ASP A 672 41.75 35.32 -4.01
C ASP A 672 41.39 36.78 -3.75
N VAL A 673 40.15 37.19 -3.99
CA VAL A 673 39.78 38.59 -3.93
C VAL A 673 38.73 38.82 -2.86
N PHE A 674 38.93 39.86 -2.06
CA PHE A 674 37.97 40.26 -1.04
C PHE A 674 37.30 41.56 -1.48
N ARG A 675 35.99 41.50 -1.70
CA ARG A 675 35.19 42.67 -2.02
C ARG A 675 34.59 43.19 -0.72
N VAL A 676 34.99 44.39 -0.31
CA VAL A 676 34.59 44.94 0.98
C VAL A 676 33.68 46.12 0.76
N PHE A 677 32.51 46.10 1.42
CA PHE A 677 31.52 47.16 1.33
C PHE A 677 30.96 47.40 2.73
N ASP A 678 29.95 48.26 2.83
CA ASP A 678 29.38 48.61 4.12
C ASP A 678 27.95 49.09 3.99
N SER A 679 27.26 49.15 5.12
CA SER A 679 25.88 49.64 5.14
C SER A 679 25.84 51.14 4.92
N LEU A 680 26.37 51.91 5.84
CA LEU A 680 26.46 53.36 5.73
C LEU A 680 27.91 53.75 5.56
N ASN A 681 28.14 54.95 5.04
CA ASN A 681 29.48 55.38 4.69
C ASN A 681 30.23 55.89 5.93
N TYR A 682 30.81 54.97 6.70
CA TYR A 682 31.55 55.28 7.91
C TYR A 682 32.98 54.80 7.75
N LEU A 683 33.94 55.73 7.83
CA LEU A 683 35.31 55.45 7.42
C LEU A 683 35.96 54.31 8.20
N PRO A 684 35.89 54.25 9.53
CA PRO A 684 36.66 53.22 10.24
C PRO A 684 36.34 51.80 9.83
N ASN A 685 35.10 51.51 9.44
CA ASN A 685 34.79 50.17 8.95
C ASN A 685 35.57 49.87 7.69
N MET A 686 35.62 50.83 6.77
CA MET A 686 36.47 50.68 5.58
C MET A 686 37.93 50.48 5.95
N LEU A 687 38.44 51.27 6.89
CA LEU A 687 39.85 51.14 7.26
C LEU A 687 40.13 49.76 7.82
N LEU A 688 39.28 49.31 8.75
CA LEU A 688 39.45 48.01 9.37
C LEU A 688 39.37 46.89 8.33
N GLY A 689 38.38 46.97 7.44
CA GLY A 689 38.23 45.93 6.44
C GLY A 689 39.42 45.86 5.49
N MET A 690 39.86 47.01 5.01
CA MET A 690 40.97 46.99 4.06
C MET A 690 42.26 46.52 4.72
N GLU A 691 42.53 46.94 5.96
CA GLU A 691 43.74 46.48 6.61
C GLU A 691 43.66 44.99 6.92
N ALA A 692 42.49 44.49 7.32
CA ALA A 692 42.36 43.07 7.58
C ALA A 692 42.56 42.26 6.31
N ALA A 693 41.98 42.72 5.20
CA ALA A 693 42.15 42.01 3.93
C ALA A 693 43.61 42.05 3.49
N GLY A 694 44.28 43.19 3.66
CA GLY A 694 45.71 43.24 3.38
C GLY A 694 46.50 42.26 4.23
N SER A 695 46.11 42.13 5.50
CA SER A 695 46.75 41.14 6.37
C SER A 695 46.50 39.73 5.86
N ALA A 696 45.32 39.50 5.26
CA ALA A 696 45.05 38.20 4.67
C ALA A 696 46.02 37.88 3.55
N GLY A 697 46.33 38.87 2.72
CA GLY A 697 47.33 38.70 1.68
C GLY A 697 46.75 38.55 0.29
N GLY A 698 45.56 39.10 0.08
CA GLY A 698 44.90 39.01 -1.21
C GLY A 698 44.46 40.37 -1.71
N VAL A 699 43.97 40.37 -2.95
CA VAL A 699 43.52 41.61 -3.58
C VAL A 699 42.35 42.18 -2.80
N VAL A 700 42.45 43.46 -2.47
CA VAL A 700 41.41 44.17 -1.72
C VAL A 700 40.59 44.97 -2.70
N GLU A 701 39.28 44.79 -2.66
CA GLU A 701 38.36 45.46 -3.59
C GLU A 701 37.49 46.39 -2.76
N ALA A 702 37.90 47.65 -2.64
CA ALA A 702 37.13 48.63 -1.92
C ALA A 702 35.85 48.93 -2.66
N ALA A 703 34.74 48.97 -1.93
CA ALA A 703 33.43 49.29 -2.51
C ALA A 703 32.83 50.49 -1.80
N ILE A 704 31.97 51.20 -2.51
CA ILE A 704 31.34 52.41 -2.01
C ILE A 704 29.84 52.27 -2.19
N SER A 705 29.10 52.55 -1.12
CA SER A 705 27.64 52.54 -1.19
C SER A 705 27.13 53.80 -1.87
N TYR A 706 26.34 53.64 -2.93
CA TYR A 706 25.78 54.75 -3.67
C TYR A 706 24.27 54.64 -3.74
N THR A 707 23.60 55.79 -3.71
CA THR A 707 22.17 55.85 -3.89
C THR A 707 21.80 57.20 -4.47
N GLY A 708 20.56 57.29 -4.95
CA GLY A 708 20.08 58.54 -5.51
C GLY A 708 20.66 58.81 -6.88
N ASP A 709 20.47 60.06 -7.31
CA ASP A 709 20.82 60.48 -8.67
C ASP A 709 21.68 61.74 -8.59
N VAL A 710 22.95 61.61 -8.95
CA VAL A 710 23.83 62.77 -8.97
C VAL A 710 23.46 63.73 -10.10
N ALA A 711 22.94 63.20 -11.21
CA ALA A 711 22.54 64.07 -12.33
C ALA A 711 21.28 64.85 -12.00
N ASP A 712 20.54 64.46 -10.97
CA ASP A 712 19.37 65.21 -10.56
C ASP A 712 19.73 66.16 -9.41
N PRO A 713 19.66 67.47 -9.61
CA PRO A 713 20.04 68.40 -8.53
C PRO A 713 19.06 68.42 -7.38
N SER A 714 17.87 67.81 -7.53
CA SER A 714 16.85 67.91 -6.49
C SER A 714 17.33 67.27 -5.18
N ARG A 715 17.99 66.12 -5.27
CA ARG A 715 18.50 65.44 -4.09
C ARG A 715 19.84 66.03 -3.71
N THR A 716 19.89 66.75 -2.58
CA THR A 716 21.12 67.42 -2.16
C THR A 716 21.65 66.92 -0.82
N LYS A 717 20.96 66.02 -0.14
CA LYS A 717 21.56 65.37 1.02
C LYS A 717 22.82 64.60 0.63
N TYR A 718 22.74 63.79 -0.42
CA TYR A 718 23.89 63.13 -1.00
C TYR A 718 24.26 63.86 -2.28
N SER A 719 25.35 64.61 -2.24
CA SER A 719 25.83 65.36 -3.37
C SER A 719 27.10 64.73 -3.89
N LEU A 720 27.48 65.13 -5.11
CA LEU A 720 28.56 64.44 -5.81
C LEU A 720 29.91 64.67 -5.13
N GLN A 721 30.14 65.88 -4.62
CA GLN A 721 31.42 66.17 -3.97
C GLN A 721 31.62 65.31 -2.73
N TYR A 722 30.53 64.94 -2.06
CA TYR A 722 30.62 64.02 -0.94
C TYR A 722 31.20 62.69 -1.38
N TYR A 723 30.72 62.17 -2.51
CA TYR A 723 31.23 60.91 -3.04
C TYR A 723 32.66 61.05 -3.55
N MET A 724 32.98 62.19 -4.18
CA MET A 724 34.36 62.41 -4.59
C MET A 724 35.30 62.44 -3.40
N GLY A 725 34.91 63.11 -2.32
CA GLY A 725 35.72 63.11 -1.12
C GLY A 725 35.89 61.71 -0.55
N LEU A 726 34.80 60.93 -0.54
CA LEU A 726 34.90 59.56 -0.06
C LEU A 726 35.87 58.75 -0.90
N ALA A 727 35.78 58.87 -2.22
CA ALA A 727 36.64 58.09 -3.11
C ALA A 727 38.09 58.51 -2.96
N GLU A 728 38.33 59.82 -2.83
CA GLU A 728 39.68 60.29 -2.60
C GLU A 728 40.23 59.75 -1.29
N GLU A 729 39.40 59.75 -0.25
CA GLU A 729 39.83 59.21 1.04
C GLU A 729 40.15 57.72 0.93
N LEU A 730 39.35 56.98 0.18
CA LEU A 730 39.60 55.55 0.02
C LEU A 730 40.89 55.29 -0.75
N VAL A 731 41.11 56.01 -1.85
CA VAL A 731 42.32 55.79 -2.61
C VAL A 731 43.55 56.23 -1.81
N ARG A 732 43.38 57.25 -0.95
CA ARG A 732 44.45 57.59 -0.01
C ARG A 732 44.68 56.46 0.98
N ALA A 733 43.61 55.83 1.47
CA ALA A 733 43.76 54.70 2.36
C ALA A 733 44.51 53.57 1.67
N GLY A 734 44.39 53.48 0.36
CA GLY A 734 45.13 52.49 -0.40
C GLY A 734 44.26 51.31 -0.79
N THR A 735 43.72 51.35 -2.00
CA THR A 735 43.00 50.23 -2.56
C THR A 735 43.49 50.01 -3.99
N HIS A 736 43.74 48.74 -4.32
CA HIS A 736 44.25 48.42 -5.65
C HIS A 736 43.17 48.58 -6.71
N ILE A 737 41.92 48.28 -6.36
CA ILE A 737 40.79 48.40 -7.27
C ILE A 737 39.65 49.09 -6.54
N LEU A 738 39.00 50.03 -7.21
CA LEU A 738 37.82 50.69 -6.70
C LEU A 738 36.57 50.05 -7.28
N CYS A 739 35.55 49.87 -6.44
CA CYS A 739 34.29 49.31 -6.85
C CYS A 739 33.14 50.18 -6.36
N ILE A 740 32.08 50.24 -7.15
CA ILE A 740 30.86 50.96 -6.80
C ILE A 740 29.70 49.97 -6.82
N LYS A 741 28.90 49.99 -5.75
CA LYS A 741 27.75 49.10 -5.62
C LYS A 741 26.48 49.89 -5.88
N ASP A 742 25.63 49.37 -6.78
CA ASP A 742 24.30 49.91 -7.01
C ASP A 742 23.32 48.76 -6.73
N MET A 743 22.93 48.62 -5.48
CA MET A 743 22.11 47.49 -5.06
C MET A 743 20.73 47.50 -5.70
N ALA A 744 20.19 48.68 -6.00
CA ALA A 744 18.86 48.78 -6.58
C ALA A 744 18.86 49.12 -8.06
N GLY A 745 20.03 49.30 -8.67
CA GLY A 745 20.07 49.65 -10.09
C GLY A 745 19.50 51.02 -10.42
N LEU A 746 19.88 52.05 -9.68
CA LEU A 746 19.31 53.38 -9.82
C LEU A 746 20.09 54.27 -10.77
N LEU A 747 21.12 53.75 -11.44
CA LEU A 747 21.96 54.58 -12.29
C LEU A 747 21.26 54.91 -13.60
N LYS A 748 21.73 55.97 -14.24
CA LYS A 748 21.21 56.53 -15.48
C LYS A 748 22.34 56.62 -16.49
N PRO A 749 22.03 56.52 -17.80
CA PRO A 749 23.09 56.66 -18.81
C PRO A 749 23.97 57.89 -18.65
N THR A 750 23.37 59.09 -18.72
CA THR A 750 24.18 60.30 -18.62
C THR A 750 24.76 60.47 -17.22
N ALA A 751 23.99 60.11 -16.19
CA ALA A 751 24.47 60.26 -14.82
C ALA A 751 25.69 59.39 -14.57
N CYS A 752 25.58 58.09 -14.89
CA CYS A 752 26.72 57.21 -14.66
C CYS A 752 27.87 57.55 -15.59
N THR A 753 27.58 58.03 -16.80
CA THR A 753 28.66 58.43 -17.70
C THR A 753 29.45 59.60 -17.11
N MET A 754 28.75 60.61 -16.58
CA MET A 754 29.43 61.75 -15.99
C MET A 754 30.20 61.35 -14.74
N LEU A 755 29.61 60.47 -13.91
CA LEU A 755 30.31 60.00 -12.72
C LEU A 755 31.58 59.25 -13.10
N VAL A 756 31.49 58.37 -14.09
CA VAL A 756 32.65 57.61 -14.54
C VAL A 756 33.73 58.55 -15.08
N SER A 757 33.32 59.55 -15.87
CA SER A 757 34.30 60.49 -16.42
C SER A 757 34.99 61.28 -15.32
N SER A 758 34.23 61.81 -14.37
CA SER A 758 34.83 62.65 -13.33
C SER A 758 35.53 61.82 -12.27
N LEU A 759 35.39 60.50 -12.31
CA LEU A 759 36.25 59.67 -11.48
C LEU A 759 37.51 59.26 -12.23
N ARG A 760 37.39 58.97 -13.52
CA ARG A 760 38.56 58.56 -14.31
C ARG A 760 39.54 59.71 -14.49
N ASP A 761 39.04 60.93 -14.68
CA ASP A 761 39.94 62.07 -14.86
C ASP A 761 40.82 62.26 -13.63
N ARG A 762 40.25 62.13 -12.45
CA ARG A 762 41.01 62.27 -11.22
C ARG A 762 41.85 61.04 -10.93
N PHE A 763 41.41 59.87 -11.39
CA PHE A 763 42.05 58.60 -11.07
C PHE A 763 42.28 57.84 -12.38
N PRO A 764 43.21 58.32 -13.21
CA PRO A 764 43.42 57.66 -14.51
C PRO A 764 44.00 56.26 -14.41
N ASP A 765 44.71 55.97 -13.32
CA ASP A 765 45.39 54.69 -13.20
C ASP A 765 44.66 53.68 -12.32
N LEU A 766 43.73 54.12 -11.49
CA LEU A 766 43.05 53.20 -10.59
C LEU A 766 42.02 52.37 -11.36
N PRO A 767 42.13 51.05 -11.33
CA PRO A 767 41.09 50.22 -11.97
C PRO A 767 39.76 50.44 -11.28
N LEU A 768 38.68 50.35 -12.06
CA LEU A 768 37.36 50.69 -11.58
C LEU A 768 36.40 49.52 -11.77
N HIS A 769 35.57 49.29 -10.77
CA HIS A 769 34.57 48.22 -10.78
C HIS A 769 33.20 48.84 -10.54
N ILE A 770 32.22 48.41 -11.32
CA ILE A 770 30.87 48.92 -11.25
C ILE A 770 29.89 47.76 -11.09
N HIS A 771 28.97 47.90 -10.13
CA HIS A 771 28.05 46.83 -9.76
C HIS A 771 26.64 47.40 -9.68
N THR A 772 25.70 46.76 -10.36
CA THR A 772 24.33 47.24 -10.40
C THR A 772 23.40 46.07 -10.76
N HIS A 773 22.11 46.26 -10.51
CA HIS A 773 21.08 45.30 -10.85
C HIS A 773 20.08 45.94 -11.79
N ASP A 774 19.41 45.12 -12.60
CA ASP A 774 18.48 45.64 -13.58
C ASP A 774 17.06 45.76 -13.02
N THR A 775 16.93 46.01 -11.72
CA THR A 775 15.60 46.11 -11.12
C THR A 775 14.82 47.28 -11.70
N SER A 776 15.49 48.40 -11.95
CA SER A 776 14.84 49.50 -12.64
C SER A 776 14.45 49.10 -14.06
N GLY A 777 15.23 48.23 -14.68
CA GLY A 777 15.04 47.85 -16.06
C GLY A 777 15.92 48.57 -17.04
N ALA A 778 16.80 49.46 -16.57
CA ALA A 778 17.67 50.25 -17.44
C ALA A 778 19.13 49.89 -17.21
N GLY A 779 19.42 48.62 -16.92
CA GLY A 779 20.79 48.22 -16.68
C GLY A 779 21.66 48.31 -17.92
N VAL A 780 21.22 47.72 -19.03
CA VAL A 780 22.07 47.64 -20.22
C VAL A 780 22.35 49.02 -20.78
N ALA A 781 21.32 49.88 -20.83
CA ALA A 781 21.49 51.20 -21.41
C ALA A 781 22.58 51.99 -20.70
N ALA A 782 22.38 52.30 -19.41
CA ALA A 782 23.37 53.06 -18.66
C ALA A 782 24.70 52.33 -18.61
N MET A 783 24.65 51.00 -18.52
CA MET A 783 25.87 50.23 -18.37
C MET A 783 26.77 50.40 -19.58
N LEU A 784 26.21 50.30 -20.79
CA LEU A 784 26.99 50.59 -21.98
C LEU A 784 27.37 52.07 -22.05
N ALA A 785 26.46 52.96 -21.62
CA ALA A 785 26.72 54.39 -21.74
C ALA A 785 27.99 54.79 -20.99
N CYS A 786 28.14 54.30 -19.75
CA CYS A 786 29.34 54.60 -18.98
C CYS A 786 30.36 53.48 -18.98
N ALA A 787 30.16 52.45 -19.81
CA ALA A 787 31.26 51.58 -20.19
C ALA A 787 32.00 52.10 -21.40
N GLN A 788 31.36 52.98 -22.18
CA GLN A 788 32.08 53.70 -23.22
C GLN A 788 33.11 54.63 -22.61
N ALA A 789 32.77 55.25 -21.48
CA ALA A 789 33.77 55.97 -20.70
C ALA A 789 34.67 54.96 -19.98
N GLY A 790 35.58 55.47 -19.15
CA GLY A 790 36.57 54.61 -18.56
C GLY A 790 36.00 53.61 -17.56
N ALA A 791 35.91 52.35 -17.97
CA ALA A 791 35.38 51.30 -17.12
C ALA A 791 36.16 50.03 -17.36
N ASP A 792 36.35 49.25 -16.30
CA ASP A 792 37.15 48.04 -16.36
C ASP A 792 36.34 46.77 -16.18
N VAL A 793 35.59 46.67 -15.09
CA VAL A 793 34.95 45.40 -14.71
C VAL A 793 33.44 45.55 -14.78
N VAL A 794 32.80 44.55 -15.37
CA VAL A 794 31.36 44.50 -15.56
C VAL A 794 30.82 43.23 -14.94
N ASP A 795 29.82 43.37 -14.07
CA ASP A 795 29.22 42.24 -13.38
C ASP A 795 28.02 41.75 -14.17
N VAL A 796 28.06 40.49 -14.63
CA VAL A 796 27.00 39.93 -15.45
C VAL A 796 26.73 38.49 -15.04
N ALA A 797 25.59 37.98 -15.50
CA ALA A 797 25.15 36.61 -15.24
C ALA A 797 24.59 36.01 -16.53
N ALA A 798 24.41 34.69 -16.52
CA ALA A 798 24.00 33.97 -17.72
C ALA A 798 22.59 34.39 -18.15
N ASP A 799 22.32 34.21 -19.45
CA ASP A 799 21.11 34.75 -20.05
C ASP A 799 19.85 34.17 -19.43
N SER A 800 19.84 32.85 -19.20
CA SER A 800 18.64 32.21 -18.66
C SER A 800 18.35 32.63 -17.22
N MET A 801 19.37 32.84 -16.40
CA MET A 801 19.21 33.35 -15.05
C MET A 801 19.32 34.87 -14.99
N SER A 802 19.04 35.56 -16.10
CA SER A 802 19.24 37.00 -16.20
C SER A 802 17.90 37.73 -16.24
N GLY A 803 17.96 39.04 -16.41
CA GLY A 803 16.78 39.86 -16.46
C GLY A 803 16.11 39.98 -15.11
N MET A 804 14.88 40.46 -15.14
CA MET A 804 14.03 40.60 -13.95
C MET A 804 14.78 41.50 -12.97
N THR A 805 15.26 41.00 -11.83
CA THR A 805 15.96 41.80 -10.84
C THR A 805 17.43 41.40 -10.70
N SER A 806 18.07 40.98 -11.78
CA SER A 806 19.43 40.48 -11.73
C SER A 806 20.40 41.47 -12.36
N GLN A 807 21.68 41.07 -12.44
CA GLN A 807 22.65 41.79 -13.23
C GLN A 807 22.39 41.57 -14.72
N PRO A 808 22.90 42.46 -15.56
CA PRO A 808 22.67 42.33 -17.01
C PRO A 808 23.16 41.01 -17.58
N SER A 809 22.48 40.56 -18.62
CA SER A 809 22.77 39.26 -19.22
C SER A 809 24.12 39.27 -19.94
N MET A 810 24.81 38.14 -19.87
CA MET A 810 26.07 38.00 -20.60
C MET A 810 25.85 38.10 -22.10
N GLY A 811 24.84 37.41 -22.62
CA GLY A 811 24.68 37.33 -24.05
C GLY A 811 24.45 38.69 -24.68
N ALA A 812 23.61 39.51 -24.05
CA ALA A 812 23.28 40.82 -24.64
C ALA A 812 24.50 41.71 -24.74
N LEU A 813 25.25 41.84 -23.65
CA LEU A 813 26.40 42.74 -23.67
C LEU A 813 27.53 42.19 -24.53
N VAL A 814 27.68 40.87 -24.56
CA VAL A 814 28.70 40.30 -25.44
C VAL A 814 28.33 40.55 -26.90
N ALA A 815 27.04 40.47 -27.22
CA ALA A 815 26.61 40.73 -28.60
C ALA A 815 26.77 42.19 -28.98
N CYS A 816 26.38 43.12 -28.09
CA CYS A 816 26.48 44.54 -28.43
C CYS A 816 27.92 44.95 -28.66
N THR A 817 28.84 44.47 -27.83
CA THR A 817 30.25 44.83 -27.92
C THR A 817 30.99 43.74 -28.68
N ARG A 818 30.76 43.70 -30.00
CA ARG A 818 31.41 42.73 -30.88
C ARG A 818 32.35 43.39 -31.87
N GLY A 819 31.84 44.28 -32.72
CA GLY A 819 32.69 45.03 -33.62
C GLY A 819 33.10 46.33 -32.98
N THR A 820 33.67 46.24 -31.78
CA THR A 820 33.95 47.38 -30.92
C THR A 820 35.39 47.30 -30.45
N PRO A 821 36.06 48.45 -30.30
CA PRO A 821 37.41 48.43 -29.72
C PRO A 821 37.46 47.87 -28.32
N LEU A 822 36.36 47.95 -27.56
CA LEU A 822 36.30 47.40 -26.21
C LEU A 822 35.66 46.02 -26.21
N ASP A 823 35.81 45.28 -27.31
CA ASP A 823 35.18 43.98 -27.46
C ASP A 823 35.77 42.98 -26.46
N THR A 824 34.94 42.02 -26.05
CA THR A 824 35.32 41.04 -25.06
C THR A 824 35.95 39.77 -25.64
N GLU A 825 35.66 39.47 -26.91
CA GLU A 825 36.25 38.33 -27.61
C GLU A 825 35.93 37.01 -26.90
N VAL A 826 34.63 36.76 -26.76
CA VAL A 826 34.14 35.55 -26.10
C VAL A 826 33.17 34.82 -27.03
N PRO A 827 33.33 33.52 -27.24
CA PRO A 827 32.44 32.79 -28.16
C PRO A 827 31.00 32.81 -27.68
N MET A 828 30.08 32.81 -28.65
CA MET A 828 28.65 32.78 -28.37
C MET A 828 28.15 31.40 -27.94
N GLU A 829 28.67 30.33 -28.53
CA GLU A 829 28.15 29.00 -28.25
C GLU A 829 28.38 28.59 -26.81
N ARG A 830 29.49 29.02 -26.22
CA ARG A 830 29.74 28.71 -24.81
C ARG A 830 28.68 29.37 -23.93
N VAL A 831 28.37 30.63 -24.20
CA VAL A 831 27.29 31.30 -23.48
C VAL A 831 25.97 30.58 -23.69
N PHE A 832 25.72 30.14 -24.93
CA PHE A 832 24.48 29.44 -25.22
C PHE A 832 24.35 28.17 -24.40
N ASP A 833 25.39 27.34 -24.38
CA ASP A 833 25.33 26.09 -23.65
C ASP A 833 25.24 26.34 -22.14
N TYR A 834 25.97 27.34 -21.65
CA TYR A 834 25.90 27.69 -20.23
C TYR A 834 24.49 28.07 -19.83
N SER A 835 23.88 29.01 -20.57
CA SER A 835 22.54 29.46 -20.24
C SER A 835 21.54 28.33 -20.41
N GLU A 836 21.77 27.45 -21.40
CA GLU A 836 20.89 26.31 -21.60
C GLU A 836 20.89 25.38 -20.39
N TYR A 837 22.08 24.98 -19.95
CA TYR A 837 22.16 24.10 -18.78
C TYR A 837 21.52 24.77 -17.58
N TRP A 838 21.80 26.05 -17.38
CA TRP A 838 21.27 26.71 -16.20
C TRP A 838 19.75 26.83 -16.24
N GLU A 839 19.18 27.07 -17.42
CA GLU A 839 17.73 27.09 -17.52
C GLU A 839 17.14 25.71 -17.24
N GLY A 840 17.77 24.67 -17.78
CA GLY A 840 17.31 23.32 -17.49
C GLY A 840 17.36 23.02 -16.01
N ALA A 841 18.38 23.53 -15.32
CA ALA A 841 18.52 23.29 -13.89
C ALA A 841 17.49 24.09 -13.09
N ARG A 842 17.20 25.33 -13.50
CA ARG A 842 16.25 26.14 -12.74
C ARG A 842 14.88 25.49 -12.66
N GLY A 843 14.59 24.58 -13.60
CA GLY A 843 13.34 23.85 -13.54
C GLY A 843 13.16 23.06 -12.27
N LEU A 844 14.25 22.74 -11.58
CA LEU A 844 14.14 22.01 -10.32
C LEU A 844 13.61 22.90 -9.21
N TYR A 845 14.12 24.12 -9.07
CA TYR A 845 13.72 24.99 -7.98
C TYR A 845 12.41 25.72 -8.29
N ALA A 846 11.39 24.96 -8.69
CA ALA A 846 10.09 25.60 -8.94
C ALA A 846 9.45 26.10 -7.66
N ALA A 847 9.64 25.36 -6.55
CA ALA A 847 9.06 25.73 -5.27
C ALA A 847 9.69 26.99 -4.69
N PHE A 848 10.80 27.46 -5.25
CA PHE A 848 11.45 28.70 -4.83
C PHE A 848 11.54 29.58 -6.08
N ASP A 849 10.63 30.52 -6.22
CA ASP A 849 10.62 31.36 -7.40
C ASP A 849 9.83 32.64 -7.14
N CYS A 850 10.21 33.70 -7.84
CA CYS A 850 9.49 34.96 -7.80
C CYS A 850 8.82 35.29 -9.13
N THR A 851 9.11 34.51 -10.18
CA THR A 851 8.35 34.66 -11.40
C THR A 851 6.86 34.46 -11.16
N ALA A 852 6.51 33.63 -10.16
CA ALA A 852 5.13 33.55 -9.71
C ALA A 852 4.69 34.84 -9.03
N THR A 853 5.64 35.67 -8.61
CA THR A 853 5.32 36.97 -8.02
C THR A 853 5.49 38.09 -9.03
N MET A 854 6.65 38.16 -9.68
CA MET A 854 6.94 39.32 -10.51
C MET A 854 6.64 39.08 -11.98
N LYS A 855 7.36 38.13 -12.59
CA LYS A 855 7.14 37.67 -13.97
C LYS A 855 7.57 38.70 -15.02
N SER A 856 7.84 39.94 -14.63
CA SER A 856 8.24 40.92 -15.63
C SER A 856 9.49 41.71 -15.27
N GLY A 857 9.61 42.10 -14.00
CA GLY A 857 10.62 43.06 -13.62
C GLY A 857 10.06 44.44 -13.88
N ASN A 858 9.77 45.22 -12.85
CA ASN A 858 8.91 46.37 -13.02
C ASN A 858 9.61 47.67 -12.61
N SER A 859 8.91 48.77 -12.87
CA SER A 859 9.26 50.09 -12.37
C SER A 859 8.81 50.17 -10.91
N ASP A 860 8.65 51.39 -10.38
CA ASP A 860 8.35 51.64 -8.98
C ASP A 860 9.53 51.31 -8.09
N VAL A 861 10.68 51.04 -8.70
CA VAL A 861 11.91 50.83 -7.96
C VAL A 861 12.42 52.13 -7.34
N TYR A 862 12.08 53.28 -7.92
CA TYR A 862 12.67 54.55 -7.55
C TYR A 862 12.14 55.07 -6.21
N GLU A 863 11.13 54.41 -5.65
CA GLU A 863 10.36 54.94 -4.53
C GLU A 863 10.51 54.11 -3.26
N ASN A 864 10.41 52.78 -3.35
CA ASN A 864 10.67 51.96 -2.18
C ASN A 864 12.16 51.80 -1.95
N GLU A 865 12.95 51.79 -3.03
CA GLU A 865 14.38 51.52 -2.99
C GLU A 865 14.67 50.17 -2.34
N ILE A 866 13.79 49.20 -2.53
CA ILE A 866 14.08 47.86 -2.01
C ILE A 866 15.16 47.21 -2.87
N PRO A 867 16.19 46.62 -2.27
CA PRO A 867 17.20 45.93 -3.08
C PRO A 867 16.59 44.78 -3.87
N GLY A 868 17.09 44.59 -5.09
CA GLY A 868 16.58 43.54 -5.94
C GLY A 868 16.84 42.15 -5.39
N GLY A 869 17.98 41.96 -4.74
CA GLY A 869 18.33 40.69 -4.15
C GLY A 869 17.58 40.34 -2.90
N GLN A 870 16.66 41.19 -2.47
CA GLN A 870 15.93 40.98 -1.24
C GLN A 870 14.47 40.62 -1.46
N TYR A 871 13.84 41.14 -2.51
CA TYR A 871 12.39 41.02 -2.70
C TYR A 871 11.90 39.61 -2.43
N THR A 872 12.39 38.64 -3.21
CA THR A 872 12.05 37.24 -2.99
C THR A 872 12.23 36.87 -1.53
N ASN A 873 13.47 36.99 -1.04
CA ASN A 873 13.73 36.79 0.38
C ASN A 873 12.81 37.64 1.23
N LEU A 874 12.67 38.92 0.87
CA LEU A 874 11.68 39.77 1.53
C LEU A 874 10.31 39.11 1.54
N HIS A 875 9.80 38.77 0.36
CA HIS A 875 8.53 38.07 0.28
C HIS A 875 8.57 36.82 1.15
N PHE A 876 9.68 36.09 1.10
CA PHE A 876 9.84 34.91 1.93
C PHE A 876 9.49 35.22 3.38
N GLN A 877 10.12 36.24 3.95
CA GLN A 877 9.84 36.56 5.34
C GLN A 877 8.36 36.82 5.53
N ALA A 878 7.76 37.65 4.67
CA ALA A 878 6.33 37.90 4.79
C ALA A 878 5.56 36.60 4.67
N HIS A 879 5.90 35.77 3.69
CA HIS A 879 5.16 34.53 3.49
C HIS A 879 5.31 33.61 4.68
N SER A 880 6.41 33.76 5.42
CA SER A 880 6.60 32.97 6.62
C SER A 880 6.10 33.71 7.85
N MET A 881 6.07 35.05 7.81
CA MET A 881 5.72 35.80 9.01
C MET A 881 4.21 35.78 9.25
N GLY A 882 3.41 35.80 8.19
CA GLY A 882 1.98 35.83 8.34
C GLY A 882 1.28 36.81 7.45
N LEU A 883 2.01 37.38 6.48
CA LEU A 883 1.41 38.28 5.51
C LEU A 883 1.80 37.90 4.09
N GLY A 884 1.75 36.61 3.79
CA GLY A 884 2.08 36.16 2.44
C GLY A 884 1.17 36.75 1.38
N SER A 885 -0.10 36.95 1.74
CA SER A 885 -1.04 37.54 0.80
C SER A 885 -0.90 39.05 0.71
N LYS A 886 -0.67 39.74 1.84
CA LYS A 886 -0.70 41.19 1.89
C LYS A 886 0.62 41.82 1.45
N PHE A 887 1.48 41.04 0.77
CA PHE A 887 2.79 41.53 0.36
C PHE A 887 2.69 42.82 -0.44
N LYS A 888 1.62 42.99 -1.22
CA LYS A 888 1.48 44.19 -2.04
C LYS A 888 1.42 45.44 -1.18
N GLU A 889 0.75 45.37 -0.04
CA GLU A 889 0.74 46.51 0.86
C GLU A 889 2.09 46.73 1.52
N VAL A 890 2.90 45.68 1.65
CA VAL A 890 4.17 45.78 2.38
C VAL A 890 5.05 46.85 1.76
N LYS A 891 5.33 46.74 0.46
CA LYS A 891 6.12 47.75 -0.23
C LYS A 891 5.46 49.12 -0.16
N LYS A 892 4.14 49.18 -0.02
CA LYS A 892 3.45 50.46 0.03
C LYS A 892 3.78 51.21 1.30
N ALA A 893 4.37 50.53 2.29
CA ALA A 893 4.88 51.23 3.46
C ALA A 893 6.36 51.54 3.35
N TYR A 894 7.09 50.86 2.46
CA TYR A 894 8.55 50.84 2.53
C TYR A 894 9.15 52.25 2.46
N VAL A 895 8.68 53.06 1.51
CA VAL A 895 9.19 54.42 1.40
C VAL A 895 8.95 55.19 2.69
N GLU A 896 7.75 55.09 3.27
CA GLU A 896 7.44 55.79 4.51
C GLU A 896 8.36 55.34 5.63
N ALA A 897 8.89 54.11 5.55
CA ALA A 897 9.86 53.65 6.54
C ALA A 897 11.04 54.61 6.63
N ASN A 898 11.60 54.97 5.47
CA ASN A 898 12.77 55.83 5.45
C ASN A 898 12.46 57.16 6.12
N GLN A 899 11.18 57.48 6.24
CA GLN A 899 10.78 58.76 6.81
C GLN A 899 10.97 58.81 8.32
N MET A 900 10.77 57.71 9.03
CA MET A 900 10.99 57.76 10.49
C MET A 900 12.47 57.80 10.82
N LEU A 901 13.29 57.23 9.96
CA LEU A 901 14.73 57.18 10.21
C LEU A 901 15.51 58.23 9.42
N GLY A 902 14.84 59.10 8.69
CA GLY A 902 15.54 60.00 7.79
C GLY A 902 16.10 59.26 6.59
N ASP A 903 16.49 60.03 5.58
CA ASP A 903 17.03 59.45 4.35
C ASP A 903 18.43 58.92 4.62
N LEU A 904 18.61 57.62 4.47
CA LEU A 904 19.93 57.00 4.60
C LEU A 904 20.08 55.86 3.60
N ILE A 905 21.32 55.40 3.45
CA ILE A 905 21.65 54.35 2.49
C ILE A 905 21.00 53.04 2.96
N LYS A 906 20.36 52.34 2.02
CA LYS A 906 19.70 51.07 2.32
C LYS A 906 20.58 49.92 1.82
N VAL A 907 21.35 49.35 2.73
CA VAL A 907 22.21 48.21 2.44
C VAL A 907 21.71 47.09 3.34
N THR A 908 22.28 45.88 3.21
CA THR A 908 21.71 44.68 3.81
C THR A 908 21.38 44.82 5.30
N PRO A 909 22.20 45.44 6.17
CA PRO A 909 21.74 45.61 7.56
C PRO A 909 20.61 46.63 7.64
N SER A 910 20.80 47.76 6.95
CA SER A 910 19.75 48.77 6.91
C SER A 910 18.50 48.23 6.24
N SER A 911 18.68 47.48 5.15
CA SER A 911 17.52 46.87 4.49
C SER A 911 16.78 45.94 5.45
N LYS A 912 17.52 45.13 6.21
CA LYS A 912 16.88 44.22 7.14
C LYS A 912 16.14 44.96 8.25
N ILE A 913 16.76 46.00 8.82
CA ILE A 913 16.13 46.77 9.88
C ILE A 913 14.88 47.46 9.37
N VAL A 914 14.97 48.03 8.16
CA VAL A 914 13.83 48.72 7.58
C VAL A 914 12.70 47.75 7.29
N GLY A 915 13.04 46.55 6.81
CA GLY A 915 12.02 45.52 6.61
C GLY A 915 11.39 45.07 7.91
N ASP A 916 12.19 44.95 8.97
CA ASP A 916 11.67 44.58 10.27
C ASP A 916 10.62 45.59 10.74
N LEU A 917 11.01 46.87 10.74
CA LEU A 917 10.12 47.91 11.22
C LEU A 917 8.93 48.11 10.29
N ALA A 918 9.09 47.85 8.99
CA ALA A 918 7.97 47.97 8.08
C ALA A 918 6.97 46.84 8.27
N GLN A 919 7.46 45.62 8.49
CA GLN A 919 6.54 44.53 8.80
C GLN A 919 5.79 44.81 10.09
N PHE A 920 6.49 45.37 11.08
CA PHE A 920 5.82 45.82 12.30
C PHE A 920 4.79 46.90 11.99
N MET A 921 5.07 47.75 11.02
CA MET A 921 4.12 48.78 10.61
C MET A 921 2.86 48.17 10.03
N VAL A 922 3.03 47.28 9.04
CA VAL A 922 1.90 46.80 8.26
C VAL A 922 1.09 45.76 9.03
N GLN A 923 1.72 45.07 9.98
CA GLN A 923 0.96 44.15 10.82
C GLN A 923 0.13 44.91 11.84
N ASN A 924 0.64 46.04 12.34
CA ASN A 924 -0.08 46.83 13.34
C ASN A 924 -1.22 47.64 12.74
N GLY A 925 -1.22 47.87 11.43
CA GLY A 925 -2.28 48.64 10.79
C GLY A 925 -2.34 50.07 11.28
N LEU A 926 -1.19 50.72 11.39
CA LEU A 926 -1.10 52.09 11.86
C LEU A 926 -0.20 52.90 10.93
N SER A 927 -0.50 54.18 10.82
CA SER A 927 0.17 55.06 9.88
C SER A 927 1.26 55.86 10.58
N ARG A 928 1.95 56.70 9.80
CA ARG A 928 3.03 57.51 10.36
C ARG A 928 2.51 58.49 11.40
N ALA A 929 1.24 58.86 11.30
CA ALA A 929 0.64 59.65 12.38
C ALA A 929 0.66 58.86 13.69
N GLU A 930 0.27 57.59 13.65
CA GLU A 930 0.41 56.72 14.81
C GLU A 930 1.88 56.57 15.20
N ALA A 931 2.77 56.46 14.20
CA ALA A 931 4.18 56.27 14.50
C ALA A 931 4.76 57.44 15.30
N GLU A 932 4.52 58.66 14.84
CA GLU A 932 5.10 59.83 15.48
C GLU A 932 4.26 60.32 16.66
N ALA A 933 3.06 59.78 16.85
CA ALA A 933 2.32 60.05 18.08
C ALA A 933 2.94 59.32 19.27
N GLN A 934 2.94 57.99 19.21
CA GLN A 934 3.44 57.16 20.29
C GLN A 934 4.68 56.43 19.80
N ALA A 935 5.75 56.46 20.60
CA ALA A 935 6.93 55.67 20.31
C ALA A 935 7.44 54.87 21.50
N GLU A 936 7.27 55.36 22.73
CA GLU A 936 7.71 54.63 23.89
C GLU A 936 6.89 53.37 24.09
N GLU A 937 5.63 53.40 23.68
CA GLU A 937 4.70 52.33 23.98
C GLU A 937 4.88 51.15 23.03
N LEU A 938 5.21 51.41 21.77
CA LEU A 938 5.34 50.33 20.81
C LEU A 938 6.55 49.45 21.14
N SER A 939 6.37 48.15 20.99
CA SER A 939 7.43 47.17 21.16
C SER A 939 8.19 47.10 19.83
N PHE A 940 9.16 47.96 19.66
CA PHE A 940 9.87 48.08 18.40
C PHE A 940 10.76 46.87 18.16
N PRO A 941 10.97 46.50 16.89
CA PRO A 941 11.74 45.29 16.59
C PRO A 941 13.17 45.37 17.10
N ARG A 942 13.73 44.20 17.41
CA ARG A 942 15.06 44.12 18.01
C ARG A 942 16.13 44.74 17.12
N SER A 943 16.11 44.47 15.82
CA SER A 943 17.12 45.04 14.94
C SER A 943 17.06 46.56 14.92
N VAL A 944 15.84 47.11 14.87
CA VAL A 944 15.69 48.55 14.80
C VAL A 944 16.26 49.21 16.04
N VAL A 945 15.82 48.76 17.22
CA VAL A 945 16.28 49.37 18.46
C VAL A 945 17.77 49.12 18.66
N GLU A 946 18.28 48.01 18.10
CA GLU A 946 19.73 47.79 18.11
C GLU A 946 20.43 48.89 17.32
N PHE A 947 19.88 49.26 16.15
CA PHE A 947 20.49 50.35 15.40
C PHE A 947 20.31 51.69 16.10
N LEU A 948 19.24 51.82 16.89
CA LEU A 948 19.06 53.05 17.65
C LEU A 948 20.19 53.30 18.64
N GLN A 949 20.98 52.28 18.97
CA GLN A 949 22.20 52.54 19.72
C GLN A 949 23.38 52.85 18.81
N GLY A 950 23.23 52.71 17.50
CA GLY A 950 24.35 52.87 16.61
C GLY A 950 25.31 51.71 16.61
N TYR A 951 24.85 50.51 16.95
CA TYR A 951 25.74 49.36 17.09
C TYR A 951 26.43 49.03 15.78
N ILE A 952 25.69 49.06 14.68
CA ILE A 952 26.31 48.77 13.39
C ILE A 952 27.24 49.90 12.98
N GLY A 953 26.79 51.13 13.18
CA GLY A 953 27.58 52.29 12.83
C GLY A 953 26.71 53.53 12.90
N VAL A 954 27.31 54.65 12.54
CA VAL A 954 26.68 55.97 12.66
C VAL A 954 26.30 56.44 11.25
N PRO A 955 25.11 56.99 11.06
CA PRO A 955 24.73 57.49 9.74
C PRO A 955 25.30 58.86 9.45
N HIS A 956 25.26 59.23 8.17
CA HIS A 956 25.66 60.56 7.75
C HIS A 956 24.70 61.63 8.27
N GLY A 957 23.40 61.43 8.05
CA GLY A 957 22.43 62.41 8.51
C GLY A 957 22.36 62.49 10.01
N GLY A 958 22.52 61.37 10.69
CA GLY A 958 22.43 61.32 12.12
C GLY A 958 21.18 60.59 12.58
N PHE A 959 21.17 60.24 13.87
CA PHE A 959 20.02 59.57 14.46
C PHE A 959 18.87 60.56 14.66
N PRO A 960 17.63 60.11 14.43
CA PRO A 960 16.47 61.02 14.58
C PRO A 960 16.24 61.36 16.04
N GLU A 961 16.63 62.58 16.41
CA GLU A 961 16.76 62.94 17.83
C GLU A 961 15.48 62.80 18.63
N PRO A 962 14.32 63.28 18.18
CA PRO A 962 13.10 63.01 18.98
C PRO A 962 12.77 61.54 19.06
N PHE A 963 12.82 60.83 17.93
CA PHE A 963 12.61 59.38 17.96
C PHE A 963 13.76 58.69 18.68
N ARG A 964 14.98 59.23 18.57
CA ARG A 964 16.10 58.70 19.33
C ARG A 964 15.79 58.71 20.82
N SER A 965 15.31 59.84 21.33
CA SER A 965 14.96 59.95 22.74
C SER A 965 13.78 59.05 23.09
N LYS A 966 12.77 59.00 22.22
CA LYS A 966 11.58 58.22 22.51
C LYS A 966 11.84 56.72 22.49
N VAL A 967 12.87 56.27 21.77
CA VAL A 967 13.15 54.85 21.67
C VAL A 967 14.20 54.41 22.69
N LEU A 968 15.31 55.16 22.78
CA LEU A 968 16.43 54.74 23.62
C LEU A 968 16.02 54.66 25.09
N LYS A 969 15.24 55.63 25.56
CA LYS A 969 14.80 55.70 26.95
C LYS A 969 16.05 55.74 27.83
N ASP A 970 16.29 54.75 28.68
CA ASP A 970 17.42 54.75 29.60
C ASP A 970 18.26 53.49 29.34
N LEU A 971 19.37 53.66 28.63
CA LEU A 971 20.32 52.59 28.39
C LEU A 971 21.63 53.17 27.87
N PRO A 972 22.74 52.47 28.07
CA PRO A 972 24.04 53.00 27.63
C PRO A 972 24.09 53.15 26.12
N ARG A 973 24.81 54.18 25.68
CA ARG A 973 24.89 54.53 24.27
C ARG A 973 26.32 54.38 23.77
N VAL A 974 26.47 53.82 22.57
CA VAL A 974 27.77 53.49 22.00
C VAL A 974 28.18 54.57 21.02
N GLU A 975 29.42 55.03 21.13
CA GLU A 975 29.94 56.12 20.30
C GLU A 975 31.21 55.67 19.60
N GLY A 976 31.52 56.34 18.49
CA GLY A 976 32.65 55.94 17.69
C GLY A 976 32.38 54.60 17.03
N ARG A 977 33.45 53.90 16.67
CA ARG A 977 33.30 52.57 16.10
C ARG A 977 33.06 51.57 17.22
N PRO A 978 31.89 50.92 17.26
CA PRO A 978 31.64 49.94 18.32
C PRO A 978 32.52 48.71 18.24
N GLY A 979 33.17 48.46 17.10
CA GLY A 979 34.02 47.28 16.99
C GLY A 979 35.13 47.28 18.01
N ALA A 980 35.70 48.45 18.30
CA ALA A 980 36.76 48.54 19.29
C ALA A 980 36.26 48.32 20.70
N SER A 981 35.09 48.89 21.05
CA SER A 981 34.57 48.73 22.41
C SER A 981 34.18 47.29 22.68
N LEU A 982 33.99 46.48 21.65
CA LEU A 982 33.62 45.09 21.85
C LEU A 982 34.79 44.32 22.43
N PRO A 983 34.62 43.69 23.60
CA PRO A 983 35.71 42.90 24.17
C PRO A 983 35.97 41.66 23.35
N PRO A 984 37.23 41.36 23.05
CA PRO A 984 37.54 40.18 22.24
C PRO A 984 37.17 38.90 22.97
N LEU A 985 36.83 37.88 22.18
CA LEU A 985 36.44 36.58 22.70
C LEU A 985 37.60 35.59 22.60
N ASP A 986 37.43 34.45 23.26
CA ASP A 986 38.40 33.38 23.23
C ASP A 986 37.93 32.30 22.26
N LEU A 987 38.68 32.14 21.16
CA LEU A 987 38.40 31.04 20.25
C LEU A 987 38.67 29.68 20.88
N GLN A 988 39.73 29.59 21.68
CA GLN A 988 40.14 28.29 22.21
C GLN A 988 39.12 27.75 23.20
N ALA A 989 38.55 28.61 24.04
CA ALA A 989 37.50 28.15 24.95
C ALA A 989 36.30 27.63 24.17
N LEU A 990 35.91 28.34 23.13
CA LEU A 990 34.78 27.89 22.31
C LEU A 990 35.09 26.56 21.64
N GLU A 991 36.31 26.40 21.10
CA GLU A 991 36.60 25.17 20.36
C GLU A 991 36.73 23.97 21.29
N LYS A 992 37.29 24.17 22.49
CA LYS A 992 37.32 23.07 23.45
C LYS A 992 35.91 22.72 23.91
N GLU A 993 35.06 23.73 24.09
CA GLU A 993 33.66 23.48 24.42
C GLU A 993 32.97 22.66 23.34
N LEU A 994 33.23 23.01 22.07
CA LEU A 994 32.64 22.27 20.96
C LEU A 994 33.14 20.83 20.89
N VAL A 995 34.47 20.65 21.01
CA VAL A 995 35.05 19.33 20.85
C VAL A 995 34.60 18.41 21.99
N ASP A 996 34.45 18.95 23.20
CA ASP A 996 33.92 18.14 24.28
C ASP A 996 32.41 17.98 24.18
N ARG A 997 31.75 18.88 23.46
CA ARG A 997 30.28 18.85 23.41
C ARG A 997 29.76 17.83 22.40
N HIS A 998 30.32 17.82 21.19
CA HIS A 998 29.79 17.03 20.10
C HIS A 998 30.91 16.32 19.34
N GLY A 999 31.86 15.76 20.07
CA GLY A 999 32.89 14.94 19.46
C GLY A 999 34.05 15.73 18.92
N GLU A 1000 35.01 14.98 18.37
CA GLU A 1000 36.31 15.51 17.97
C GLU A 1000 36.28 16.20 16.62
N GLU A 1001 35.25 15.98 15.80
CA GLU A 1001 35.23 16.51 14.45
C GLU A 1001 35.05 18.03 14.44
N VAL A 1002 36.08 18.73 14.89
CA VAL A 1002 36.10 20.19 14.95
C VAL A 1002 37.37 20.67 14.26
N THR A 1003 37.23 21.64 13.37
CA THR A 1003 38.34 22.25 12.66
C THR A 1003 38.26 23.75 12.78
N PRO A 1004 39.34 24.49 12.51
CA PRO A 1004 39.30 25.96 12.68
C PRO A 1004 38.16 26.60 11.91
N GLU A 1005 37.89 26.14 10.69
CA GLU A 1005 36.73 26.66 9.96
C GLU A 1005 35.44 26.31 10.68
N ASP A 1006 35.36 25.11 11.25
CA ASP A 1006 34.19 24.75 12.05
C ASP A 1006 34.09 25.64 13.28
N VAL A 1007 35.23 25.95 13.89
CA VAL A 1007 35.24 26.85 15.04
C VAL A 1007 34.69 28.21 14.65
N LEU A 1008 35.13 28.72 13.50
CA LEU A 1008 34.65 30.01 13.02
C LEU A 1008 33.16 29.97 12.75
N SER A 1009 32.69 28.90 12.12
CA SER A 1009 31.27 28.77 11.81
C SER A 1009 30.44 28.76 13.07
N ALA A 1010 30.90 28.03 14.09
CA ALA A 1010 30.20 28.05 15.37
C ALA A 1010 30.25 29.44 16.01
N ALA A 1011 31.40 30.12 15.88
CA ALA A 1011 31.55 31.42 16.51
C ALA A 1011 30.57 32.43 15.94
N MET A 1012 30.43 32.46 14.61
CA MET A 1012 29.53 33.45 14.01
C MET A 1012 28.07 33.09 14.29
N TYR A 1013 27.70 31.83 14.10
CA TYR A 1013 26.30 31.40 14.19
C TYR A 1013 26.24 30.12 15.01
N PRO A 1014 26.14 30.25 16.33
CA PRO A 1014 26.15 29.06 17.18
C PRO A 1014 24.93 28.17 17.04
N ASP A 1015 23.73 28.76 17.16
CA ASP A 1015 22.51 27.98 17.30
C ASP A 1015 22.19 27.20 16.03
N VAL A 1016 22.26 27.86 14.88
CA VAL A 1016 21.96 27.15 13.63
C VAL A 1016 23.03 26.11 13.35
N PHE A 1017 24.27 26.36 13.76
CA PHE A 1017 25.29 25.32 13.62
C PHE A 1017 24.96 24.11 14.48
N ALA A 1018 24.48 24.34 15.70
CA ALA A 1018 24.05 23.24 16.54
C ALA A 1018 22.95 22.45 15.86
N HIS A 1019 21.94 23.16 15.34
CA HIS A 1019 20.85 22.50 14.65
C HIS A 1019 21.36 21.67 13.48
N PHE A 1020 22.27 22.25 12.69
CA PHE A 1020 22.77 21.61 11.49
C PHE A 1020 23.59 20.36 11.82
N LYS A 1021 24.50 20.46 12.79
CA LYS A 1021 25.29 19.30 13.15
C LYS A 1021 24.42 18.20 13.74
N ASP A 1022 23.44 18.58 14.57
CA ASP A 1022 22.53 17.59 15.12
C ASP A 1022 21.79 16.87 14.02
N PHE A 1023 21.28 17.64 13.05
CA PHE A 1023 20.48 17.07 11.97
C PHE A 1023 21.32 16.14 11.10
N THR A 1024 22.52 16.57 10.75
CA THR A 1024 23.40 15.73 9.94
C THR A 1024 23.78 14.46 10.69
N ALA A 1025 24.10 14.58 11.98
CA ALA A 1025 24.43 13.39 12.75
C ALA A 1025 23.26 12.42 12.81
N THR A 1026 22.05 12.93 13.02
CA THR A 1026 20.92 12.03 13.14
C THR A 1026 20.42 11.54 11.81
N PHE A 1027 20.91 12.09 10.70
CA PHE A 1027 20.44 11.68 9.39
C PHE A 1027 21.55 11.28 8.43
N GLY A 1028 22.82 11.35 8.86
CA GLY A 1028 23.91 10.97 8.00
C GLY A 1028 24.30 12.08 7.04
N PRO A 1029 25.20 11.78 6.11
CA PRO A 1029 25.68 12.81 5.18
C PRO A 1029 24.56 13.30 4.27
N LEU A 1030 24.70 14.54 3.83
CA LEU A 1030 23.78 15.11 2.86
C LEU A 1030 24.56 15.66 1.67
N ASP A 1031 23.90 16.44 0.82
CA ASP A 1031 24.46 17.07 -0.37
C ASP A 1031 24.88 16.03 -1.40
N SER A 1032 24.84 14.75 -1.06
CA SER A 1032 25.06 13.68 -2.02
C SER A 1032 23.77 13.27 -2.71
N LEU A 1033 22.68 13.98 -2.42
CA LEU A 1033 21.37 13.69 -2.96
C LEU A 1033 21.09 14.57 -4.16
N ASN A 1034 20.35 14.02 -5.11
CA ASN A 1034 19.74 14.87 -6.12
C ASN A 1034 18.66 15.72 -5.46
N THR A 1035 18.51 16.95 -5.97
CA THR A 1035 17.54 17.87 -5.39
C THR A 1035 16.13 17.28 -5.45
N ARG A 1036 15.83 16.50 -6.49
CA ARG A 1036 14.59 15.74 -6.50
C ARG A 1036 14.45 14.93 -5.23
N LEU A 1037 15.47 14.14 -4.92
CA LEU A 1037 15.43 13.34 -3.71
C LEU A 1037 15.47 14.22 -2.48
N PHE A 1038 16.16 15.37 -2.57
CA PHE A 1038 16.30 16.21 -1.39
C PHE A 1038 14.96 16.77 -0.94
N LEU A 1039 14.15 17.24 -1.88
CA LEU A 1039 12.86 17.82 -1.48
C LEU A 1039 11.74 16.80 -1.61
N GLN A 1040 11.71 16.04 -2.71
CA GLN A 1040 10.56 15.20 -2.99
C GLN A 1040 10.75 13.80 -2.44
N GLY A 1041 11.97 13.30 -2.46
CA GLY A 1041 12.24 11.94 -2.06
C GLY A 1041 11.90 10.98 -3.17
N PRO A 1042 12.31 9.72 -3.04
CA PRO A 1042 12.08 8.76 -4.12
C PRO A 1042 10.61 8.40 -4.25
N LYS A 1043 10.22 8.04 -5.45
CA LYS A 1043 8.89 7.52 -5.71
C LYS A 1043 8.97 6.01 -5.84
N ILE A 1044 7.96 5.32 -5.31
CA ILE A 1044 7.97 3.87 -5.32
C ILE A 1044 8.11 3.37 -6.75
N ALA A 1045 8.84 2.27 -6.91
CA ALA A 1045 9.13 1.66 -8.21
C ALA A 1045 9.95 2.63 -9.08
N GLU A 1046 10.73 3.47 -8.43
CA GLU A 1046 11.74 4.25 -9.14
C GLU A 1046 13.10 3.93 -8.55
N GLU A 1047 13.95 3.32 -9.36
CA GLU A 1047 15.31 3.00 -8.96
C GLU A 1047 16.17 4.22 -9.21
N PHE A 1048 17.19 4.42 -8.37
CA PHE A 1048 18.07 5.56 -8.55
C PHE A 1048 19.46 5.20 -8.05
N GLU A 1049 20.38 6.14 -8.25
CA GLU A 1049 21.77 5.96 -7.93
C GLU A 1049 22.27 7.08 -7.03
N VAL A 1050 23.12 6.72 -6.08
CA VAL A 1050 23.78 7.67 -5.20
C VAL A 1050 25.27 7.39 -5.19
N GLU A 1051 26.08 8.44 -5.31
CA GLU A 1051 27.52 8.35 -5.28
C GLU A 1051 28.01 8.91 -3.95
N LEU A 1052 28.86 8.15 -3.26
CA LEU A 1052 29.28 8.54 -1.92
C LEU A 1052 30.77 8.86 -1.82
N GLU A 1053 31.61 8.11 -2.53
CA GLU A 1053 33.05 8.38 -2.57
C GLU A 1053 33.51 8.18 -4.02
N ARG A 1054 34.83 8.06 -4.20
CA ARG A 1054 35.39 7.94 -5.54
C ARG A 1054 34.83 6.75 -6.30
N GLY A 1055 35.14 5.53 -5.89
CA GLY A 1055 34.38 4.40 -6.38
C GLY A 1055 33.40 3.93 -5.32
N LYS A 1056 32.16 4.42 -5.39
CA LYS A 1056 31.15 4.11 -4.38
C LYS A 1056 29.79 4.35 -5.02
N THR A 1057 29.17 3.28 -5.49
CA THR A 1057 27.91 3.37 -6.21
C THR A 1057 26.83 2.66 -5.41
N LEU A 1058 25.70 3.33 -5.22
CA LEU A 1058 24.59 2.77 -4.47
C LEU A 1058 23.36 2.78 -5.37
N HIS A 1059 22.89 1.61 -5.75
CA HIS A 1059 21.66 1.47 -6.53
C HIS A 1059 20.52 1.14 -5.58
N ILE A 1060 19.58 2.07 -5.42
CA ILE A 1060 18.49 1.91 -4.46
C ILE A 1060 17.18 1.83 -5.22
N LYS A 1061 16.42 0.77 -4.97
CA LYS A 1061 15.09 0.62 -5.53
C LYS A 1061 14.08 0.52 -4.40
N ALA A 1062 13.02 1.30 -4.48
CA ALA A 1062 12.00 1.36 -3.43
C ALA A 1062 10.90 0.35 -3.77
N LEU A 1063 10.72 -0.65 -2.89
CA LEU A 1063 9.77 -1.71 -3.20
C LEU A 1063 8.35 -1.32 -2.83
N ALA A 1064 8.10 -1.07 -1.54
CA ALA A 1064 6.73 -0.82 -1.10
C ALA A 1064 6.76 -0.09 0.23
N VAL A 1065 5.62 0.48 0.59
CA VAL A 1065 5.43 1.18 1.85
C VAL A 1065 4.32 0.48 2.62
N SER A 1066 4.60 0.11 3.86
CA SER A 1066 3.63 -0.56 4.69
C SER A 1066 2.65 0.47 5.24
N ASP A 1067 1.86 0.07 6.23
CA ASP A 1067 0.90 0.95 6.85
C ASP A 1067 1.25 1.15 8.33
N LEU A 1068 0.39 1.89 9.02
CA LEU A 1068 0.57 2.15 10.44
C LEU A 1068 0.33 0.84 11.20
N ASN A 1069 1.29 0.45 12.02
CA ASN A 1069 1.12 -0.75 12.83
C ASN A 1069 1.26 -0.48 14.32
N ARG A 1070 2.35 0.14 14.75
CA ARG A 1070 2.68 0.25 16.17
C ARG A 1070 2.64 1.72 16.57
N ALA A 1071 1.44 2.22 16.87
CA ALA A 1071 1.27 3.58 17.38
C ALA A 1071 1.95 4.61 16.50
N GLY A 1072 1.88 4.40 15.19
CA GLY A 1072 2.51 5.31 14.25
C GLY A 1072 3.90 4.89 13.83
N GLN A 1073 4.06 3.62 13.49
CA GLN A 1073 5.34 3.07 13.00
C GLN A 1073 5.08 2.45 11.64
N ARG A 1074 5.30 3.21 10.58
CA ARG A 1074 5.14 2.65 9.25
C ARG A 1074 6.45 2.07 8.75
N GLN A 1075 6.36 0.94 8.08
CA GLN A 1075 7.53 0.24 7.60
C GLN A 1075 7.68 0.48 6.10
N VAL A 1076 8.91 0.52 5.63
CA VAL A 1076 9.22 0.73 4.22
C VAL A 1076 10.25 -0.31 3.80
N PHE A 1077 10.32 -0.56 2.49
CA PHE A 1077 11.08 -1.67 1.94
C PHE A 1077 11.99 -1.18 0.82
N PHE A 1078 13.27 -1.55 0.90
CA PHE A 1078 14.27 -1.07 -0.05
C PHE A 1078 15.10 -2.24 -0.56
N GLU A 1079 15.66 -2.07 -1.76
CA GLU A 1079 16.54 -3.06 -2.38
C GLU A 1079 17.84 -2.38 -2.79
N LEU A 1080 18.94 -2.87 -2.22
CA LEU A 1080 20.29 -2.49 -2.56
C LEU A 1080 20.92 -3.62 -3.35
N ASN A 1081 22.01 -3.33 -4.06
CA ASN A 1081 22.63 -4.38 -4.86
C ASN A 1081 23.06 -5.55 -3.98
N GLY A 1082 22.28 -6.63 -4.04
CA GLY A 1082 22.55 -7.84 -3.30
C GLY A 1082 21.76 -8.02 -2.03
N GLN A 1083 21.03 -7.00 -1.57
CA GLN A 1083 20.34 -7.13 -0.29
C GLN A 1083 18.98 -6.45 -0.33
N LEU A 1084 18.08 -6.93 0.52
CA LEU A 1084 16.82 -6.24 0.76
C LEU A 1084 16.80 -5.77 2.21
N ARG A 1085 16.36 -4.53 2.42
CA ARG A 1085 16.32 -3.94 3.74
C ARG A 1085 14.90 -3.45 4.03
N SER A 1086 14.60 -3.33 5.31
CA SER A 1086 13.33 -2.78 5.75
C SER A 1086 13.58 -1.78 6.87
N ILE A 1087 12.86 -0.67 6.85
CA ILE A 1087 13.08 0.42 7.78
C ILE A 1087 11.77 0.75 8.48
N LEU A 1088 11.85 1.02 9.78
CA LEU A 1088 10.68 1.42 10.55
C LEU A 1088 10.78 2.91 10.86
N VAL A 1089 9.73 3.66 10.55
CA VAL A 1089 9.72 5.10 10.71
C VAL A 1089 8.55 5.46 11.62
N LYS A 1090 8.83 6.22 12.67
CA LYS A 1090 7.80 6.65 13.61
C LYS A 1090 7.07 7.85 13.03
N ASP A 1091 5.77 7.69 12.82
CA ASP A 1091 4.99 8.71 12.12
C ASP A 1091 4.65 9.87 13.06
N THR A 1092 4.89 11.09 12.58
CA THR A 1092 4.57 12.28 13.36
C THR A 1092 3.15 12.76 13.14
N GLN A 1093 2.43 12.23 12.17
CA GLN A 1093 1.04 12.61 11.92
C GLN A 1093 0.07 11.68 12.63
N ALA A 1094 0.48 11.09 13.75
CA ALA A 1094 -0.43 10.25 14.50
C ALA A 1094 -1.61 11.06 15.04
N MET A 1095 -1.34 12.23 15.60
CA MET A 1095 -2.34 13.06 16.26
C MET A 1095 -3.16 12.23 17.26
N LYS A 1096 -2.47 11.80 18.31
CA LYS A 1096 -3.11 11.06 19.38
C LYS A 1096 -4.29 11.85 19.94
N GLU A 1097 -5.42 11.16 20.10
CA GLU A 1097 -6.68 11.80 20.44
C GLU A 1097 -6.82 11.95 21.95
N MET A 1098 -7.28 13.14 22.37
CA MET A 1098 -7.43 13.48 23.77
C MET A 1098 -8.91 13.39 24.17
N HIS A 1099 -9.17 12.71 25.28
CA HIS A 1099 -10.54 12.34 25.64
C HIS A 1099 -10.96 12.66 27.06
N PHE A 1100 -10.05 13.13 27.93
CA PHE A 1100 -10.37 13.38 29.34
C PHE A 1100 -10.96 12.14 30.01
N HIS A 1101 -12.23 12.23 30.43
CA HIS A 1101 -12.97 11.13 31.05
C HIS A 1101 -12.23 10.57 32.27
N PRO A 1102 -12.29 11.24 33.42
CA PRO A 1102 -11.54 10.77 34.60
C PRO A 1102 -11.97 9.38 35.06
N LYS A 1103 -11.07 8.41 34.90
CA LYS A 1103 -11.36 7.03 35.28
C LYS A 1103 -11.24 6.86 36.78
N ALA A 1104 -12.19 6.11 37.37
CA ALA A 1104 -12.18 5.85 38.80
C ALA A 1104 -11.44 4.55 39.08
N LEU A 1105 -10.36 4.63 39.85
CA LEU A 1105 -9.60 3.44 40.21
C LEU A 1105 -10.36 2.60 41.23
N LYS A 1106 -10.28 1.29 41.07
CA LYS A 1106 -10.96 0.37 41.98
C LYS A 1106 -10.28 0.28 43.35
N ASP A 1107 -8.96 0.49 43.40
CA ASP A 1107 -8.24 0.36 44.66
C ASP A 1107 -8.68 1.42 45.67
N VAL A 1108 -8.88 2.65 45.20
CA VAL A 1108 -9.27 3.75 46.08
C VAL A 1108 -10.77 3.71 46.32
N LYS A 1109 -11.17 3.68 47.59
CA LYS A 1109 -12.59 3.57 47.92
C LYS A 1109 -13.27 4.93 47.94
N GLY A 1110 -12.53 6.00 48.25
CA GLY A 1110 -13.13 7.33 48.26
C GLY A 1110 -13.61 7.76 46.88
N GLN A 1111 -12.87 7.36 45.85
CA GLN A 1111 -13.28 7.66 44.48
C GLN A 1111 -14.59 6.96 44.15
N ILE A 1112 -15.46 7.63 43.40
CA ILE A 1112 -16.80 7.14 43.12
C ILE A 1112 -16.93 6.87 41.63
N GLY A 1113 -17.43 5.69 41.27
CA GLY A 1113 -17.65 5.31 39.90
C GLY A 1113 -19.12 5.08 39.55
N ALA A 1114 -19.46 5.20 38.28
CA ALA A 1114 -20.85 5.06 37.84
C ALA A 1114 -21.20 3.58 37.71
N PRO A 1115 -22.25 3.09 38.37
CA PRO A 1115 -22.64 1.69 38.21
C PRO A 1115 -23.03 1.34 36.78
N MET A 1116 -23.70 2.26 36.09
CA MET A 1116 -24.12 2.14 34.71
C MET A 1116 -23.67 3.38 33.95
N PRO A 1117 -23.57 3.28 32.62
CA PRO A 1117 -23.48 4.49 31.81
C PRO A 1117 -24.84 5.19 31.74
N GLY A 1118 -24.80 6.45 31.35
CA GLY A 1118 -26.03 7.20 31.17
C GLY A 1118 -25.78 8.68 31.39
N LYS A 1119 -26.87 9.39 31.66
CA LYS A 1119 -26.82 10.82 31.87
C LYS A 1119 -27.28 11.14 33.28
N VAL A 1120 -26.58 12.05 33.93
CA VAL A 1120 -26.95 12.46 35.28
C VAL A 1120 -28.26 13.24 35.22
N ILE A 1121 -29.24 12.79 36.00
CA ILE A 1121 -30.44 13.56 36.23
C ILE A 1121 -30.13 14.82 37.03
N ASP A 1122 -29.65 14.63 38.26
CA ASP A 1122 -29.37 15.71 39.18
C ASP A 1122 -28.28 15.27 40.15
N ILE A 1123 -27.71 16.24 40.84
CA ILE A 1123 -26.75 16.00 41.90
C ILE A 1123 -27.32 16.60 43.17
N LYS A 1124 -27.18 15.88 44.28
CA LYS A 1124 -27.74 16.31 45.56
C LYS A 1124 -26.71 16.94 46.47
N VAL A 1125 -25.43 16.93 46.08
CA VAL A 1125 -24.33 17.38 46.91
C VAL A 1125 -23.51 18.41 46.14
N VAL A 1126 -23.27 19.55 46.77
CA VAL A 1126 -22.39 20.57 46.21
C VAL A 1126 -21.00 20.38 46.81
N ALA A 1127 -19.99 20.93 46.15
CA ALA A 1127 -18.62 20.74 46.59
C ALA A 1127 -18.43 21.31 47.99
N GLY A 1128 -17.64 20.62 48.80
CA GLY A 1128 -17.43 21.02 50.18
C GLY A 1128 -18.66 20.89 51.05
N ALA A 1129 -19.37 19.77 50.90
CA ALA A 1129 -20.55 19.49 51.70
C ALA A 1129 -20.39 18.11 52.34
N LYS A 1130 -21.29 17.81 53.27
CA LYS A 1130 -21.18 16.64 54.13
C LYS A 1130 -22.12 15.54 53.66
N VAL A 1131 -21.60 14.31 53.62
CA VAL A 1131 -22.33 13.16 53.10
C VAL A 1131 -22.49 12.12 54.20
N ALA A 1132 -23.53 11.29 54.06
CA ALA A 1132 -23.88 10.31 55.07
C ALA A 1132 -23.82 8.90 54.49
N LYS A 1133 -23.87 7.92 55.39
CA LYS A 1133 -23.91 6.52 54.99
C LYS A 1133 -25.29 6.14 54.49
N GLY A 1134 -25.35 5.51 53.32
CA GLY A 1134 -26.61 5.07 52.77
C GLY A 1134 -27.57 6.21 52.50
N GLN A 1135 -27.05 7.31 51.97
CA GLN A 1135 -27.88 8.44 51.55
C GLN A 1135 -27.67 8.70 50.08
N PRO A 1136 -28.75 8.96 49.34
CA PRO A 1136 -28.64 9.20 47.90
C PRO A 1136 -28.08 10.59 47.64
N LEU A 1137 -27.25 10.70 46.60
CA LEU A 1137 -26.73 12.00 46.19
C LEU A 1137 -26.80 12.25 44.69
N CYS A 1138 -26.84 11.21 43.87
CA CYS A 1138 -26.89 11.40 42.42
C CYS A 1138 -27.82 10.36 41.82
N VAL A 1139 -28.40 10.71 40.67
CA VAL A 1139 -29.36 9.86 39.97
C VAL A 1139 -28.92 9.75 38.52
N LEU A 1140 -28.95 8.53 37.99
CA LEU A 1140 -28.57 8.27 36.61
C LEU A 1140 -29.81 7.89 35.81
N SER A 1141 -29.84 8.29 34.53
CA SER A 1141 -30.93 7.96 33.62
C SER A 1141 -30.36 7.37 32.33
N ALA A 1142 -31.05 6.34 31.82
CA ALA A 1142 -30.70 5.64 30.59
C ALA A 1142 -31.90 5.69 29.64
N MET A 1143 -31.84 4.86 28.59
CA MET A 1143 -32.98 4.76 27.67
C MET A 1143 -34.25 4.39 28.42
N LYS A 1144 -34.20 3.31 29.19
CA LYS A 1144 -35.32 2.85 30.00
C LYS A 1144 -34.82 2.37 31.35
N MET A 1145 -33.85 3.07 31.92
CA MET A 1145 -33.27 2.69 33.20
C MET A 1145 -33.04 3.94 34.02
N GLU A 1146 -33.14 3.78 35.35
CA GLU A 1146 -32.83 4.83 36.30
C GLU A 1146 -32.05 4.25 37.46
N THR A 1147 -30.99 4.95 37.86
CA THR A 1147 -30.13 4.53 38.96
C THR A 1147 -29.86 5.73 39.85
N VAL A 1148 -29.91 5.50 41.16
CA VAL A 1148 -29.67 6.55 42.15
C VAL A 1148 -28.38 6.20 42.89
N VAL A 1149 -27.46 7.15 42.96
CA VAL A 1149 -26.16 6.90 43.57
C VAL A 1149 -26.27 6.99 45.09
N THR A 1150 -25.75 5.96 45.77
CA THR A 1150 -25.74 5.86 47.22
C THR A 1150 -24.32 6.08 47.73
N SER A 1151 -24.20 6.90 48.76
CA SER A 1151 -22.88 7.32 49.26
C SER A 1151 -22.11 6.14 49.84
N PRO A 1152 -20.82 5.99 49.53
CA PRO A 1152 -20.09 4.81 50.01
C PRO A 1152 -19.74 4.87 51.49
N MET A 1153 -19.39 6.04 52.01
CA MET A 1153 -18.90 6.15 53.38
C MET A 1153 -19.34 7.47 53.98
N GLU A 1154 -18.68 7.86 55.07
CA GLU A 1154 -18.97 9.09 55.78
C GLU A 1154 -17.83 10.09 55.63
N GLY A 1155 -18.19 11.37 55.50
CA GLY A 1155 -17.21 12.43 55.42
C GLY A 1155 -17.71 13.65 54.68
N THR A 1156 -16.80 14.36 54.05
CA THR A 1156 -17.12 15.55 53.28
C THR A 1156 -16.58 15.39 51.86
N VAL A 1157 -17.25 16.00 50.89
CA VAL A 1157 -16.82 15.92 49.50
C VAL A 1157 -15.76 16.99 49.25
N ARG A 1158 -14.91 16.74 48.26
CA ARG A 1158 -13.87 17.72 47.91
C ARG A 1158 -14.25 18.49 46.65
N LYS A 1159 -14.65 17.77 45.61
CA LYS A 1159 -15.06 18.41 44.36
C LYS A 1159 -16.05 17.50 43.65
N VAL A 1160 -16.85 18.09 42.77
CA VAL A 1160 -17.81 17.37 41.95
C VAL A 1160 -17.28 17.35 40.50
N HIS A 1161 -16.71 16.21 40.10
CA HIS A 1161 -16.16 16.08 38.75
C HIS A 1161 -17.25 16.27 37.70
N VAL A 1162 -18.47 15.86 38.04
CA VAL A 1162 -19.61 16.03 37.15
C VAL A 1162 -20.46 17.18 37.64
N THR A 1163 -20.83 18.09 36.74
CA THR A 1163 -21.60 19.27 37.11
C THR A 1163 -23.10 19.08 36.92
N LYS A 1164 -23.54 18.89 35.68
CA LYS A 1164 -24.96 18.66 35.40
C LYS A 1164 -25.13 18.29 33.94
N ASP A 1165 -26.04 17.34 33.68
CA ASP A 1165 -26.50 17.00 32.34
C ASP A 1165 -25.36 16.67 31.39
N MET A 1166 -24.66 15.59 31.69
CA MET A 1166 -23.59 15.11 30.86
C MET A 1166 -23.72 13.61 30.63
N THR A 1167 -23.13 13.16 29.52
CA THR A 1167 -23.09 11.75 29.17
C THR A 1167 -21.97 11.08 29.96
N LEU A 1168 -22.34 10.27 30.93
CA LEU A 1168 -21.38 9.60 31.80
C LEU A 1168 -21.28 8.12 31.44
N GLU A 1169 -20.07 7.60 31.51
CA GLU A 1169 -19.84 6.18 31.34
C GLU A 1169 -19.57 5.56 32.70
N GLY A 1170 -19.70 4.24 32.78
CA GLY A 1170 -19.56 3.56 34.05
C GLY A 1170 -18.17 3.65 34.63
N ASP A 1171 -18.08 3.73 35.96
CA ASP A 1171 -16.82 3.60 36.70
C ASP A 1171 -15.83 4.70 36.30
N ASP A 1172 -16.31 5.93 36.30
CA ASP A 1172 -15.47 7.10 36.09
C ASP A 1172 -15.57 8.05 37.27
N LEU A 1173 -14.56 8.91 37.41
CA LEU A 1173 -14.51 9.81 38.55
C LEU A 1173 -15.61 10.87 38.45
N ILE A 1174 -16.47 10.93 39.46
CA ILE A 1174 -17.55 11.90 39.53
C ILE A 1174 -17.48 12.74 40.81
N LEU A 1175 -17.33 12.09 41.95
CA LEU A 1175 -17.16 12.79 43.23
C LEU A 1175 -16.22 11.99 44.12
N GLU A 1176 -15.63 12.68 45.09
CA GLU A 1176 -14.78 12.07 46.10
C GLU A 1176 -15.29 12.47 47.48
N ILE A 1177 -15.27 11.53 48.40
CA ILE A 1177 -15.85 11.72 49.73
C ILE A 1177 -14.77 11.50 50.78
N GLU A 1178 -14.64 12.47 51.68
CA GLU A 1178 -13.60 12.43 52.71
C GLU A 1178 -14.15 12.75 54.09
N LEU B 32 66.29 -11.40 -3.01
CA LEU B 32 67.27 -10.34 -2.82
C LEU B 32 66.69 -8.99 -3.23
N GLU B 33 65.76 -9.02 -4.17
CA GLU B 33 65.08 -7.82 -4.65
C GLU B 33 63.73 -7.72 -3.94
N TYR B 34 63.55 -6.65 -3.17
CA TYR B 34 62.30 -6.43 -2.45
C TYR B 34 61.59 -5.23 -3.08
N LYS B 35 60.49 -5.49 -3.77
CA LYS B 35 59.69 -4.46 -4.43
C LYS B 35 58.25 -4.66 -3.98
N PRO B 36 57.91 -4.18 -2.79
CA PRO B 36 56.63 -4.57 -2.17
C PRO B 36 55.43 -4.10 -2.96
N ILE B 37 54.28 -4.67 -2.64
CA ILE B 37 53.04 -4.43 -3.36
C ILE B 37 52.21 -3.43 -2.56
N LYS B 38 51.66 -2.42 -3.24
CA LYS B 38 50.75 -1.50 -2.57
C LYS B 38 49.30 -1.71 -2.96
N LYS B 39 49.01 -2.14 -4.19
CA LYS B 39 47.63 -2.40 -4.54
C LYS B 39 47.57 -3.40 -5.69
N VAL B 40 46.51 -4.20 -5.67
CA VAL B 40 46.28 -5.24 -6.65
C VAL B 40 44.89 -5.06 -7.23
N MET B 41 44.77 -5.27 -8.53
CA MET B 41 43.53 -5.06 -9.27
C MET B 41 43.05 -6.38 -9.86
N VAL B 42 41.76 -6.66 -9.68
CA VAL B 42 41.11 -7.87 -10.18
C VAL B 42 40.35 -7.51 -11.44
N ALA B 43 40.61 -8.25 -12.52
CA ALA B 43 40.06 -7.97 -13.84
C ALA B 43 39.05 -9.04 -14.23
N ASN B 44 38.22 -9.45 -13.27
CA ASN B 44 37.24 -10.50 -13.49
C ASN B 44 36.03 -10.20 -12.62
N ARG B 45 35.23 -11.23 -12.36
CA ARG B 45 34.05 -11.08 -11.52
C ARG B 45 33.79 -12.40 -10.82
N GLY B 46 33.38 -12.32 -9.55
CA GLY B 46 32.84 -13.49 -8.89
C GLY B 46 33.63 -14.02 -7.72
N GLU B 47 33.56 -15.35 -7.54
CA GLU B 47 34.11 -15.98 -6.34
C GLU B 47 35.61 -15.76 -6.25
N ILE B 48 36.34 -15.81 -7.36
CA ILE B 48 37.77 -15.61 -7.33
C ILE B 48 38.09 -14.17 -6.95
N ALA B 49 37.24 -13.23 -7.39
CA ALA B 49 37.42 -11.85 -7.00
C ALA B 49 37.32 -11.71 -5.49
N ILE B 50 36.33 -12.35 -4.88
CA ILE B 50 36.20 -12.33 -3.43
C ILE B 50 37.40 -13.00 -2.78
N ARG B 51 37.86 -14.12 -3.36
CA ARG B 51 39.03 -14.80 -2.82
C ARG B 51 40.23 -13.87 -2.76
N VAL B 52 40.52 -13.22 -3.88
CA VAL B 52 41.69 -12.34 -3.93
C VAL B 52 41.50 -11.14 -3.03
N PHE B 53 40.27 -10.62 -2.96
CA PHE B 53 40.01 -9.47 -2.10
C PHE B 53 40.21 -9.81 -0.63
N ARG B 54 39.70 -10.96 -0.19
CA ARG B 54 39.91 -11.37 1.19
C ARG B 54 41.39 -11.63 1.46
N ALA B 55 42.09 -12.25 0.50
CA ALA B 55 43.52 -12.45 0.69
C ALA B 55 44.25 -11.13 0.83
N CYS B 56 43.91 -10.15 -0.01
CA CYS B 56 44.57 -8.86 0.05
C CYS B 56 44.28 -8.13 1.35
N THR B 57 43.01 -8.12 1.77
CA THR B 57 42.68 -7.45 3.03
C THR B 57 43.25 -8.19 4.22
N GLU B 58 43.47 -9.51 4.10
CA GLU B 58 44.20 -10.24 5.14
C GLU B 58 45.67 -9.85 5.14
N LEU B 59 46.23 -9.55 3.97
CA LEU B 59 47.55 -8.99 3.85
C LEU B 59 47.54 -7.47 3.91
N GLY B 60 46.37 -6.87 4.05
CA GLY B 60 46.24 -5.42 4.08
C GLY B 60 46.63 -4.75 2.78
N ILE B 61 46.16 -5.31 1.66
CA ILE B 61 46.47 -4.78 0.34
C ILE B 61 45.25 -4.02 -0.17
N ARG B 62 45.46 -2.78 -0.58
CA ARG B 62 44.39 -1.94 -1.06
C ARG B 62 43.74 -2.56 -2.30
N THR B 63 42.42 -2.68 -2.27
CA THR B 63 41.67 -3.49 -3.24
C THR B 63 40.89 -2.61 -4.20
N VAL B 64 40.80 -3.07 -5.45
CA VAL B 64 40.03 -2.39 -6.49
C VAL B 64 39.15 -3.41 -7.17
N ALA B 65 37.89 -3.06 -7.39
CA ALA B 65 36.94 -3.97 -8.00
C ALA B 65 36.35 -3.36 -9.27
N ILE B 66 36.02 -4.23 -10.23
CA ILE B 66 35.52 -3.83 -11.54
C ILE B 66 34.34 -4.69 -11.93
N TYR B 67 33.31 -4.04 -12.46
CA TYR B 67 32.05 -4.69 -12.80
C TYR B 67 31.57 -4.21 -14.16
N SER B 68 30.75 -5.03 -14.79
CA SER B 68 30.08 -4.66 -16.03
C SER B 68 28.68 -4.12 -15.70
N GLU B 69 28.00 -3.62 -16.73
CA GLU B 69 26.71 -2.96 -16.52
C GLU B 69 25.65 -3.94 -16.03
N GLN B 70 25.66 -5.17 -16.56
CA GLN B 70 24.66 -6.15 -16.14
C GLN B 70 24.95 -6.66 -14.74
N ASP B 71 26.23 -6.78 -14.39
CA ASP B 71 26.66 -7.44 -13.17
C ASP B 71 26.93 -6.45 -12.05
N THR B 72 25.93 -5.61 -11.77
CA THR B 72 26.00 -4.72 -10.63
C THR B 72 25.33 -5.29 -9.39
N GLY B 73 24.83 -6.53 -9.47
CA GLY B 73 24.15 -7.18 -8.37
C GLY B 73 24.95 -8.17 -7.58
N GLN B 74 26.18 -8.49 -8.00
CA GLN B 74 27.02 -9.39 -7.23
C GLN B 74 27.44 -8.73 -5.93
N MET B 75 28.16 -9.49 -5.10
CA MET B 75 28.66 -8.93 -3.85
C MET B 75 30.08 -8.39 -4.00
N HIS B 76 30.78 -8.78 -5.07
CA HIS B 76 32.18 -8.42 -5.19
C HIS B 76 32.36 -6.92 -5.39
N ARG B 77 31.45 -6.28 -6.14
CA ARG B 77 31.63 -4.85 -6.42
C ARG B 77 31.56 -4.02 -5.15
N GLN B 78 30.67 -4.38 -4.22
CA GLN B 78 30.59 -3.66 -2.96
C GLN B 78 31.46 -4.27 -1.87
N LYS B 79 32.13 -5.40 -2.15
CA LYS B 79 32.94 -5.99 -1.10
C LYS B 79 34.34 -5.39 -1.03
N ALA B 80 34.92 -5.00 -2.17
CA ALA B 80 36.22 -4.34 -2.17
C ALA B 80 36.05 -2.90 -1.70
N ASP B 81 37.04 -2.06 -1.95
CA ASP B 81 36.90 -0.66 -1.56
C ASP B 81 36.30 0.20 -2.67
N GLU B 82 36.58 -0.14 -3.93
CA GLU B 82 36.20 0.70 -5.05
C GLU B 82 35.50 -0.14 -6.11
N ALA B 83 34.60 0.50 -6.85
CA ALA B 83 33.88 -0.15 -7.93
C ALA B 83 33.86 0.78 -9.13
N TYR B 84 34.25 0.25 -10.29
CA TYR B 84 34.29 1.03 -11.51
C TYR B 84 33.71 0.22 -12.65
N LEU B 85 32.97 0.89 -13.52
CA LEU B 85 32.30 0.22 -14.63
C LEU B 85 33.22 0.11 -15.83
N ILE B 86 33.03 -0.95 -16.62
CA ILE B 86 33.78 -1.16 -17.85
C ILE B 86 32.84 -1.61 -18.95
N GLY B 87 33.32 -1.52 -20.19
CA GLY B 87 32.59 -1.99 -21.36
C GLY B 87 31.20 -1.42 -21.45
N ARG B 88 31.10 -0.10 -21.63
CA ARG B 88 29.79 0.55 -21.57
C ARG B 88 28.86 0.06 -22.68
N GLY B 89 29.36 -0.08 -23.90
CA GLY B 89 28.49 -0.48 -24.99
C GLY B 89 28.75 -1.87 -25.52
N LEU B 90 29.86 -2.46 -25.10
CA LEU B 90 30.23 -3.77 -25.61
C LEU B 90 29.34 -4.85 -25.01
N ALA B 91 29.39 -6.04 -25.62
CA ALA B 91 28.60 -7.16 -25.12
C ALA B 91 29.12 -7.60 -23.76
N PRO B 92 28.22 -8.04 -22.87
CA PRO B 92 28.67 -8.46 -21.53
C PRO B 92 29.66 -9.62 -21.57
N VAL B 93 29.50 -10.54 -22.53
CA VAL B 93 30.43 -11.65 -22.66
C VAL B 93 31.82 -11.15 -23.01
N GLN B 94 31.90 -10.07 -23.80
CA GLN B 94 33.17 -9.44 -24.13
C GLN B 94 33.42 -8.17 -23.33
N ALA B 95 32.54 -7.84 -22.37
CA ALA B 95 32.71 -6.61 -21.59
C ALA B 95 33.98 -6.67 -20.77
N TYR B 96 34.32 -7.83 -20.24
CA TYR B 96 35.58 -8.02 -19.54
C TYR B 96 36.75 -8.30 -20.47
N LEU B 97 36.51 -8.35 -21.79
CA LEU B 97 37.55 -8.69 -22.76
C LEU B 97 38.17 -7.47 -23.41
N HIS B 98 37.89 -6.27 -22.93
CA HIS B 98 38.46 -5.05 -23.51
C HIS B 98 39.71 -4.67 -22.73
N ILE B 99 40.88 -4.94 -23.33
CA ILE B 99 42.14 -4.64 -22.64
C ILE B 99 42.34 -3.16 -22.39
N PRO B 100 42.22 -2.26 -23.38
CA PRO B 100 42.66 -0.88 -23.16
C PRO B 100 41.96 -0.17 -22.01
N ASP B 101 40.65 -0.39 -21.88
CA ASP B 101 39.90 0.30 -20.83
C ASP B 101 40.36 -0.12 -19.45
N ILE B 102 40.52 -1.42 -19.23
CA ILE B 102 40.96 -1.89 -17.93
C ILE B 102 42.41 -1.50 -17.69
N ILE B 103 43.21 -1.39 -18.76
CA ILE B 103 44.56 -0.87 -18.64
C ILE B 103 44.54 0.56 -18.14
N LYS B 104 43.69 1.39 -18.73
CA LYS B 104 43.60 2.79 -18.31
C LYS B 104 43.07 2.90 -16.89
N VAL B 105 42.15 2.02 -16.52
CA VAL B 105 41.64 2.01 -15.15
C VAL B 105 42.76 1.64 -14.18
N ALA B 106 43.57 0.64 -14.53
CA ALA B 106 44.69 0.27 -13.69
C ALA B 106 45.65 1.45 -13.52
N LYS B 107 45.98 2.10 -14.62
CA LYS B 107 46.89 3.24 -14.54
C LYS B 107 46.30 4.38 -13.71
N GLU B 108 45.02 4.70 -13.92
CA GLU B 108 44.43 5.85 -13.24
C GLU B 108 44.34 5.61 -11.75
N ASN B 109 44.01 4.39 -11.33
CA ASN B 109 43.95 4.07 -9.91
C ASN B 109 45.32 3.66 -9.38
N ASN B 110 46.38 3.98 -10.11
CA ASN B 110 47.75 3.78 -9.65
C ASN B 110 48.00 2.31 -9.32
N VAL B 111 47.44 1.43 -10.14
CA VAL B 111 47.51 -0.01 -9.85
C VAL B 111 48.94 -0.50 -10.01
N ASP B 112 49.49 -1.03 -8.92
CA ASP B 112 50.84 -1.57 -8.90
C ASP B 112 50.87 -2.97 -9.50
N ALA B 113 49.93 -3.82 -9.09
CA ALA B 113 49.89 -5.17 -9.62
C ALA B 113 48.47 -5.51 -10.02
N VAL B 114 48.34 -6.33 -11.05
CA VAL B 114 47.05 -6.83 -11.53
C VAL B 114 47.10 -8.35 -11.53
N HIS B 115 45.99 -8.97 -11.15
CA HIS B 115 45.84 -10.40 -11.33
C HIS B 115 44.71 -10.66 -12.32
N PRO B 116 44.93 -11.44 -13.37
CA PRO B 116 43.91 -11.63 -14.40
C PRO B 116 42.90 -12.72 -14.11
N GLY B 117 43.05 -13.44 -13.00
CA GLY B 117 42.18 -14.55 -12.70
C GLY B 117 42.27 -15.68 -13.70
N TYR B 118 41.14 -16.13 -14.22
CA TYR B 118 41.11 -17.31 -15.06
C TYR B 118 40.00 -17.19 -16.09
N GLY B 119 40.15 -17.94 -17.17
CA GLY B 119 39.14 -18.08 -18.20
C GLY B 119 39.01 -16.90 -19.13
N PHE B 120 39.09 -15.69 -18.58
CA PHE B 120 38.81 -14.46 -19.32
C PHE B 120 40.01 -13.95 -20.10
N LEU B 121 41.12 -13.64 -19.41
CA LEU B 121 42.28 -13.02 -20.07
C LEU B 121 43.60 -13.65 -19.63
N SER B 122 43.57 -14.72 -18.83
CA SER B 122 44.82 -15.36 -18.41
C SER B 122 45.48 -16.10 -19.58
N GLU B 123 44.69 -16.66 -20.49
CA GLU B 123 45.22 -17.29 -21.69
C GLU B 123 45.65 -16.28 -22.74
N ARG B 124 45.45 -14.98 -22.49
CA ARG B 124 45.72 -13.95 -23.47
C ARG B 124 47.15 -13.45 -23.31
N ALA B 125 48.02 -13.79 -24.27
CA ALA B 125 49.40 -13.32 -24.20
C ALA B 125 49.50 -11.83 -24.49
N ASP B 126 48.62 -11.29 -25.32
CA ASP B 126 48.61 -9.87 -25.58
C ASP B 126 48.42 -9.08 -24.30
N PHE B 127 47.49 -9.51 -23.45
CA PHE B 127 47.24 -8.77 -22.21
C PHE B 127 48.45 -8.84 -21.30
N ALA B 128 49.11 -10.00 -21.23
CA ALA B 128 50.28 -10.14 -20.38
C ALA B 128 51.41 -9.21 -20.82
N GLN B 129 51.71 -9.22 -22.11
CA GLN B 129 52.77 -8.32 -22.58
C GLN B 129 52.38 -6.86 -22.39
N ALA B 130 51.09 -6.54 -22.53
CA ALA B 130 50.64 -5.18 -22.26
C ALA B 130 50.81 -4.82 -20.77
N CYS B 131 50.48 -5.77 -19.89
CA CYS B 131 50.66 -5.56 -18.46
C CYS B 131 52.11 -5.26 -18.13
N GLN B 132 53.03 -5.99 -18.77
CA GLN B 132 54.43 -5.65 -18.61
C GLN B 132 54.76 -4.30 -19.22
N ASP B 133 54.13 -3.95 -20.34
CA ASP B 133 54.40 -2.68 -20.99
C ASP B 133 54.02 -1.50 -20.10
N ALA B 134 52.87 -1.57 -19.46
CA ALA B 134 52.44 -0.50 -18.56
C ALA B 134 53.32 -0.42 -17.31
N GLY B 135 54.17 -1.41 -17.07
CA GLY B 135 54.99 -1.45 -15.89
C GLY B 135 54.29 -1.99 -14.67
N VAL B 136 52.97 -2.18 -14.74
CA VAL B 136 52.20 -2.74 -13.65
C VAL B 136 52.62 -4.19 -13.45
N ARG B 137 52.87 -4.56 -12.20
CA ARG B 137 53.29 -5.92 -11.91
C ARG B 137 52.18 -6.90 -12.26
N PHE B 138 52.59 -8.06 -12.74
CA PHE B 138 51.68 -9.11 -13.19
C PHE B 138 51.68 -10.22 -12.17
N ILE B 139 50.50 -10.70 -11.79
CA ILE B 139 50.39 -11.88 -10.94
C ILE B 139 50.28 -13.10 -11.85
N GLY B 140 51.38 -13.83 -11.99
CA GLY B 140 51.43 -14.98 -12.87
C GLY B 140 52.81 -15.09 -13.51
N PRO B 141 52.97 -16.04 -14.43
CA PRO B 141 54.27 -16.21 -15.08
C PRO B 141 54.61 -15.06 -16.01
N SER B 142 55.82 -15.12 -16.54
CA SER B 142 56.24 -14.15 -17.54
C SER B 142 55.47 -14.37 -18.85
N PRO B 143 55.27 -13.32 -19.65
CA PRO B 143 54.55 -13.50 -20.92
C PRO B 143 55.23 -14.47 -21.87
N GLU B 144 56.55 -14.62 -21.78
CA GLU B 144 57.25 -15.56 -22.64
C GLU B 144 56.79 -16.99 -22.41
N VAL B 145 56.63 -17.39 -21.15
CA VAL B 145 56.20 -18.77 -20.86
C VAL B 145 54.79 -19.00 -21.40
N VAL B 146 53.89 -18.05 -21.14
CA VAL B 146 52.51 -18.18 -21.62
C VAL B 146 52.49 -18.28 -23.13
N ARG B 147 53.30 -17.46 -23.80
CA ARG B 147 53.31 -17.51 -25.26
C ARG B 147 53.93 -18.81 -25.76
N LYS B 148 54.97 -19.31 -25.06
CA LYS B 148 55.62 -20.54 -25.48
C LYS B 148 54.68 -21.73 -25.38
N MET B 149 53.81 -21.73 -24.37
CA MET B 149 52.79 -22.78 -24.29
C MET B 149 52.00 -22.84 -25.60
N GLY B 150 51.38 -21.73 -25.97
CA GLY B 150 50.74 -21.56 -27.25
C GLY B 150 49.89 -22.72 -27.71
N ASP B 151 50.21 -23.27 -28.89
CA ASP B 151 49.46 -24.36 -29.47
C ASP B 151 49.96 -25.68 -28.91
N LYS B 152 49.35 -26.78 -29.34
CA LYS B 152 49.80 -28.11 -28.94
C LYS B 152 51.16 -28.44 -29.52
N VAL B 153 51.57 -27.74 -30.58
CA VAL B 153 52.81 -28.13 -31.28
C VAL B 153 54.03 -27.80 -30.44
N GLU B 154 54.05 -26.64 -29.77
CA GLU B 154 55.17 -26.34 -28.88
C GLU B 154 55.23 -27.34 -27.73
N ALA B 155 54.06 -27.70 -27.18
CA ALA B 155 54.02 -28.68 -26.10
C ALA B 155 54.56 -30.02 -26.56
N ARG B 156 54.17 -30.47 -27.75
CA ARG B 156 54.64 -31.75 -28.27
C ARG B 156 56.14 -31.71 -28.53
N ALA B 157 56.63 -30.61 -29.11
CA ALA B 157 58.05 -30.49 -29.39
C ALA B 157 58.87 -30.49 -28.10
N ILE B 158 58.39 -29.78 -27.08
CA ILE B 158 59.13 -29.71 -25.82
C ILE B 158 59.04 -31.06 -25.09
N ALA B 159 57.89 -31.73 -25.15
CA ALA B 159 57.74 -33.03 -24.50
C ALA B 159 58.66 -34.07 -25.15
N ILE B 160 58.74 -34.05 -26.48
CA ILE B 160 59.66 -34.95 -27.16
C ILE B 160 61.10 -34.58 -26.84
N ALA B 161 61.40 -33.28 -26.80
CA ALA B 161 62.78 -32.84 -26.53
C ALA B 161 63.20 -33.16 -25.10
N ALA B 162 62.38 -32.78 -24.11
CA ALA B 162 62.76 -32.95 -22.71
C ALA B 162 61.49 -33.03 -21.87
N GLY B 163 61.10 -34.23 -21.50
CA GLY B 163 59.91 -34.41 -20.67
C GLY B 163 59.48 -35.87 -20.67
N VAL B 164 58.32 -36.11 -20.06
CA VAL B 164 57.76 -37.46 -19.96
C VAL B 164 57.20 -37.86 -21.32
N PRO B 165 57.04 -39.15 -21.60
CA PRO B 165 56.38 -39.54 -22.85
C PRO B 165 54.97 -38.97 -22.90
N VAL B 166 54.56 -38.57 -24.09
CA VAL B 166 53.22 -38.13 -24.34
C VAL B 166 52.42 -39.33 -24.79
N VAL B 167 51.09 -39.19 -24.83
CA VAL B 167 50.20 -40.26 -25.28
C VAL B 167 50.76 -40.87 -26.56
N PRO B 168 50.93 -42.18 -26.61
CA PRO B 168 51.63 -42.77 -27.76
C PRO B 168 50.80 -42.71 -29.02
N GLY B 169 51.45 -42.86 -30.17
CA GLY B 169 50.76 -42.78 -31.44
C GLY B 169 51.60 -42.19 -32.55
N THR B 170 51.00 -41.34 -33.37
CA THR B 170 51.67 -40.84 -34.57
C THR B 170 51.81 -39.32 -34.48
N ASP B 171 53.05 -38.84 -34.57
CA ASP B 171 53.28 -37.41 -34.63
C ASP B 171 52.77 -36.82 -35.94
N ALA B 172 52.94 -37.55 -37.05
CA ALA B 172 52.54 -37.07 -38.37
C ALA B 172 51.14 -37.58 -38.72
N PRO B 173 50.44 -36.85 -39.60
CA PRO B 173 49.12 -37.31 -40.04
C PRO B 173 49.22 -38.56 -40.91
N ILE B 174 48.14 -39.33 -40.91
CA ILE B 174 47.98 -40.48 -41.79
C ILE B 174 47.01 -40.11 -42.89
N THR B 175 47.49 -40.18 -44.14
CA THR B 175 46.67 -39.86 -45.30
C THR B 175 46.53 -41.04 -46.27
N SER B 176 47.18 -42.16 -45.98
CA SER B 176 47.12 -43.35 -46.83
C SER B 176 46.74 -44.54 -45.97
N LEU B 177 46.24 -45.59 -46.62
CA LEU B 177 45.97 -46.83 -45.91
C LEU B 177 47.24 -47.46 -45.38
N HIS B 178 48.38 -47.15 -46.00
CA HIS B 178 49.61 -47.87 -45.69
C HIS B 178 50.23 -47.42 -44.37
N GLU B 179 50.13 -46.13 -44.04
CA GLU B 179 50.64 -45.69 -42.74
C GLU B 179 49.89 -46.39 -41.61
N ALA B 180 48.56 -46.37 -41.67
CA ALA B 180 47.75 -47.04 -40.65
C ALA B 180 48.00 -48.53 -40.65
N HIS B 181 48.11 -49.15 -41.83
CA HIS B 181 48.36 -50.59 -41.90
C HIS B 181 49.68 -50.97 -41.27
N GLU B 182 50.74 -50.21 -41.56
CA GLU B 182 52.05 -50.49 -40.98
C GLU B 182 52.05 -50.25 -39.49
N PHE B 183 51.37 -49.21 -39.02
CA PHE B 183 51.38 -48.92 -37.59
C PHE B 183 50.50 -49.88 -36.80
N SER B 184 49.48 -50.45 -37.45
CA SER B 184 48.70 -51.51 -36.83
C SER B 184 49.47 -52.82 -36.83
N ASN B 185 50.22 -53.10 -37.90
CA ASN B 185 51.05 -54.29 -37.94
C ASN B 185 52.18 -54.22 -36.92
N THR B 186 52.78 -53.04 -36.73
CA THR B 186 53.98 -52.91 -35.93
C THR B 186 53.65 -52.83 -34.43
N TYR B 187 52.74 -51.92 -34.07
CA TYR B 187 52.41 -51.73 -32.66
C TYR B 187 51.36 -52.74 -32.21
N GLY B 188 50.20 -52.75 -32.86
CA GLY B 188 49.16 -53.70 -32.54
C GLY B 188 47.96 -53.50 -33.43
N PHE B 189 47.28 -54.61 -33.73
CA PHE B 189 46.10 -54.60 -34.58
C PHE B 189 45.03 -53.65 -34.04
N PRO B 190 44.70 -53.66 -32.75
CA PRO B 190 43.71 -52.68 -32.26
C PRO B 190 44.36 -51.30 -32.13
N ILE B 191 43.86 -50.34 -32.89
CA ILE B 191 44.33 -48.96 -32.83
C ILE B 191 43.13 -48.03 -32.78
N ILE B 192 43.41 -46.76 -32.52
CA ILE B 192 42.41 -45.72 -32.44
C ILE B 192 42.74 -44.64 -33.45
N PHE B 193 41.76 -44.28 -34.28
CA PHE B 193 41.87 -43.18 -35.22
C PHE B 193 41.30 -41.93 -34.57
N LYS B 194 42.11 -40.89 -34.44
CA LYS B 194 41.65 -39.60 -33.98
C LYS B 194 41.91 -38.56 -35.07
N ALA B 195 41.13 -37.50 -35.07
CA ALA B 195 41.25 -36.46 -36.07
C ALA B 195 41.89 -35.22 -35.45
N ALA B 196 42.90 -34.69 -36.14
CA ALA B 196 43.58 -33.47 -35.69
C ALA B 196 42.87 -32.24 -36.25
N TYR B 197 43.25 -31.09 -35.71
CA TYR B 197 42.67 -29.80 -36.10
C TYR B 197 41.15 -29.78 -35.91
N GLY B 198 40.69 -30.42 -34.84
CA GLY B 198 39.28 -30.46 -34.51
C GLY B 198 39.01 -31.08 -33.16
N GLY B 199 38.18 -30.42 -32.35
CA GLY B 199 37.88 -30.91 -31.02
C GLY B 199 36.72 -31.86 -30.98
N GLY B 200 36.05 -32.04 -32.12
CA GLY B 200 34.90 -32.92 -32.16
C GLY B 200 35.27 -34.37 -31.96
N GLY B 201 34.40 -35.09 -31.27
CA GLY B 201 34.55 -36.51 -31.02
C GLY B 201 34.13 -37.40 -32.17
N ARG B 202 33.61 -36.82 -33.24
CA ARG B 202 33.29 -37.60 -34.44
C ARG B 202 34.52 -38.26 -35.05
N GLY B 203 35.71 -37.69 -34.84
CA GLY B 203 36.94 -38.31 -35.29
C GLY B 203 37.52 -39.20 -34.23
N MET B 204 36.81 -40.27 -33.89
CA MET B 204 37.23 -41.21 -32.85
C MET B 204 36.73 -42.59 -33.28
N ARG B 205 37.64 -43.39 -33.87
CA ARG B 205 37.27 -44.67 -34.46
C ARG B 205 38.17 -45.77 -33.94
N VAL B 206 37.64 -46.99 -33.94
CA VAL B 206 38.31 -48.15 -33.35
C VAL B 206 38.61 -49.16 -34.45
N VAL B 207 39.82 -49.73 -34.38
CA VAL B 207 40.29 -50.71 -35.35
C VAL B 207 40.72 -51.96 -34.61
N HIS B 208 40.23 -53.12 -35.06
CA HIS B 208 40.62 -54.41 -34.49
C HIS B 208 41.32 -55.32 -35.49
N SER B 209 40.87 -55.37 -36.73
CA SER B 209 41.34 -56.34 -37.70
C SER B 209 41.58 -55.67 -39.04
N TYR B 210 42.30 -56.39 -39.91
CA TYR B 210 42.67 -55.85 -41.23
C TYR B 210 41.45 -55.39 -42.02
N GLU B 211 40.45 -56.28 -42.16
CA GLU B 211 39.26 -55.92 -42.91
C GLU B 211 38.51 -54.78 -42.24
N GLU B 212 38.46 -54.80 -40.90
CA GLU B 212 37.94 -53.65 -40.17
C GLU B 212 38.89 -52.47 -40.29
N LEU B 213 40.20 -52.72 -40.36
CA LEU B 213 41.16 -51.62 -40.44
C LEU B 213 40.95 -50.77 -41.68
N GLU B 214 40.89 -51.41 -42.84
CA GLU B 214 40.76 -50.66 -44.09
C GLU B 214 39.41 -49.95 -44.16
N GLU B 215 38.35 -50.62 -43.73
CA GLU B 215 37.03 -50.00 -43.78
C GLU B 215 36.92 -48.80 -42.84
N ASN B 216 37.41 -48.95 -41.60
CA ASN B 216 37.38 -47.84 -40.66
C ASN B 216 38.27 -46.70 -41.12
N TYR B 217 39.45 -47.01 -41.67
CA TYR B 217 40.30 -45.96 -42.23
C TYR B 217 39.59 -45.23 -43.36
N THR B 218 38.96 -45.97 -44.27
CA THR B 218 38.28 -45.35 -45.40
C THR B 218 37.18 -44.42 -44.93
N ARG B 219 36.35 -44.89 -44.00
CA ARG B 219 35.22 -44.08 -43.55
C ARG B 219 35.69 -42.90 -42.68
N ALA B 220 36.76 -43.09 -41.89
CA ALA B 220 37.32 -41.99 -41.12
C ALA B 220 37.91 -40.93 -42.03
N TYR B 221 38.63 -41.34 -43.06
CA TYR B 221 39.16 -40.38 -44.03
C TYR B 221 38.02 -39.65 -44.72
N SER B 222 36.96 -40.37 -45.09
CA SER B 222 35.81 -39.73 -45.73
C SER B 222 35.18 -38.69 -44.83
N GLU B 223 34.92 -39.04 -43.57
CA GLU B 223 34.28 -38.08 -42.67
C GLU B 223 35.20 -36.90 -42.38
N ALA B 224 36.51 -37.16 -42.24
CA ALA B 224 37.44 -36.08 -41.94
C ALA B 224 37.52 -35.08 -43.09
N LEU B 225 37.60 -35.58 -44.33
CA LEU B 225 37.67 -34.68 -45.47
C LEU B 225 36.32 -34.08 -45.82
N ALA B 226 35.21 -34.69 -45.39
CA ALA B 226 33.90 -34.17 -45.74
C ALA B 226 33.39 -33.16 -44.72
N ALA B 227 33.22 -33.60 -43.47
CA ALA B 227 32.74 -32.69 -42.43
C ALA B 227 33.78 -31.62 -42.11
N PHE B 228 35.06 -31.96 -42.22
CA PHE B 228 36.16 -31.06 -41.90
C PHE B 228 37.06 -30.90 -43.13
N GLY B 229 38.17 -30.19 -42.94
CA GLY B 229 39.09 -29.93 -44.02
C GLY B 229 40.24 -30.92 -44.08
N ASN B 230 41.41 -30.50 -43.61
CA ASN B 230 42.56 -31.39 -43.60
C ASN B 230 42.30 -32.62 -42.74
N GLY B 231 42.45 -33.80 -43.35
CA GLY B 231 42.20 -35.04 -42.64
C GLY B 231 43.44 -35.58 -41.96
N ALA B 232 44.00 -34.79 -41.04
CA ALA B 232 45.23 -35.17 -40.35
C ALA B 232 44.91 -36.24 -39.30
N LEU B 233 44.64 -37.44 -39.80
CA LEU B 233 44.33 -38.57 -38.94
C LEU B 233 45.57 -39.01 -38.18
N PHE B 234 45.38 -39.41 -36.93
CA PHE B 234 46.44 -39.95 -36.09
C PHE B 234 46.04 -41.33 -35.59
N VAL B 235 47.01 -42.23 -35.57
CA VAL B 235 46.84 -43.59 -35.07
C VAL B 235 47.47 -43.67 -33.69
N GLU B 236 46.70 -44.09 -32.69
CA GLU B 236 47.19 -44.23 -31.32
C GLU B 236 46.76 -45.59 -30.76
N LYS B 237 47.22 -45.88 -29.55
CA LYS B 237 46.91 -47.16 -28.93
C LYS B 237 45.48 -47.16 -28.39
N PHE B 238 44.93 -48.37 -28.29
CA PHE B 238 43.57 -48.55 -27.79
C PHE B 238 43.51 -48.24 -26.30
N ILE B 239 42.69 -47.25 -25.95
CA ILE B 239 42.52 -46.82 -24.56
C ILE B 239 41.09 -47.08 -24.15
N GLU B 240 40.91 -47.82 -23.04
CA GLU B 240 39.60 -48.11 -22.51
C GLU B 240 39.20 -47.14 -21.41
N LYS B 241 39.99 -47.06 -20.34
CA LYS B 241 39.68 -46.19 -19.20
C LYS B 241 40.78 -45.16 -18.99
N PRO B 242 40.54 -43.90 -19.32
CA PRO B 242 41.43 -42.84 -18.87
C PRO B 242 41.12 -42.42 -17.44
N ARG B 243 42.18 -41.95 -16.75
CA ARG B 243 42.04 -41.44 -15.38
C ARG B 243 43.08 -40.33 -15.22
N HIS B 244 42.64 -39.09 -15.46
CA HIS B 244 43.54 -37.96 -15.49
C HIS B 244 43.81 -37.40 -14.09
N ILE B 245 45.10 -37.28 -13.77
CA ILE B 245 45.58 -36.98 -12.42
C ILE B 245 46.38 -35.68 -12.50
N GLU B 246 46.21 -34.82 -11.49
CA GLU B 246 46.70 -33.45 -11.55
C GLU B 246 47.80 -33.20 -10.52
N VAL B 247 48.81 -32.43 -10.93
CA VAL B 247 49.95 -32.08 -10.09
C VAL B 247 50.04 -30.57 -10.02
N GLN B 248 50.22 -30.03 -8.82
CA GLN B 248 50.32 -28.58 -8.64
C GLN B 248 51.73 -28.16 -8.29
N ILE B 249 52.21 -27.11 -8.95
CA ILE B 249 53.60 -26.68 -8.90
C ILE B 249 53.64 -25.19 -8.56
N LEU B 250 54.50 -24.84 -7.60
CA LEU B 250 54.79 -23.45 -7.25
C LEU B 250 56.29 -23.23 -7.38
N GLY B 251 56.67 -22.00 -7.71
CA GLY B 251 58.07 -21.66 -7.81
C GLY B 251 58.28 -20.19 -7.49
N ASP B 252 59.55 -19.86 -7.27
CA ASP B 252 59.96 -18.47 -7.09
C ASP B 252 60.60 -17.98 -8.39
N GLN B 253 60.99 -16.72 -8.39
CA GLN B 253 61.76 -16.17 -9.50
C GLN B 253 63.25 -16.46 -9.36
N TYR B 254 63.62 -17.36 -8.44
CA TYR B 254 65.01 -17.66 -8.14
C TYR B 254 65.38 -19.10 -8.49
N GLY B 255 64.59 -19.75 -9.35
CA GLY B 255 64.88 -21.11 -9.76
C GLY B 255 64.73 -22.15 -8.66
N ASN B 256 63.69 -22.03 -7.84
CA ASN B 256 63.40 -22.99 -6.78
C ASN B 256 61.96 -23.43 -6.94
N ILE B 257 61.74 -24.74 -6.98
CA ILE B 257 60.47 -25.32 -7.40
C ILE B 257 59.99 -26.33 -6.38
N LEU B 258 58.72 -26.19 -5.96
CA LEU B 258 58.06 -27.09 -5.00
C LEU B 258 56.75 -27.58 -5.62
N HIS B 259 56.61 -28.88 -5.78
CA HIS B 259 55.32 -29.46 -6.17
C HIS B 259 54.38 -29.41 -4.98
N LEU B 260 53.12 -29.08 -5.21
CA LEU B 260 52.22 -28.95 -4.07
C LEU B 260 51.85 -30.31 -3.50
N TYR B 261 51.08 -31.09 -4.27
CA TYR B 261 50.71 -32.52 -4.20
C TYR B 261 49.66 -32.86 -5.24
N GLU B 262 49.28 -34.14 -5.30
CA GLU B 262 48.46 -34.68 -6.38
C GLU B 262 46.97 -34.53 -6.09
N ARG B 263 46.16 -34.64 -7.15
CA ARG B 263 44.71 -34.58 -7.06
C ARG B 263 44.09 -35.50 -8.10
N ASP B 264 42.95 -36.11 -7.74
CA ASP B 264 42.26 -37.05 -8.62
C ASP B 264 40.98 -36.45 -9.16
N CYS B 265 40.74 -36.69 -10.44
CA CYS B 265 39.54 -36.22 -11.12
C CYS B 265 38.90 -37.33 -11.93
N SER B 266 38.72 -38.50 -11.32
CA SER B 266 38.15 -39.63 -12.06
C SER B 266 36.70 -39.35 -12.44
N ILE B 267 36.09 -38.32 -11.88
CA ILE B 267 34.68 -38.04 -12.12
C ILE B 267 34.56 -37.01 -13.24
N GLN B 268 33.82 -37.34 -14.30
CA GLN B 268 33.59 -36.45 -15.42
C GLN B 268 32.20 -36.70 -15.97
N ARG B 269 31.41 -35.63 -16.14
CA ARG B 269 30.08 -35.80 -16.73
C ARG B 269 30.21 -36.35 -18.15
N ARG B 270 30.78 -35.56 -19.05
CA ARG B 270 31.29 -36.11 -20.31
C ARG B 270 32.74 -35.75 -20.54
N HIS B 271 33.10 -34.46 -20.40
CA HIS B 271 34.48 -34.02 -20.55
C HIS B 271 34.85 -32.97 -19.52
N GLN B 272 33.99 -32.72 -18.53
CA GLN B 272 34.10 -31.57 -17.66
C GLN B 272 34.02 -31.97 -16.19
N LYS B 273 34.59 -31.12 -15.34
CA LYS B 273 34.65 -31.38 -13.92
C LYS B 273 33.28 -31.14 -13.28
N VAL B 274 32.88 -32.06 -12.42
CA VAL B 274 31.62 -31.90 -11.67
C VAL B 274 31.90 -32.00 -10.18
N VAL B 275 32.68 -33.01 -9.77
CA VAL B 275 33.10 -33.16 -8.39
C VAL B 275 34.59 -33.53 -8.41
N GLU B 276 35.27 -33.33 -7.28
CA GLU B 276 36.71 -33.52 -7.25
C GLU B 276 37.15 -34.26 -6.00
N ILE B 277 38.18 -35.10 -6.15
CA ILE B 277 38.77 -35.86 -5.05
C ILE B 277 40.26 -35.62 -5.03
N ALA B 278 40.75 -34.91 -4.01
CA ALA B 278 42.18 -34.61 -4.01
C ALA B 278 43.03 -35.82 -3.60
N PRO B 279 42.82 -36.41 -2.41
CA PRO B 279 43.66 -37.56 -2.03
C PRO B 279 43.43 -38.75 -2.94
N ALA B 280 44.49 -39.52 -3.12
CA ALA B 280 44.53 -40.57 -4.15
C ALA B 280 43.67 -41.77 -3.74
N ALA B 281 42.79 -42.18 -4.64
CA ALA B 281 42.01 -43.40 -4.42
C ALA B 281 42.89 -44.63 -4.55
N HIS B 282 43.41 -44.89 -5.74
CA HIS B 282 44.22 -46.08 -6.02
C HIS B 282 45.49 -45.65 -6.76
N LEU B 283 46.51 -45.27 -6.00
CA LEU B 283 47.77 -44.83 -6.56
C LEU B 283 48.92 -45.58 -5.92
N ASP B 284 49.80 -46.12 -6.75
CA ASP B 284 50.99 -46.79 -6.26
C ASP B 284 52.03 -45.75 -5.86
N PRO B 285 52.54 -45.78 -4.61
CA PRO B 285 53.50 -44.74 -4.20
C PRO B 285 54.71 -44.64 -5.11
N GLN B 286 55.14 -45.74 -5.72
CA GLN B 286 56.17 -45.65 -6.75
C GLN B 286 55.69 -44.81 -7.93
N LEU B 287 54.44 -45.02 -8.36
CA LEU B 287 53.93 -44.28 -9.52
C LEU B 287 53.69 -42.81 -9.18
N ARG B 288 53.15 -42.53 -7.99
CA ARG B 288 52.96 -41.13 -7.61
C ARG B 288 54.29 -40.44 -7.39
N THR B 289 55.31 -41.17 -6.92
CA THR B 289 56.65 -40.62 -6.82
C THR B 289 57.21 -40.30 -8.21
N ARG B 290 57.00 -41.21 -9.16
CA ARG B 290 57.42 -40.96 -10.54
C ARG B 290 56.76 -39.71 -11.08
N LEU B 291 55.45 -39.57 -10.86
CA LEU B 291 54.75 -38.38 -11.34
C LEU B 291 55.27 -37.12 -10.67
N THR B 292 55.54 -37.19 -9.36
CA THR B 292 56.08 -36.05 -8.64
C THR B 292 57.42 -35.60 -9.21
N SER B 293 58.36 -36.53 -9.34
CA SER B 293 59.68 -36.17 -9.85
C SER B 293 59.60 -35.71 -11.30
N ASP B 294 58.75 -36.34 -12.11
CA ASP B 294 58.59 -35.93 -13.50
C ASP B 294 58.04 -34.52 -13.61
N SER B 295 57.03 -34.20 -12.80
CA SER B 295 56.47 -32.85 -12.83
C SER B 295 57.48 -31.83 -12.34
N VAL B 296 58.27 -32.18 -11.31
CA VAL B 296 59.28 -31.26 -10.82
C VAL B 296 60.32 -30.99 -11.89
N LYS B 297 60.83 -32.04 -12.55
CA LYS B 297 61.85 -31.84 -13.56
C LYS B 297 61.30 -31.13 -14.79
N LEU B 298 60.03 -31.34 -15.12
CA LEU B 298 59.46 -30.67 -16.29
C LEU B 298 59.18 -29.21 -15.99
N ALA B 299 58.78 -28.90 -14.75
CA ALA B 299 58.68 -27.50 -14.34
C ALA B 299 60.04 -26.83 -14.39
N LYS B 300 61.08 -27.56 -14.00
CA LYS B 300 62.43 -27.03 -14.15
C LYS B 300 62.78 -26.81 -15.62
N GLN B 301 62.38 -27.75 -16.48
CA GLN B 301 62.65 -27.63 -17.91
C GLN B 301 61.95 -26.43 -18.53
N VAL B 302 60.67 -26.24 -18.22
CA VAL B 302 59.92 -25.13 -18.78
C VAL B 302 60.45 -23.82 -18.22
N GLY B 303 60.89 -23.81 -16.96
CA GLY B 303 61.36 -22.60 -16.33
C GLY B 303 60.21 -21.74 -15.88
N TYR B 304 59.15 -22.39 -15.39
CA TYR B 304 57.97 -21.70 -14.91
C TYR B 304 58.30 -20.86 -13.69
N GLU B 305 57.47 -19.83 -13.46
CA GLU B 305 57.75 -18.84 -12.43
C GLU B 305 56.64 -18.66 -11.40
N ASN B 306 55.49 -19.30 -11.56
CA ASN B 306 54.33 -19.03 -10.71
C ASN B 306 53.53 -20.31 -10.56
N ALA B 307 52.23 -20.17 -10.28
CA ALA B 307 51.36 -21.32 -10.08
C ALA B 307 51.08 -22.02 -11.40
N GLY B 308 51.27 -23.35 -11.42
CA GLY B 308 50.93 -24.13 -12.59
C GLY B 308 50.51 -25.53 -12.18
N THR B 309 49.99 -26.27 -13.15
CA THR B 309 49.62 -27.66 -12.91
C THR B 309 49.86 -28.51 -14.16
N VAL B 310 50.35 -29.71 -13.93
CA VAL B 310 50.59 -30.69 -14.98
C VAL B 310 49.60 -31.82 -14.78
N GLU B 311 48.83 -32.13 -15.82
CA GLU B 311 47.90 -33.24 -15.72
C GLU B 311 48.39 -34.39 -16.60
N PHE B 312 48.35 -35.58 -16.05
CA PHE B 312 48.75 -36.81 -16.73
C PHE B 312 47.50 -37.58 -17.12
N LEU B 313 47.71 -38.77 -17.70
CA LEU B 313 46.60 -39.64 -18.06
C LEU B 313 47.10 -41.07 -17.91
N VAL B 314 46.59 -41.78 -16.90
CA VAL B 314 47.09 -43.10 -16.55
C VAL B 314 46.15 -44.14 -17.13
N ASP B 315 46.71 -45.30 -17.45
CA ASP B 315 45.96 -46.46 -17.86
C ASP B 315 45.77 -47.38 -16.65
N ARG B 316 45.04 -48.46 -16.85
CA ARG B 316 44.87 -49.43 -15.77
C ARG B 316 46.17 -50.16 -15.46
N HIS B 317 47.04 -50.30 -16.46
CA HIS B 317 48.22 -51.14 -16.33
C HIS B 317 49.34 -50.53 -15.50
N GLY B 318 49.45 -49.20 -15.45
CA GLY B 318 50.53 -48.56 -14.73
C GLY B 318 51.48 -47.71 -15.54
N LYS B 319 50.99 -47.08 -16.61
CA LYS B 319 51.78 -46.16 -17.43
C LYS B 319 51.14 -44.79 -17.37
N HIS B 320 51.98 -43.75 -17.28
CA HIS B 320 51.51 -42.37 -17.26
C HIS B 320 51.84 -41.68 -18.58
N TYR B 321 50.98 -40.73 -18.97
CA TYR B 321 51.14 -39.98 -20.20
C TYR B 321 50.77 -38.52 -19.97
N PHE B 322 51.61 -37.62 -20.49
CA PHE B 322 51.37 -36.20 -20.38
C PHE B 322 50.14 -35.78 -21.19
N ILE B 323 49.41 -34.79 -20.67
CA ILE B 323 48.29 -34.23 -21.42
C ILE B 323 48.55 -32.75 -21.70
N GLU B 324 48.60 -31.93 -20.66
CA GLU B 324 49.06 -30.56 -20.79
C GLU B 324 49.24 -29.95 -19.40
N VAL B 325 49.48 -28.64 -19.39
CA VAL B 325 49.76 -27.85 -18.19
C VAL B 325 48.87 -26.62 -18.23
N ASN B 326 48.22 -26.33 -17.11
CA ASN B 326 47.50 -25.07 -16.93
C ASN B 326 48.41 -24.10 -16.18
N SER B 327 48.59 -22.91 -16.75
CA SER B 327 49.52 -21.92 -16.23
C SER B 327 48.87 -20.92 -15.29
N ARG B 328 47.55 -20.90 -15.19
CA ARG B 328 46.85 -20.05 -14.25
C ARG B 328 46.50 -20.86 -13.00
N LEU B 329 45.99 -20.18 -11.98
CA LEU B 329 45.65 -20.84 -10.73
C LEU B 329 44.34 -21.60 -10.91
N GLN B 330 44.39 -22.93 -10.77
CA GLN B 330 43.25 -23.79 -11.01
C GLN B 330 42.17 -23.55 -9.96
N VAL B 331 40.94 -23.96 -10.30
CA VAL B 331 39.83 -23.80 -9.37
C VAL B 331 40.03 -24.66 -8.14
N GLU B 332 40.37 -25.93 -8.35
CA GLU B 332 40.57 -26.86 -7.24
C GLU B 332 41.90 -26.65 -6.52
N HIS B 333 42.60 -25.56 -6.81
CA HIS B 333 43.80 -25.21 -6.07
C HIS B 333 43.55 -25.23 -4.57
N THR B 334 42.48 -24.58 -4.13
CA THR B 334 42.22 -24.46 -2.70
C THR B 334 41.95 -25.81 -2.07
N VAL B 335 41.68 -26.83 -2.90
CA VAL B 335 41.53 -28.17 -2.37
C VAL B 335 42.84 -28.65 -1.77
N THR B 336 43.95 -28.44 -2.50
CA THR B 336 45.27 -28.66 -1.92
C THR B 336 45.46 -27.78 -0.70
N GLU B 337 44.79 -26.64 -0.67
CA GLU B 337 44.85 -25.76 0.50
C GLU B 337 44.36 -26.47 1.75
N GLU B 338 43.44 -27.41 1.62
CA GLU B 338 43.08 -28.23 2.76
C GLU B 338 44.00 -29.43 2.94
N ILE B 339 44.59 -29.92 1.86
CA ILE B 339 45.54 -31.02 1.94
C ILE B 339 46.79 -30.60 2.71
N THR B 340 47.31 -29.41 2.43
CA THR B 340 48.67 -29.06 2.83
C THR B 340 48.76 -28.01 3.93
N ASP B 341 47.64 -27.38 4.33
CA ASP B 341 47.64 -26.32 5.33
C ASP B 341 48.59 -25.18 4.95
N VAL B 342 48.53 -24.77 3.68
CA VAL B 342 49.28 -23.62 3.18
C VAL B 342 48.39 -22.88 2.18
N ASP B 343 48.43 -21.55 2.22
CA ASP B 343 47.70 -20.76 1.23
C ASP B 343 48.47 -20.70 -0.07
N LEU B 344 47.73 -20.75 -1.18
CA LEU B 344 48.36 -20.66 -2.49
C LEU B 344 48.36 -19.23 -3.00
N VAL B 345 47.27 -18.48 -2.73
CA VAL B 345 47.21 -17.10 -3.21
C VAL B 345 48.20 -16.22 -2.44
N HIS B 346 48.38 -16.48 -1.14
CA HIS B 346 49.44 -15.79 -0.42
C HIS B 346 50.82 -16.09 -1.01
N ALA B 347 51.10 -17.36 -1.31
CA ALA B 347 52.39 -17.71 -1.90
C ALA B 347 52.57 -17.03 -3.25
N GLN B 348 51.49 -16.95 -4.03
CA GLN B 348 51.54 -16.22 -5.29
C GLN B 348 51.85 -14.74 -5.06
N ILE B 349 51.21 -14.12 -4.06
CA ILE B 349 51.51 -12.74 -3.72
C ILE B 349 52.99 -12.60 -3.37
N HIS B 350 53.51 -13.55 -2.61
CA HIS B 350 54.85 -13.41 -2.07
C HIS B 350 55.91 -13.60 -3.15
N VAL B 351 55.69 -14.53 -4.09
CA VAL B 351 56.61 -14.66 -5.21
C VAL B 351 56.47 -13.46 -6.14
N ALA B 352 55.25 -12.95 -6.32
CA ALA B 352 55.07 -11.75 -7.12
C ALA B 352 55.79 -10.55 -6.52
N GLU B 353 55.94 -10.53 -5.19
CA GLU B 353 56.76 -9.50 -4.58
C GLU B 353 58.23 -9.69 -4.97
N GLY B 354 58.70 -10.92 -4.99
CA GLY B 354 60.09 -11.20 -5.33
C GLY B 354 60.77 -12.11 -4.32
N ARG B 355 60.04 -12.50 -3.28
CA ARG B 355 60.58 -13.39 -2.27
C ARG B 355 60.86 -14.77 -2.84
N SER B 356 61.83 -15.46 -2.25
CA SER B 356 62.07 -16.86 -2.53
C SER B 356 61.28 -17.72 -1.55
N LEU B 357 60.92 -18.92 -2.02
CA LEU B 357 60.16 -19.84 -1.19
C LEU B 357 60.85 -20.17 0.13
N PRO B 358 62.16 -20.41 0.18
CA PRO B 358 62.79 -20.70 1.48
C PRO B 358 62.61 -19.59 2.50
N ASP B 359 62.46 -18.34 2.07
CA ASP B 359 62.11 -17.28 3.01
C ASP B 359 60.76 -17.56 3.65
N LEU B 360 59.83 -18.12 2.89
CA LEU B 360 58.52 -18.50 3.40
C LEU B 360 58.56 -19.81 4.18
N GLY B 361 59.69 -20.51 4.19
CA GLY B 361 59.74 -21.84 4.75
C GLY B 361 58.93 -22.83 3.95
N LEU B 362 58.99 -22.73 2.63
CA LEU B 362 58.25 -23.61 1.73
C LEU B 362 59.21 -24.67 1.20
N ARG B 363 59.37 -25.74 1.98
CA ARG B 363 60.23 -26.85 1.61
C ARG B 363 59.43 -28.13 1.76
N GLN B 364 60.00 -29.23 1.27
CA GLN B 364 59.22 -30.46 1.13
C GLN B 364 58.74 -31.00 2.48
N GLU B 365 59.58 -30.94 3.52
CA GLU B 365 59.35 -31.74 4.72
C GLU B 365 58.14 -31.30 5.53
N ASN B 366 57.81 -30.01 5.59
CA ASN B 366 56.73 -29.55 6.44
C ASN B 366 55.34 -29.79 5.83
N ILE B 367 55.22 -29.76 4.51
CA ILE B 367 53.94 -29.94 3.80
C ILE B 367 53.63 -31.43 3.69
N ARG B 368 52.43 -31.81 4.11
CA ARG B 368 52.09 -33.22 4.25
C ARG B 368 50.60 -33.41 4.04
N ILE B 369 50.22 -34.63 3.68
CA ILE B 369 48.80 -34.96 3.50
C ILE B 369 48.12 -34.88 4.86
N ASN B 370 47.00 -34.16 4.91
CA ASN B 370 46.29 -33.99 6.18
C ASN B 370 44.80 -33.97 5.86
N GLY B 371 44.17 -35.16 5.90
CA GLY B 371 42.74 -35.29 5.73
C GLY B 371 42.30 -35.72 4.34
N CYS B 372 40.99 -35.97 4.24
CA CYS B 372 40.34 -36.40 3.01
C CYS B 372 39.41 -35.31 2.52
N ALA B 373 39.44 -35.05 1.21
CA ALA B 373 38.77 -33.89 0.66
C ALA B 373 37.87 -34.29 -0.50
N ILE B 374 36.68 -33.70 -0.54
CA ILE B 374 35.78 -33.85 -1.67
C ILE B 374 35.21 -32.49 -2.04
N GLN B 375 34.99 -32.27 -3.34
CA GLN B 375 34.63 -30.99 -3.91
C GLN B 375 33.34 -31.11 -4.70
N CYS B 376 32.41 -30.19 -4.46
CA CYS B 376 31.23 -30.08 -5.31
C CYS B 376 30.93 -28.63 -5.63
N ARG B 377 30.25 -28.41 -6.76
CA ARG B 377 29.83 -27.10 -7.20
C ARG B 377 28.36 -27.15 -7.61
N VAL B 378 27.57 -26.18 -7.16
CA VAL B 378 26.15 -26.14 -7.51
C VAL B 378 25.95 -25.22 -8.71
N THR B 379 25.17 -25.69 -9.67
CA THR B 379 24.86 -24.93 -10.87
C THR B 379 23.36 -24.97 -11.08
N THR B 380 22.81 -23.86 -11.57
CA THR B 380 21.38 -23.77 -11.84
C THR B 380 21.02 -24.49 -13.14
N GLU B 381 21.41 -25.75 -13.22
CA GLU B 381 21.14 -26.58 -14.39
C GLU B 381 20.38 -27.83 -14.00
N ASP B 382 19.51 -28.28 -14.90
CA ASP B 382 18.67 -29.44 -14.66
C ASP B 382 19.36 -30.70 -15.18
N PRO B 383 19.69 -31.65 -14.31
CA PRO B 383 20.42 -32.85 -14.75
C PRO B 383 19.55 -33.84 -15.51
N ALA B 384 18.29 -33.51 -15.78
CA ALA B 384 17.36 -34.52 -16.30
C ALA B 384 17.48 -34.67 -17.81
N ARG B 385 17.14 -33.63 -18.56
CA ARG B 385 16.97 -33.78 -20.01
C ARG B 385 18.29 -33.56 -20.76
N SER B 386 18.94 -32.41 -20.55
CA SER B 386 20.15 -32.10 -21.29
C SER B 386 21.21 -31.41 -20.42
N PHE B 387 21.06 -31.46 -19.10
CA PHE B 387 21.96 -30.77 -18.18
C PHE B 387 22.00 -29.27 -18.46
N GLN B 388 20.93 -28.76 -19.03
CA GLN B 388 20.88 -27.37 -19.43
C GLN B 388 20.65 -26.48 -18.23
N PRO B 389 21.19 -25.27 -18.20
CA PRO B 389 20.96 -24.37 -17.07
C PRO B 389 19.53 -23.89 -17.01
N ASP B 390 19.14 -23.41 -15.82
CA ASP B 390 17.89 -22.71 -15.61
C ASP B 390 18.18 -21.26 -15.24
N THR B 391 17.27 -20.37 -15.63
CA THR B 391 17.35 -18.98 -15.27
C THR B 391 16.08 -18.57 -14.54
N GLY B 392 16.20 -17.58 -13.66
CA GLY B 392 15.07 -17.12 -12.90
C GLY B 392 15.53 -16.38 -11.65
N ARG B 393 14.63 -16.34 -10.67
CA ARG B 393 14.89 -15.68 -9.40
C ARG B 393 14.75 -16.71 -8.28
N ILE B 394 15.76 -16.76 -7.41
CA ILE B 394 15.73 -17.69 -6.28
C ILE B 394 14.79 -17.13 -5.22
N GLU B 395 14.03 -18.03 -4.59
CA GLU B 395 13.04 -17.63 -3.61
C GLU B 395 13.50 -17.76 -2.17
N VAL B 396 14.27 -18.80 -1.85
CA VAL B 396 14.71 -19.01 -0.48
C VAL B 396 16.02 -19.77 -0.52
N PHE B 397 16.97 -19.34 0.31
CA PHE B 397 18.28 -19.96 0.41
C PHE B 397 18.70 -20.02 1.86
N ARG B 398 19.28 -21.14 2.28
CA ARG B 398 19.74 -21.31 3.64
C ARG B 398 21.12 -21.95 3.66
N SER B 399 21.88 -21.64 4.70
CA SER B 399 23.26 -22.09 4.82
C SER B 399 23.36 -23.27 5.78
N GLY B 400 24.27 -24.18 5.45
CA GLY B 400 24.48 -25.39 6.24
C GLY B 400 25.93 -25.66 6.55
N GLU B 401 26.69 -24.61 6.87
CA GLU B 401 28.12 -24.75 7.14
C GLU B 401 28.37 -25.76 8.27
N GLY B 402 29.28 -26.70 8.02
CA GLY B 402 29.51 -27.78 8.94
C GLY B 402 30.77 -27.61 9.77
N MET B 403 31.06 -28.60 10.61
CA MET B 403 32.24 -28.53 11.47
C MET B 403 33.52 -28.51 10.66
N GLY B 404 33.59 -29.34 9.62
CA GLY B 404 34.74 -29.35 8.74
C GLY B 404 34.34 -29.11 7.30
N ILE B 405 33.25 -28.38 7.10
CA ILE B 405 32.70 -28.12 5.78
C ILE B 405 32.90 -26.65 5.45
N ARG B 406 33.66 -26.39 4.39
CA ARG B 406 34.03 -25.04 4.01
C ARG B 406 33.16 -24.62 2.82
N LEU B 407 32.63 -23.41 2.87
CA LEU B 407 31.70 -22.92 1.85
C LEU B 407 32.27 -21.67 1.21
N ASP B 408 32.16 -21.61 -0.13
CA ASP B 408 32.58 -20.43 -0.89
C ASP B 408 31.39 -19.99 -1.73
N ASN B 409 30.89 -18.80 -1.47
CA ASN B 409 29.65 -18.31 -2.07
C ASN B 409 29.95 -17.40 -3.24
N ALA B 410 29.52 -17.79 -4.44
CA ALA B 410 29.73 -16.96 -5.62
C ALA B 410 28.66 -15.88 -5.72
N SER B 411 27.40 -16.29 -5.84
CA SER B 411 26.29 -15.33 -5.96
C SER B 411 25.10 -15.95 -5.24
N ALA B 412 24.94 -15.60 -3.97
CA ALA B 412 23.88 -16.15 -3.14
C ALA B 412 23.39 -15.08 -2.19
N PHE B 413 22.15 -14.62 -2.38
CA PHE B 413 21.51 -13.70 -1.47
C PHE B 413 20.02 -13.71 -1.73
N GLN B 414 19.26 -13.13 -0.80
CA GLN B 414 17.82 -13.04 -0.95
C GLN B 414 17.49 -12.16 -2.16
N GLY B 415 16.60 -12.66 -3.01
CA GLY B 415 16.26 -11.93 -4.22
C GLY B 415 17.33 -11.94 -5.28
N ALA B 416 18.27 -12.88 -5.22
CA ALA B 416 19.33 -12.93 -6.21
C ALA B 416 18.79 -13.29 -7.58
N VAL B 417 19.34 -12.64 -8.59
CA VAL B 417 18.99 -12.91 -9.98
C VAL B 417 20.26 -13.34 -10.70
N ILE B 418 20.20 -14.48 -11.38
CA ILE B 418 21.35 -15.06 -12.05
C ILE B 418 21.36 -14.57 -13.49
N SER B 419 22.50 -14.03 -13.92
CA SER B 419 22.61 -13.51 -15.27
C SER B 419 22.49 -14.65 -16.28
N PRO B 420 21.79 -14.44 -17.39
CA PRO B 420 21.64 -15.50 -18.40
C PRO B 420 22.80 -15.59 -19.38
N HIS B 421 23.80 -14.71 -19.26
CA HIS B 421 24.92 -14.67 -20.19
C HIS B 421 26.25 -15.00 -19.54
N TYR B 422 26.43 -14.70 -18.26
CA TYR B 422 27.65 -15.03 -17.55
C TYR B 422 27.57 -16.47 -17.06
N ASP B 423 28.49 -16.87 -16.19
CA ASP B 423 28.50 -18.23 -15.68
C ASP B 423 27.33 -18.46 -14.73
N SER B 424 27.02 -19.74 -14.51
CA SER B 424 25.92 -20.16 -13.64
C SER B 424 26.41 -20.80 -12.35
N LEU B 425 27.47 -20.24 -11.76
CA LEU B 425 28.05 -20.77 -10.54
C LEU B 425 27.53 -19.99 -9.34
N LEU B 426 27.07 -20.71 -8.31
CA LEU B 426 26.49 -20.10 -7.12
C LEU B 426 27.31 -20.38 -5.87
N VAL B 427 27.57 -21.66 -5.57
CA VAL B 427 28.24 -22.07 -4.35
C VAL B 427 29.18 -23.23 -4.65
N LYS B 428 30.36 -23.19 -4.02
CA LYS B 428 31.33 -24.29 -4.03
C LYS B 428 31.45 -24.82 -2.62
N VAL B 429 31.35 -26.14 -2.46
CA VAL B 429 31.36 -26.78 -1.16
C VAL B 429 32.57 -27.71 -1.07
N ILE B 430 33.28 -27.60 0.06
CA ILE B 430 34.49 -28.34 0.36
C ILE B 430 34.20 -29.19 1.58
N ALA B 431 34.43 -30.50 1.49
CA ALA B 431 34.29 -31.35 2.65
C ALA B 431 35.64 -31.92 3.02
N HIS B 432 36.07 -31.62 4.25
CA HIS B 432 37.28 -32.12 4.86
C HIS B 432 36.89 -33.12 5.95
N GLY B 433 36.99 -34.41 5.64
CA GLY B 433 36.63 -35.45 6.58
C GLY B 433 37.83 -36.30 6.91
N LYS B 434 37.80 -36.88 8.11
CA LYS B 434 38.87 -37.75 8.55
C LYS B 434 39.04 -38.94 7.63
N ASP B 435 37.98 -39.29 6.90
CA ASP B 435 38.06 -40.35 5.91
C ASP B 435 37.35 -39.88 4.66
N HIS B 436 37.65 -40.54 3.54
CA HIS B 436 36.92 -40.23 2.32
C HIS B 436 35.43 -40.48 2.46
N PRO B 437 34.97 -41.63 2.97
CA PRO B 437 33.53 -41.76 3.26
C PRO B 437 33.03 -40.78 4.30
N THR B 438 33.89 -40.36 5.23
CA THR B 438 33.50 -39.34 6.20
C THR B 438 33.07 -38.06 5.48
N ALA B 439 33.93 -37.56 4.59
CA ALA B 439 33.59 -36.36 3.81
C ALA B 439 32.38 -36.63 2.91
N ALA B 440 32.29 -37.83 2.34
CA ALA B 440 31.14 -38.15 1.49
C ALA B 440 29.82 -38.00 2.23
N THR B 441 29.71 -38.60 3.42
CA THR B 441 28.47 -38.54 4.17
C THR B 441 28.22 -37.13 4.72
N LYS B 442 29.27 -36.44 5.17
CA LYS B 442 29.08 -35.09 5.66
C LYS B 442 28.54 -34.17 4.55
N MET B 443 29.10 -34.28 3.35
CA MET B 443 28.68 -33.37 2.29
C MET B 443 27.34 -33.81 1.69
N SER B 444 27.00 -35.10 1.80
CA SER B 444 25.64 -35.51 1.48
C SER B 444 24.64 -34.86 2.44
N ARG B 445 24.96 -34.84 3.73
CA ARG B 445 24.10 -34.16 4.69
C ARG B 445 24.02 -32.67 4.40
N ALA B 446 25.14 -32.07 3.98
CA ALA B 446 25.15 -30.66 3.61
C ALA B 446 24.24 -30.41 2.40
N LEU B 447 24.26 -31.31 1.42
CA LEU B 447 23.35 -31.21 0.29
C LEU B 447 21.90 -31.32 0.77
N ALA B 448 21.64 -32.18 1.73
CA ALA B 448 20.29 -32.30 2.28
C ALA B 448 19.86 -31.02 2.96
N GLU B 449 20.76 -30.36 3.68
CA GLU B 449 20.37 -29.18 4.45
C GLU B 449 20.17 -27.96 3.57
N PHE B 450 20.87 -27.89 2.43
CA PHE B 450 20.71 -26.76 1.53
C PHE B 450 19.33 -26.76 0.88
N ARG B 451 18.71 -25.58 0.81
CA ARG B 451 17.40 -25.43 0.18
C ARG B 451 17.46 -24.25 -0.80
N VAL B 452 17.30 -24.55 -2.08
CA VAL B 452 17.25 -23.56 -3.15
C VAL B 452 15.99 -23.90 -3.96
N ARG B 453 14.95 -23.08 -3.81
CA ARG B 453 13.67 -23.38 -4.42
C ARG B 453 13.35 -22.36 -5.51
N GLY B 454 12.37 -22.71 -6.32
CA GLY B 454 11.92 -21.87 -7.42
C GLY B 454 12.70 -22.04 -8.70
N VAL B 455 14.01 -21.87 -8.62
CA VAL B 455 14.90 -22.03 -9.77
C VAL B 455 15.35 -23.49 -9.83
N LYS B 456 15.35 -24.05 -11.03
CA LYS B 456 15.72 -25.45 -11.19
C LYS B 456 17.19 -25.65 -10.85
N THR B 457 17.52 -26.87 -10.41
CA THR B 457 18.87 -27.18 -9.98
C THR B 457 19.16 -28.63 -10.31
N ASN B 458 20.23 -29.16 -9.72
CA ASN B 458 20.76 -30.48 -10.00
C ASN B 458 21.22 -31.21 -8.74
N ILE B 459 20.67 -30.84 -7.58
CA ILE B 459 21.12 -31.41 -6.32
C ILE B 459 20.85 -32.92 -6.28
N ALA B 460 19.73 -33.35 -6.87
CA ALA B 460 19.35 -34.75 -6.84
C ALA B 460 20.41 -35.63 -7.50
N PHE B 461 20.93 -35.21 -8.64
CA PHE B 461 22.00 -35.97 -9.30
C PHE B 461 23.25 -36.04 -8.43
N LEU B 462 23.58 -34.94 -7.76
CA LEU B 462 24.73 -34.96 -6.86
C LEU B 462 24.55 -35.98 -5.75
N GLN B 463 23.37 -36.03 -5.14
CA GLN B 463 23.15 -37.04 -4.11
C GLN B 463 23.09 -38.44 -4.70
N ASN B 464 22.66 -38.55 -5.97
CA ASN B 464 22.68 -39.85 -6.64
C ASN B 464 24.10 -40.38 -6.75
N VAL B 465 25.03 -39.53 -7.15
CA VAL B 465 26.41 -39.97 -7.25
C VAL B 465 27.00 -40.20 -5.86
N LEU B 466 26.65 -39.34 -4.90
CA LEU B 466 27.18 -39.46 -3.54
C LEU B 466 26.78 -40.79 -2.91
N ASN B 467 25.54 -41.21 -3.10
CA ASN B 467 25.04 -42.41 -2.46
C ASN B 467 25.19 -43.66 -3.30
N ASN B 468 25.74 -43.54 -4.51
CA ASN B 468 26.11 -44.73 -5.26
C ASN B 468 27.33 -45.37 -4.62
N GLN B 469 27.34 -46.71 -4.63
CA GLN B 469 28.47 -47.46 -4.11
C GLN B 469 29.78 -47.06 -4.80
N GLN B 470 29.68 -46.66 -6.08
CA GLN B 470 30.86 -46.49 -6.91
C GLN B 470 31.77 -45.41 -6.33
N PHE B 471 31.18 -44.44 -5.61
CA PHE B 471 31.96 -43.37 -4.99
C PHE B 471 32.68 -43.83 -3.73
N LEU B 472 31.93 -44.13 -2.66
CA LEU B 472 32.58 -44.42 -1.38
C LEU B 472 33.42 -45.68 -1.46
N ALA B 473 33.20 -46.52 -2.47
CA ALA B 473 34.14 -47.61 -2.71
C ALA B 473 35.52 -47.07 -3.08
N GLY B 474 35.58 -46.06 -3.95
CA GLY B 474 36.84 -45.44 -4.29
C GLY B 474 37.22 -45.54 -5.76
N THR B 475 36.82 -46.60 -6.44
CA THR B 475 37.23 -46.85 -7.82
C THR B 475 36.14 -46.39 -8.78
N VAL B 476 36.48 -45.45 -9.66
CA VAL B 476 35.57 -44.94 -10.68
C VAL B 476 36.34 -44.72 -11.97
N ASP B 477 35.79 -45.22 -13.07
CA ASP B 477 36.35 -44.99 -14.40
C ASP B 477 35.87 -43.65 -14.93
N THR B 478 36.33 -43.31 -16.14
CA THR B 478 35.85 -42.10 -16.78
C THR B 478 34.44 -42.29 -17.35
N GLN B 479 34.09 -43.51 -17.74
CA GLN B 479 32.81 -43.82 -18.36
C GLN B 479 31.72 -44.21 -17.35
N PHE B 480 31.89 -43.86 -16.07
CA PHE B 480 30.95 -44.29 -15.04
C PHE B 480 29.56 -43.73 -15.29
N ILE B 481 29.46 -42.46 -15.67
CA ILE B 481 28.15 -41.88 -15.95
C ILE B 481 27.57 -42.46 -17.24
N ASP B 482 28.41 -42.68 -18.25
CA ASP B 482 27.93 -43.25 -19.50
C ASP B 482 27.37 -44.66 -19.31
N GLU B 483 27.83 -45.37 -18.28
CA GLU B 483 27.37 -46.70 -17.97
C GLU B 483 26.32 -46.71 -16.86
N ASN B 484 25.85 -45.55 -16.43
CA ASN B 484 24.92 -45.42 -15.30
C ASN B 484 23.74 -44.55 -15.70
N PRO B 485 22.86 -45.04 -16.58
CA PRO B 485 21.66 -44.27 -16.92
C PRO B 485 20.64 -44.21 -15.79
N GLU B 486 20.68 -45.15 -14.85
CA GLU B 486 19.73 -45.19 -13.75
C GLU B 486 20.07 -44.21 -12.63
N LEU B 487 21.24 -43.58 -12.69
CA LEU B 487 21.60 -42.57 -11.70
C LEU B 487 20.74 -41.31 -11.85
N PHE B 488 19.96 -41.22 -12.93
CA PHE B 488 18.93 -40.20 -13.08
C PHE B 488 17.69 -40.58 -12.27
N GLN B 489 17.90 -40.74 -10.97
CA GLN B 489 16.82 -41.19 -10.10
C GLN B 489 15.70 -40.17 -10.02
N LEU B 490 16.06 -38.89 -9.98
CA LEU B 490 15.10 -37.78 -9.90
C LEU B 490 14.26 -37.89 -8.62
N ARG B 491 14.95 -37.85 -7.49
CA ARG B 491 14.29 -37.86 -6.19
C ARG B 491 13.52 -36.56 -6.02
N PRO B 492 12.21 -36.59 -5.82
CA PRO B 492 11.46 -35.33 -5.74
C PRO B 492 11.44 -34.77 -4.32
N ALA B 493 11.22 -33.46 -4.26
CA ALA B 493 10.92 -32.79 -3.01
C ALA B 493 9.41 -32.62 -2.95
N GLN B 494 8.94 -31.97 -1.89
CA GLN B 494 7.51 -31.74 -1.74
C GLN B 494 7.11 -30.29 -1.86
N ASN B 495 7.87 -29.38 -1.24
CA ASN B 495 7.77 -27.95 -1.51
C ASN B 495 6.32 -27.45 -1.44
N ARG B 496 5.52 -28.04 -0.56
CA ARG B 496 4.14 -27.61 -0.43
C ARG B 496 4.06 -26.18 0.10
N ALA B 497 5.06 -25.74 0.86
CA ALA B 497 4.96 -24.46 1.54
C ALA B 497 4.83 -23.32 0.54
N GLN B 498 5.68 -23.29 -0.48
CA GLN B 498 5.60 -22.23 -1.47
C GLN B 498 4.33 -22.35 -2.30
N LYS B 499 3.86 -23.58 -2.51
CA LYS B 499 2.61 -23.78 -3.23
C LYS B 499 1.44 -23.15 -2.48
N LEU B 500 1.38 -23.40 -1.18
CA LEU B 500 0.33 -22.82 -0.35
C LEU B 500 0.47 -21.31 -0.27
N LEU B 501 1.70 -20.81 -0.18
CA LEU B 501 1.90 -19.37 -0.16
C LEU B 501 1.43 -18.74 -1.46
N HIS B 502 1.70 -19.39 -2.59
CA HIS B 502 1.21 -18.89 -3.86
C HIS B 502 -0.30 -18.89 -3.89
N TYR B 503 -0.92 -19.94 -3.34
CA TYR B 503 -2.36 -19.98 -3.21
C TYR B 503 -2.89 -18.80 -2.40
N LEU B 504 -2.26 -18.54 -1.24
CA LEU B 504 -2.73 -17.45 -0.38
C LEU B 504 -2.57 -16.10 -1.06
N GLY B 505 -1.44 -15.90 -1.75
CA GLY B 505 -1.27 -14.66 -2.48
C GLY B 505 -2.29 -14.52 -3.59
N HIS B 506 -2.64 -15.62 -4.23
CA HIS B 506 -3.74 -15.60 -5.18
C HIS B 506 -5.03 -15.17 -4.49
N VAL B 507 -5.24 -15.62 -3.26
CA VAL B 507 -6.46 -15.26 -2.54
C VAL B 507 -6.46 -13.76 -2.19
N MET B 508 -5.29 -13.21 -1.89
CA MET B 508 -5.19 -11.78 -1.61
C MET B 508 -5.41 -10.94 -2.86
N VAL B 509 -4.51 -11.06 -3.84
CA VAL B 509 -4.58 -10.19 -5.01
C VAL B 509 -5.80 -10.52 -5.86
N ASN B 510 -6.03 -11.79 -6.11
CA ASN B 510 -7.25 -12.21 -6.79
C ASN B 510 -8.31 -12.51 -5.74
N GLY B 511 -9.40 -13.17 -6.14
CA GLY B 511 -10.47 -13.47 -5.24
C GLY B 511 -10.49 -14.93 -4.80
N PRO B 512 -11.47 -15.28 -3.97
CA PRO B 512 -11.64 -16.69 -3.60
C PRO B 512 -11.90 -17.55 -4.82
N THR B 513 -11.32 -18.76 -4.80
CA THR B 513 -11.49 -19.68 -5.92
C THR B 513 -12.89 -20.29 -5.92
N THR B 514 -13.39 -20.65 -4.74
CA THR B 514 -14.69 -21.29 -4.65
C THR B 514 -15.80 -20.28 -4.92
N PRO B 515 -16.92 -20.72 -5.49
CA PRO B 515 -18.05 -19.79 -5.69
C PRO B 515 -18.62 -19.32 -4.37
N ILE B 516 -19.06 -18.07 -4.35
CA ILE B 516 -19.69 -17.46 -3.18
C ILE B 516 -21.02 -16.84 -3.58
N PRO B 517 -22.16 -17.49 -3.26
CA PRO B 517 -23.46 -16.94 -3.67
C PRO B 517 -23.82 -15.64 -2.96
N VAL B 518 -23.71 -15.61 -1.64
CA VAL B 518 -24.14 -14.46 -0.83
C VAL B 518 -22.91 -13.66 -0.44
N LYS B 519 -22.95 -12.35 -0.69
CA LYS B 519 -21.83 -11.46 -0.36
C LYS B 519 -21.80 -11.24 1.14
N ALA B 520 -21.15 -12.17 1.84
CA ALA B 520 -21.00 -12.12 3.28
C ALA B 520 -19.56 -12.48 3.65
N SER B 521 -19.25 -12.34 4.93
CA SER B 521 -17.91 -12.60 5.43
C SER B 521 -17.94 -13.57 6.60
N PRO B 522 -16.91 -14.38 6.78
CA PRO B 522 -16.89 -15.31 7.92
C PRO B 522 -16.83 -14.57 9.24
N SER B 523 -17.45 -15.15 10.25
CA SER B 523 -17.46 -14.53 11.57
C SER B 523 -16.06 -14.60 12.18
N PRO B 524 -15.58 -13.53 12.81
CA PRO B 524 -14.28 -13.55 13.49
C PRO B 524 -14.37 -14.07 14.93
N THR B 525 -15.09 -15.16 15.11
CA THR B 525 -15.27 -15.79 16.42
C THR B 525 -14.92 -17.27 16.31
N ASP B 526 -13.99 -17.72 17.15
CA ASP B 526 -13.56 -19.12 17.09
C ASP B 526 -14.51 -20.00 17.89
N PRO B 527 -15.02 -21.07 17.29
CA PRO B 527 -15.87 -22.01 18.04
C PRO B 527 -15.09 -22.68 19.15
N VAL B 528 -15.79 -22.99 20.24
CA VAL B 528 -15.18 -23.63 21.39
C VAL B 528 -15.23 -25.14 21.21
N VAL B 529 -14.07 -25.79 21.28
CA VAL B 529 -13.98 -27.24 21.33
C VAL B 529 -14.11 -27.67 22.78
N PRO B 530 -15.16 -28.37 23.16
CA PRO B 530 -15.33 -28.79 24.55
C PRO B 530 -14.22 -29.76 24.96
N ALA B 531 -13.89 -29.71 26.24
CA ALA B 531 -12.83 -30.55 26.78
C ALA B 531 -13.19 -32.02 26.65
N VAL B 532 -12.18 -32.84 26.42
CA VAL B 532 -12.38 -34.27 26.21
C VAL B 532 -11.54 -35.03 27.22
N PRO B 533 -12.01 -36.21 27.64
CA PRO B 533 -11.23 -36.99 28.61
C PRO B 533 -9.94 -37.52 28.01
N ILE B 534 -9.00 -37.87 28.87
CA ILE B 534 -7.65 -38.20 28.44
C ILE B 534 -7.56 -39.65 27.95
N GLY B 535 -8.36 -40.54 28.50
CA GLY B 535 -8.24 -41.94 28.18
C GLY B 535 -8.83 -42.28 26.84
N PRO B 536 -8.89 -43.57 26.52
CA PRO B 536 -9.53 -43.98 25.27
C PRO B 536 -11.03 -43.76 25.34
N PRO B 537 -11.70 -43.66 24.19
CA PRO B 537 -13.14 -43.48 24.21
C PRO B 537 -13.84 -44.71 24.73
N PRO B 538 -15.05 -44.56 25.25
CA PRO B 538 -15.76 -45.71 25.82
C PRO B 538 -16.22 -46.68 24.74
N ALA B 539 -16.99 -47.68 25.13
CA ALA B 539 -17.48 -48.70 24.23
C ALA B 539 -18.87 -48.33 23.74
N GLY B 540 -19.05 -48.32 22.42
CA GLY B 540 -20.36 -48.15 21.84
C GLY B 540 -20.93 -49.48 21.39
N PHE B 541 -21.28 -49.58 20.11
CA PHE B 541 -21.81 -50.81 19.55
C PHE B 541 -20.94 -51.39 18.46
N ARG B 542 -19.92 -50.65 18.01
CA ARG B 542 -18.95 -51.19 17.07
C ARG B 542 -18.24 -52.39 17.67
N ASP B 543 -18.04 -52.40 18.99
CA ASP B 543 -17.42 -53.55 19.63
C ASP B 543 -18.26 -54.79 19.43
N ILE B 544 -19.58 -54.68 19.53
CA ILE B 544 -20.44 -55.81 19.27
C ILE B 544 -20.32 -56.25 17.81
N LEU B 545 -20.29 -55.29 16.89
CA LEU B 545 -20.16 -55.63 15.47
C LEU B 545 -18.86 -56.36 15.19
N LEU B 546 -17.80 -56.00 15.91
CA LEU B 546 -16.52 -56.68 15.73
C LEU B 546 -16.52 -58.04 16.40
N ARG B 547 -17.23 -58.20 17.51
CA ARG B 547 -17.23 -59.45 18.25
C ARG B 547 -18.31 -60.41 17.79
N GLU B 548 -19.39 -59.91 17.19
CA GLU B 548 -20.49 -60.75 16.78
C GLU B 548 -20.84 -60.41 15.34
N GLY B 549 -21.66 -61.26 14.72
CA GLY B 549 -22.04 -61.07 13.34
C GLY B 549 -23.08 -59.98 13.22
N PRO B 550 -23.39 -59.59 11.98
CA PRO B 550 -24.39 -58.52 11.78
C PRO B 550 -25.75 -58.86 12.37
N GLU B 551 -26.18 -60.12 12.27
CA GLU B 551 -27.47 -60.49 12.83
C GLU B 551 -27.44 -60.45 14.35
N GLY B 552 -26.29 -60.76 14.96
CA GLY B 552 -26.15 -60.56 16.39
C GLY B 552 -26.30 -59.10 16.77
N PHE B 553 -25.71 -58.20 15.97
CA PHE B 553 -25.83 -56.78 16.23
C PHE B 553 -27.28 -56.32 16.11
N ALA B 554 -27.98 -56.81 15.08
CA ALA B 554 -29.40 -56.49 14.94
C ALA B 554 -30.21 -57.04 16.10
N ARG B 555 -29.88 -58.24 16.58
CA ARG B 555 -30.55 -58.79 17.74
C ARG B 555 -30.32 -57.92 18.97
N ALA B 556 -29.10 -57.43 19.15
CA ALA B 556 -28.82 -56.56 20.27
C ALA B 556 -29.62 -55.26 20.18
N VAL B 557 -29.73 -54.70 18.98
CA VAL B 557 -30.53 -53.49 18.78
C VAL B 557 -31.99 -53.75 19.10
N ARG B 558 -32.53 -54.85 18.58
CA ARG B 558 -33.95 -55.15 18.77
C ARG B 558 -34.25 -55.45 20.23
N ASN B 559 -33.36 -56.18 20.91
CA ASN B 559 -33.53 -56.54 22.30
C ASN B 559 -33.40 -55.35 23.23
N HIS B 560 -32.85 -54.25 22.75
CA HIS B 560 -32.63 -53.11 23.61
C HIS B 560 -33.97 -52.48 24.02
N PRO B 561 -34.24 -52.35 25.31
CA PRO B 561 -35.42 -51.61 25.77
C PRO B 561 -35.14 -50.11 25.80
N GLY B 562 -35.79 -49.38 24.90
CA GLY B 562 -35.58 -47.95 24.81
C GLY B 562 -35.66 -47.42 23.41
N LEU B 563 -35.02 -46.28 23.13
CA LEU B 563 -35.03 -45.67 21.81
C LEU B 563 -33.60 -45.41 21.36
N LEU B 564 -33.34 -45.64 20.07
CA LEU B 564 -32.01 -45.49 19.50
C LEU B 564 -32.01 -44.31 18.52
N LEU B 565 -30.94 -43.53 18.55
CA LEU B 565 -30.85 -42.28 17.79
C LEU B 565 -29.63 -42.26 16.89
N MET B 566 -29.76 -41.58 15.75
CA MET B 566 -28.63 -41.26 14.88
C MET B 566 -28.61 -39.77 14.64
N ASP B 567 -27.44 -39.16 14.79
CA ASP B 567 -27.23 -37.78 14.35
C ASP B 567 -26.71 -37.77 12.92
N THR B 568 -27.28 -36.88 12.11
CA THR B 568 -26.90 -36.73 10.72
C THR B 568 -26.25 -35.38 10.47
N THR B 569 -25.73 -34.77 11.53
CA THR B 569 -25.08 -33.47 11.43
C THR B 569 -23.76 -33.56 10.70
N PHE B 570 -23.30 -34.77 10.38
CA PHE B 570 -22.08 -34.95 9.61
C PHE B 570 -22.33 -35.20 8.14
N ARG B 571 -23.54 -35.61 7.75
CA ARG B 571 -23.87 -35.77 6.34
C ARG B 571 -25.01 -34.88 5.90
N ASP B 572 -26.16 -34.95 6.56
CA ASP B 572 -27.37 -34.28 6.06
C ASP B 572 -27.44 -32.80 6.42
N ALA B 573 -27.06 -32.44 7.66
CA ALA B 573 -27.27 -31.08 8.12
C ALA B 573 -26.55 -30.06 7.25
N HIS B 574 -25.53 -30.48 6.49
CA HIS B 574 -24.90 -29.58 5.55
C HIS B 574 -25.92 -29.17 4.51
N GLN B 575 -26.31 -30.11 3.64
CA GLN B 575 -27.18 -29.80 2.53
C GLN B 575 -28.55 -29.33 2.96
N SER B 576 -29.02 -29.75 4.14
CA SER B 576 -30.27 -29.20 4.63
C SER B 576 -30.17 -27.70 4.87
N LEU B 577 -29.07 -27.25 5.46
CA LEU B 577 -28.95 -25.85 5.87
C LEU B 577 -27.86 -25.10 5.15
N LEU B 578 -26.82 -25.78 4.70
CA LEU B 578 -25.72 -25.21 3.94
C LEU B 578 -25.72 -25.86 2.56
N ALA B 579 -24.67 -25.59 1.79
CA ALA B 579 -24.52 -26.18 0.47
C ALA B 579 -23.53 -27.34 0.46
N THR B 580 -23.46 -28.10 1.55
CA THR B 580 -22.49 -29.18 1.70
C THR B 580 -21.07 -28.68 1.41
N ARG B 581 -20.68 -27.66 2.16
CA ARG B 581 -19.42 -26.97 1.94
C ARG B 581 -18.56 -27.02 3.19
N VAL B 582 -18.94 -27.85 4.16
CA VAL B 582 -18.23 -27.95 5.43
C VAL B 582 -16.90 -28.63 5.17
N ARG B 583 -15.82 -28.01 5.64
CA ARG B 583 -14.49 -28.55 5.40
C ARG B 583 -14.30 -29.84 6.19
N THR B 584 -13.25 -30.58 5.83
CA THR B 584 -12.84 -31.70 6.65
C THR B 584 -12.12 -31.23 7.91
N HIS B 585 -11.35 -30.16 7.80
CA HIS B 585 -10.56 -29.68 8.94
C HIS B 585 -11.45 -29.27 10.11
N ASP B 586 -12.42 -28.39 9.86
CA ASP B 586 -13.28 -27.93 10.93
C ASP B 586 -14.18 -29.05 11.45
N LEU B 587 -14.62 -29.94 10.57
CA LEU B 587 -15.32 -31.14 10.99
C LEU B 587 -14.48 -31.98 11.94
N LYS B 588 -13.16 -31.97 11.77
CA LYS B 588 -12.26 -32.83 12.52
C LYS B 588 -11.92 -32.25 13.89
N LYS B 589 -12.74 -31.31 14.38
CA LYS B 589 -12.52 -30.69 15.67
C LYS B 589 -13.52 -31.15 16.72
N ILE B 590 -14.39 -32.11 16.40
CA ILE B 590 -15.30 -32.68 17.40
C ILE B 590 -15.16 -34.19 17.51
N ALA B 591 -14.50 -34.85 16.57
CA ALA B 591 -14.53 -36.32 16.51
C ALA B 591 -14.14 -37.02 17.81
N PRO B 592 -13.03 -36.69 18.47
CA PRO B 592 -12.75 -37.34 19.77
C PRO B 592 -13.80 -37.02 20.82
N TYR B 593 -14.37 -35.82 20.78
CA TYR B 593 -15.44 -35.48 21.72
C TYR B 593 -16.64 -36.40 21.57
N VAL B 594 -17.08 -36.63 20.33
CA VAL B 594 -18.19 -37.54 20.12
C VAL B 594 -17.80 -38.96 20.51
N ALA B 595 -16.58 -39.37 20.18
CA ALA B 595 -16.09 -40.68 20.58
C ALA B 595 -16.08 -40.87 22.08
N HIS B 596 -15.85 -39.81 22.83
CA HIS B 596 -15.73 -39.87 24.28
C HIS B 596 -17.06 -39.73 25.00
N ASN B 597 -17.80 -38.65 24.76
CA ASN B 597 -19.02 -38.37 25.51
C ASN B 597 -20.22 -39.11 24.94
N PHE B 598 -20.48 -38.95 23.65
CA PHE B 598 -21.68 -39.50 23.04
C PHE B 598 -21.36 -40.91 22.55
N SER B 599 -21.33 -41.85 23.51
CA SER B 599 -21.25 -43.27 23.19
C SER B 599 -22.59 -43.95 23.22
N LYS B 600 -23.64 -43.31 23.72
CA LYS B 600 -24.96 -43.90 23.77
C LYS B 600 -25.65 -43.93 22.43
N LEU B 601 -25.17 -43.15 21.46
CA LEU B 601 -25.83 -43.10 20.17
C LEU B 601 -25.67 -44.41 19.43
N PHE B 602 -26.74 -44.82 18.75
CA PHE B 602 -26.70 -46.03 17.94
C PHE B 602 -25.61 -45.96 16.89
N SER B 603 -25.59 -44.89 16.09
CA SER B 603 -24.61 -44.80 15.03
C SER B 603 -24.63 -43.39 14.47
N MET B 604 -23.80 -43.15 13.48
CA MET B 604 -23.59 -41.82 12.93
C MET B 604 -23.21 -41.94 11.46
N GLU B 605 -23.64 -40.97 10.65
CA GLU B 605 -23.58 -41.09 9.19
C GLU B 605 -22.49 -40.19 8.61
N ASN B 606 -21.79 -40.70 7.59
CA ASN B 606 -20.65 -40.00 7.01
C ASN B 606 -20.90 -39.53 5.58
N TRP B 607 -21.22 -40.44 4.68
CA TRP B 607 -21.18 -40.14 3.25
C TRP B 607 -22.54 -39.80 2.67
N GLY B 608 -22.50 -38.97 1.63
CA GLY B 608 -23.62 -38.77 0.74
C GLY B 608 -23.06 -38.44 -0.64
N GLY B 609 -23.94 -38.58 -1.63
CA GLY B 609 -23.51 -38.31 -2.99
C GLY B 609 -23.05 -36.88 -3.20
N ALA B 610 -23.78 -35.92 -2.64
CA ALA B 610 -23.37 -34.52 -2.73
C ALA B 610 -22.05 -34.30 -2.01
N THR B 611 -21.83 -35.00 -0.90
CA THR B 611 -20.56 -34.88 -0.19
C THR B 611 -19.40 -35.25 -1.08
N PHE B 612 -19.48 -36.42 -1.73
CA PHE B 612 -18.43 -36.86 -2.63
C PHE B 612 -18.27 -35.87 -3.79
N ASP B 613 -19.38 -35.45 -4.38
CA ASP B 613 -19.32 -34.57 -5.54
C ASP B 613 -18.63 -33.25 -5.21
N VAL B 614 -19.03 -32.61 -4.10
CA VAL B 614 -18.42 -31.35 -3.75
C VAL B 614 -16.99 -31.54 -3.29
N ALA B 615 -16.69 -32.65 -2.61
CA ALA B 615 -15.32 -32.90 -2.18
C ALA B 615 -14.43 -33.25 -3.34
N MET B 616 -15.01 -33.48 -4.52
CA MET B 616 -14.19 -33.69 -5.69
C MET B 616 -14.06 -32.41 -6.50
N ARG B 617 -15.18 -31.69 -6.67
CA ARG B 617 -15.22 -30.50 -7.50
C ARG B 617 -14.74 -29.26 -6.76
N PHE B 618 -15.47 -28.87 -5.72
CA PHE B 618 -15.30 -27.56 -5.09
C PHE B 618 -14.29 -27.59 -3.96
N LEU B 619 -14.52 -28.43 -2.95
CA LEU B 619 -13.55 -28.64 -1.90
C LEU B 619 -12.55 -29.66 -2.41
N TYR B 620 -11.41 -29.18 -2.90
CA TYR B 620 -10.44 -30.03 -3.58
C TYR B 620 -9.81 -30.95 -2.55
N GLU B 621 -10.48 -32.06 -2.28
CA GLU B 621 -10.07 -32.97 -1.22
C GLU B 621 -10.14 -34.40 -1.74
N CYS B 622 -9.54 -35.31 -0.97
CA CYS B 622 -9.57 -36.73 -1.27
C CYS B 622 -10.59 -37.42 -0.38
N PRO B 623 -11.69 -37.93 -0.92
CA PRO B 623 -12.73 -38.54 -0.06
C PRO B 623 -12.22 -39.73 0.73
N TRP B 624 -11.30 -40.50 0.15
CA TRP B 624 -10.73 -41.62 0.89
C TRP B 624 -9.96 -41.11 2.09
N ARG B 625 -9.24 -40.01 1.93
CA ARG B 625 -8.67 -39.34 3.09
C ARG B 625 -9.77 -38.89 4.04
N ARG B 626 -10.91 -38.47 3.49
CA ARG B 626 -12.00 -38.03 4.37
C ARG B 626 -12.46 -39.17 5.28
N LEU B 627 -12.57 -40.38 4.75
CA LEU B 627 -12.83 -41.49 5.65
C LEU B 627 -11.64 -41.76 6.56
N GLN B 628 -10.42 -41.52 6.07
CA GLN B 628 -9.24 -41.96 6.78
C GLN B 628 -8.99 -41.16 8.06
N GLU B 629 -9.06 -39.82 8.00
CA GLU B 629 -8.95 -39.08 9.26
C GLU B 629 -10.17 -39.26 10.15
N LEU B 630 -11.25 -39.85 9.64
CA LEU B 630 -12.40 -40.10 10.50
C LEU B 630 -12.37 -41.47 11.15
N ARG B 631 -11.60 -42.41 10.60
CA ARG B 631 -11.63 -43.78 11.11
C ARG B 631 -11.05 -43.88 12.51
N GLU B 632 -9.93 -43.20 12.77
CA GLU B 632 -9.18 -43.41 14.00
C GLU B 632 -9.51 -42.39 15.08
N LEU B 633 -10.42 -41.46 14.83
CA LEU B 633 -10.82 -40.51 15.84
C LEU B 633 -12.01 -40.98 16.67
N ILE B 634 -12.83 -41.88 16.14
CA ILE B 634 -14.00 -42.37 16.87
C ILE B 634 -13.99 -43.90 16.86
N PRO B 635 -13.18 -44.55 17.68
CA PRO B 635 -13.31 -46.00 17.83
C PRO B 635 -14.39 -46.36 18.84
N ASN B 636 -15.55 -45.75 18.68
CA ASN B 636 -16.66 -45.91 19.60
C ASN B 636 -17.99 -46.18 18.91
N ILE B 637 -18.27 -45.53 17.80
CA ILE B 637 -19.61 -45.45 17.22
C ILE B 637 -19.55 -45.90 15.77
N PRO B 638 -20.52 -46.67 15.28
CA PRO B 638 -20.47 -47.11 13.88
C PRO B 638 -20.86 -46.01 12.90
N PHE B 639 -20.53 -46.27 11.63
CA PHE B 639 -20.73 -45.31 10.56
C PHE B 639 -21.77 -45.80 9.57
N GLN B 640 -22.45 -44.84 8.93
CA GLN B 640 -23.47 -45.11 7.93
C GLN B 640 -23.14 -44.40 6.63
N MET B 641 -23.32 -45.07 5.50
CA MET B 641 -23.26 -44.41 4.20
C MET B 641 -24.51 -44.74 3.40
N LEU B 642 -25.08 -43.73 2.76
CA LEU B 642 -26.26 -43.91 1.92
C LEU B 642 -25.78 -44.33 0.53
N LEU B 643 -25.87 -45.63 0.26
CA LEU B 643 -25.49 -46.20 -1.02
C LEU B 643 -26.72 -46.33 -1.92
N ARG B 644 -26.53 -46.01 -3.20
CA ARG B 644 -27.59 -46.09 -4.19
C ARG B 644 -27.39 -47.33 -5.06
N GLY B 645 -28.51 -47.97 -5.39
CA GLY B 645 -28.48 -49.30 -5.97
C GLY B 645 -27.79 -49.44 -7.30
N ALA B 646 -28.43 -48.98 -8.38
CA ALA B 646 -27.86 -49.14 -9.71
C ALA B 646 -26.70 -48.18 -9.92
N ASN B 647 -26.98 -46.89 -9.87
CA ASN B 647 -25.94 -45.88 -9.89
C ASN B 647 -25.32 -45.78 -8.49
N ALA B 648 -24.00 -46.01 -8.43
CA ALA B 648 -23.33 -45.99 -7.13
C ALA B 648 -23.39 -44.61 -6.50
N VAL B 649 -22.66 -43.65 -7.07
CA VAL B 649 -22.67 -42.27 -6.57
C VAL B 649 -22.92 -41.26 -7.67
N GLY B 650 -22.57 -41.57 -8.92
CA GLY B 650 -22.83 -40.68 -10.03
C GLY B 650 -24.29 -40.67 -10.39
N TYR B 651 -24.66 -39.73 -11.27
CA TYR B 651 -26.04 -39.56 -11.67
C TYR B 651 -26.59 -40.70 -12.52
N THR B 652 -25.74 -41.55 -13.10
CA THR B 652 -26.18 -42.53 -14.07
C THR B 652 -25.70 -43.92 -13.71
N ASN B 653 -26.33 -44.92 -14.31
CA ASN B 653 -26.05 -46.31 -14.01
C ASN B 653 -24.62 -46.67 -14.38
N TYR B 654 -24.03 -47.57 -13.61
CA TYR B 654 -22.64 -47.96 -13.73
C TYR B 654 -22.56 -49.47 -13.85
N PRO B 655 -21.45 -50.00 -14.37
CA PRO B 655 -21.30 -51.45 -14.47
C PRO B 655 -21.26 -52.13 -13.11
N ASP B 656 -21.66 -53.40 -13.09
CA ASP B 656 -21.80 -54.15 -11.85
C ASP B 656 -20.48 -54.26 -11.09
N ASN B 657 -19.42 -54.69 -11.76
CA ASN B 657 -18.15 -54.93 -11.10
C ASN B 657 -17.62 -53.66 -10.46
N VAL B 658 -17.93 -52.50 -11.06
CA VAL B 658 -17.54 -51.23 -10.48
C VAL B 658 -18.11 -51.09 -9.08
N VAL B 659 -19.42 -51.32 -8.93
CA VAL B 659 -20.05 -51.18 -7.63
C VAL B 659 -19.57 -52.27 -6.69
N PHE B 660 -19.31 -53.47 -7.22
CA PHE B 660 -18.77 -54.54 -6.38
C PHE B 660 -17.46 -54.11 -5.74
N LYS B 661 -16.52 -53.64 -6.55
CA LYS B 661 -15.22 -53.22 -6.01
C LYS B 661 -15.36 -51.99 -5.12
N PHE B 662 -16.27 -51.09 -5.47
CA PHE B 662 -16.51 -49.91 -4.63
C PHE B 662 -16.96 -50.32 -3.24
N CYS B 663 -17.93 -51.23 -3.15
CA CYS B 663 -18.41 -51.69 -1.86
C CYS B 663 -17.31 -52.44 -1.10
N GLU B 664 -16.55 -53.27 -1.82
CA GLU B 664 -15.48 -54.01 -1.16
C GLU B 664 -14.44 -53.09 -0.54
N VAL B 665 -13.97 -52.11 -1.33
CA VAL B 665 -12.99 -51.16 -0.82
C VAL B 665 -13.56 -50.37 0.33
N ALA B 666 -14.81 -49.90 0.19
CA ALA B 666 -15.43 -49.13 1.26
C ALA B 666 -15.48 -49.92 2.55
N LYS B 667 -15.96 -51.16 2.50
CA LYS B 667 -16.08 -51.95 3.72
C LYS B 667 -14.72 -52.26 4.32
N GLU B 668 -13.76 -52.69 3.49
CA GLU B 668 -12.44 -53.00 4.02
C GLU B 668 -11.75 -51.77 4.58
N ASN B 669 -12.18 -50.58 4.16
CA ASN B 669 -11.64 -49.35 4.74
C ASN B 669 -12.07 -49.18 6.19
N GLY B 670 -13.03 -49.99 6.65
CA GLY B 670 -13.49 -49.89 8.02
C GLY B 670 -14.93 -49.42 8.08
N MET B 671 -15.56 -49.29 6.92
CA MET B 671 -16.95 -48.84 6.86
C MET B 671 -17.86 -49.84 7.56
N ASP B 672 -18.99 -49.34 8.05
CA ASP B 672 -19.86 -50.16 8.88
C ASP B 672 -21.21 -50.48 8.22
N VAL B 673 -21.99 -49.47 7.84
CA VAL B 673 -23.39 -49.67 7.55
C VAL B 673 -23.75 -49.17 6.15
N PHE B 674 -24.50 -50.01 5.43
CA PHE B 674 -24.92 -49.79 4.06
C PHE B 674 -26.41 -49.46 4.07
N ARG B 675 -26.75 -48.19 3.83
CA ARG B 675 -28.16 -47.84 3.63
C ARG B 675 -28.42 -47.89 2.13
N VAL B 676 -28.98 -49.00 1.67
CA VAL B 676 -29.17 -49.24 0.24
C VAL B 676 -30.53 -48.70 -0.17
N PHE B 677 -30.54 -47.78 -1.13
CA PHE B 677 -31.77 -47.15 -1.56
C PHE B 677 -31.66 -46.74 -3.02
N ASP B 678 -32.80 -46.56 -3.67
CA ASP B 678 -32.86 -46.32 -5.11
C ASP B 678 -33.75 -45.11 -5.40
N SER B 679 -33.50 -44.51 -6.57
CA SER B 679 -34.31 -43.38 -7.02
C SER B 679 -35.79 -43.75 -7.09
N LEU B 680 -36.09 -44.83 -7.79
CA LEU B 680 -37.43 -45.36 -7.87
C LEU B 680 -37.47 -46.68 -7.09
N ASN B 681 -38.59 -47.37 -7.13
CA ASN B 681 -38.74 -48.64 -6.42
C ASN B 681 -38.42 -49.79 -7.35
N TYR B 682 -37.47 -49.59 -8.26
CA TYR B 682 -37.10 -50.60 -9.24
C TYR B 682 -36.44 -51.78 -8.53
N LEU B 683 -37.17 -52.90 -8.46
CA LEU B 683 -36.73 -54.03 -7.64
C LEU B 683 -35.35 -54.56 -8.02
N PRO B 684 -34.98 -54.72 -9.29
CA PRO B 684 -33.61 -55.16 -9.59
C PRO B 684 -32.54 -54.22 -9.06
N ASN B 685 -32.86 -52.94 -8.89
CA ASN B 685 -31.87 -52.01 -8.34
C ASN B 685 -31.51 -52.38 -6.91
N MET B 686 -32.51 -52.53 -6.04
CA MET B 686 -32.23 -52.98 -4.68
C MET B 686 -31.71 -54.41 -4.68
N LEU B 687 -32.09 -55.20 -5.67
CA LEU B 687 -31.52 -56.55 -5.81
C LEU B 687 -30.01 -56.48 -5.93
N LEU B 688 -29.52 -55.67 -6.86
CA LEU B 688 -28.09 -55.51 -7.06
C LEU B 688 -27.43 -54.88 -5.83
N GLY B 689 -28.10 -53.89 -5.23
CA GLY B 689 -27.55 -53.28 -4.03
C GLY B 689 -27.36 -54.28 -2.91
N MET B 690 -28.35 -55.13 -2.70
CA MET B 690 -28.27 -56.15 -1.66
C MET B 690 -27.21 -57.19 -2.01
N GLU B 691 -27.10 -57.56 -3.29
CA GLU B 691 -26.04 -58.47 -3.70
C GLU B 691 -24.68 -57.91 -3.34
N ALA B 692 -24.45 -56.63 -3.64
CA ALA B 692 -23.18 -56.01 -3.32
C ALA B 692 -22.95 -55.95 -1.81
N ALA B 693 -23.99 -55.58 -1.05
CA ALA B 693 -23.83 -55.46 0.40
C ALA B 693 -23.51 -56.80 1.03
N GLY B 694 -24.20 -57.86 0.60
CA GLY B 694 -23.91 -59.19 1.12
C GLY B 694 -22.55 -59.69 0.70
N SER B 695 -22.14 -59.39 -0.54
CA SER B 695 -20.81 -59.79 -0.99
C SER B 695 -19.74 -59.13 -0.16
N ALA B 696 -19.87 -57.83 0.10
CA ALA B 696 -18.91 -57.15 0.97
C ALA B 696 -19.03 -57.64 2.41
N GLY B 697 -20.26 -57.75 2.92
CA GLY B 697 -20.47 -58.27 4.25
C GLY B 697 -20.52 -57.17 5.30
N GLY B 698 -21.71 -56.87 5.80
CA GLY B 698 -21.84 -55.82 6.78
C GLY B 698 -23.30 -55.59 7.10
N VAL B 699 -23.54 -54.59 7.96
CA VAL B 699 -24.90 -54.25 8.37
C VAL B 699 -25.61 -53.54 7.22
N VAL B 700 -26.79 -54.03 6.88
CA VAL B 700 -27.50 -53.60 5.68
C VAL B 700 -28.87 -53.07 6.11
N GLU B 701 -29.21 -51.88 5.62
CA GLU B 701 -30.52 -51.26 5.82
C GLU B 701 -31.09 -50.93 4.45
N ALA B 702 -32.01 -51.76 3.98
CA ALA B 702 -32.69 -51.47 2.73
C ALA B 702 -33.81 -50.46 3.00
N ALA B 703 -33.90 -49.44 2.14
CA ALA B 703 -34.80 -48.33 2.38
C ALA B 703 -35.85 -48.24 1.30
N ILE B 704 -37.01 -47.68 1.67
CA ILE B 704 -38.12 -47.42 0.75
C ILE B 704 -38.65 -46.02 1.05
N SER B 705 -38.94 -45.26 -0.01
CA SER B 705 -39.34 -43.87 0.15
C SER B 705 -40.79 -43.76 0.57
N TYR B 706 -41.19 -42.54 0.91
CA TYR B 706 -42.56 -42.20 1.26
C TYR B 706 -42.88 -40.82 0.71
N THR B 707 -44.06 -40.68 0.11
CA THR B 707 -44.53 -39.39 -0.39
C THR B 707 -46.04 -39.36 -0.34
N GLY B 708 -46.60 -38.18 -0.12
CA GLY B 708 -48.04 -38.02 -0.07
C GLY B 708 -48.61 -38.57 1.22
N ASP B 709 -49.95 -38.61 1.27
CA ASP B 709 -50.66 -39.14 2.42
C ASP B 709 -51.11 -40.56 2.16
N VAL B 710 -50.78 -41.45 3.10
CA VAL B 710 -51.26 -42.82 3.08
C VAL B 710 -52.55 -42.98 3.88
N ALA B 711 -52.87 -42.01 4.74
CA ALA B 711 -54.11 -42.01 5.52
C ALA B 711 -55.26 -41.30 4.83
N ASP B 712 -54.99 -40.54 3.78
CA ASP B 712 -56.05 -39.87 3.04
C ASP B 712 -56.72 -40.88 2.11
N PRO B 713 -58.00 -41.19 2.27
CA PRO B 713 -58.65 -42.12 1.35
C PRO B 713 -58.71 -41.61 -0.07
N SER B 714 -58.66 -40.29 -0.25
CA SER B 714 -58.62 -39.74 -1.60
C SER B 714 -57.34 -40.15 -2.32
N ARG B 715 -56.31 -40.55 -1.57
CA ARG B 715 -55.12 -41.12 -2.18
C ARG B 715 -55.36 -42.57 -2.56
N THR B 716 -54.99 -42.91 -3.79
CA THR B 716 -55.09 -44.27 -4.30
C THR B 716 -53.81 -44.78 -4.95
N LYS B 717 -53.03 -43.89 -5.55
CA LYS B 717 -51.78 -44.31 -6.19
C LYS B 717 -50.82 -44.94 -5.18
N TYR B 718 -50.74 -44.36 -3.99
CA TYR B 718 -49.85 -44.85 -2.94
C TYR B 718 -50.65 -45.00 -1.66
N SER B 719 -51.24 -46.18 -1.48
CA SER B 719 -51.94 -46.50 -0.24
C SER B 719 -51.06 -47.43 0.59
N LEU B 720 -51.62 -47.87 1.73
CA LEU B 720 -50.87 -48.73 2.63
C LEU B 720 -50.49 -50.04 1.95
N GLN B 721 -51.40 -50.61 1.16
CA GLN B 721 -51.19 -51.95 0.64
C GLN B 721 -50.10 -52.00 -0.42
N TYR B 722 -49.94 -50.92 -1.20
CA TYR B 722 -48.80 -50.84 -2.10
C TYR B 722 -47.50 -50.95 -1.32
N TYR B 723 -47.39 -50.18 -0.24
CA TYR B 723 -46.23 -50.27 0.63
C TYR B 723 -46.09 -51.68 1.20
N MET B 724 -47.20 -52.31 1.56
CA MET B 724 -47.17 -53.64 2.14
C MET B 724 -46.62 -54.67 1.16
N GLY B 725 -47.07 -54.61 -0.10
CA GLY B 725 -46.56 -55.52 -1.10
C GLY B 725 -45.08 -55.31 -1.35
N LEU B 726 -44.66 -54.05 -1.44
CA LEU B 726 -43.24 -53.76 -1.59
C LEU B 726 -42.44 -54.33 -0.41
N ALA B 727 -42.95 -54.14 0.81
CA ALA B 727 -42.23 -54.59 1.99
C ALA B 727 -42.14 -56.11 2.04
N GLU B 728 -43.21 -56.80 1.68
CA GLU B 728 -43.16 -58.26 1.70
C GLU B 728 -42.19 -58.77 0.64
N GLU B 729 -42.16 -58.13 -0.52
CA GLU B 729 -41.15 -58.53 -1.51
C GLU B 729 -39.75 -58.33 -0.96
N LEU B 730 -39.51 -57.18 -0.30
CA LEU B 730 -38.19 -56.90 0.24
C LEU B 730 -37.80 -57.93 1.29
N VAL B 731 -38.72 -58.27 2.18
CA VAL B 731 -38.40 -59.23 3.24
C VAL B 731 -38.22 -60.62 2.66
N ARG B 732 -38.87 -60.93 1.54
CA ARG B 732 -38.62 -62.22 0.90
C ARG B 732 -37.26 -62.23 0.21
N ALA B 733 -36.80 -61.07 -0.25
CA ALA B 733 -35.45 -61.00 -0.82
C ALA B 733 -34.39 -61.32 0.22
N GLY B 734 -34.49 -60.72 1.41
CA GLY B 734 -33.51 -60.95 2.46
C GLY B 734 -32.68 -59.73 2.79
N THR B 735 -32.90 -59.14 3.97
CA THR B 735 -32.23 -57.92 4.40
C THR B 735 -31.72 -58.09 5.82
N HIS B 736 -31.41 -56.97 6.46
CA HIS B 736 -31.13 -56.94 7.88
C HIS B 736 -31.91 -55.86 8.62
N ILE B 737 -32.07 -54.68 8.03
CA ILE B 737 -32.88 -53.61 8.61
C ILE B 737 -33.68 -52.97 7.49
N LEU B 738 -34.88 -52.49 7.81
CA LEU B 738 -35.74 -51.82 6.84
C LEU B 738 -35.90 -50.36 7.23
N CYS B 739 -35.90 -49.48 6.25
CA CYS B 739 -35.88 -48.04 6.49
C CYS B 739 -36.96 -47.35 5.66
N ILE B 740 -37.50 -46.27 6.21
CA ILE B 740 -38.54 -45.47 5.57
C ILE B 740 -38.01 -44.06 5.39
N LYS B 741 -38.00 -43.59 4.14
CA LYS B 741 -37.42 -42.30 3.80
C LYS B 741 -38.51 -41.28 3.49
N ASP B 742 -38.36 -40.08 4.04
CA ASP B 742 -39.26 -38.95 3.76
C ASP B 742 -38.41 -37.67 3.66
N MET B 743 -38.20 -37.22 2.43
CA MET B 743 -37.48 -35.97 2.22
C MET B 743 -38.30 -34.78 2.68
N ALA B 744 -39.59 -34.75 2.34
CA ALA B 744 -40.39 -33.56 2.61
C ALA B 744 -41.01 -33.58 4.01
N GLY B 745 -41.00 -34.72 4.68
CA GLY B 745 -41.57 -34.80 6.02
C GLY B 745 -43.08 -34.84 6.00
N LEU B 746 -43.64 -35.82 5.31
CA LEU B 746 -45.09 -35.92 5.13
C LEU B 746 -45.70 -37.06 5.94
N LEU B 747 -45.06 -37.47 7.04
CA LEU B 747 -45.66 -38.45 7.94
C LEU B 747 -46.52 -37.70 8.95
N LYS B 748 -47.82 -37.69 8.73
CA LYS B 748 -48.73 -37.18 9.73
C LYS B 748 -48.77 -38.15 10.91
N PRO B 749 -49.09 -37.66 12.11
CA PRO B 749 -49.16 -38.56 13.26
C PRO B 749 -50.11 -39.73 13.05
N THR B 750 -51.25 -39.49 12.40
CA THR B 750 -52.13 -40.60 12.07
C THR B 750 -51.45 -41.55 11.10
N ALA B 751 -50.88 -41.01 10.01
CA ALA B 751 -50.14 -41.85 9.07
C ALA B 751 -48.96 -42.50 9.75
N CYS B 752 -48.22 -41.74 10.56
CA CYS B 752 -47.19 -42.31 11.43
C CYS B 752 -47.65 -43.58 12.13
N THR B 753 -48.66 -43.45 13.00
CA THR B 753 -49.02 -44.58 13.85
C THR B 753 -49.57 -45.73 13.03
N MET B 754 -50.39 -45.43 12.02
CA MET B 754 -50.99 -46.48 11.21
C MET B 754 -49.90 -47.25 10.47
N LEU B 755 -49.00 -46.54 9.80
CA LEU B 755 -47.95 -47.20 9.02
C LEU B 755 -47.03 -48.00 9.91
N VAL B 756 -46.60 -47.41 11.04
CA VAL B 756 -45.65 -48.11 11.90
C VAL B 756 -46.28 -49.36 12.50
N SER B 757 -47.53 -49.25 12.99
CA SER B 757 -48.20 -50.43 13.51
C SER B 757 -48.37 -51.48 12.44
N SER B 758 -48.77 -51.07 11.23
CA SER B 758 -48.97 -52.01 10.14
C SER B 758 -47.70 -52.78 9.84
N LEU B 759 -46.57 -52.07 9.73
CA LEU B 759 -45.31 -52.76 9.47
C LEU B 759 -44.93 -53.68 10.62
N ARG B 760 -45.08 -53.20 11.85
CA ARG B 760 -44.76 -54.02 13.01
C ARG B 760 -45.68 -55.23 13.13
N ASP B 761 -46.81 -55.25 12.43
CA ASP B 761 -47.78 -56.31 12.62
C ASP B 761 -47.20 -57.67 12.31
N ARG B 762 -46.55 -57.83 11.15
CA ARG B 762 -46.08 -59.15 10.75
C ARG B 762 -44.59 -59.30 10.93
N PHE B 763 -43.94 -58.33 11.57
CA PHE B 763 -42.49 -58.37 11.79
C PHE B 763 -42.15 -57.69 13.10
N PRO B 764 -42.53 -58.28 14.23
CA PRO B 764 -42.04 -57.76 15.51
C PRO B 764 -40.68 -58.33 15.86
N ASP B 765 -39.85 -58.48 14.85
CA ASP B 765 -38.48 -58.96 14.96
C ASP B 765 -37.47 -58.15 14.16
N LEU B 766 -37.82 -57.71 12.95
CA LEU B 766 -36.85 -57.02 12.11
C LEU B 766 -36.64 -55.59 12.61
N PRO B 767 -35.44 -55.05 12.48
CA PRO B 767 -35.22 -53.65 12.86
C PRO B 767 -35.82 -52.67 11.86
N LEU B 768 -36.42 -51.61 12.41
CA LEU B 768 -37.09 -50.58 11.63
C LEU B 768 -36.41 -49.23 11.82
N HIS B 769 -36.29 -48.47 10.74
CA HIS B 769 -35.68 -47.16 10.75
C HIS B 769 -36.56 -46.16 10.05
N ILE B 770 -36.54 -44.94 10.55
CA ILE B 770 -37.26 -43.82 9.97
C ILE B 770 -36.30 -42.66 9.78
N HIS B 771 -36.37 -42.01 8.62
CA HIS B 771 -35.56 -40.83 8.37
C HIS B 771 -36.45 -39.80 7.68
N THR B 772 -36.71 -38.69 8.37
CA THR B 772 -37.54 -37.61 7.86
C THR B 772 -36.83 -36.27 8.05
N HIS B 773 -37.48 -35.22 7.57
CA HIS B 773 -36.93 -33.86 7.66
C HIS B 773 -37.97 -32.94 8.26
N ASP B 774 -37.55 -32.14 9.25
CA ASP B 774 -38.43 -31.15 9.87
C ASP B 774 -38.60 -29.98 8.89
N THR B 775 -39.41 -30.23 7.87
CA THR B 775 -39.70 -29.24 6.85
C THR B 775 -40.99 -28.48 7.14
N SER B 776 -42.07 -29.21 7.45
CA SER B 776 -43.33 -28.56 7.76
C SER B 776 -43.26 -27.79 9.08
N GLY B 777 -42.70 -28.39 10.12
CA GLY B 777 -42.59 -27.76 11.41
C GLY B 777 -43.10 -28.60 12.57
N ALA B 778 -43.96 -29.58 12.33
CA ALA B 778 -44.49 -30.43 13.39
C ALA B 778 -43.85 -31.82 13.37
N GLY B 779 -42.65 -31.92 12.82
CA GLY B 779 -42.02 -33.22 12.69
C GLY B 779 -41.74 -33.88 14.03
N VAL B 780 -41.60 -33.07 15.08
CA VAL B 780 -41.37 -33.62 16.40
C VAL B 780 -42.57 -34.45 16.86
N ALA B 781 -43.78 -33.96 16.62
CA ALA B 781 -44.97 -34.70 17.03
C ALA B 781 -45.07 -36.03 16.28
N ALA B 782 -44.85 -36.00 14.97
CA ALA B 782 -44.92 -37.23 14.19
C ALA B 782 -43.85 -38.21 14.61
N MET B 783 -42.64 -37.71 14.87
CA MET B 783 -41.58 -38.59 15.31
C MET B 783 -41.91 -39.22 16.66
N LEU B 784 -42.49 -38.44 17.56
CA LEU B 784 -42.91 -38.98 18.85
C LEU B 784 -43.95 -40.07 18.67
N ALA B 785 -44.93 -39.84 17.79
CA ALA B 785 -45.96 -40.84 17.57
C ALA B 785 -45.36 -42.13 17.00
N CYS B 786 -44.46 -41.99 16.03
CA CYS B 786 -43.81 -43.17 15.45
C CYS B 786 -43.03 -43.92 16.52
N ALA B 787 -42.32 -43.19 17.38
CA ALA B 787 -41.56 -43.82 18.45
C ALA B 787 -42.48 -44.57 19.40
N GLN B 788 -43.62 -43.97 19.75
CA GLN B 788 -44.54 -44.64 20.66
C GLN B 788 -45.10 -45.91 20.05
N ALA B 789 -45.48 -45.86 18.78
CA ALA B 789 -46.12 -47.03 18.17
C ALA B 789 -45.19 -48.22 18.09
N GLY B 790 -44.19 -48.17 17.21
CA GLY B 790 -43.28 -49.28 17.05
C GLY B 790 -41.87 -48.95 16.63
N ALA B 791 -41.53 -47.67 16.57
CA ALA B 791 -40.26 -47.28 15.96
C ALA B 791 -39.07 -47.84 16.74
N ASP B 792 -38.00 -48.14 16.01
CA ASP B 792 -36.77 -48.66 16.60
C ASP B 792 -35.65 -47.65 16.57
N VAL B 793 -35.33 -47.09 15.40
CA VAL B 793 -34.23 -46.15 15.25
C VAL B 793 -34.78 -44.84 14.70
N VAL B 794 -34.26 -43.73 15.21
CA VAL B 794 -34.77 -42.39 14.92
C VAL B 794 -33.60 -41.50 14.49
N ASP B 795 -33.81 -40.74 13.41
CA ASP B 795 -32.81 -39.79 12.94
C ASP B 795 -33.12 -38.39 13.50
N VAL B 796 -32.16 -37.82 14.21
CA VAL B 796 -32.31 -36.53 14.88
C VAL B 796 -30.99 -35.78 14.77
N ALA B 797 -31.07 -34.48 14.49
CA ALA B 797 -29.87 -33.68 14.29
C ALA B 797 -29.60 -32.83 15.53
N ALA B 798 -28.45 -32.15 15.52
CA ALA B 798 -28.10 -31.26 16.62
C ALA B 798 -29.00 -30.02 16.59
N ASP B 799 -29.12 -29.39 17.75
CA ASP B 799 -30.10 -28.31 17.91
C ASP B 799 -29.81 -27.14 16.98
N SER B 800 -28.55 -26.75 16.85
CA SER B 800 -28.23 -25.61 16.01
C SER B 800 -28.29 -25.93 14.52
N MET B 801 -28.34 -27.20 14.16
CA MET B 801 -28.46 -27.64 12.77
C MET B 801 -29.80 -28.33 12.58
N SER B 802 -30.84 -27.76 13.15
CA SER B 802 -32.18 -28.34 13.13
C SER B 802 -33.20 -27.30 12.73
N GLY B 803 -34.43 -27.74 12.55
CA GLY B 803 -35.48 -26.83 12.18
C GLY B 803 -35.38 -26.44 10.73
N MET B 804 -36.12 -25.37 10.40
CA MET B 804 -36.09 -24.80 9.06
C MET B 804 -36.49 -25.86 8.04
N THR B 805 -35.48 -26.50 7.44
CA THR B 805 -35.65 -27.69 6.63
C THR B 805 -34.72 -28.81 7.06
N SER B 806 -34.11 -28.71 8.23
CA SER B 806 -33.21 -29.73 8.73
C SER B 806 -34.03 -30.80 9.45
N GLN B 807 -33.38 -31.67 10.16
CA GLN B 807 -34.03 -32.73 10.90
C GLN B 807 -34.40 -32.26 12.29
N PRO B 808 -35.29 -32.98 12.99
CA PRO B 808 -35.69 -32.56 14.33
C PRO B 808 -34.50 -32.39 15.27
N SER B 809 -34.69 -31.53 16.26
CA SER B 809 -33.62 -31.14 17.16
C SER B 809 -33.40 -32.16 18.27
N MET B 810 -32.19 -32.17 18.81
CA MET B 810 -31.89 -32.99 19.97
C MET B 810 -32.73 -32.59 21.17
N GLY B 811 -32.89 -31.27 21.37
CA GLY B 811 -33.47 -30.79 22.61
C GLY B 811 -34.88 -31.29 22.84
N ALA B 812 -35.70 -31.24 21.79
CA ALA B 812 -37.10 -31.64 21.95
C ALA B 812 -37.21 -33.11 22.34
N LEU B 813 -36.52 -33.99 21.60
CA LEU B 813 -36.63 -35.41 21.87
C LEU B 813 -36.07 -35.77 23.24
N VAL B 814 -34.95 -35.15 23.63
CA VAL B 814 -34.37 -35.45 24.93
C VAL B 814 -35.28 -34.94 26.05
N ALA B 815 -35.87 -33.76 25.88
CA ALA B 815 -36.65 -33.17 26.96
C ALA B 815 -37.99 -33.88 27.14
N CYS B 816 -38.66 -34.24 26.04
CA CYS B 816 -39.99 -34.81 26.17
C CYS B 816 -39.95 -36.21 26.76
N THR B 817 -38.86 -36.94 26.55
CA THR B 817 -38.77 -38.33 27.00
C THR B 817 -38.06 -38.41 28.35
N ARG B 818 -38.58 -37.68 29.33
CA ARG B 818 -38.06 -37.74 30.70
C ARG B 818 -38.87 -38.69 31.59
N GLY B 819 -40.16 -38.39 31.77
CA GLY B 819 -41.04 -39.28 32.49
C GLY B 819 -41.76 -40.20 31.53
N THR B 820 -41.02 -40.79 30.61
CA THR B 820 -41.59 -41.60 29.55
C THR B 820 -40.87 -42.92 29.47
N PRO B 821 -41.61 -44.03 29.35
CA PRO B 821 -40.96 -45.35 29.34
C PRO B 821 -39.99 -45.55 28.20
N LEU B 822 -40.06 -44.73 27.14
CA LEU B 822 -39.13 -44.88 26.03
C LEU B 822 -37.69 -44.62 26.47
N ASP B 823 -37.48 -43.58 27.29
CA ASP B 823 -36.23 -43.36 28.01
C ASP B 823 -35.02 -43.33 27.06
N THR B 824 -34.95 -42.23 26.30
CA THR B 824 -33.73 -41.96 25.56
C THR B 824 -32.51 -42.01 26.47
N GLU B 825 -32.59 -41.35 27.62
CA GLU B 825 -31.59 -41.45 28.69
C GLU B 825 -30.19 -41.11 28.18
N VAL B 826 -30.04 -39.85 27.76
CA VAL B 826 -28.76 -39.32 27.30
C VAL B 826 -28.51 -38.01 28.04
N PRO B 827 -27.32 -37.77 28.56
CA PRO B 827 -27.05 -36.50 29.25
C PRO B 827 -27.35 -35.30 28.35
N MET B 828 -28.36 -34.53 28.74
CA MET B 828 -28.80 -33.35 28.02
C MET B 828 -27.84 -32.17 28.18
N GLU B 829 -27.10 -32.13 29.29
CA GLU B 829 -26.10 -31.09 29.47
C GLU B 829 -25.01 -31.18 28.40
N ARG B 830 -24.54 -32.39 28.09
CA ARG B 830 -23.52 -32.54 27.07
C ARG B 830 -24.05 -32.19 25.69
N VAL B 831 -25.30 -32.55 25.41
CA VAL B 831 -25.92 -32.17 24.15
C VAL B 831 -25.99 -30.64 24.05
N PHE B 832 -26.17 -29.96 25.17
CA PHE B 832 -26.19 -28.50 25.15
C PHE B 832 -24.87 -27.93 24.63
N ASP B 833 -23.73 -28.38 25.16
CA ASP B 833 -22.46 -27.86 24.68
C ASP B 833 -22.18 -28.30 23.24
N TYR B 834 -22.58 -29.52 22.90
CA TYR B 834 -22.41 -29.98 21.52
C TYR B 834 -23.17 -29.10 20.56
N SER B 835 -24.37 -28.66 20.95
CA SER B 835 -25.14 -27.73 20.13
C SER B 835 -24.48 -26.36 20.10
N GLU B 836 -23.94 -25.90 21.21
CA GLU B 836 -23.33 -24.57 21.24
C GLU B 836 -22.13 -24.49 20.31
N TYR B 837 -21.32 -25.57 20.26
CA TYR B 837 -20.22 -25.60 19.31
C TYR B 837 -20.70 -25.31 17.90
N TRP B 838 -21.75 -25.98 17.48
CA TRP B 838 -22.24 -25.79 16.11
C TRP B 838 -22.87 -24.42 15.94
N GLU B 839 -23.53 -23.90 16.98
CA GLU B 839 -24.09 -22.56 16.87
C GLU B 839 -22.99 -21.54 16.60
N GLY B 840 -21.87 -21.68 17.29
CA GLY B 840 -20.73 -20.80 17.01
C GLY B 840 -20.12 -21.07 15.64
N ALA B 841 -19.99 -22.35 15.27
CA ALA B 841 -19.19 -22.71 14.10
C ALA B 841 -19.94 -22.43 12.80
N ARG B 842 -21.27 -22.42 12.84
CA ARG B 842 -22.03 -22.23 11.61
C ARG B 842 -21.81 -20.85 11.02
N GLY B 843 -21.38 -19.88 11.83
CA GLY B 843 -21.21 -18.52 11.36
C GLY B 843 -20.08 -18.36 10.36
N LEU B 844 -19.11 -19.27 10.36
CA LEU B 844 -18.01 -19.16 9.41
C LEU B 844 -18.51 -19.29 7.98
N TYR B 845 -19.36 -20.28 7.71
CA TYR B 845 -19.94 -20.46 6.38
C TYR B 845 -21.06 -19.46 6.13
N ALA B 846 -20.73 -18.17 6.16
CA ALA B 846 -21.72 -17.14 5.93
C ALA B 846 -22.24 -17.17 4.49
N ALA B 847 -21.47 -17.78 3.58
CA ALA B 847 -21.87 -17.82 2.18
C ALA B 847 -22.98 -18.84 1.95
N PHE B 848 -23.11 -19.84 2.80
CA PHE B 848 -23.93 -21.02 2.56
C PHE B 848 -24.93 -21.13 3.70
N ASP B 849 -26.18 -20.75 3.45
CA ASP B 849 -27.17 -20.76 4.52
C ASP B 849 -28.57 -20.71 3.92
N CYS B 850 -29.56 -20.92 4.79
CA CYS B 850 -30.96 -20.78 4.39
C CYS B 850 -31.30 -19.35 4.04
N THR B 851 -30.76 -18.39 4.80
CA THR B 851 -30.86 -16.97 4.53
C THR B 851 -32.30 -16.45 4.43
N ALA B 852 -32.47 -15.36 3.66
CA ALA B 852 -33.73 -14.62 3.68
C ALA B 852 -34.85 -15.40 2.99
N THR B 853 -34.50 -16.42 2.21
CA THR B 853 -35.55 -17.26 1.63
C THR B 853 -36.28 -18.02 2.73
N MET B 854 -35.67 -18.16 3.90
CA MET B 854 -36.15 -19.00 4.98
C MET B 854 -36.06 -18.30 6.33
N LYS B 855 -36.61 -17.09 6.45
CA LYS B 855 -36.71 -16.47 7.76
C LYS B 855 -37.46 -17.36 8.74
N SER B 856 -38.56 -17.97 8.29
CA SER B 856 -39.38 -18.82 9.13
C SER B 856 -39.68 -20.12 8.40
N GLY B 857 -39.93 -21.17 9.17
CA GLY B 857 -40.27 -22.47 8.61
C GLY B 857 -41.54 -22.38 7.78
N ASN B 858 -41.44 -22.74 6.51
CA ASN B 858 -42.55 -22.61 5.58
C ASN B 858 -43.41 -23.87 5.60
N SER B 859 -44.72 -23.69 5.53
CA SER B 859 -45.62 -24.75 5.13
C SER B 859 -45.78 -24.65 3.61
N ASP B 860 -46.84 -25.26 3.07
CA ASP B 860 -47.07 -25.38 1.63
C ASP B 860 -46.02 -26.31 1.01
N VAL B 861 -45.34 -27.06 1.87
CA VAL B 861 -44.48 -28.14 1.41
C VAL B 861 -45.33 -29.27 0.83
N TYR B 862 -46.56 -29.42 1.32
CA TYR B 862 -47.49 -30.38 0.72
C TYR B 862 -47.74 -30.02 -0.74
N GLU B 863 -47.90 -28.73 -1.02
CA GLU B 863 -48.14 -28.26 -2.38
C GLU B 863 -46.88 -28.27 -3.22
N ASN B 864 -45.72 -28.25 -2.59
CA ASN B 864 -44.48 -28.10 -3.33
C ASN B 864 -43.89 -29.44 -3.72
N GLU B 865 -43.94 -30.42 -2.82
CA GLU B 865 -43.36 -31.74 -3.03
C GLU B 865 -41.87 -31.64 -3.35
N ILE B 866 -41.20 -30.68 -2.73
CA ILE B 866 -39.79 -30.41 -2.97
C ILE B 866 -38.97 -31.15 -1.92
N PRO B 867 -38.03 -32.01 -2.31
CA PRO B 867 -37.19 -32.66 -1.31
C PRO B 867 -36.40 -31.64 -0.50
N GLY B 868 -36.30 -31.90 0.81
CA GLY B 868 -35.58 -30.99 1.68
C GLY B 868 -34.08 -31.07 1.49
N GLY B 869 -33.60 -32.16 0.88
CA GLY B 869 -32.17 -32.32 0.69
C GLY B 869 -31.62 -31.51 -0.47
N GLN B 870 -32.50 -30.93 -1.29
CA GLN B 870 -32.06 -30.21 -2.47
C GLN B 870 -32.32 -28.71 -2.39
N TYR B 871 -33.16 -28.25 -1.46
CA TYR B 871 -33.57 -26.85 -1.46
C TYR B 871 -32.38 -25.91 -1.50
N THR B 872 -31.37 -26.18 -0.68
CA THR B 872 -30.16 -25.36 -0.69
C THR B 872 -29.41 -25.48 -2.00
N ASN B 873 -29.16 -26.72 -2.44
CA ASN B 873 -28.47 -26.92 -3.72
C ASN B 873 -29.30 -26.36 -4.87
N LEU B 874 -30.62 -26.50 -4.80
CA LEU B 874 -31.48 -25.96 -5.83
C LEU B 874 -31.35 -24.44 -5.90
N HIS B 875 -31.34 -23.76 -4.75
CA HIS B 875 -31.20 -22.32 -4.79
C HIS B 875 -29.82 -21.92 -5.28
N PHE B 876 -28.78 -22.65 -4.87
CA PHE B 876 -27.44 -22.33 -5.34
C PHE B 876 -27.34 -22.46 -6.86
N GLN B 877 -27.89 -23.55 -7.40
CA GLN B 877 -27.89 -23.76 -8.84
C GLN B 877 -28.70 -22.69 -9.57
N ALA B 878 -29.88 -22.36 -9.06
CA ALA B 878 -30.72 -21.36 -9.71
C ALA B 878 -30.05 -19.99 -9.71
N HIS B 879 -29.43 -19.62 -8.59
CA HIS B 879 -28.67 -18.38 -8.56
C HIS B 879 -27.45 -18.47 -9.46
N SER B 880 -26.88 -19.67 -9.60
CA SER B 880 -25.74 -19.85 -10.49
C SER B 880 -26.11 -19.55 -11.94
N MET B 881 -27.26 -20.06 -12.39
CA MET B 881 -27.79 -19.61 -13.66
C MET B 881 -28.21 -18.15 -13.59
N GLY B 882 -28.81 -17.75 -12.47
CA GLY B 882 -29.26 -16.38 -12.32
C GLY B 882 -30.75 -16.29 -12.09
N LEU B 883 -31.34 -17.38 -11.57
CA LEU B 883 -32.77 -17.44 -11.31
C LEU B 883 -33.06 -17.25 -9.82
N GLY B 884 -32.07 -16.75 -9.07
CA GLY B 884 -32.31 -16.44 -7.68
C GLY B 884 -33.35 -15.35 -7.48
N SER B 885 -33.40 -14.39 -8.40
CA SER B 885 -34.43 -13.34 -8.34
C SER B 885 -35.82 -13.92 -8.50
N LYS B 886 -36.04 -14.68 -9.57
CA LYS B 886 -37.29 -15.41 -9.71
C LYS B 886 -37.17 -16.85 -9.18
N PHE B 887 -36.59 -16.96 -7.98
CA PHE B 887 -36.53 -18.23 -7.27
C PHE B 887 -37.90 -18.71 -6.87
N LYS B 888 -38.75 -17.77 -6.51
CA LYS B 888 -40.16 -17.99 -6.23
C LYS B 888 -40.90 -18.67 -7.38
N GLU B 889 -40.78 -18.12 -8.59
CA GLU B 889 -41.45 -18.77 -9.71
C GLU B 889 -40.84 -20.12 -10.04
N VAL B 890 -39.53 -20.28 -9.84
CA VAL B 890 -38.90 -21.57 -10.09
C VAL B 890 -39.58 -22.66 -9.26
N LYS B 891 -39.76 -22.39 -7.96
CA LYS B 891 -40.34 -23.42 -7.13
C LYS B 891 -41.84 -23.59 -7.33
N LYS B 892 -42.59 -22.53 -7.62
CA LYS B 892 -43.97 -22.87 -7.99
C LYS B 892 -44.10 -23.39 -9.42
N ALA B 893 -43.01 -23.56 -10.15
CA ALA B 893 -43.11 -24.36 -11.36
C ALA B 893 -42.85 -25.84 -11.12
N TYR B 894 -42.30 -26.18 -9.96
CA TYR B 894 -41.89 -27.55 -9.66
C TYR B 894 -43.08 -28.51 -9.63
N VAL B 895 -44.22 -28.04 -9.11
CA VAL B 895 -45.38 -28.93 -8.98
C VAL B 895 -45.99 -29.24 -10.35
N GLU B 896 -46.05 -28.25 -11.23
CA GLU B 896 -46.49 -28.52 -12.60
C GLU B 896 -45.53 -29.47 -13.29
N ALA B 897 -44.22 -29.29 -13.07
CA ALA B 897 -43.26 -30.24 -13.62
C ALA B 897 -43.55 -31.66 -13.14
N ASN B 898 -43.82 -31.80 -11.83
CA ASN B 898 -44.10 -33.12 -11.27
C ASN B 898 -45.32 -33.75 -11.92
N GLN B 899 -46.42 -33.00 -12.03
CA GLN B 899 -47.61 -33.60 -12.63
C GLN B 899 -47.44 -33.83 -14.13
N MET B 900 -46.64 -33.00 -14.80
CA MET B 900 -46.38 -33.26 -16.22
C MET B 900 -45.65 -34.57 -16.41
N LEU B 901 -44.70 -34.90 -15.55
CA LEU B 901 -44.16 -36.25 -15.59
C LEU B 901 -44.98 -37.26 -14.81
N GLY B 902 -46.01 -36.82 -14.10
CA GLY B 902 -46.77 -37.76 -13.28
C GLY B 902 -46.25 -37.84 -11.87
N ASP B 903 -47.14 -38.23 -10.96
CA ASP B 903 -46.80 -38.29 -9.54
C ASP B 903 -45.87 -39.46 -9.29
N LEU B 904 -44.56 -39.20 -9.31
CA LEU B 904 -43.57 -40.22 -9.05
C LEU B 904 -42.65 -39.76 -7.94
N ILE B 905 -42.02 -40.74 -7.26
CA ILE B 905 -41.16 -40.43 -6.14
C ILE B 905 -39.83 -39.86 -6.63
N LYS B 906 -39.42 -38.74 -6.03
CA LYS B 906 -38.19 -38.06 -6.39
C LYS B 906 -37.24 -38.14 -5.21
N VAL B 907 -36.06 -38.74 -5.37
CA VAL B 907 -35.14 -38.67 -4.24
C VAL B 907 -33.86 -37.95 -4.59
N THR B 908 -32.91 -38.62 -5.22
CA THR B 908 -31.84 -37.79 -5.77
C THR B 908 -32.00 -37.49 -7.27
N PRO B 909 -31.99 -38.50 -8.18
CA PRO B 909 -31.82 -38.17 -9.60
C PRO B 909 -33.04 -37.48 -10.17
N SER B 910 -34.19 -38.12 -9.93
CA SER B 910 -35.45 -37.55 -10.38
C SER B 910 -35.70 -36.19 -9.75
N SER B 911 -35.20 -35.96 -8.54
CA SER B 911 -35.35 -34.65 -7.93
C SER B 911 -34.64 -33.59 -8.78
N LYS B 912 -33.40 -33.87 -9.18
CA LYS B 912 -32.70 -32.92 -10.05
C LYS B 912 -33.34 -32.84 -11.43
N ILE B 913 -33.87 -33.95 -11.94
CA ILE B 913 -34.53 -33.91 -13.24
C ILE B 913 -35.72 -32.95 -13.19
N VAL B 914 -36.55 -33.09 -12.16
CA VAL B 914 -37.72 -32.23 -12.01
C VAL B 914 -37.27 -30.80 -11.75
N GLY B 915 -36.21 -30.61 -10.98
CA GLY B 915 -35.70 -29.27 -10.75
C GLY B 915 -35.24 -28.61 -12.04
N ASP B 916 -34.50 -29.35 -12.86
CA ASP B 916 -34.02 -28.80 -14.13
C ASP B 916 -35.17 -28.49 -15.07
N LEU B 917 -36.17 -29.37 -15.13
CA LEU B 917 -37.31 -29.11 -15.99
C LEU B 917 -38.10 -27.90 -15.51
N ALA B 918 -38.24 -27.76 -14.20
CA ALA B 918 -38.89 -26.57 -13.64
C ALA B 918 -38.09 -25.32 -13.99
N GLN B 919 -36.76 -25.42 -13.93
CA GLN B 919 -35.91 -24.31 -14.34
C GLN B 919 -36.17 -23.95 -15.79
N PHE B 920 -36.25 -24.96 -16.67
CA PHE B 920 -36.40 -24.70 -18.08
C PHE B 920 -37.78 -24.13 -18.39
N MET B 921 -38.81 -24.61 -17.69
CA MET B 921 -40.14 -24.02 -17.81
C MET B 921 -40.13 -22.55 -17.40
N VAL B 922 -39.61 -22.25 -16.21
CA VAL B 922 -39.72 -20.88 -15.73
C VAL B 922 -38.84 -19.94 -16.54
N GLN B 923 -37.63 -20.37 -16.91
CA GLN B 923 -36.76 -19.54 -17.73
C GLN B 923 -37.33 -19.35 -19.13
N ASN B 924 -37.88 -20.43 -19.71
CA ASN B 924 -38.36 -20.38 -21.08
C ASN B 924 -39.75 -19.77 -21.18
N GLY B 925 -40.45 -19.60 -20.05
CA GLY B 925 -41.77 -19.01 -20.07
C GLY B 925 -42.81 -19.92 -20.67
N LEU B 926 -42.96 -21.11 -20.10
CA LEU B 926 -43.86 -22.13 -20.63
C LEU B 926 -44.98 -22.42 -19.63
N SER B 927 -46.10 -22.88 -20.16
CA SER B 927 -47.24 -23.31 -19.38
C SER B 927 -47.50 -24.79 -19.63
N ARG B 928 -48.29 -25.39 -18.75
CA ARG B 928 -48.45 -26.85 -18.73
C ARG B 928 -48.91 -27.37 -20.08
N ALA B 929 -50.11 -26.98 -20.51
CA ALA B 929 -50.66 -27.46 -21.77
C ALA B 929 -49.78 -27.03 -22.94
N GLU B 930 -49.30 -25.78 -22.91
CA GLU B 930 -48.43 -25.29 -23.97
C GLU B 930 -47.11 -26.06 -23.99
N ALA B 931 -46.53 -26.33 -22.82
CA ALA B 931 -45.30 -27.10 -22.80
C ALA B 931 -45.50 -28.49 -23.36
N GLU B 932 -46.59 -29.16 -22.98
CA GLU B 932 -46.83 -30.50 -23.50
C GLU B 932 -47.21 -30.49 -24.97
N ALA B 933 -47.76 -29.40 -25.48
CA ALA B 933 -48.26 -29.38 -26.86
C ALA B 933 -47.13 -29.55 -27.86
N GLN B 934 -46.06 -28.78 -27.72
CA GLN B 934 -44.94 -28.83 -28.66
C GLN B 934 -43.77 -29.48 -27.96
N ALA B 935 -43.85 -30.79 -27.79
CA ALA B 935 -42.75 -31.54 -27.20
C ALA B 935 -41.83 -32.13 -28.25
N GLU B 936 -42.10 -31.85 -29.53
CA GLU B 936 -41.26 -32.29 -30.63
C GLU B 936 -40.19 -31.27 -30.97
N GLU B 937 -40.60 -30.05 -31.30
CA GLU B 937 -39.64 -29.03 -31.72
C GLU B 937 -38.80 -28.52 -30.55
N LEU B 938 -39.37 -28.49 -29.36
CA LEU B 938 -38.71 -27.86 -28.22
C LEU B 938 -37.43 -28.59 -27.86
N SER B 939 -36.43 -27.83 -27.41
CA SER B 939 -35.18 -28.39 -26.93
C SER B 939 -35.21 -28.49 -25.41
N PHE B 940 -34.93 -29.68 -24.90
CA PHE B 940 -35.06 -29.98 -23.49
C PHE B 940 -33.70 -30.22 -22.86
N PRO B 941 -33.58 -30.05 -21.54
CA PRO B 941 -32.36 -30.48 -20.86
C PRO B 941 -32.13 -31.97 -21.04
N ARG B 942 -30.86 -32.35 -21.18
CA ARG B 942 -30.52 -33.72 -21.56
C ARG B 942 -30.89 -34.72 -20.47
N SER B 943 -30.91 -34.29 -19.21
CA SER B 943 -31.22 -35.21 -18.12
C SER B 943 -32.63 -35.76 -18.25
N VAL B 944 -33.59 -34.89 -18.58
CA VAL B 944 -34.95 -35.34 -18.81
C VAL B 944 -35.00 -36.33 -19.97
N VAL B 945 -34.21 -36.06 -21.01
CA VAL B 945 -34.15 -36.97 -22.15
C VAL B 945 -33.69 -38.35 -21.72
N GLU B 946 -32.62 -38.40 -20.92
CA GLU B 946 -32.10 -39.69 -20.48
C GLU B 946 -33.10 -40.42 -19.60
N PHE B 947 -33.78 -39.70 -18.71
CA PHE B 947 -34.77 -40.36 -17.86
C PHE B 947 -35.89 -40.95 -18.69
N LEU B 948 -36.37 -40.20 -19.68
CA LEU B 948 -37.44 -40.70 -20.53
C LEU B 948 -36.95 -41.84 -21.42
N GLN B 949 -35.65 -41.89 -21.68
CA GLN B 949 -35.10 -43.03 -22.42
C GLN B 949 -35.21 -44.31 -21.60
N GLY B 950 -35.07 -44.19 -20.28
CA GLY B 950 -35.23 -45.33 -19.41
C GLY B 950 -33.93 -45.84 -18.83
N TYR B 951 -32.88 -45.02 -18.89
CA TYR B 951 -31.61 -45.43 -18.31
C TYR B 951 -31.72 -45.59 -16.80
N ILE B 952 -32.47 -44.70 -16.15
CA ILE B 952 -32.68 -44.81 -14.71
C ILE B 952 -33.44 -46.09 -14.38
N GLY B 953 -34.51 -46.35 -15.12
CA GLY B 953 -35.31 -47.54 -14.90
C GLY B 953 -36.77 -47.27 -15.20
N VAL B 954 -37.58 -48.29 -14.97
CA VAL B 954 -39.02 -48.18 -15.18
C VAL B 954 -39.67 -47.75 -13.86
N PRO B 955 -40.57 -46.78 -13.88
CA PRO B 955 -41.24 -46.35 -12.65
C PRO B 955 -42.36 -47.31 -12.28
N HIS B 956 -42.90 -47.10 -11.07
CA HIS B 956 -44.04 -47.89 -10.62
C HIS B 956 -45.28 -47.57 -11.45
N GLY B 957 -45.75 -46.33 -11.38
CA GLY B 957 -46.96 -45.93 -12.07
C GLY B 957 -46.76 -45.38 -13.45
N GLY B 958 -45.53 -45.36 -13.95
CA GLY B 958 -45.29 -44.92 -15.31
C GLY B 958 -45.18 -43.41 -15.44
N PHE B 959 -45.04 -42.99 -16.69
CA PHE B 959 -44.93 -41.61 -17.10
C PHE B 959 -45.74 -41.43 -18.37
N PRO B 960 -46.15 -40.20 -18.68
CA PRO B 960 -46.96 -39.98 -19.89
C PRO B 960 -46.26 -40.48 -21.14
N GLU B 961 -47.03 -41.21 -21.95
CA GLU B 961 -46.53 -41.77 -23.20
C GLU B 961 -46.54 -40.78 -24.35
N PRO B 962 -47.59 -39.97 -24.56
CA PRO B 962 -47.55 -39.04 -25.70
C PRO B 962 -46.40 -38.04 -25.61
N PHE B 963 -46.11 -37.57 -24.40
CA PHE B 963 -44.92 -36.73 -24.21
C PHE B 963 -43.66 -37.51 -24.53
N ARG B 964 -43.62 -38.79 -24.10
CA ARG B 964 -42.46 -39.62 -24.40
C ARG B 964 -42.24 -39.74 -25.90
N SER B 965 -43.31 -39.97 -26.65
CA SER B 965 -43.20 -40.06 -28.11
C SER B 965 -42.76 -38.73 -28.72
N LYS B 966 -43.37 -37.64 -28.27
CA LYS B 966 -43.10 -36.35 -28.88
C LYS B 966 -41.71 -35.82 -28.58
N VAL B 967 -41.10 -36.19 -27.45
CA VAL B 967 -39.73 -35.78 -27.15
C VAL B 967 -38.72 -36.81 -27.63
N LEU B 968 -39.12 -38.09 -27.66
CA LEU B 968 -38.16 -39.16 -27.88
C LEU B 968 -37.66 -39.19 -29.31
N LYS B 969 -38.42 -38.60 -30.25
CA LYS B 969 -38.06 -38.65 -31.67
C LYS B 969 -37.88 -40.10 -32.11
N ASP B 970 -36.63 -40.51 -32.29
CA ASP B 970 -36.30 -41.85 -32.76
C ASP B 970 -35.13 -42.41 -31.96
N LEU B 971 -35.05 -42.05 -30.72
CA LEU B 971 -33.87 -42.51 -30.00
C LEU B 971 -34.03 -43.97 -29.58
N PRO B 972 -32.93 -44.72 -29.55
CA PRO B 972 -32.99 -46.11 -29.13
C PRO B 972 -33.48 -46.23 -27.70
N ARG B 973 -34.18 -47.32 -27.42
CA ARG B 973 -34.84 -47.51 -26.14
C ARG B 973 -34.20 -48.67 -25.39
N VAL B 974 -33.76 -48.39 -24.16
CA VAL B 974 -33.19 -49.40 -23.29
C VAL B 974 -34.28 -49.82 -22.30
N GLU B 975 -34.65 -51.10 -22.35
CA GLU B 975 -35.73 -51.63 -21.54
C GLU B 975 -35.22 -52.76 -20.64
N GLY B 976 -35.96 -53.03 -19.58
CA GLY B 976 -35.52 -53.97 -18.56
C GLY B 976 -34.58 -53.27 -17.59
N ARG B 977 -33.59 -54.00 -17.09
CA ARG B 977 -32.57 -53.39 -16.24
C ARG B 977 -31.36 -53.08 -17.10
N PRO B 978 -31.06 -51.80 -17.37
CA PRO B 978 -29.91 -51.49 -18.24
C PRO B 978 -28.58 -51.98 -17.70
N GLY B 979 -28.51 -52.26 -16.39
CA GLY B 979 -27.28 -52.78 -15.83
C GLY B 979 -26.86 -54.10 -16.44
N ALA B 980 -27.82 -55.01 -16.62
CA ALA B 980 -27.53 -56.26 -17.31
C ALA B 980 -27.14 -56.01 -18.76
N SER B 981 -27.83 -55.07 -19.42
CA SER B 981 -27.52 -54.71 -20.80
C SER B 981 -26.16 -54.03 -20.91
N LEU B 982 -25.70 -53.37 -19.86
CA LEU B 982 -24.40 -52.71 -19.90
C LEU B 982 -23.29 -53.76 -19.84
N PRO B 983 -22.36 -53.77 -20.77
CA PRO B 983 -21.16 -54.58 -20.62
C PRO B 983 -20.21 -53.95 -19.62
N PRO B 984 -19.81 -54.67 -18.57
CA PRO B 984 -18.96 -54.06 -17.54
C PRO B 984 -17.62 -53.63 -18.10
N LEU B 985 -17.08 -52.55 -17.54
CA LEU B 985 -15.82 -51.99 -17.99
C LEU B 985 -14.68 -52.41 -17.05
N ASP B 986 -13.47 -52.38 -17.59
CA ASP B 986 -12.28 -52.75 -16.84
C ASP B 986 -11.59 -51.50 -16.31
N LEU B 987 -11.28 -51.50 -15.02
CA LEU B 987 -10.68 -50.35 -14.36
C LEU B 987 -9.17 -50.49 -14.18
N GLN B 988 -8.60 -51.64 -14.53
CA GLN B 988 -7.18 -51.88 -14.31
C GLN B 988 -6.31 -51.07 -15.27
N ALA B 989 -6.66 -51.05 -16.55
CA ALA B 989 -5.94 -50.19 -17.48
C ALA B 989 -6.09 -48.73 -17.10
N LEU B 990 -7.32 -48.31 -16.77
CA LEU B 990 -7.57 -46.91 -16.43
C LEU B 990 -6.58 -46.42 -15.39
N GLU B 991 -6.26 -47.27 -14.42
CA GLU B 991 -5.24 -46.93 -13.43
C GLU B 991 -3.88 -46.68 -14.08
N LYS B 992 -3.50 -47.53 -15.04
CA LYS B 992 -2.22 -47.36 -15.70
C LYS B 992 -2.15 -46.07 -16.52
N GLU B 993 -3.17 -45.79 -17.33
CA GLU B 993 -3.15 -44.53 -18.08
C GLU B 993 -3.20 -43.31 -17.18
N LEU B 994 -3.93 -43.39 -16.06
CA LEU B 994 -3.96 -42.20 -15.20
C LEU B 994 -2.63 -42.02 -14.47
N VAL B 995 -1.93 -43.13 -14.17
CA VAL B 995 -0.57 -43.01 -13.64
C VAL B 995 0.33 -42.36 -14.68
N ASP B 996 0.21 -42.80 -15.94
CA ASP B 996 1.02 -42.22 -17.01
C ASP B 996 0.72 -40.74 -17.19
N ARG B 997 -0.55 -40.36 -17.03
CA ARG B 997 -0.94 -38.97 -17.24
C ARG B 997 -0.53 -38.12 -16.06
N HIS B 998 -1.15 -38.33 -14.89
CA HIS B 998 -0.86 -37.49 -13.74
C HIS B 998 -0.84 -38.30 -12.45
N GLY B 999 -0.45 -39.57 -12.53
CA GLY B 999 -0.42 -40.44 -11.37
C GLY B 999 1.01 -40.82 -11.01
N GLU B 1000 1.39 -40.49 -9.79
CA GLU B 1000 2.75 -40.79 -9.32
C GLU B 1000 2.74 -41.47 -7.96
N GLU B 1001 1.72 -41.24 -7.14
CA GLU B 1001 1.45 -42.12 -6.00
C GLU B 1001 -0.04 -42.35 -5.81
N VAL B 1002 -0.81 -42.32 -6.89
CA VAL B 1002 -2.26 -42.49 -6.80
C VAL B 1002 -2.57 -43.88 -6.24
N THR B 1003 -3.72 -43.98 -5.58
CA THR B 1003 -4.16 -45.20 -4.91
C THR B 1003 -5.34 -45.83 -5.64
N PRO B 1004 -5.55 -47.15 -5.47
CA PRO B 1004 -6.73 -47.78 -6.09
C PRO B 1004 -8.05 -47.15 -5.66
N GLU B 1005 -8.14 -46.61 -4.45
CA GLU B 1005 -9.31 -45.81 -4.10
C GLU B 1005 -9.44 -44.62 -5.03
N ASP B 1006 -8.32 -43.96 -5.31
CA ASP B 1006 -8.32 -42.89 -6.29
C ASP B 1006 -8.61 -43.41 -7.69
N VAL B 1007 -8.28 -44.68 -7.95
CA VAL B 1007 -8.67 -45.29 -9.23
C VAL B 1007 -10.19 -45.37 -9.32
N LEU B 1008 -10.84 -45.74 -8.21
CA LEU B 1008 -12.29 -45.73 -8.15
C LEU B 1008 -12.84 -44.33 -8.41
N SER B 1009 -12.25 -43.33 -7.77
CA SER B 1009 -12.67 -41.95 -8.00
C SER B 1009 -12.53 -41.58 -9.47
N ALA B 1010 -11.42 -41.98 -10.09
CA ALA B 1010 -11.23 -41.73 -11.52
C ALA B 1010 -12.33 -42.38 -12.33
N ALA B 1011 -12.71 -43.60 -11.97
CA ALA B 1011 -13.85 -44.23 -12.61
C ALA B 1011 -15.13 -43.44 -12.39
N MET B 1012 -15.19 -42.63 -11.33
CA MET B 1012 -16.43 -41.91 -11.06
C MET B 1012 -16.56 -40.68 -11.97
N TYR B 1013 -15.69 -39.70 -11.81
CA TYR B 1013 -15.66 -38.52 -12.69
C TYR B 1013 -14.24 -38.30 -13.19
N PRO B 1014 -13.83 -38.98 -14.27
CA PRO B 1014 -12.44 -38.87 -14.72
C PRO B 1014 -12.00 -37.47 -15.12
N ASP B 1015 -12.89 -36.69 -15.73
CA ASP B 1015 -12.53 -35.32 -16.11
C ASP B 1015 -12.31 -34.44 -14.88
N VAL B 1016 -13.28 -34.45 -13.96
CA VAL B 1016 -13.10 -33.74 -12.69
C VAL B 1016 -11.93 -34.34 -11.93
N PHE B 1017 -11.66 -35.63 -12.14
CA PHE B 1017 -10.47 -36.23 -11.56
C PHE B 1017 -9.21 -35.52 -12.04
N ALA B 1018 -9.10 -35.34 -13.36
CA ALA B 1018 -7.93 -34.69 -13.92
C ALA B 1018 -7.82 -33.24 -13.43
N HIS B 1019 -8.94 -32.54 -13.38
CA HIS B 1019 -8.92 -31.16 -12.89
C HIS B 1019 -8.40 -31.09 -11.46
N PHE B 1020 -8.93 -31.93 -10.57
CA PHE B 1020 -8.51 -31.89 -9.17
C PHE B 1020 -7.04 -32.27 -9.03
N LYS B 1021 -6.58 -33.27 -9.79
CA LYS B 1021 -5.17 -33.63 -9.72
C LYS B 1021 -4.28 -32.49 -10.17
N ASP B 1022 -4.63 -31.83 -11.29
CA ASP B 1022 -3.88 -30.68 -11.74
C ASP B 1022 -3.80 -29.62 -10.65
N PHE B 1023 -4.95 -29.28 -10.07
CA PHE B 1023 -5.01 -28.22 -9.08
C PHE B 1023 -4.19 -28.59 -7.85
N THR B 1024 -4.24 -29.86 -7.46
CA THR B 1024 -3.50 -30.31 -6.29
C THR B 1024 -2.00 -30.27 -6.51
N ALA B 1025 -1.53 -30.78 -7.66
CA ALA B 1025 -0.11 -30.73 -7.94
C ALA B 1025 0.38 -29.30 -8.08
N THR B 1026 -0.50 -28.39 -8.54
CA THR B 1026 -0.10 -27.00 -8.68
C THR B 1026 -0.03 -26.29 -7.34
N PHE B 1027 -1.17 -26.06 -6.71
CA PHE B 1027 -1.19 -25.20 -5.52
C PHE B 1027 -0.97 -25.96 -4.23
N GLY B 1028 -0.88 -27.28 -4.27
CA GLY B 1028 -0.61 -28.07 -3.09
C GLY B 1028 -1.85 -28.61 -2.43
N PRO B 1029 -1.70 -29.11 -1.20
CA PRO B 1029 -2.81 -29.76 -0.49
C PRO B 1029 -3.72 -28.71 0.15
N LEU B 1030 -5.02 -28.94 0.04
CA LEU B 1030 -5.99 -28.19 0.82
C LEU B 1030 -6.28 -28.95 2.11
N ASP B 1031 -7.41 -28.66 2.74
CA ASP B 1031 -7.89 -29.33 3.96
C ASP B 1031 -6.83 -29.34 5.06
N SER B 1032 -5.97 -28.32 5.06
CA SER B 1032 -5.10 -28.04 6.16
C SER B 1032 -5.33 -26.65 6.71
N LEU B 1033 -6.39 -25.98 6.31
CA LEU B 1033 -6.55 -24.55 6.48
C LEU B 1033 -7.83 -24.24 7.24
N ASN B 1034 -7.82 -23.09 7.92
CA ASN B 1034 -9.04 -22.62 8.56
C ASN B 1034 -10.07 -22.26 7.52
N THR B 1035 -11.34 -22.40 7.89
CA THR B 1035 -12.43 -22.08 6.97
C THR B 1035 -12.35 -20.63 6.53
N ARG B 1036 -12.30 -19.71 7.49
CA ARG B 1036 -12.18 -18.30 7.15
C ARG B 1036 -10.90 -18.03 6.37
N LEU B 1037 -9.79 -18.63 6.79
CA LEU B 1037 -8.53 -18.42 6.09
C LEU B 1037 -8.58 -19.03 4.69
N PHE B 1038 -9.20 -20.19 4.56
CA PHE B 1038 -9.29 -20.82 3.25
C PHE B 1038 -10.18 -20.02 2.30
N LEU B 1039 -11.17 -19.32 2.82
CA LEU B 1039 -12.12 -18.68 1.92
C LEU B 1039 -11.79 -17.21 1.67
N GLN B 1040 -11.58 -16.41 2.73
CA GLN B 1040 -11.35 -14.99 2.52
C GLN B 1040 -9.86 -14.65 2.62
N GLY B 1041 -9.12 -15.35 3.47
CA GLY B 1041 -7.68 -15.29 3.43
C GLY B 1041 -7.04 -14.49 4.55
N PRO B 1042 -5.72 -14.55 4.64
CA PRO B 1042 -5.00 -13.81 5.68
C PRO B 1042 -5.18 -12.30 5.58
N LYS B 1043 -5.10 -11.64 6.73
CA LYS B 1043 -5.22 -10.19 6.77
C LYS B 1043 -3.83 -9.55 6.83
N ILE B 1044 -3.73 -8.36 6.26
CA ILE B 1044 -2.48 -7.62 6.33
C ILE B 1044 -2.24 -7.17 7.77
N ALA B 1045 -0.96 -7.18 8.17
CA ALA B 1045 -0.56 -6.91 9.56
C ALA B 1045 -1.23 -7.90 10.51
N GLU B 1046 -1.30 -9.17 10.09
CA GLU B 1046 -1.91 -10.24 10.84
C GLU B 1046 -1.13 -11.53 10.63
N GLU B 1047 -0.98 -12.31 11.70
CA GLU B 1047 -0.21 -13.55 11.68
C GLU B 1047 -1.12 -14.70 12.09
N PHE B 1048 -0.85 -15.88 11.54
CA PHE B 1048 -1.57 -17.09 11.85
C PHE B 1048 -0.61 -18.28 11.84
N GLU B 1049 -1.16 -19.45 12.11
CA GLU B 1049 -0.40 -20.68 12.30
C GLU B 1049 -0.89 -21.72 11.30
N VAL B 1050 0.05 -22.45 10.71
CA VAL B 1050 -0.25 -23.53 9.77
C VAL B 1050 0.39 -24.82 10.29
N GLU B 1051 -0.46 -25.78 10.64
CA GLU B 1051 -0.02 -27.12 10.99
C GLU B 1051 0.16 -27.92 9.71
N LEU B 1052 1.27 -28.66 9.61
CA LEU B 1052 1.49 -29.55 8.49
C LEU B 1052 1.42 -31.01 8.89
N GLU B 1053 2.15 -31.40 9.92
CA GLU B 1053 2.20 -32.79 10.36
C GLU B 1053 1.95 -32.86 11.87
N ARG B 1054 2.26 -34.01 12.47
CA ARG B 1054 2.24 -34.11 13.93
C ARG B 1054 3.15 -33.06 14.56
N GLY B 1055 4.23 -32.68 13.88
CA GLY B 1055 5.14 -31.68 14.42
C GLY B 1055 5.39 -30.50 13.52
N LYS B 1056 5.26 -30.69 12.20
CA LYS B 1056 5.59 -29.63 11.26
C LYS B 1056 4.63 -28.47 11.48
N THR B 1057 5.08 -27.50 12.27
CA THR B 1057 4.30 -26.35 12.66
C THR B 1057 5.00 -25.10 12.18
N LEU B 1058 4.27 -24.26 11.44
CA LEU B 1058 4.88 -23.05 10.91
C LEU B 1058 3.90 -21.89 11.10
N HIS B 1059 4.38 -20.70 10.81
CA HIS B 1059 3.59 -19.49 11.02
C HIS B 1059 3.79 -18.54 9.86
N ILE B 1060 2.75 -17.74 9.58
CA ILE B 1060 2.76 -16.82 8.46
C ILE B 1060 2.20 -15.48 8.91
N LYS B 1061 2.89 -14.40 8.56
CA LYS B 1061 2.39 -13.04 8.76
C LYS B 1061 2.38 -12.31 7.43
N ALA B 1062 1.37 -11.47 7.23
CA ALA B 1062 1.27 -10.64 6.04
C ALA B 1062 1.83 -9.27 6.34
N LEU B 1063 2.72 -8.78 5.48
CA LEU B 1063 3.37 -7.49 5.72
C LEU B 1063 2.70 -6.38 4.93
N ALA B 1064 2.67 -6.51 3.60
CA ALA B 1064 2.00 -5.57 2.72
C ALA B 1064 1.97 -6.20 1.33
N VAL B 1065 1.32 -5.50 0.40
CA VAL B 1065 1.21 -5.94 -0.98
C VAL B 1065 1.64 -4.79 -1.87
N SER B 1066 2.52 -5.07 -2.82
CA SER B 1066 2.98 -4.06 -3.75
C SER B 1066 1.91 -3.82 -4.81
N ASP B 1067 2.25 -3.03 -5.82
CA ASP B 1067 1.34 -2.75 -6.92
C ASP B 1067 1.79 -3.49 -8.17
N LEU B 1068 0.88 -3.61 -9.13
CA LEU B 1068 1.17 -4.30 -10.36
C LEU B 1068 2.39 -3.66 -11.02
N ASN B 1069 3.38 -4.47 -11.36
CA ASN B 1069 4.66 -3.90 -11.77
C ASN B 1069 4.64 -3.43 -13.23
N ARG B 1070 4.52 -4.37 -14.17
CA ARG B 1070 4.40 -4.01 -15.58
C ARG B 1070 3.33 -4.80 -16.34
N ALA B 1071 3.04 -6.03 -15.95
CA ALA B 1071 2.13 -6.92 -16.67
C ALA B 1071 1.20 -7.65 -15.72
N GLY B 1072 0.59 -6.92 -14.79
CA GLY B 1072 -0.29 -7.55 -13.83
C GLY B 1072 0.40 -8.49 -12.87
N GLN B 1073 1.53 -8.06 -12.33
CA GLN B 1073 2.30 -8.87 -11.39
C GLN B 1073 2.51 -8.09 -10.10
N ARG B 1074 2.18 -8.75 -8.99
CA ARG B 1074 2.22 -8.16 -7.66
C ARG B 1074 3.30 -8.84 -6.82
N GLN B 1075 3.93 -8.04 -5.98
CA GLN B 1075 4.88 -8.54 -5.00
C GLN B 1075 4.25 -8.48 -3.62
N VAL B 1076 4.22 -9.61 -2.93
CA VAL B 1076 3.60 -9.71 -1.62
C VAL B 1076 4.64 -10.20 -0.62
N PHE B 1077 4.63 -9.60 0.56
CA PHE B 1077 5.64 -9.83 1.58
C PHE B 1077 5.05 -10.66 2.70
N PHE B 1078 5.64 -11.83 2.94
CA PHE B 1078 5.19 -12.72 4.00
C PHE B 1078 6.34 -13.03 4.92
N GLU B 1079 6.03 -13.17 6.20
CA GLU B 1079 7.01 -13.51 7.21
C GLU B 1079 6.73 -14.94 7.68
N LEU B 1080 7.67 -15.83 7.41
CA LEU B 1080 7.61 -17.21 7.89
C LEU B 1080 8.03 -17.21 9.36
N ASN B 1081 8.40 -18.38 9.89
CA ASN B 1081 8.80 -18.50 11.28
C ASN B 1081 9.66 -17.31 11.74
N GLY B 1082 10.76 -17.07 11.05
CA GLY B 1082 11.55 -15.87 11.28
C GLY B 1082 12.13 -15.32 9.99
N GLN B 1083 11.88 -16.02 8.88
CA GLN B 1083 12.44 -15.66 7.60
C GLN B 1083 11.40 -14.93 6.78
N LEU B 1084 11.86 -14.26 5.73
CA LEU B 1084 11.01 -13.41 4.90
C LEU B 1084 10.93 -14.04 3.52
N ARG B 1085 9.75 -13.96 2.91
CA ARG B 1085 9.55 -14.46 1.56
C ARG B 1085 8.76 -13.46 0.74
N SER B 1086 9.24 -13.23 -0.48
CA SER B 1086 8.58 -12.39 -1.45
C SER B 1086 7.90 -13.29 -2.46
N ILE B 1087 6.63 -13.05 -2.73
CA ILE B 1087 5.86 -13.93 -3.59
C ILE B 1087 5.25 -13.11 -4.71
N LEU B 1088 5.31 -13.67 -5.92
CA LEU B 1088 4.86 -12.99 -7.12
C LEU B 1088 3.49 -13.53 -7.50
N VAL B 1089 2.49 -12.67 -7.53
CA VAL B 1089 1.10 -13.05 -7.75
C VAL B 1089 0.59 -12.37 -9.01
N LYS B 1090 0.04 -13.16 -9.92
CA LYS B 1090 -0.37 -12.64 -11.22
C LYS B 1090 -1.79 -12.11 -11.12
N ASP B 1091 -1.93 -10.79 -11.16
CA ASP B 1091 -3.25 -10.18 -11.09
C ASP B 1091 -4.06 -10.51 -12.35
N THR B 1092 -5.34 -10.81 -12.15
CA THR B 1092 -6.21 -11.24 -13.23
C THR B 1092 -7.21 -10.17 -13.66
N GLN B 1093 -7.22 -9.00 -13.01
CA GLN B 1093 -8.18 -7.96 -13.33
C GLN B 1093 -7.65 -6.92 -14.32
N ALA B 1094 -6.45 -7.11 -14.86
CA ALA B 1094 -5.85 -6.16 -15.80
C ALA B 1094 -5.92 -6.75 -17.21
N MET B 1095 -6.82 -6.20 -18.02
CA MET B 1095 -6.99 -6.63 -19.41
C MET B 1095 -6.44 -5.54 -20.33
N LYS B 1096 -5.49 -5.90 -21.18
CA LYS B 1096 -4.89 -4.99 -22.14
C LYS B 1096 -5.23 -5.47 -23.54
N GLU B 1097 -5.83 -4.60 -24.35
CA GLU B 1097 -6.24 -4.92 -25.70
C GLU B 1097 -5.66 -3.91 -26.68
N MET B 1098 -5.28 -4.38 -27.85
CA MET B 1098 -4.75 -3.54 -28.93
C MET B 1098 -5.79 -3.42 -30.03
N HIS B 1099 -5.99 -2.20 -30.52
CA HIS B 1099 -7.08 -1.92 -31.45
C HIS B 1099 -6.64 -0.80 -32.39
N PHE B 1100 -7.62 -0.16 -33.04
CA PHE B 1100 -7.46 0.99 -33.93
C PHE B 1100 -6.51 0.72 -35.08
N HIS B 1101 -6.20 1.78 -35.85
CA HIS B 1101 -5.54 1.60 -37.13
C HIS B 1101 -4.15 1.01 -36.95
N PRO B 1102 -3.80 -0.04 -37.71
CA PRO B 1102 -2.43 -0.56 -37.66
C PRO B 1102 -1.44 0.46 -38.21
N LYS B 1103 -0.23 0.37 -37.68
CA LYS B 1103 0.82 1.33 -38.01
C LYS B 1103 1.20 1.21 -39.48
N ALA B 1104 1.40 2.36 -40.11
CA ALA B 1104 1.93 2.36 -41.47
C ALA B 1104 3.35 1.81 -41.48
N LEU B 1105 3.64 1.01 -42.50
CA LEU B 1105 4.91 0.31 -42.57
C LEU B 1105 5.86 1.02 -43.52
N LYS B 1106 7.06 1.35 -43.03
CA LYS B 1106 8.05 2.02 -43.87
C LYS B 1106 8.68 1.05 -44.86
N ASP B 1107 8.86 -0.22 -44.47
CA ASP B 1107 9.46 -1.19 -45.38
C ASP B 1107 8.60 -1.40 -46.62
N VAL B 1108 7.28 -1.49 -46.43
CA VAL B 1108 6.36 -1.65 -47.55
C VAL B 1108 6.23 -0.30 -48.25
N LYS B 1109 6.92 -0.15 -49.39
CA LYS B 1109 6.92 1.13 -50.09
C LYS B 1109 5.53 1.51 -50.56
N GLY B 1110 4.72 0.55 -50.98
CA GLY B 1110 3.35 0.83 -51.36
C GLY B 1110 2.51 1.34 -50.20
N GLN B 1111 2.79 0.88 -48.99
CA GLN B 1111 2.05 1.33 -47.83
C GLN B 1111 2.24 2.82 -47.62
N ILE B 1112 1.14 3.52 -47.39
CA ILE B 1112 1.12 4.98 -47.28
C ILE B 1112 0.65 5.36 -45.89
N GLY B 1113 1.45 6.16 -45.20
CA GLY B 1113 1.16 6.57 -43.84
C GLY B 1113 0.81 8.04 -43.76
N ALA B 1114 -0.09 8.37 -42.84
CA ALA B 1114 -0.50 9.74 -42.65
C ALA B 1114 0.64 10.53 -42.04
N PRO B 1115 1.29 11.42 -42.78
CA PRO B 1115 2.47 12.12 -42.23
C PRO B 1115 2.16 12.97 -41.01
N MET B 1116 0.99 13.58 -40.97
CA MET B 1116 0.68 14.60 -39.98
C MET B 1116 -0.74 14.35 -39.44
N PRO B 1117 -0.90 14.27 -38.12
CA PRO B 1117 -2.20 13.86 -37.56
C PRO B 1117 -3.27 14.91 -37.77
N GLY B 1118 -4.37 14.48 -38.39
CA GLY B 1118 -5.48 15.37 -38.63
C GLY B 1118 -6.70 14.61 -39.11
N LYS B 1119 -7.77 15.35 -39.35
CA LYS B 1119 -9.06 14.79 -39.76
C LYS B 1119 -9.05 14.56 -41.26
N VAL B 1120 -9.49 13.36 -41.68
CA VAL B 1120 -9.63 13.09 -43.10
C VAL B 1120 -10.90 13.78 -43.60
N ILE B 1121 -10.75 14.60 -44.64
CA ILE B 1121 -11.90 15.28 -45.23
C ILE B 1121 -12.47 14.42 -46.35
N ASP B 1122 -11.60 13.94 -47.23
CA ASP B 1122 -12.02 13.18 -48.40
C ASP B 1122 -10.95 12.17 -48.78
N ILE B 1123 -11.35 11.20 -49.58
CA ILE B 1123 -10.44 10.27 -50.25
C ILE B 1123 -10.48 10.58 -51.74
N LYS B 1124 -9.31 10.90 -52.30
CA LYS B 1124 -9.26 11.32 -53.70
C LYS B 1124 -9.51 10.16 -54.64
N VAL B 1125 -8.93 8.99 -54.35
CA VAL B 1125 -9.06 7.81 -55.20
C VAL B 1125 -9.64 6.68 -54.38
N VAL B 1126 -10.78 6.17 -54.81
CA VAL B 1126 -11.43 5.02 -54.19
C VAL B 1126 -10.72 3.76 -54.64
N ALA B 1127 -10.75 2.73 -53.80
CA ALA B 1127 -10.08 1.47 -54.13
C ALA B 1127 -10.58 0.95 -55.47
N GLY B 1128 -9.65 0.50 -56.32
CA GLY B 1128 -9.98 0.00 -57.62
C GLY B 1128 -9.83 0.97 -58.76
N ALA B 1129 -9.10 2.08 -58.56
CA ALA B 1129 -8.93 3.08 -59.60
C ALA B 1129 -7.45 3.36 -59.82
N LYS B 1130 -7.13 3.81 -61.03
CA LYS B 1130 -5.75 4.13 -61.39
C LYS B 1130 -5.22 5.25 -60.52
N VAL B 1131 -3.98 5.10 -60.05
CA VAL B 1131 -3.31 6.12 -59.26
C VAL B 1131 -1.95 6.40 -59.90
N ALA B 1132 -1.68 7.67 -60.19
CA ALA B 1132 -0.48 8.08 -60.89
C ALA B 1132 0.57 8.58 -59.92
N LYS B 1133 1.74 8.89 -60.46
CA LYS B 1133 2.83 9.42 -59.65
C LYS B 1133 2.55 10.87 -59.26
N GLY B 1134 2.76 11.18 -57.98
CA GLY B 1134 2.46 12.50 -57.48
C GLY B 1134 0.98 12.85 -57.56
N GLN B 1135 0.11 11.90 -57.22
CA GLN B 1135 -1.32 12.09 -57.35
C GLN B 1135 -2.00 12.11 -55.99
N PRO B 1136 -2.89 13.06 -55.75
CA PRO B 1136 -3.54 13.15 -54.43
C PRO B 1136 -4.35 11.92 -54.11
N LEU B 1137 -4.34 11.54 -52.83
CA LEU B 1137 -5.04 10.35 -52.35
C LEU B 1137 -6.04 10.66 -51.25
N CYS B 1138 -5.66 11.44 -50.24
CA CYS B 1138 -6.59 11.86 -49.21
C CYS B 1138 -6.07 13.15 -48.58
N VAL B 1139 -6.97 13.83 -47.87
CA VAL B 1139 -6.67 15.12 -47.27
C VAL B 1139 -6.85 15.00 -45.76
N LEU B 1140 -5.86 15.46 -45.02
CA LEU B 1140 -5.89 15.47 -43.56
C LEU B 1140 -6.05 16.91 -43.07
N SER B 1141 -6.90 17.16 -42.07
CA SER B 1141 -7.15 18.55 -41.63
C SER B 1141 -6.92 18.69 -40.13
N ALA B 1142 -5.89 19.43 -39.72
CA ALA B 1142 -5.66 19.66 -38.27
C ALA B 1142 -6.32 20.98 -37.86
N MET B 1143 -5.81 21.60 -36.79
CA MET B 1143 -6.33 22.93 -36.36
C MET B 1143 -5.69 24.00 -37.24
N LYS B 1144 -4.60 23.65 -37.94
CA LYS B 1144 -3.80 24.67 -38.65
C LYS B 1144 -3.46 24.22 -40.07
N MET B 1145 -2.17 24.07 -40.38
CA MET B 1145 -1.75 23.73 -41.77
C MET B 1145 -2.36 22.39 -42.19
N GLU B 1146 -2.85 22.32 -43.43
CA GLU B 1146 -3.41 21.04 -43.94
C GLU B 1146 -2.33 20.39 -44.82
N THR B 1147 -2.38 19.07 -44.96
CA THR B 1147 -1.42 18.36 -45.81
C THR B 1147 -2.15 17.33 -46.64
N VAL B 1148 -1.89 17.33 -47.95
CA VAL B 1148 -2.53 16.41 -48.89
C VAL B 1148 -1.54 15.29 -49.19
N VAL B 1149 -2.03 14.06 -49.13
CA VAL B 1149 -1.17 12.89 -49.35
C VAL B 1149 -1.01 12.68 -50.85
N THR B 1150 0.23 12.50 -51.29
CA THR B 1150 0.54 12.22 -52.68
C THR B 1150 0.79 10.73 -52.86
N SER B 1151 0.48 10.24 -54.06
CA SER B 1151 0.72 8.84 -54.36
C SER B 1151 2.20 8.56 -54.43
N PRO B 1152 2.72 7.61 -53.65
CA PRO B 1152 4.17 7.32 -53.71
C PRO B 1152 4.63 6.88 -55.08
N MET B 1153 3.78 6.19 -55.84
CA MET B 1153 4.13 5.73 -57.16
C MET B 1153 2.87 5.51 -57.98
N GLU B 1154 3.06 5.23 -59.26
CA GLU B 1154 1.98 4.89 -60.16
C GLU B 1154 1.57 3.44 -59.88
N GLY B 1155 0.43 3.26 -59.23
CA GLY B 1155 -0.02 1.92 -58.93
C GLY B 1155 -1.49 1.93 -58.57
N THR B 1156 -2.18 0.90 -59.03
CA THR B 1156 -3.61 0.78 -58.80
C THR B 1156 -3.89 0.60 -57.31
N VAL B 1157 -4.86 1.36 -56.81
CA VAL B 1157 -5.36 1.15 -55.47
C VAL B 1157 -6.29 -0.06 -55.47
N ARG B 1158 -5.98 -1.02 -54.61
CA ARG B 1158 -6.79 -2.24 -54.51
C ARG B 1158 -7.56 -2.38 -53.21
N LYS B 1159 -7.16 -1.69 -52.14
CA LYS B 1159 -7.94 -1.68 -50.92
C LYS B 1159 -7.70 -0.38 -50.16
N VAL B 1160 -8.72 0.08 -49.44
CA VAL B 1160 -8.69 1.34 -48.72
C VAL B 1160 -8.84 1.02 -47.23
N HIS B 1161 -8.05 1.71 -46.40
CA HIS B 1161 -8.20 1.60 -44.96
C HIS B 1161 -8.52 2.94 -44.31
N VAL B 1162 -8.11 4.05 -44.92
CA VAL B 1162 -8.43 5.37 -44.39
C VAL B 1162 -9.92 5.68 -44.52
N THR B 1163 -10.61 4.99 -45.42
CA THR B 1163 -12.06 5.14 -45.64
C THR B 1163 -12.32 6.64 -45.85
N LYS B 1164 -13.14 7.27 -45.01
CA LYS B 1164 -13.44 8.69 -45.16
C LYS B 1164 -13.93 9.21 -43.82
N ASP B 1165 -13.50 10.43 -43.48
CA ASP B 1165 -14.03 11.18 -42.35
C ASP B 1165 -13.86 10.44 -41.03
N MET B 1166 -12.61 10.22 -40.63
CA MET B 1166 -12.31 9.93 -39.24
C MET B 1166 -10.96 10.53 -38.89
N THR B 1167 -10.78 10.84 -37.61
CA THR B 1167 -9.49 11.33 -37.15
C THR B 1167 -8.42 10.26 -37.28
N LEU B 1168 -7.24 10.66 -37.73
CA LEU B 1168 -6.15 9.71 -37.93
C LEU B 1168 -4.85 10.39 -37.58
N GLU B 1169 -3.94 9.63 -36.99
CA GLU B 1169 -2.71 10.16 -36.44
C GLU B 1169 -1.55 9.92 -37.40
N GLY B 1170 -0.33 10.24 -36.93
CA GLY B 1170 0.83 10.18 -37.78
C GLY B 1170 1.20 8.76 -38.19
N ASP B 1171 1.58 8.62 -39.46
CA ASP B 1171 2.04 7.35 -40.03
C ASP B 1171 1.04 6.23 -39.78
N ASP B 1172 -0.20 6.46 -40.22
CA ASP B 1172 -1.23 5.44 -40.24
C ASP B 1172 -1.45 4.99 -41.66
N LEU B 1173 -1.53 3.68 -41.85
CA LEU B 1173 -1.64 3.12 -43.20
C LEU B 1173 -2.95 3.54 -43.82
N ILE B 1174 -2.90 4.54 -44.69
CA ILE B 1174 -4.12 5.06 -45.30
C ILE B 1174 -4.44 4.35 -46.60
N LEU B 1175 -3.42 3.85 -47.31
CA LEU B 1175 -3.62 3.19 -48.59
C LEU B 1175 -2.51 2.18 -48.80
N GLU B 1176 -2.89 0.98 -49.25
CA GLU B 1176 -1.96 -0.13 -49.42
C GLU B 1176 -1.82 -0.47 -50.89
N ILE B 1177 -0.57 -0.53 -51.37
CA ILE B 1177 -0.26 -0.86 -52.75
C ILE B 1177 0.81 -1.95 -52.74
N GLU B 1178 0.62 -2.97 -53.57
CA GLU B 1178 1.59 -4.06 -53.66
C GLU B 1178 2.95 -3.54 -54.12
N ASN C 495 -50.26 23.48 6.02
CA ASN C 495 -48.85 23.45 6.39
C ASN C 495 -48.43 22.01 6.65
N ARG C 496 -49.41 21.09 6.59
CA ARG C 496 -49.12 19.69 6.88
C ARG C 496 -48.18 19.09 5.85
N ALA C 497 -48.43 19.35 4.56
CA ALA C 497 -47.55 18.82 3.52
C ALA C 497 -46.14 19.37 3.66
N GLN C 498 -46.02 20.66 3.98
CA GLN C 498 -44.70 21.25 4.19
C GLN C 498 -43.99 20.59 5.37
N LYS C 499 -44.72 20.31 6.45
CA LYS C 499 -44.12 19.63 7.59
C LYS C 499 -43.69 18.23 7.21
N LEU C 500 -44.47 17.54 6.40
CA LEU C 500 -44.08 16.21 5.93
C LEU C 500 -42.81 16.27 5.08
N LEU C 501 -42.73 17.25 4.19
CA LEU C 501 -41.54 17.38 3.35
C LEU C 501 -40.32 17.71 4.19
N HIS C 502 -40.48 18.59 5.18
CA HIS C 502 -39.41 18.89 6.11
C HIS C 502 -38.95 17.64 6.85
N TYR C 503 -39.91 16.84 7.30
CA TYR C 503 -39.59 15.61 8.02
C TYR C 503 -38.83 14.63 7.11
N LEU C 504 -39.28 14.48 5.86
CA LEU C 504 -38.61 13.57 4.94
C LEU C 504 -37.21 14.04 4.60
N GLY C 505 -37.03 15.34 4.38
CA GLY C 505 -35.69 15.85 4.14
C GLY C 505 -34.77 15.65 5.32
N HIS C 506 -35.28 15.90 6.53
CA HIS C 506 -34.48 15.66 7.72
C HIS C 506 -34.09 14.19 7.83
N VAL C 507 -35.00 13.30 7.45
CA VAL C 507 -34.67 11.88 7.37
C VAL C 507 -33.53 11.65 6.40
N MET C 508 -33.66 12.19 5.18
CA MET C 508 -32.72 11.88 4.12
C MET C 508 -31.32 12.37 4.44
N VAL C 509 -31.21 13.58 5.01
CA VAL C 509 -29.88 14.11 5.27
C VAL C 509 -29.35 13.60 6.60
N ASN C 510 -30.19 13.56 7.64
CA ASN C 510 -29.70 13.22 8.97
C ASN C 510 -29.80 11.73 9.23
N GLY C 511 -31.01 11.18 9.16
CA GLY C 511 -31.21 9.76 9.38
C GLY C 511 -32.43 9.48 10.23
N PRO C 512 -32.79 8.21 10.36
CA PRO C 512 -33.93 7.86 11.21
C PRO C 512 -33.66 8.24 12.66
N THR C 513 -34.70 8.74 13.33
CA THR C 513 -34.56 9.16 14.72
C THR C 513 -34.45 7.96 15.66
N THR C 514 -35.26 6.94 15.41
CA THR C 514 -35.27 5.78 16.29
C THR C 514 -33.92 5.05 16.22
N PRO C 515 -33.38 4.62 17.36
CA PRO C 515 -32.13 3.85 17.32
C PRO C 515 -32.31 2.55 16.57
N ILE C 516 -31.38 2.29 15.66
CA ILE C 516 -31.46 1.11 14.79
C ILE C 516 -30.55 0.03 15.37
N PRO C 517 -31.11 -1.09 15.85
CA PRO C 517 -30.26 -2.11 16.45
C PRO C 517 -29.23 -2.69 15.49
N VAL C 518 -29.68 -3.16 14.33
CA VAL C 518 -28.82 -3.78 13.34
C VAL C 518 -28.86 -2.95 12.07
N LYS C 519 -27.68 -2.60 11.54
CA LYS C 519 -27.58 -1.78 10.35
C LYS C 519 -27.93 -2.57 9.10
N ALA C 520 -29.22 -2.58 8.74
CA ALA C 520 -29.70 -3.26 7.55
C ALA C 520 -30.64 -2.36 6.78
N SER C 521 -30.66 -2.54 5.46
CA SER C 521 -31.51 -1.75 4.58
C SER C 521 -32.73 -2.56 4.18
N PRO C 522 -33.94 -2.08 4.46
CA PRO C 522 -35.14 -2.85 4.09
C PRO C 522 -35.22 -3.07 2.58
N SER C 523 -35.64 -4.28 2.21
CA SER C 523 -35.67 -4.64 0.80
C SER C 523 -36.85 -3.96 0.11
N PRO C 524 -36.69 -3.56 -1.16
CA PRO C 524 -37.81 -2.94 -1.91
C PRO C 524 -38.74 -3.99 -2.53
N THR C 525 -39.35 -4.80 -1.66
CA THR C 525 -40.28 -5.84 -2.08
C THR C 525 -41.65 -5.57 -1.48
N ASP C 526 -42.59 -5.17 -2.32
CA ASP C 526 -43.92 -4.83 -1.84
C ASP C 526 -44.70 -6.09 -1.54
N PRO C 527 -45.16 -6.30 -0.31
CA PRO C 527 -46.00 -7.47 -0.01
C PRO C 527 -47.28 -7.46 -0.81
N VAL C 528 -47.70 -8.65 -1.25
CA VAL C 528 -48.89 -8.77 -2.07
C VAL C 528 -50.13 -8.72 -1.17
N VAL C 529 -51.05 -7.82 -1.49
CA VAL C 529 -52.33 -7.71 -0.81
C VAL C 529 -53.29 -8.70 -1.46
N PRO C 530 -53.85 -9.64 -0.72
CA PRO C 530 -54.75 -10.62 -1.34
C PRO C 530 -56.03 -9.97 -1.83
N ALA C 531 -56.59 -10.52 -2.90
CA ALA C 531 -57.89 -10.08 -3.36
C ALA C 531 -58.97 -10.49 -2.37
N VAL C 532 -59.88 -9.57 -2.10
CA VAL C 532 -60.87 -9.79 -1.06
C VAL C 532 -62.25 -9.82 -1.70
N PRO C 533 -63.24 -10.50 -1.10
CA PRO C 533 -64.61 -10.42 -1.62
C PRO C 533 -65.21 -9.04 -1.40
N ILE C 534 -66.21 -8.72 -2.20
CA ILE C 534 -66.80 -7.40 -2.21
C ILE C 534 -67.80 -7.29 -1.08
N GLY C 535 -68.52 -8.38 -0.82
CA GLY C 535 -69.57 -8.34 0.16
C GLY C 535 -69.09 -8.02 1.56
N PRO C 536 -70.05 -7.89 2.47
CA PRO C 536 -69.71 -7.56 3.84
C PRO C 536 -69.05 -8.72 4.54
N PRO C 537 -68.37 -8.47 5.65
CA PRO C 537 -67.76 -9.53 6.40
C PRO C 537 -68.82 -10.48 6.94
N PRO C 538 -68.50 -11.75 7.05
CA PRO C 538 -69.48 -12.73 7.53
C PRO C 538 -69.80 -12.55 9.00
N ALA C 539 -70.59 -13.45 9.56
CA ALA C 539 -70.93 -13.42 10.97
C ALA C 539 -70.08 -14.42 11.73
N GLY C 540 -69.38 -13.94 12.74
CA GLY C 540 -68.58 -14.81 13.57
C GLY C 540 -69.25 -15.05 14.90
N PHE C 541 -68.63 -14.57 15.97
CA PHE C 541 -69.21 -14.63 17.30
C PHE C 541 -69.44 -13.27 17.93
N ARG C 542 -69.06 -12.18 17.24
CA ARG C 542 -69.36 -10.86 17.77
C ARG C 542 -70.86 -10.61 17.80
N ASP C 543 -71.58 -11.05 16.77
CA ASP C 543 -73.03 -10.88 16.75
C ASP C 543 -73.68 -11.65 17.91
N ILE C 544 -73.16 -12.83 18.24
CA ILE C 544 -73.72 -13.60 19.34
C ILE C 544 -73.58 -12.84 20.65
N LEU C 545 -72.41 -12.25 20.89
CA LEU C 545 -72.24 -11.47 22.12
C LEU C 545 -73.06 -10.19 22.09
N LEU C 546 -73.20 -9.56 20.93
CA LEU C 546 -73.99 -8.34 20.83
C LEU C 546 -75.46 -8.62 21.11
N ARG C 547 -75.95 -9.79 20.69
CA ARG C 547 -77.33 -10.17 20.93
C ARG C 547 -77.57 -10.75 22.31
N GLU C 548 -76.52 -10.98 23.10
CA GLU C 548 -76.63 -11.73 24.34
C GLU C 548 -75.78 -11.03 25.40
N GLY C 549 -75.58 -11.71 26.51
CA GLY C 549 -74.69 -11.23 27.54
C GLY C 549 -73.36 -11.96 27.46
N PRO C 550 -72.48 -11.69 28.42
CA PRO C 550 -71.22 -12.44 28.49
C PRO C 550 -71.44 -13.93 28.64
N GLU C 551 -72.46 -14.33 29.41
CA GLU C 551 -72.70 -15.76 29.64
C GLU C 551 -73.13 -16.45 28.35
N GLY C 552 -73.89 -15.76 27.51
CA GLY C 552 -74.25 -16.32 26.22
C GLY C 552 -73.05 -16.64 25.37
N PHE C 553 -72.12 -15.69 25.26
CA PHE C 553 -70.89 -15.96 24.54
C PHE C 553 -70.11 -17.09 25.19
N ALA C 554 -70.13 -17.14 26.52
CA ALA C 554 -69.38 -18.17 27.24
C ALA C 554 -69.86 -19.56 26.87
N ARG C 555 -71.16 -19.83 26.99
CA ARG C 555 -71.59 -21.20 26.69
C ARG C 555 -71.62 -21.44 25.19
N ALA C 556 -71.70 -20.37 24.38
CA ALA C 556 -71.53 -20.53 22.95
C ALA C 556 -70.15 -21.09 22.63
N VAL C 557 -69.13 -20.58 23.33
CA VAL C 557 -67.79 -21.15 23.21
C VAL C 557 -67.77 -22.58 23.74
N ARG C 558 -68.35 -22.79 24.90
CA ARG C 558 -68.22 -24.08 25.59
C ARG C 558 -68.85 -25.21 24.79
N ASN C 559 -70.06 -25.00 24.24
CA ASN C 559 -70.79 -26.09 23.62
C ASN C 559 -70.25 -26.47 22.25
N HIS C 560 -69.54 -25.57 21.59
CA HIS C 560 -69.23 -25.75 20.18
C HIS C 560 -68.36 -26.98 19.96
N PRO C 561 -68.73 -27.86 19.04
CA PRO C 561 -67.86 -29.00 18.68
C PRO C 561 -66.79 -28.57 17.69
N GLY C 562 -65.54 -28.64 18.13
CA GLY C 562 -64.42 -28.22 17.31
C GLY C 562 -63.34 -27.56 18.14
N LEU C 563 -62.37 -26.92 17.50
CA LEU C 563 -61.27 -26.26 18.20
C LEU C 563 -61.18 -24.81 17.75
N LEU C 564 -60.98 -23.91 18.71
CA LEU C 564 -60.98 -22.48 18.45
C LEU C 564 -59.55 -21.96 18.36
N LEU C 565 -59.36 -21.06 17.40
CA LEU C 565 -58.05 -20.56 17.00
C LEU C 565 -57.85 -19.13 17.48
N MET C 566 -56.75 -18.91 18.19
CA MET C 566 -56.32 -17.59 18.64
C MET C 566 -55.15 -17.17 17.76
N ASP C 567 -55.43 -16.39 16.72
CA ASP C 567 -54.34 -15.90 15.88
C ASP C 567 -53.60 -14.81 16.63
N THR C 568 -52.27 -14.88 16.62
CA THR C 568 -51.43 -13.96 17.37
C THR C 568 -50.39 -13.35 16.47
N THR C 569 -50.76 -13.11 15.21
CA THR C 569 -49.89 -12.45 14.26
C THR C 569 -50.00 -10.94 14.30
N PHE C 570 -50.38 -10.35 15.44
CA PHE C 570 -50.40 -8.91 15.58
C PHE C 570 -49.90 -8.37 16.92
N ARG C 571 -49.95 -9.13 18.01
CA ARG C 571 -49.29 -8.64 19.21
C ARG C 571 -48.14 -9.52 19.65
N ASP C 572 -48.39 -10.83 19.80
CA ASP C 572 -47.39 -11.77 20.27
C ASP C 572 -46.15 -11.81 19.37
N ALA C 573 -46.36 -11.91 18.06
CA ALA C 573 -45.26 -12.11 17.13
C ALA C 573 -44.26 -10.97 17.13
N HIS C 574 -44.72 -9.74 17.40
CA HIS C 574 -43.81 -8.60 17.38
C HIS C 574 -42.67 -8.78 18.37
N GLN C 575 -42.98 -8.78 19.67
CA GLN C 575 -41.96 -9.00 20.69
C GLN C 575 -41.39 -10.39 20.66
N SER C 576 -42.09 -11.35 20.07
CA SER C 576 -41.55 -12.70 20.01
C SER C 576 -40.41 -12.79 19.01
N LEU C 577 -40.51 -12.03 17.92
CA LEU C 577 -39.48 -12.00 16.88
C LEU C 577 -38.79 -10.66 16.76
N LEU C 578 -39.54 -9.61 16.48
CA LEU C 578 -39.03 -8.26 16.34
C LEU C 578 -38.92 -7.63 17.73
N ALA C 579 -38.79 -6.32 17.77
CA ALA C 579 -38.78 -5.58 19.04
C ALA C 579 -40.12 -4.91 19.32
N THR C 580 -41.24 -5.54 18.92
CA THR C 580 -42.55 -4.90 18.87
C THR C 580 -42.43 -3.53 18.21
N ARG C 581 -41.84 -3.57 17.02
CA ARG C 581 -41.43 -2.39 16.29
C ARG C 581 -42.05 -2.41 14.90
N VAL C 582 -43.36 -2.58 14.83
CA VAL C 582 -44.10 -2.61 13.57
C VAL C 582 -44.99 -1.37 13.49
N ARG C 583 -44.99 -0.72 12.32
CA ARG C 583 -45.89 0.38 12.04
C ARG C 583 -47.30 -0.13 11.71
N THR C 584 -48.27 0.78 11.80
CA THR C 584 -49.68 0.41 11.59
C THR C 584 -50.08 0.53 10.12
N HIS C 585 -49.34 1.31 9.33
CA HIS C 585 -49.76 1.58 7.96
C HIS C 585 -49.93 0.30 7.16
N ASP C 586 -48.91 -0.56 7.15
CA ASP C 586 -49.04 -1.83 6.45
C ASP C 586 -49.95 -2.79 7.19
N LEU C 587 -50.19 -2.56 8.47
CA LEU C 587 -51.07 -3.45 9.23
C LEU C 587 -52.47 -3.44 8.69
N LYS C 588 -52.97 -2.28 8.27
CA LYS C 588 -54.27 -2.18 7.59
C LYS C 588 -54.14 -2.51 6.11
N LYS C 589 -53.59 -3.69 5.82
CA LYS C 589 -53.52 -4.18 4.46
C LYS C 589 -54.09 -5.59 4.31
N ILE C 590 -54.37 -6.26 5.43
CA ILE C 590 -55.15 -7.49 5.39
C ILE C 590 -56.49 -7.35 6.10
N ALA C 591 -56.79 -6.19 6.67
CA ALA C 591 -58.00 -6.00 7.47
C ALA C 591 -59.28 -6.38 6.72
N PRO C 592 -59.52 -5.95 5.48
CA PRO C 592 -60.68 -6.52 4.76
C PRO C 592 -60.57 -8.01 4.58
N TYR C 593 -59.37 -8.51 4.32
CA TYR C 593 -59.20 -9.95 4.13
C TYR C 593 -59.48 -10.71 5.42
N VAL C 594 -58.99 -10.19 6.55
CA VAL C 594 -59.26 -10.84 7.84
C VAL C 594 -60.74 -10.77 8.17
N ALA C 595 -61.37 -9.63 7.91
CA ALA C 595 -62.80 -9.49 8.16
C ALA C 595 -63.64 -10.42 7.30
N HIS C 596 -63.24 -10.63 6.05
CA HIS C 596 -64.09 -11.30 5.08
C HIS C 596 -63.83 -12.81 5.02
N ASN C 597 -62.57 -13.21 4.83
CA ASN C 597 -62.24 -14.62 4.75
C ASN C 597 -62.32 -15.30 6.12
N PHE C 598 -61.84 -14.63 7.16
CA PHE C 598 -61.64 -15.27 8.47
C PHE C 598 -62.79 -14.91 9.38
N SER C 599 -63.69 -15.87 9.60
CA SER C 599 -64.76 -15.74 10.58
C SER C 599 -64.74 -16.83 11.64
N LYS C 600 -64.19 -18.00 11.34
CA LYS C 600 -64.04 -19.06 12.31
C LYS C 600 -63.07 -18.71 13.42
N LEU C 601 -62.31 -17.63 13.24
CA LEU C 601 -61.37 -17.19 14.26
C LEU C 601 -62.12 -16.75 15.51
N PHE C 602 -61.57 -17.10 16.68
CA PHE C 602 -62.24 -16.81 17.93
C PHE C 602 -62.24 -15.31 18.23
N SER C 603 -61.06 -14.75 18.51
CA SER C 603 -60.94 -13.35 18.85
C SER C 603 -59.52 -12.93 18.54
N MET C 604 -59.33 -11.64 18.33
CA MET C 604 -58.05 -11.15 17.86
C MET C 604 -57.37 -10.31 18.93
N GLU C 605 -56.05 -10.44 18.98
CA GLU C 605 -55.20 -9.78 19.96
C GLU C 605 -54.74 -8.46 19.34
N ASN C 606 -55.49 -7.39 19.59
CA ASN C 606 -55.21 -6.12 18.93
C ASN C 606 -54.11 -5.34 19.67
N TRP C 607 -54.40 -4.90 20.89
CA TRP C 607 -53.45 -4.07 21.61
C TRP C 607 -52.50 -4.89 22.48
N GLY C 608 -51.72 -4.16 23.25
CA GLY C 608 -50.92 -4.71 24.32
C GLY C 608 -50.29 -3.55 25.08
N GLY C 609 -49.91 -3.83 26.33
CA GLY C 609 -49.20 -2.83 27.10
C GLY C 609 -47.89 -2.44 26.44
N ALA C 610 -47.19 -3.43 25.89
CA ALA C 610 -45.98 -3.16 25.13
C ALA C 610 -46.28 -2.32 23.90
N THR C 611 -47.39 -2.61 23.21
CA THR C 611 -47.79 -1.82 22.06
C THR C 611 -48.04 -0.37 22.46
N PHE C 612 -48.70 -0.17 23.61
CA PHE C 612 -48.95 1.18 24.08
C PHE C 612 -47.66 1.91 24.40
N ASP C 613 -46.73 1.24 25.09
CA ASP C 613 -45.47 1.89 25.44
C ASP C 613 -44.66 2.24 24.19
N VAL C 614 -44.62 1.33 23.22
CA VAL C 614 -43.83 1.60 22.01
C VAL C 614 -44.50 2.68 21.17
N ALA C 615 -45.84 2.73 21.18
CA ALA C 615 -46.55 3.74 20.40
C ALA C 615 -46.57 5.08 21.14
N MET C 616 -46.10 5.11 22.38
CA MET C 616 -45.94 6.41 23.04
C MET C 616 -44.48 6.86 23.05
N ARG C 617 -43.53 5.94 22.99
CA ARG C 617 -42.11 6.25 23.08
C ARG C 617 -41.45 6.40 21.71
N PHE C 618 -41.46 5.31 20.92
CA PHE C 618 -40.75 5.28 19.66
C PHE C 618 -41.70 5.38 18.47
N LEU C 619 -42.71 4.53 18.43
CA LEU C 619 -43.72 4.58 17.38
C LEU C 619 -44.52 5.87 17.56
N TYR C 620 -44.43 6.76 16.58
CA TYR C 620 -45.14 8.03 16.71
C TYR C 620 -46.59 7.93 16.25
N GLU C 621 -47.38 7.18 17.01
CA GLU C 621 -48.80 6.94 16.73
C GLU C 621 -49.58 7.07 18.04
N CYS C 622 -50.90 6.97 17.97
CA CYS C 622 -51.77 7.05 19.15
C CYS C 622 -52.55 5.76 19.31
N PRO C 623 -52.36 5.02 20.40
CA PRO C 623 -53.03 3.71 20.52
C PRO C 623 -54.54 3.77 20.44
N TRP C 624 -55.15 4.82 21.01
CA TRP C 624 -56.60 4.94 20.93
C TRP C 624 -57.04 5.04 19.48
N ARG C 625 -56.32 5.81 18.67
CA ARG C 625 -56.58 5.79 17.24
C ARG C 625 -56.35 4.40 16.68
N ARG C 626 -55.25 3.75 17.09
CA ARG C 626 -54.93 2.42 16.56
C ARG C 626 -56.12 1.49 16.70
N LEU C 627 -56.84 1.58 17.82
CA LEU C 627 -58.07 0.80 17.93
C LEU C 627 -59.20 1.41 17.10
N GLN C 628 -59.25 2.76 17.03
CA GLN C 628 -60.41 3.42 16.45
C GLN C 628 -60.56 3.10 14.97
N GLU C 629 -59.49 3.26 14.18
CA GLU C 629 -59.65 2.91 12.76
C GLU C 629 -59.74 1.41 12.54
N LEU C 630 -59.22 0.59 13.45
CA LEU C 630 -59.33 -0.85 13.26
C LEU C 630 -60.71 -1.40 13.59
N ARG C 631 -61.53 -0.66 14.34
CA ARG C 631 -62.88 -1.15 14.63
C ARG C 631 -63.69 -1.35 13.37
N GLU C 632 -63.62 -0.41 12.43
CA GLU C 632 -64.52 -0.42 11.27
C GLU C 632 -64.02 -1.27 10.12
N LEU C 633 -62.81 -1.83 10.20
CA LEU C 633 -62.31 -2.67 9.13
C LEU C 633 -62.72 -4.13 9.28
N ILE C 634 -62.94 -4.60 10.51
CA ILE C 634 -63.39 -5.98 10.74
C ILE C 634 -64.60 -5.94 11.67
N PRO C 635 -65.80 -5.71 11.16
CA PRO C 635 -66.99 -5.88 12.01
C PRO C 635 -67.48 -7.31 12.03
N ASN C 636 -66.59 -8.25 12.32
CA ASN C 636 -66.95 -9.65 12.38
C ASN C 636 -66.52 -10.36 13.66
N ILE C 637 -65.31 -10.09 14.14
CA ILE C 637 -64.66 -10.92 15.15
C ILE C 637 -64.42 -10.07 16.39
N PRO C 638 -64.65 -10.62 17.60
CA PRO C 638 -64.30 -9.87 18.81
C PRO C 638 -62.80 -9.68 18.94
N PHE C 639 -62.42 -8.64 19.66
CA PHE C 639 -61.03 -8.36 19.96
C PHE C 639 -60.65 -8.90 21.33
N GLN C 640 -59.35 -9.07 21.54
CA GLN C 640 -58.80 -9.51 22.81
C GLN C 640 -57.58 -8.66 23.14
N MET C 641 -57.52 -8.13 24.36
CA MET C 641 -56.47 -7.22 24.76
C MET C 641 -55.91 -7.62 26.10
N LEU C 642 -54.57 -7.53 26.20
CA LEU C 642 -53.83 -8.00 27.37
C LEU C 642 -53.69 -6.87 28.37
N LEU C 643 -54.47 -6.93 29.44
CA LEU C 643 -54.35 -6.02 30.56
C LEU C 643 -53.98 -6.83 31.80
N ARG C 644 -53.65 -6.14 32.87
CA ARG C 644 -53.30 -6.79 34.13
C ARG C 644 -53.98 -6.11 35.30
N GLY C 645 -54.00 -6.82 36.44
CA GLY C 645 -54.85 -6.47 37.55
C GLY C 645 -54.60 -5.15 38.27
N ALA C 646 -53.45 -5.02 38.94
CA ALA C 646 -53.23 -3.88 39.82
C ALA C 646 -52.89 -2.63 39.02
N ASN C 647 -51.77 -2.65 38.32
CA ASN C 647 -51.36 -1.52 37.50
C ASN C 647 -51.69 -1.76 36.04
N ALA C 648 -52.62 -0.96 35.52
CA ALA C 648 -53.24 -1.25 34.23
C ALA C 648 -52.19 -1.27 33.11
N VAL C 649 -51.64 -0.12 32.78
CA VAL C 649 -50.78 0.00 31.60
C VAL C 649 -49.33 0.28 31.94
N GLY C 650 -49.02 0.98 33.03
CA GLY C 650 -47.65 1.25 33.38
C GLY C 650 -47.01 0.06 34.05
N TYR C 651 -45.80 0.29 34.57
CA TYR C 651 -45.02 -0.78 35.18
C TYR C 651 -44.99 -0.69 36.70
N THR C 652 -45.66 0.30 37.29
CA THR C 652 -45.83 0.43 38.73
C THR C 652 -47.31 0.60 39.05
N ASN C 653 -47.69 0.27 40.28
CA ASN C 653 -49.10 0.27 40.68
C ASN C 653 -49.73 1.64 40.46
N TYR C 654 -51.04 1.64 40.22
CA TYR C 654 -51.79 2.86 39.92
C TYR C 654 -53.13 2.89 40.65
N PRO C 655 -53.70 4.08 40.86
CA PRO C 655 -54.93 4.19 41.64
C PRO C 655 -56.10 3.46 41.01
N ASP C 656 -56.98 2.95 41.88
CA ASP C 656 -58.09 2.13 41.41
C ASP C 656 -59.02 2.89 40.48
N ASN C 657 -59.37 4.13 40.83
CA ASN C 657 -60.24 4.92 39.97
C ASN C 657 -59.63 5.10 38.59
N VAL C 658 -58.32 5.27 38.55
CA VAL C 658 -57.63 5.42 37.28
C VAL C 658 -57.81 4.18 36.41
N VAL C 659 -57.62 3.00 37.00
CA VAL C 659 -57.86 1.74 36.30
C VAL C 659 -59.32 1.64 35.88
N PHE C 660 -60.24 2.04 36.76
CA PHE C 660 -61.66 2.04 36.42
C PHE C 660 -61.90 2.86 35.16
N LYS C 661 -61.28 4.04 35.07
CA LYS C 661 -61.55 4.91 33.93
C LYS C 661 -60.91 4.39 32.66
N PHE C 662 -59.65 3.92 32.71
CA PHE C 662 -59.12 3.23 31.53
C PHE C 662 -60.01 2.08 31.08
N CYS C 663 -60.42 1.22 32.00
CA CYS C 663 -61.16 0.04 31.60
C CYS C 663 -62.50 0.41 30.97
N GLU C 664 -63.21 1.37 31.58
CA GLU C 664 -64.48 1.80 31.04
C GLU C 664 -64.32 2.46 29.68
N VAL C 665 -63.32 3.34 29.54
CA VAL C 665 -63.12 4.01 28.27
C VAL C 665 -62.73 3.02 27.18
N ALA C 666 -61.86 2.07 27.51
CA ALA C 666 -61.43 1.07 26.55
C ALA C 666 -62.61 0.24 26.08
N LYS C 667 -63.43 -0.23 27.02
CA LYS C 667 -64.63 -0.98 26.62
C LYS C 667 -65.56 -0.10 25.79
N GLU C 668 -65.58 1.20 26.11
CA GLU C 668 -66.41 2.14 25.36
C GLU C 668 -65.96 2.24 23.90
N ASN C 669 -64.65 2.24 23.65
CA ASN C 669 -64.15 2.44 22.30
C ASN C 669 -64.64 1.37 21.34
N GLY C 670 -65.09 0.23 21.86
CA GLY C 670 -65.50 -0.87 21.01
C GLY C 670 -64.71 -2.11 21.35
N MET C 671 -63.92 -2.04 22.43
CA MET C 671 -63.18 -3.20 22.86
C MET C 671 -64.12 -4.32 23.28
N ASP C 672 -63.66 -5.56 23.11
CA ASP C 672 -64.53 -6.72 23.15
C ASP C 672 -64.25 -7.62 24.34
N VAL C 673 -63.01 -8.08 24.51
CA VAL C 673 -62.65 -9.03 25.56
C VAL C 673 -61.50 -8.45 26.36
N PHE C 674 -61.56 -8.62 27.68
CA PHE C 674 -60.55 -8.11 28.60
C PHE C 674 -59.73 -9.26 29.14
N ARG C 675 -58.41 -9.15 29.05
CA ARG C 675 -57.50 -10.08 29.70
C ARG C 675 -56.92 -9.41 30.92
N VAL C 676 -56.80 -10.14 32.03
CA VAL C 676 -56.27 -9.62 33.27
C VAL C 676 -55.38 -10.69 33.91
N PHE C 677 -54.24 -10.27 34.46
CA PHE C 677 -53.35 -11.14 35.20
C PHE C 677 -52.52 -10.27 36.15
N ASP C 678 -51.66 -10.90 36.94
CA ASP C 678 -50.73 -10.19 37.81
C ASP C 678 -49.38 -10.88 37.79
N SER C 679 -48.33 -10.09 37.98
CA SER C 679 -46.97 -10.62 37.91
C SER C 679 -46.75 -11.72 38.94
N LEU C 680 -47.27 -11.52 40.14
CA LEU C 680 -47.20 -12.53 41.18
C LEU C 680 -48.50 -13.32 41.19
N ASN C 681 -48.69 -14.16 42.19
CA ASN C 681 -49.95 -14.89 42.39
C ASN C 681 -50.83 -14.15 43.39
N TYR C 682 -50.74 -12.83 43.39
CA TYR C 682 -51.36 -12.01 44.42
C TYR C 682 -52.85 -11.89 44.14
N LEU C 683 -53.66 -12.60 44.93
CA LEU C 683 -55.09 -12.68 44.67
C LEU C 683 -55.81 -11.32 44.70
N PRO C 684 -55.53 -10.40 45.63
CA PRO C 684 -56.25 -9.12 45.60
C PRO C 684 -56.08 -8.37 44.30
N ASN C 685 -54.89 -8.43 43.70
CA ASN C 685 -54.69 -7.80 42.40
C ASN C 685 -55.59 -8.43 41.35
N MET C 686 -55.65 -9.77 41.36
CA MET C 686 -56.51 -10.48 40.41
C MET C 686 -57.97 -10.10 40.61
N LEU C 687 -58.42 -10.02 41.86
CA LEU C 687 -59.80 -9.63 42.14
C LEU C 687 -60.08 -8.22 41.66
N LEU C 688 -59.13 -7.30 41.89
CA LEU C 688 -59.30 -5.94 41.43
C LEU C 688 -59.46 -5.88 39.92
N GLY C 689 -58.62 -6.63 39.20
CA GLY C 689 -58.72 -6.66 37.75
C GLY C 689 -60.01 -7.29 37.25
N MET C 690 -60.41 -8.41 37.88
CA MET C 690 -61.67 -9.06 37.53
C MET C 690 -62.85 -8.10 37.71
N GLU C 691 -62.90 -7.41 38.85
CA GLU C 691 -64.04 -6.54 39.10
C GLU C 691 -63.99 -5.32 38.19
N ALA C 692 -62.79 -4.87 37.80
CA ALA C 692 -62.71 -3.82 36.80
C ALA C 692 -63.27 -4.29 35.46
N ALA C 693 -62.88 -5.50 35.03
CA ALA C 693 -63.36 -6.03 33.75
C ALA C 693 -64.87 -6.20 33.76
N GLY C 694 -65.42 -6.66 34.88
CA GLY C 694 -66.86 -6.75 35.01
C GLY C 694 -67.53 -5.38 35.04
N SER C 695 -66.94 -4.42 35.74
CA SER C 695 -67.53 -3.09 35.85
C SER C 695 -67.61 -2.43 34.48
N ALA C 696 -66.59 -2.60 33.65
CA ALA C 696 -66.72 -2.16 32.26
C ALA C 696 -67.85 -2.90 31.56
N GLY C 697 -67.99 -4.18 31.83
CA GLY C 697 -69.08 -4.96 31.28
C GLY C 697 -68.67 -5.75 30.06
N GLY C 698 -68.43 -7.03 30.24
CA GLY C 698 -68.03 -7.87 29.13
C GLY C 698 -67.39 -9.16 29.61
N VAL C 699 -66.79 -9.86 28.66
CA VAL C 699 -66.16 -11.15 28.97
C VAL C 699 -64.93 -10.93 29.82
N VAL C 700 -64.88 -11.62 30.96
CA VAL C 700 -63.75 -11.54 31.88
C VAL C 700 -63.06 -12.90 31.85
N GLU C 701 -61.84 -12.92 31.30
CA GLU C 701 -61.08 -14.14 31.09
C GLU C 701 -59.89 -14.14 32.03
N ALA C 702 -59.66 -15.26 32.71
CA ALA C 702 -58.62 -15.37 33.71
C ALA C 702 -57.48 -16.27 33.21
N ALA C 703 -56.27 -15.73 33.25
CA ALA C 703 -55.07 -16.48 32.96
C ALA C 703 -54.20 -16.56 34.22
N ILE C 704 -53.40 -17.60 34.31
CA ILE C 704 -52.48 -17.79 35.42
C ILE C 704 -51.15 -18.28 34.85
N SER C 705 -50.05 -17.79 35.42
CA SER C 705 -48.74 -18.20 34.96
C SER C 705 -48.43 -19.65 35.38
N TYR C 706 -47.82 -20.40 34.48
CA TYR C 706 -47.30 -21.73 34.76
C TYR C 706 -45.79 -21.68 34.75
N THR C 707 -45.17 -22.14 35.82
CA THR C 707 -43.72 -22.08 35.97
C THR C 707 -43.22 -23.40 36.54
N GLY C 708 -42.04 -23.80 36.08
CA GLY C 708 -41.45 -25.05 36.52
C GLY C 708 -42.13 -26.25 35.90
N ASP C 709 -41.68 -27.42 36.31
CA ASP C 709 -42.27 -28.67 35.84
C ASP C 709 -43.33 -29.14 36.83
N VAL C 710 -44.54 -29.36 36.32
CA VAL C 710 -45.63 -29.89 37.13
C VAL C 710 -45.69 -31.41 37.07
N ALA C 711 -44.83 -32.03 36.27
CA ALA C 711 -44.72 -33.49 36.20
C ALA C 711 -43.47 -34.04 36.86
N ASP C 712 -42.52 -33.19 37.22
CA ASP C 712 -41.31 -33.64 37.90
C ASP C 712 -41.60 -33.84 39.38
N PRO C 713 -41.39 -35.03 39.93
CA PRO C 713 -41.60 -35.22 41.38
C PRO C 713 -40.69 -34.34 42.23
N SER C 714 -39.48 -34.06 41.76
CA SER C 714 -38.57 -33.21 42.52
C SER C 714 -39.13 -31.80 42.69
N ARG C 715 -39.75 -31.26 41.65
CA ARG C 715 -40.31 -29.92 41.72
C ARG C 715 -41.39 -29.86 42.79
N THR C 716 -41.11 -29.14 43.86
CA THR C 716 -42.01 -29.09 45.01
C THR C 716 -42.62 -27.72 45.23
N LYS C 717 -41.93 -26.64 44.85
CA LYS C 717 -42.48 -25.31 45.06
C LYS C 717 -43.78 -25.11 44.30
N TYR C 718 -43.82 -25.54 43.04
CA TYR C 718 -44.99 -25.37 42.19
C TYR C 718 -45.44 -26.76 41.75
N SER C 719 -46.23 -27.41 42.58
CA SER C 719 -46.78 -28.72 42.26
C SER C 719 -48.19 -28.56 41.72
N LEU C 720 -48.84 -29.70 41.46
CA LEU C 720 -50.19 -29.67 40.92
C LEU C 720 -51.16 -29.02 41.91
N GLN C 721 -51.02 -29.34 43.20
CA GLN C 721 -51.97 -28.84 44.18
C GLN C 721 -51.93 -27.32 44.30
N TYR C 722 -50.74 -26.72 44.17
CA TYR C 722 -50.65 -25.28 44.26
C TYR C 722 -51.39 -24.62 43.12
N TYR C 723 -51.28 -25.19 41.92
CA TYR C 723 -52.09 -24.75 40.80
C TYR C 723 -53.57 -24.95 41.04
N MET C 724 -53.96 -26.10 41.60
CA MET C 724 -55.37 -26.41 41.82
C MET C 724 -56.03 -25.46 42.81
N GLY C 725 -55.37 -25.20 43.94
CA GLY C 725 -55.95 -24.30 44.93
C GLY C 725 -56.11 -22.90 44.39
N LEU C 726 -55.09 -22.41 43.68
CA LEU C 726 -55.18 -21.09 43.07
C LEU C 726 -56.29 -21.03 42.05
N ALA C 727 -56.45 -22.10 41.27
CA ALA C 727 -57.54 -22.16 40.30
C ALA C 727 -58.90 -22.11 40.99
N GLU C 728 -59.03 -22.81 42.12
CA GLU C 728 -60.29 -22.76 42.86
C GLU C 728 -60.56 -21.35 43.37
N GLU C 729 -59.52 -20.67 43.87
CA GLU C 729 -59.68 -19.29 44.28
C GLU C 729 -60.16 -18.43 43.12
N LEU C 730 -59.56 -18.61 41.96
CA LEU C 730 -59.89 -17.77 40.82
C LEU C 730 -61.31 -18.04 40.34
N VAL C 731 -61.73 -19.30 40.36
CA VAL C 731 -63.07 -19.63 39.86
C VAL C 731 -64.14 -19.16 40.83
N ARG C 732 -63.87 -19.20 42.15
CA ARG C 732 -64.84 -18.62 43.08
C ARG C 732 -64.85 -17.10 42.98
N ALA C 733 -63.73 -16.52 42.53
CA ALA C 733 -63.67 -15.07 42.36
C ALA C 733 -64.71 -14.59 41.35
N GLY C 734 -64.89 -15.34 40.26
CA GLY C 734 -65.88 -15.01 39.25
C GLY C 734 -65.31 -14.64 37.89
N THR C 735 -65.38 -15.56 36.93
CA THR C 735 -64.82 -15.37 35.59
C THR C 735 -65.79 -15.94 34.55
N HIS C 736 -65.34 -15.91 33.30
CA HIS C 736 -66.06 -16.51 32.18
C HIS C 736 -65.24 -17.60 31.49
N ILE C 737 -63.97 -17.32 31.19
CA ILE C 737 -63.07 -18.27 30.54
C ILE C 737 -61.79 -18.34 31.37
N LEU C 738 -61.28 -19.55 31.55
CA LEU C 738 -60.06 -19.77 32.32
C LEU C 738 -58.90 -20.05 31.39
N CYS C 739 -57.77 -19.40 31.63
CA CYS C 739 -56.63 -19.44 30.73
C CYS C 739 -55.35 -19.73 31.50
N ILE C 740 -54.32 -20.10 30.76
CA ILE C 740 -53.01 -20.44 31.31
C ILE C 740 -51.98 -19.57 30.61
N LYS C 741 -51.08 -18.97 31.38
CA LYS C 741 -50.01 -18.16 30.81
C LYS C 741 -48.70 -18.93 30.82
N ASP C 742 -48.10 -19.12 29.65
CA ASP C 742 -46.83 -19.85 29.52
C ASP C 742 -45.94 -19.06 28.56
N MET C 743 -45.17 -18.13 29.11
CA MET C 743 -44.25 -17.35 28.30
C MET C 743 -43.06 -18.14 27.83
N ALA C 744 -42.45 -18.93 28.71
CA ALA C 744 -41.27 -19.70 28.33
C ALA C 744 -41.63 -20.96 27.55
N GLY C 745 -42.91 -21.32 27.51
CA GLY C 745 -43.32 -22.51 26.79
C GLY C 745 -42.77 -23.80 27.34
N LEU C 746 -42.82 -23.98 28.66
CA LEU C 746 -42.24 -25.14 29.31
C LEU C 746 -43.25 -26.27 29.49
N LEU C 747 -44.30 -26.31 28.68
CA LEU C 747 -45.37 -27.30 28.83
C LEU C 747 -44.98 -28.54 28.04
N LYS C 748 -44.53 -29.58 28.75
CA LYS C 748 -44.27 -30.86 28.13
C LYS C 748 -45.59 -31.56 27.81
N PRO C 749 -45.57 -32.53 26.88
CA PRO C 749 -46.81 -33.27 26.59
C PRO C 749 -47.43 -33.94 27.81
N THR C 750 -46.60 -34.51 28.69
CA THR C 750 -47.14 -35.12 29.90
C THR C 750 -47.70 -34.07 30.84
N ALA C 751 -46.98 -32.96 31.03
CA ALA C 751 -47.50 -31.87 31.84
C ALA C 751 -48.79 -31.32 31.25
N CYS C 752 -48.81 -31.11 29.93
CA CYS C 752 -50.04 -30.85 29.18
C CYS C 752 -51.20 -31.73 29.62
N THR C 753 -51.05 -33.05 29.41
CA THR C 753 -52.21 -33.92 29.60
C THR C 753 -52.64 -33.95 31.07
N MET C 754 -51.68 -34.02 31.99
CA MET C 754 -52.07 -34.12 33.39
C MET C 754 -52.75 -32.85 33.86
N LEU C 755 -52.20 -31.68 33.51
CA LEU C 755 -52.78 -30.42 33.92
C LEU C 755 -54.16 -30.23 33.33
N VAL C 756 -54.31 -30.52 32.03
CA VAL C 756 -55.60 -30.32 31.39
C VAL C 756 -56.64 -31.24 31.99
N SER C 757 -56.30 -32.51 32.19
CA SER C 757 -57.26 -33.45 32.76
C SER C 757 -57.63 -33.04 34.18
N SER C 758 -56.65 -32.64 34.99
CA SER C 758 -56.94 -32.24 36.36
C SER C 758 -57.81 -30.99 36.42
N LEU C 759 -57.53 -30.00 35.58
CA LEU C 759 -58.30 -28.77 35.61
C LEU C 759 -59.72 -28.96 35.09
N ARG C 760 -59.87 -29.64 33.96
CA ARG C 760 -61.18 -29.95 33.41
C ARG C 760 -61.96 -30.92 34.28
N ASP C 761 -61.28 -31.65 35.18
CA ASP C 761 -61.93 -32.73 35.91
C ASP C 761 -63.14 -32.23 36.68
N ARG C 762 -63.05 -31.03 37.27
CA ARG C 762 -64.13 -30.48 38.06
C ARG C 762 -64.63 -29.14 37.53
N PHE C 763 -64.24 -28.79 36.30
CA PHE C 763 -64.83 -27.64 35.61
C PHE C 763 -65.15 -28.02 34.17
N PRO C 764 -66.11 -28.94 33.95
CA PRO C 764 -66.54 -29.21 32.58
C PRO C 764 -67.62 -28.23 32.16
N ASP C 765 -67.44 -26.97 32.52
CA ASP C 765 -68.33 -25.88 32.13
C ASP C 765 -67.58 -24.68 31.62
N LEU C 766 -66.45 -24.34 32.22
CA LEU C 766 -65.66 -23.21 31.76
C LEU C 766 -64.84 -23.63 30.54
N PRO C 767 -64.97 -22.94 29.41
CA PRO C 767 -64.02 -23.16 28.31
C PRO C 767 -62.61 -22.79 28.74
N LEU C 768 -61.63 -23.51 28.20
CA LEU C 768 -60.24 -23.34 28.58
C LEU C 768 -59.44 -22.65 27.48
N HIS C 769 -58.57 -21.74 27.90
CA HIS C 769 -57.71 -20.97 26.99
C HIS C 769 -56.26 -21.32 27.29
N ILE C 770 -55.46 -21.49 26.24
CA ILE C 770 -54.07 -21.86 26.38
C ILE C 770 -53.20 -20.87 25.60
N HIS C 771 -52.14 -20.38 26.24
CA HIS C 771 -51.22 -19.42 25.65
C HIS C 771 -49.80 -19.92 25.86
N THR C 772 -49.04 -20.07 24.78
CA THR C 772 -47.70 -20.64 24.85
C THR C 772 -46.85 -20.13 23.70
N HIS C 773 -45.54 -20.33 23.83
CA HIS C 773 -44.56 -19.94 22.81
C HIS C 773 -43.73 -21.17 22.45
N ASP C 774 -43.44 -21.33 21.16
CA ASP C 774 -42.64 -22.45 20.68
C ASP C 774 -41.16 -22.08 20.71
N THR C 775 -40.58 -22.16 21.90
CA THR C 775 -39.16 -21.89 22.10
C THR C 775 -38.35 -23.17 22.19
N SER C 776 -38.83 -24.17 22.93
CA SER C 776 -38.13 -25.44 23.03
C SER C 776 -38.06 -26.14 21.68
N GLY C 777 -38.99 -25.84 20.78
CA GLY C 777 -39.08 -26.50 19.50
C GLY C 777 -40.11 -27.61 19.45
N ALA C 778 -40.62 -28.06 20.60
CA ALA C 778 -41.59 -29.14 20.65
C ALA C 778 -42.96 -28.64 21.11
N GLY C 779 -43.26 -27.36 20.88
CA GLY C 779 -44.54 -26.83 21.31
C GLY C 779 -45.73 -27.46 20.60
N VAL C 780 -45.51 -27.90 19.34
CA VAL C 780 -46.62 -28.39 18.54
C VAL C 780 -47.17 -29.69 19.09
N ALA C 781 -46.29 -30.63 19.48
CA ALA C 781 -46.77 -31.90 20.01
C ALA C 781 -47.50 -31.70 21.33
N ALA C 782 -46.98 -30.82 22.18
CA ALA C 782 -47.64 -30.54 23.44
C ALA C 782 -48.99 -29.90 23.21
N MET C 783 -49.09 -29.00 22.24
CA MET C 783 -50.38 -28.39 21.93
C MET C 783 -51.35 -29.42 21.38
N LEU C 784 -50.85 -30.37 20.57
CA LEU C 784 -51.70 -31.46 20.09
C LEU C 784 -52.24 -32.30 21.24
N ALA C 785 -51.39 -32.63 22.20
CA ALA C 785 -51.85 -33.40 23.35
C ALA C 785 -52.87 -32.61 24.16
N CYS C 786 -52.63 -31.30 24.34
CA CYS C 786 -53.59 -30.48 25.06
C CYS C 786 -54.93 -30.45 24.34
N ALA C 787 -54.91 -30.33 23.02
CA ALA C 787 -56.14 -30.33 22.23
C ALA C 787 -56.86 -31.66 22.37
N GLN C 788 -56.12 -32.77 22.34
CA GLN C 788 -56.74 -34.07 22.51
C GLN C 788 -57.42 -34.18 23.87
N ALA C 789 -56.72 -33.78 24.94
CA ALA C 789 -57.26 -33.97 26.28
C ALA C 789 -58.53 -33.16 26.53
N GLY C 790 -58.40 -31.84 26.61
CA GLY C 790 -59.56 -31.02 26.91
C GLY C 790 -59.57 -29.61 26.34
N ALA C 791 -58.61 -29.28 25.48
CA ALA C 791 -58.38 -27.88 25.13
C ALA C 791 -59.56 -27.29 24.38
N ASP C 792 -59.75 -25.99 24.57
CA ASP C 792 -60.87 -25.26 23.99
C ASP C 792 -60.42 -24.12 23.10
N VAL C 793 -59.52 -23.25 23.57
CA VAL C 793 -58.94 -22.19 22.76
C VAL C 793 -57.43 -22.42 22.69
N VAL C 794 -56.91 -22.43 21.48
CA VAL C 794 -55.50 -22.72 21.24
C VAL C 794 -54.89 -21.54 20.51
N ASP C 795 -53.82 -20.98 21.09
CA ASP C 795 -53.14 -19.85 20.44
C ASP C 795 -52.19 -20.38 19.39
N VAL C 796 -52.37 -19.92 18.15
CA VAL C 796 -51.58 -20.40 17.03
C VAL C 796 -51.09 -19.20 16.24
N ALA C 797 -49.83 -19.23 15.82
CA ALA C 797 -49.19 -18.14 15.11
C ALA C 797 -49.33 -18.34 13.60
N ALA C 798 -49.09 -17.25 12.87
CA ALA C 798 -49.04 -17.28 11.42
C ALA C 798 -47.79 -18.03 10.96
N ASP C 799 -47.82 -18.50 9.72
CA ASP C 799 -46.77 -19.42 9.30
C ASP C 799 -45.41 -18.72 9.26
N SER C 800 -45.36 -17.46 8.83
CA SER C 800 -44.07 -16.83 8.57
C SER C 800 -43.50 -16.07 9.76
N MET C 801 -44.23 -15.99 10.87
CA MET C 801 -43.72 -15.40 12.12
C MET C 801 -43.91 -16.35 13.27
N SER C 802 -43.60 -17.62 13.02
CA SER C 802 -43.85 -18.69 13.97
C SER C 802 -42.52 -19.31 14.39
N GLY C 803 -42.61 -20.21 15.35
CA GLY C 803 -41.45 -20.92 15.84
C GLY C 803 -40.48 -19.99 16.53
N MET C 804 -39.21 -20.40 16.47
CA MET C 804 -38.11 -19.57 16.96
C MET C 804 -38.36 -19.27 18.43
N THR C 805 -38.97 -18.11 18.70
CA THR C 805 -39.51 -17.81 20.02
C THR C 805 -41.02 -17.56 19.97
N SER C 806 -41.64 -17.77 18.81
CA SER C 806 -43.04 -17.43 18.59
C SER C 806 -43.94 -18.62 18.96
N GLN C 807 -45.18 -18.56 18.52
CA GLN C 807 -46.17 -19.60 18.72
C GLN C 807 -46.17 -20.56 17.55
N PRO C 808 -46.77 -21.74 17.70
CA PRO C 808 -46.83 -22.70 16.59
C PRO C 808 -47.56 -22.11 15.38
N SER C 809 -47.13 -22.54 14.20
CA SER C 809 -47.67 -22.01 12.95
C SER C 809 -49.07 -22.56 12.67
N MET C 810 -49.79 -21.83 11.82
CA MET C 810 -51.10 -22.30 11.38
C MET C 810 -50.99 -23.64 10.65
N GLY C 811 -50.00 -23.76 9.76
CA GLY C 811 -49.99 -24.86 8.82
C GLY C 811 -49.89 -26.22 9.49
N ALA C 812 -48.99 -26.34 10.46
CA ALA C 812 -48.80 -27.64 11.12
C ALA C 812 -50.06 -28.06 11.86
N LEU C 813 -50.64 -27.14 12.63
CA LEU C 813 -51.84 -27.47 13.40
C LEU C 813 -52.99 -27.84 12.49
N VAL C 814 -53.17 -27.12 11.39
CA VAL C 814 -54.25 -27.45 10.46
C VAL C 814 -53.99 -28.79 9.79
N ALA C 815 -52.76 -29.04 9.34
CA ALA C 815 -52.49 -30.22 8.54
C ALA C 815 -52.53 -31.50 9.37
N CYS C 816 -52.03 -31.46 10.61
CA CYS C 816 -52.03 -32.68 11.43
C CYS C 816 -53.44 -33.08 11.82
N THR C 817 -54.31 -32.11 12.10
CA THR C 817 -55.67 -32.38 12.57
C THR C 817 -56.60 -32.57 11.38
N ARG C 818 -56.25 -33.54 10.52
CA ARG C 818 -57.03 -33.81 9.32
C ARG C 818 -58.03 -34.94 9.51
N GLY C 819 -57.54 -36.15 9.77
CA GLY C 819 -58.42 -37.29 9.96
C GLY C 819 -58.77 -37.56 11.41
N THR C 820 -59.10 -36.52 12.15
CA THR C 820 -59.40 -36.63 13.57
C THR C 820 -60.72 -35.95 13.87
N PRO C 821 -61.44 -36.41 14.89
CA PRO C 821 -62.69 -35.75 15.27
C PRO C 821 -62.50 -34.32 15.73
N LEU C 822 -61.27 -33.94 16.10
CA LEU C 822 -61.04 -32.57 16.57
C LEU C 822 -61.48 -31.55 15.52
N ASP C 823 -61.05 -31.75 14.28
CA ASP C 823 -61.66 -31.11 13.10
C ASP C 823 -61.67 -29.59 13.25
N THR C 824 -60.47 -29.02 13.19
CA THR C 824 -60.34 -27.57 13.16
C THR C 824 -61.22 -26.96 12.07
N GLU C 825 -61.27 -27.59 10.91
CA GLU C 825 -62.18 -27.23 9.83
C GLU C 825 -61.96 -25.79 9.39
N VAL C 826 -60.74 -25.50 8.96
CA VAL C 826 -60.36 -24.20 8.46
C VAL C 826 -59.54 -24.38 7.19
N PRO C 827 -59.96 -23.82 6.05
CA PRO C 827 -59.18 -23.99 4.82
C PRO C 827 -57.78 -23.39 4.93
N MET C 828 -56.83 -24.04 4.26
CA MET C 828 -55.41 -23.72 4.37
C MET C 828 -54.89 -22.94 3.17
N GLU C 829 -55.65 -22.90 2.08
CA GLU C 829 -55.25 -22.10 0.93
C GLU C 829 -55.15 -20.63 1.30
N ARG C 830 -56.10 -20.13 2.07
CA ARG C 830 -56.02 -18.77 2.59
C ARG C 830 -54.80 -18.61 3.49
N VAL C 831 -54.48 -19.65 4.26
CA VAL C 831 -53.31 -19.61 5.12
C VAL C 831 -52.05 -19.40 4.29
N PHE C 832 -51.99 -20.04 3.12
CA PHE C 832 -50.83 -19.89 2.26
C PHE C 832 -50.62 -18.44 1.84
N ASP C 833 -51.68 -17.77 1.40
CA ASP C 833 -51.53 -16.38 0.97
C ASP C 833 -51.26 -15.46 2.14
N TYR C 834 -51.86 -15.74 3.30
CA TYR C 834 -51.62 -14.91 4.47
C TYR C 834 -50.16 -15.02 4.89
N SER C 835 -49.62 -16.23 4.88
CA SER C 835 -48.20 -16.45 5.16
C SER C 835 -47.32 -15.79 4.12
N GLU C 836 -47.73 -15.82 2.87
CA GLU C 836 -46.93 -15.17 1.82
C GLU C 836 -46.87 -13.66 2.06
N TYR C 837 -48.00 -13.06 2.43
CA TYR C 837 -48.01 -11.64 2.72
C TYR C 837 -47.10 -11.32 3.91
N TRP C 838 -47.20 -12.10 4.97
CA TRP C 838 -46.30 -11.84 6.11
C TRP C 838 -44.85 -12.09 5.77
N GLU C 839 -44.56 -13.10 4.95
CA GLU C 839 -43.17 -13.36 4.58
C GLU C 839 -42.60 -12.17 3.81
N GLY C 840 -43.39 -11.61 2.91
CA GLY C 840 -42.97 -10.39 2.24
C GLY C 840 -42.80 -9.23 3.21
N ALA C 841 -43.76 -9.05 4.13
CA ALA C 841 -43.76 -7.86 4.97
C ALA C 841 -42.68 -7.92 6.05
N ARG C 842 -42.26 -9.12 6.44
CA ARG C 842 -41.29 -9.24 7.51
C ARG C 842 -39.93 -8.65 7.13
N GLY C 843 -39.51 -8.85 5.88
CA GLY C 843 -38.25 -8.28 5.42
C GLY C 843 -38.23 -6.77 5.43
N LEU C 844 -39.39 -6.14 5.52
CA LEU C 844 -39.45 -4.69 5.59
C LEU C 844 -38.80 -4.16 6.85
N TYR C 845 -38.75 -4.97 7.91
CA TYR C 845 -38.35 -4.53 9.23
C TYR C 845 -36.98 -5.08 9.65
N ALA C 846 -36.12 -5.39 8.68
CA ALA C 846 -34.92 -6.16 8.93
C ALA C 846 -33.90 -5.44 9.81
N ALA C 847 -34.09 -4.14 10.06
CA ALA C 847 -33.11 -3.41 10.87
C ALA C 847 -33.05 -3.93 12.30
N PHE C 848 -34.09 -4.64 12.72
CA PHE C 848 -34.23 -5.14 14.09
C PHE C 848 -34.84 -6.54 14.03
N ASP C 849 -33.98 -7.54 13.91
CA ASP C 849 -34.42 -8.91 13.67
C ASP C 849 -33.62 -9.85 14.57
N CYS C 850 -34.30 -10.47 15.53
CA CYS C 850 -33.63 -11.29 16.52
C CYS C 850 -32.96 -12.50 15.88
N THR C 851 -33.46 -12.98 14.74
CA THR C 851 -32.88 -14.16 14.13
C THR C 851 -31.45 -13.90 13.64
N ALA C 852 -31.04 -12.63 13.56
CA ALA C 852 -29.62 -12.34 13.32
C ALA C 852 -28.77 -12.88 14.46
N THR C 853 -29.21 -12.69 15.69
CA THR C 853 -28.60 -13.27 16.87
C THR C 853 -29.20 -14.64 17.21
N MET C 854 -30.52 -14.77 17.05
CA MET C 854 -31.23 -15.98 17.47
C MET C 854 -30.78 -17.19 16.66
N LYS C 855 -31.09 -17.20 15.36
CA LYS C 855 -30.52 -18.08 14.34
C LYS C 855 -30.88 -19.55 14.46
N SER C 856 -31.58 -19.99 15.50
CA SER C 856 -31.81 -21.42 15.66
C SER C 856 -32.85 -21.67 16.73
N GLY C 857 -33.10 -22.96 17.01
CA GLY C 857 -34.14 -23.32 17.96
C GLY C 857 -33.84 -22.87 19.38
N ASN C 858 -32.56 -22.84 19.76
CA ASN C 858 -32.13 -22.45 21.10
C ASN C 858 -32.75 -23.37 22.16
N SER C 859 -32.27 -24.60 22.16
CA SER C 859 -32.56 -25.48 23.28
C SER C 859 -31.85 -24.95 24.51
N ASP C 860 -31.95 -25.65 25.64
CA ASP C 860 -31.25 -25.27 26.87
C ASP C 860 -31.82 -23.98 27.44
N VAL C 861 -33.15 -23.84 27.38
CA VAL C 861 -33.82 -22.70 27.99
C VAL C 861 -34.33 -23.03 29.38
N TYR C 862 -34.59 -24.31 29.69
CA TYR C 862 -35.02 -24.68 31.03
C TYR C 862 -34.03 -24.19 32.07
N GLU C 863 -32.76 -24.10 31.71
CA GLU C 863 -31.78 -23.47 32.57
C GLU C 863 -31.98 -21.96 32.60
N ASN C 864 -32.18 -21.36 31.43
CA ASN C 864 -32.33 -19.91 31.34
C ASN C 864 -33.69 -19.46 31.84
N GLU C 865 -34.75 -20.14 31.40
CA GLU C 865 -36.12 -19.80 31.78
C GLU C 865 -36.44 -18.35 31.43
N ILE C 866 -35.96 -17.92 30.28
CA ILE C 866 -36.09 -16.54 29.83
C ILE C 866 -37.44 -16.39 29.14
N PRO C 867 -38.21 -15.35 29.43
CA PRO C 867 -39.49 -15.16 28.74
C PRO C 867 -39.31 -15.02 27.24
N GLY C 868 -40.25 -15.60 26.49
CA GLY C 868 -40.20 -15.50 25.05
C GLY C 868 -40.40 -14.08 24.55
N GLY C 869 -41.22 -13.30 25.25
CA GLY C 869 -41.50 -11.94 24.86
C GLY C 869 -40.54 -10.90 25.39
N GLN C 870 -39.46 -11.33 26.04
CA GLN C 870 -38.50 -10.42 26.65
C GLN C 870 -37.07 -10.63 26.15
N TYR C 871 -36.79 -11.74 25.48
CA TYR C 871 -35.42 -12.06 25.07
C TYR C 871 -34.86 -10.98 24.15
N THR C 872 -35.59 -10.64 23.09
CA THR C 872 -35.10 -9.64 22.16
C THR C 872 -35.08 -8.25 22.77
N ASN C 873 -36.01 -7.95 23.68
CA ASN C 873 -36.00 -6.65 24.35
C ASN C 873 -34.76 -6.50 25.22
N LEU C 874 -34.42 -7.56 25.96
CA LEU C 874 -33.19 -7.54 26.74
C LEU C 874 -31.97 -7.39 25.84
N HIS C 875 -31.97 -8.10 24.71
CA HIS C 875 -30.88 -7.97 23.76
C HIS C 875 -30.72 -6.52 23.30
N PHE C 876 -31.83 -5.88 22.96
CA PHE C 876 -31.77 -4.48 22.52
C PHE C 876 -31.27 -3.56 23.62
N GLN C 877 -31.77 -3.74 24.84
CA GLN C 877 -31.34 -2.83 25.90
C GLN C 877 -29.87 -3.05 26.25
N ALA C 878 -29.41 -4.29 26.21
CA ALA C 878 -27.98 -4.57 26.41
C ALA C 878 -27.15 -3.92 25.33
N HIS C 879 -27.62 -3.96 24.08
CA HIS C 879 -26.93 -3.25 23.01
C HIS C 879 -26.89 -1.76 23.28
N SER C 880 -28.00 -1.18 23.72
CA SER C 880 -28.06 0.27 23.95
C SER C 880 -27.11 0.68 25.07
N MET C 881 -27.08 -0.08 26.16
CA MET C 881 -26.11 0.19 27.21
C MET C 881 -24.70 -0.12 26.73
N GLY C 882 -24.55 -1.10 25.85
CA GLY C 882 -23.26 -1.40 25.28
C GLY C 882 -22.78 -2.80 25.62
N LEU C 883 -23.70 -3.64 26.07
CA LEU C 883 -23.38 -5.01 26.44
C LEU C 883 -23.85 -5.99 25.37
N GLY C 884 -24.09 -5.47 24.16
CA GLY C 884 -24.52 -6.32 23.07
C GLY C 884 -23.48 -7.35 22.70
N SER C 885 -22.19 -6.98 22.79
CA SER C 885 -21.13 -7.93 22.50
C SER C 885 -21.18 -9.10 23.46
N LYS C 886 -21.31 -8.81 24.75
CA LYS C 886 -21.45 -9.86 25.77
C LYS C 886 -22.92 -10.19 26.03
N PHE C 887 -23.65 -10.45 24.95
CA PHE C 887 -25.05 -10.85 25.07
C PHE C 887 -25.22 -12.20 25.75
N LYS C 888 -24.38 -13.17 25.40
CA LYS C 888 -24.46 -14.48 26.04
C LYS C 888 -24.16 -14.36 27.53
N GLU C 889 -23.15 -13.56 27.88
CA GLU C 889 -22.79 -13.36 29.27
C GLU C 889 -23.89 -12.68 30.07
N VAL C 890 -24.62 -11.75 29.46
CA VAL C 890 -25.71 -11.07 30.19
C VAL C 890 -26.75 -12.09 30.63
N LYS C 891 -27.16 -12.97 29.71
CA LYS C 891 -28.15 -13.97 30.07
C LYS C 891 -27.57 -15.07 30.93
N LYS C 892 -26.24 -15.24 30.92
CA LYS C 892 -25.65 -16.16 31.88
C LYS C 892 -25.87 -15.68 33.31
N ALA C 893 -26.00 -14.36 33.49
CA ALA C 893 -26.22 -13.76 34.80
C ALA C 893 -27.69 -13.64 35.16
N TYR C 894 -28.60 -14.06 34.29
CA TYR C 894 -30.02 -14.00 34.63
C TYR C 894 -30.39 -15.09 35.63
N VAL C 895 -29.82 -16.28 35.45
CA VAL C 895 -30.13 -17.41 36.33
C VAL C 895 -29.67 -17.11 37.75
N GLU C 896 -28.48 -16.52 37.90
CA GLU C 896 -27.95 -16.24 39.22
C GLU C 896 -28.81 -15.19 39.93
N ALA C 897 -29.29 -14.18 39.20
CA ALA C 897 -30.18 -13.19 39.81
C ALA C 897 -31.49 -13.83 40.23
N ASN C 898 -32.03 -14.71 39.38
CA ASN C 898 -33.22 -15.48 39.74
C ASN C 898 -32.98 -16.24 41.04
N GLN C 899 -31.82 -16.86 41.17
CA GLN C 899 -31.51 -17.60 42.39
C GLN C 899 -31.35 -16.67 43.58
N MET C 900 -30.82 -15.46 43.34
CA MET C 900 -30.70 -14.47 44.41
C MET C 900 -32.05 -14.13 45.01
N LEU C 901 -33.03 -13.79 44.17
CA LEU C 901 -34.36 -13.53 44.72
C LEU C 901 -35.23 -14.77 44.73
N GLY C 902 -34.70 -15.92 44.36
CA GLY C 902 -35.42 -17.17 44.53
C GLY C 902 -36.28 -17.51 43.33
N ASP C 903 -36.74 -18.77 43.29
CA ASP C 903 -37.56 -19.24 42.19
C ASP C 903 -38.98 -18.70 42.28
N LEU C 904 -39.27 -17.63 41.53
CA LEU C 904 -40.60 -17.04 41.52
C LEU C 904 -41.06 -16.83 40.09
N ILE C 905 -42.37 -16.68 39.91
CA ILE C 905 -42.93 -16.50 38.58
C ILE C 905 -42.52 -15.15 38.02
N LYS C 906 -42.13 -15.13 36.75
CA LYS C 906 -41.58 -13.94 36.11
C LYS C 906 -42.26 -13.72 34.78
N VAL C 907 -43.10 -12.69 34.67
CA VAL C 907 -43.59 -12.37 33.33
C VAL C 907 -43.35 -10.93 32.88
N THR C 908 -44.18 -9.96 33.31
CA THR C 908 -43.86 -8.61 32.82
C THR C 908 -43.03 -7.77 33.78
N PRO C 909 -43.52 -7.42 35.01
CA PRO C 909 -42.65 -6.68 35.93
C PRO C 909 -41.93 -7.63 36.86
N SER C 910 -41.47 -8.75 36.31
CA SER C 910 -40.95 -9.81 37.16
C SER C 910 -39.73 -10.45 36.52
N SER C 911 -39.53 -10.17 35.23
CA SER C 911 -38.32 -10.51 34.52
C SER C 911 -37.47 -9.29 34.23
N LYS C 912 -38.11 -8.15 33.99
CA LYS C 912 -37.37 -6.93 33.67
C LYS C 912 -36.55 -6.46 34.85
N ILE C 913 -37.04 -6.66 36.07
CA ILE C 913 -36.24 -6.36 37.24
C ILE C 913 -35.09 -7.34 37.38
N VAL C 914 -35.36 -8.63 37.18
CA VAL C 914 -34.28 -9.61 37.17
C VAL C 914 -33.37 -9.38 35.97
N GLY C 915 -33.93 -8.86 34.87
CA GLY C 915 -33.09 -8.44 33.77
C GLY C 915 -32.14 -7.32 34.17
N ASP C 916 -32.65 -6.34 34.91
CA ASP C 916 -31.79 -5.29 35.43
C ASP C 916 -30.73 -5.87 36.35
N LEU C 917 -31.11 -6.86 37.15
CA LEU C 917 -30.17 -7.52 38.04
C LEU C 917 -29.03 -8.18 37.27
N ALA C 918 -29.36 -8.93 36.22
CA ALA C 918 -28.33 -9.58 35.42
C ALA C 918 -27.47 -8.56 34.70
N GLN C 919 -28.08 -7.48 34.22
CA GLN C 919 -27.33 -6.44 33.51
C GLN C 919 -26.34 -5.76 34.45
N PHE C 920 -26.78 -5.46 35.68
CA PHE C 920 -25.86 -4.95 36.70
C PHE C 920 -24.76 -5.97 37.00
N MET C 921 -25.15 -7.25 37.07
CA MET C 921 -24.22 -8.32 37.38
C MET C 921 -23.06 -8.35 36.39
N VAL C 922 -23.39 -8.23 35.10
CA VAL C 922 -22.34 -8.29 34.09
C VAL C 922 -21.66 -6.93 33.92
N GLN C 923 -22.38 -5.82 34.11
CA GLN C 923 -21.78 -4.50 33.92
C GLN C 923 -20.70 -4.25 34.97
N ASN C 924 -20.96 -4.62 36.21
CA ASN C 924 -19.90 -4.59 37.20
C ASN C 924 -19.05 -5.86 37.15
N GLY C 925 -19.42 -6.82 36.30
CA GLY C 925 -18.61 -7.99 36.04
C GLY C 925 -18.29 -8.80 37.27
N LEU C 926 -19.29 -8.94 38.15
CA LEU C 926 -19.10 -9.53 39.46
C LEU C 926 -19.83 -10.86 39.53
N SER C 927 -19.80 -11.47 40.71
CA SER C 927 -20.42 -12.77 40.91
C SER C 927 -21.57 -12.68 41.91
N ARG C 928 -22.23 -13.83 42.13
CA ARG C 928 -23.46 -13.86 42.91
C ARG C 928 -23.18 -13.77 44.41
N ALA C 929 -22.35 -14.67 44.93
CA ALA C 929 -22.24 -14.82 46.38
C ALA C 929 -21.73 -13.55 47.03
N GLU C 930 -20.71 -12.93 46.45
CA GLU C 930 -20.19 -11.69 47.02
C GLU C 930 -21.11 -10.50 46.80
N ALA C 931 -21.81 -10.44 45.66
CA ALA C 931 -22.83 -9.42 45.50
C ALA C 931 -23.87 -9.53 46.61
N GLU C 932 -24.18 -10.76 47.01
CA GLU C 932 -24.96 -10.98 48.22
C GLU C 932 -24.22 -10.48 49.45
N ALA C 933 -22.92 -10.75 49.55
CA ALA C 933 -22.14 -10.35 50.72
C ALA C 933 -22.11 -8.83 50.85
N GLN C 934 -21.52 -8.16 49.87
CA GLN C 934 -21.48 -6.69 49.86
C GLN C 934 -22.69 -6.19 49.08
N ALA C 935 -23.86 -6.36 49.69
CA ALA C 935 -25.10 -5.83 49.16
C ALA C 935 -25.56 -4.59 49.91
N GLU C 936 -24.80 -4.15 50.91
CA GLU C 936 -25.17 -2.95 51.65
C GLU C 936 -24.69 -1.68 50.94
N GLU C 937 -23.38 -1.53 50.81
CA GLU C 937 -22.82 -0.32 50.21
C GLU C 937 -22.98 -0.29 48.71
N LEU C 938 -22.87 -1.45 48.05
CA LEU C 938 -22.98 -1.51 46.60
C LEU C 938 -24.33 -0.95 46.17
N SER C 939 -24.30 0.18 45.47
CA SER C 939 -25.51 0.82 45.00
C SER C 939 -26.21 -0.08 43.99
N PHE C 940 -27.51 -0.26 44.19
CA PHE C 940 -28.29 -1.18 43.39
C PHE C 940 -29.36 -0.40 42.64
N PRO C 941 -29.82 -0.91 41.49
CA PRO C 941 -30.82 -0.18 40.71
C PRO C 941 -32.08 0.11 41.51
N ARG C 942 -32.68 1.27 41.24
CA ARG C 942 -33.82 1.73 42.00
C ARG C 942 -35.05 0.84 41.80
N SER C 943 -35.22 0.27 40.61
CA SER C 943 -36.35 -0.62 40.38
C SER C 943 -36.28 -1.84 41.27
N VAL C 944 -35.07 -2.39 41.46
CA VAL C 944 -34.91 -3.51 42.38
C VAL C 944 -35.30 -3.10 43.79
N VAL C 945 -34.94 -1.87 44.18
CA VAL C 945 -35.29 -1.37 45.50
C VAL C 945 -36.80 -1.28 45.65
N GLU C 946 -37.48 -0.77 44.62
CA GLU C 946 -38.94 -0.67 44.68
C GLU C 946 -39.58 -2.05 44.75
N PHE C 947 -39.02 -3.03 44.02
CA PHE C 947 -39.52 -4.40 44.14
C PHE C 947 -39.38 -4.94 45.55
N LEU C 948 -38.21 -4.73 46.16
CA LEU C 948 -38.02 -5.17 47.54
C LEU C 948 -38.95 -4.44 48.49
N GLN C 949 -39.29 -3.19 48.17
CA GLN C 949 -40.26 -2.46 49.00
C GLN C 949 -41.61 -3.17 49.00
N GLY C 950 -41.92 -3.88 47.92
CA GLY C 950 -43.15 -4.65 47.85
C GLY C 950 -44.27 -3.93 47.13
N TYR C 951 -43.95 -2.87 46.39
CA TYR C 951 -44.97 -2.15 45.64
C TYR C 951 -45.66 -3.07 44.64
N ILE C 952 -44.89 -3.97 44.03
CA ILE C 952 -45.50 -4.97 43.15
C ILE C 952 -46.41 -5.90 43.93
N GLY C 953 -45.93 -6.37 45.08
CA GLY C 953 -46.73 -7.26 45.91
C GLY C 953 -45.85 -8.21 46.68
N VAL C 954 -46.51 -9.14 47.36
CA VAL C 954 -45.82 -10.17 48.13
C VAL C 954 -45.71 -11.44 47.30
N PRO C 955 -44.52 -12.02 47.17
CA PRO C 955 -44.35 -13.25 46.39
C PRO C 955 -44.97 -14.44 47.11
N HIS C 956 -45.26 -15.48 46.34
CA HIS C 956 -45.82 -16.70 46.92
C HIS C 956 -44.82 -17.40 47.82
N GLY C 957 -43.55 -17.43 47.42
CA GLY C 957 -42.52 -18.08 48.19
C GLY C 957 -41.64 -17.19 49.04
N GLY C 958 -41.87 -15.88 49.03
CA GLY C 958 -41.06 -14.98 49.81
C GLY C 958 -39.70 -14.73 49.17
N PHE C 959 -38.91 -13.91 49.86
CA PHE C 959 -37.58 -13.53 49.41
C PHE C 959 -36.66 -13.47 50.62
N PRO C 960 -35.35 -13.66 50.41
CA PRO C 960 -34.44 -13.78 51.56
C PRO C 960 -34.43 -12.54 52.43
N GLU C 961 -34.27 -12.77 53.74
CA GLU C 961 -34.27 -11.72 54.75
C GLU C 961 -32.96 -10.94 54.83
N PRO C 962 -31.79 -11.59 54.86
CA PRO C 962 -30.55 -10.80 54.92
C PRO C 962 -30.39 -9.85 53.75
N PHE C 963 -30.80 -10.27 52.56
CA PHE C 963 -30.64 -9.41 51.38
C PHE C 963 -31.56 -8.20 51.45
N ARG C 964 -32.84 -8.43 51.78
CA ARG C 964 -33.76 -7.30 51.89
C ARG C 964 -33.37 -6.38 53.04
N SER C 965 -32.81 -6.93 54.11
CA SER C 965 -32.35 -6.09 55.20
C SER C 965 -31.16 -5.24 54.80
N LYS C 966 -30.22 -5.82 54.07
CA LYS C 966 -29.02 -5.10 53.65
C LYS C 966 -29.30 -4.11 52.53
N VAL C 967 -30.39 -4.28 51.78
CA VAL C 967 -30.69 -3.35 50.70
C VAL C 967 -31.69 -2.29 51.17
N LEU C 968 -32.83 -2.74 51.68
CA LEU C 968 -33.85 -1.79 52.16
C LEU C 968 -33.30 -0.92 53.29
N LYS C 969 -32.54 -1.51 54.19
CA LYS C 969 -31.81 -0.77 55.22
C LYS C 969 -32.76 0.01 56.11
N ASP C 970 -32.92 1.31 55.83
CA ASP C 970 -33.72 2.17 56.69
C ASP C 970 -34.89 2.77 55.93
N LEU C 971 -35.42 2.04 54.97
CA LEU C 971 -36.42 2.68 54.16
C LEU C 971 -37.81 2.24 54.57
N PRO C 972 -38.78 3.15 54.55
CA PRO C 972 -40.16 2.78 54.87
C PRO C 972 -40.68 1.73 53.89
N ARG C 973 -41.45 0.78 54.41
CA ARG C 973 -41.86 -0.40 53.67
C ARG C 973 -43.38 -0.44 53.58
N VAL C 974 -43.89 -0.70 52.38
CA VAL C 974 -45.31 -0.78 52.13
C VAL C 974 -45.76 -2.22 52.32
N GLU C 975 -46.80 -2.41 53.15
CA GLU C 975 -47.26 -3.74 53.55
C GLU C 975 -48.66 -4.01 53.01
N GLY C 976 -48.92 -5.27 52.68
CA GLY C 976 -50.21 -5.68 52.17
C GLY C 976 -50.37 -5.38 50.69
N ARG C 977 -51.54 -4.87 50.31
CA ARG C 977 -51.75 -4.43 48.95
C ARG C 977 -51.57 -2.92 48.89
N PRO C 978 -50.49 -2.42 48.28
CA PRO C 978 -50.24 -0.97 48.28
C PRO C 978 -51.36 -0.19 47.61
N GLY C 979 -52.02 -0.77 46.61
CA GLY C 979 -53.07 -0.05 45.91
C GLY C 979 -54.21 0.35 46.82
N ALA C 980 -54.56 -0.52 47.77
CA ALA C 980 -55.62 -0.18 48.71
C ALA C 980 -55.25 1.04 49.53
N SER C 981 -54.01 1.11 50.02
CA SER C 981 -53.56 2.30 50.74
C SER C 981 -53.07 3.39 49.81
N LEU C 982 -52.92 3.09 48.52
CA LEU C 982 -52.37 4.08 47.59
C LEU C 982 -53.33 5.26 47.46
N PRO C 983 -52.85 6.49 47.56
CA PRO C 983 -53.73 7.64 47.41
C PRO C 983 -54.21 7.77 45.98
N PRO C 984 -55.51 7.65 45.74
CA PRO C 984 -56.04 7.79 44.38
C PRO C 984 -55.74 9.18 43.84
N LEU C 985 -55.36 9.25 42.58
CA LEU C 985 -55.02 10.51 41.94
C LEU C 985 -56.16 10.96 41.04
N ASP C 986 -56.31 12.27 40.90
CA ASP C 986 -57.37 12.86 40.12
C ASP C 986 -56.82 13.37 38.79
N LEU C 987 -57.56 13.11 37.71
CA LEU C 987 -57.11 13.44 36.37
C LEU C 987 -57.89 14.57 35.72
N GLN C 988 -58.78 15.22 36.45
CA GLN C 988 -59.49 16.35 35.87
C GLN C 988 -58.57 17.53 35.68
N ALA C 989 -57.71 17.82 36.66
CA ALA C 989 -56.74 18.90 36.52
C ALA C 989 -55.74 18.60 35.41
N LEU C 990 -55.57 17.32 35.07
CA LEU C 990 -54.75 16.97 33.92
C LEU C 990 -55.28 17.62 32.65
N GLU C 991 -56.61 17.62 32.47
CA GLU C 991 -57.20 18.24 31.29
C GLU C 991 -56.86 19.72 31.23
N LYS C 992 -57.07 20.44 32.34
CA LYS C 992 -56.82 21.87 32.36
C LYS C 992 -55.35 22.19 32.13
N GLU C 993 -54.45 21.42 32.77
CA GLU C 993 -53.03 21.67 32.60
C GLU C 993 -52.60 21.40 31.16
N LEU C 994 -53.11 20.33 30.55
CA LEU C 994 -52.78 20.07 29.15
C LEU C 994 -53.28 21.19 28.26
N VAL C 995 -54.51 21.65 28.49
CA VAL C 995 -55.06 22.69 27.62
C VAL C 995 -54.28 23.99 27.78
N ASP C 996 -53.88 24.32 29.00
CA ASP C 996 -53.16 25.57 29.20
C ASP C 996 -51.69 25.46 28.78
N ARG C 997 -51.16 24.25 28.62
CA ARG C 997 -49.78 24.15 28.15
C ARG C 997 -49.71 23.99 26.63
N HIS C 998 -50.29 22.92 26.07
CA HIS C 998 -50.23 22.71 24.62
C HIS C 998 -51.51 22.07 24.08
N GLY C 999 -52.59 22.09 24.84
CA GLY C 999 -53.81 21.38 24.49
C GLY C 999 -54.85 22.32 23.91
N GLU C 1000 -55.43 21.91 22.79
CA GLU C 1000 -56.48 22.69 22.13
C GLU C 1000 -57.68 21.81 21.77
N GLU C 1001 -57.44 20.54 21.48
CA GLU C 1001 -58.54 19.59 21.27
C GLU C 1001 -58.28 18.26 21.95
N VAL C 1002 -57.71 18.25 23.15
CA VAL C 1002 -57.37 17.00 23.81
C VAL C 1002 -58.64 16.26 24.19
N THR C 1003 -58.72 15.00 23.79
CA THR C 1003 -59.83 14.11 24.12
C THR C 1003 -59.58 13.42 25.45
N PRO C 1004 -60.62 12.86 26.08
CA PRO C 1004 -60.39 12.14 27.34
C PRO C 1004 -59.39 10.99 27.23
N GLU C 1005 -59.34 10.31 26.08
CA GLU C 1005 -58.36 9.24 25.91
C GLU C 1005 -56.94 9.78 25.91
N ASP C 1006 -56.72 10.93 25.27
CA ASP C 1006 -55.41 11.55 25.36
C ASP C 1006 -55.10 11.97 26.79
N VAL C 1007 -56.11 12.42 27.53
CA VAL C 1007 -55.92 12.75 28.93
C VAL C 1007 -55.46 11.51 29.70
N LEU C 1008 -56.08 10.37 29.41
CA LEU C 1008 -55.67 9.12 30.03
C LEU C 1008 -54.24 8.77 29.67
N SER C 1009 -53.88 8.90 28.40
CA SER C 1009 -52.53 8.56 27.98
C SER C 1009 -51.50 9.45 28.67
N ALA C 1010 -51.79 10.76 28.78
CA ALA C 1010 -50.90 11.68 29.47
C ALA C 1010 -50.80 11.34 30.95
N ALA C 1011 -51.93 11.10 31.60
CA ALA C 1011 -51.88 10.75 33.02
C ALA C 1011 -51.16 9.44 33.25
N MET C 1012 -51.08 8.60 32.22
CA MET C 1012 -50.40 7.33 32.35
C MET C 1012 -48.89 7.50 32.18
N TYR C 1013 -48.49 8.09 31.05
CA TYR C 1013 -47.08 8.31 30.70
C TYR C 1013 -46.91 9.77 30.29
N PRO C 1014 -46.78 10.69 31.25
CA PRO C 1014 -46.85 12.12 30.89
C PRO C 1014 -45.69 12.62 30.06
N ASP C 1015 -44.46 12.41 30.52
CA ASP C 1015 -43.30 13.01 29.86
C ASP C 1015 -43.19 12.55 28.42
N VAL C 1016 -43.32 11.24 28.19
CA VAL C 1016 -43.22 10.74 26.83
C VAL C 1016 -44.40 11.19 26.01
N PHE C 1017 -45.56 11.42 26.64
CA PHE C 1017 -46.69 11.98 25.90
C PHE C 1017 -46.37 13.39 25.41
N ALA C 1018 -45.72 14.19 26.26
CA ALA C 1018 -45.28 15.51 25.82
C ALA C 1018 -44.27 15.38 24.67
N HIS C 1019 -43.40 14.39 24.77
CA HIS C 1019 -42.43 14.13 23.70
C HIS C 1019 -43.14 13.88 22.37
N PHE C 1020 -44.06 12.89 22.37
CA PHE C 1020 -44.90 12.63 21.20
C PHE C 1020 -45.52 13.90 20.66
N LYS C 1021 -46.24 14.63 21.51
CA LYS C 1021 -47.12 15.66 21.00
C LYS C 1021 -46.33 16.85 20.49
N ASP C 1022 -45.31 17.27 21.23
CA ASP C 1022 -44.55 18.43 20.78
C ASP C 1022 -43.64 18.09 19.60
N PHE C 1023 -43.27 16.83 19.42
CA PHE C 1023 -42.56 16.48 18.18
C PHE C 1023 -43.50 16.41 16.99
N THR C 1024 -44.67 15.80 17.17
CA THR C 1024 -45.61 15.67 16.07
C THR C 1024 -46.18 17.04 15.69
N ALA C 1025 -46.14 18.00 16.61
CA ALA C 1025 -46.53 19.36 16.28
C ALA C 1025 -45.55 20.01 15.31
N THR C 1026 -44.25 19.75 15.48
CA THR C 1026 -43.24 20.37 14.64
C THR C 1026 -43.12 19.66 13.29
N PHE C 1027 -42.99 18.33 13.31
CA PHE C 1027 -42.69 17.62 12.07
C PHE C 1027 -43.95 17.23 11.30
N GLY C 1028 -45.14 17.47 11.86
CA GLY C 1028 -46.37 17.19 11.18
C GLY C 1028 -46.96 15.84 11.54
N PRO C 1029 -48.06 15.47 10.87
CA PRO C 1029 -48.76 14.21 11.20
C PRO C 1029 -48.08 13.02 10.57
N LEU C 1030 -47.55 12.13 11.40
CA LEU C 1030 -46.86 10.92 10.96
C LEU C 1030 -47.87 9.79 10.77
N ASP C 1031 -47.37 8.55 10.71
CA ASP C 1031 -48.16 7.35 10.46
C ASP C 1031 -49.19 7.57 9.36
N SER C 1032 -48.77 8.32 8.34
CA SER C 1032 -49.54 8.51 7.13
C SER C 1032 -48.77 8.10 5.89
N LEU C 1033 -47.49 7.80 6.02
CA LEU C 1033 -46.62 7.47 4.90
C LEU C 1033 -46.21 6.01 4.98
N ASN C 1034 -45.69 5.51 3.87
CA ASN C 1034 -45.31 4.11 3.78
C ASN C 1034 -44.22 3.79 4.79
N THR C 1035 -44.35 2.61 5.41
CA THR C 1035 -43.33 2.16 6.36
C THR C 1035 -41.97 2.06 5.69
N ARG C 1036 -41.89 1.40 4.54
CA ARG C 1036 -40.62 1.25 3.83
C ARG C 1036 -40.07 2.60 3.40
N LEU C 1037 -40.94 3.47 2.89
CA LEU C 1037 -40.48 4.75 2.37
C LEU C 1037 -39.75 5.55 3.43
N PHE C 1038 -40.34 5.68 4.62
CA PHE C 1038 -39.64 6.33 5.71
C PHE C 1038 -38.43 5.51 6.14
N LEU C 1039 -38.58 4.18 6.19
CA LEU C 1039 -37.55 3.33 6.78
C LEU C 1039 -36.23 3.46 6.03
N GLN C 1040 -36.28 3.48 4.70
CA GLN C 1040 -35.05 3.72 3.94
C GLN C 1040 -34.92 5.21 3.64
N GLY C 1041 -35.88 5.76 2.89
CA GLY C 1041 -35.82 7.13 2.41
C GLY C 1041 -34.43 7.59 2.03
N PRO C 1042 -33.69 6.76 1.30
CA PRO C 1042 -32.24 6.96 1.23
C PRO C 1042 -31.76 7.76 0.04
N LYS C 1043 -32.63 8.02 -0.92
CA LYS C 1043 -32.15 8.47 -2.21
C LYS C 1043 -33.05 9.57 -2.78
N ILE C 1044 -32.51 10.26 -3.78
CA ILE C 1044 -33.21 11.36 -4.43
C ILE C 1044 -33.70 10.88 -5.79
N ALA C 1045 -34.51 11.71 -6.44
CA ALA C 1045 -35.16 11.36 -7.71
C ALA C 1045 -36.03 10.13 -7.55
N GLU C 1046 -36.62 9.98 -6.36
CA GLU C 1046 -37.63 8.96 -6.10
C GLU C 1046 -38.97 9.65 -5.89
N GLU C 1047 -39.94 9.34 -6.76
CA GLU C 1047 -41.26 9.92 -6.69
C GLU C 1047 -42.17 8.99 -5.89
N PHE C 1048 -42.62 9.47 -4.74
CA PHE C 1048 -43.46 8.69 -3.84
C PHE C 1048 -44.63 9.55 -3.38
N GLU C 1049 -45.80 8.93 -3.30
CA GLU C 1049 -47.03 9.64 -2.95
C GLU C 1049 -47.42 9.30 -1.52
N VAL C 1050 -47.76 10.33 -0.74
CA VAL C 1050 -48.23 10.15 0.63
C VAL C 1050 -49.67 10.62 0.71
N GLU C 1051 -50.55 9.75 1.17
CA GLU C 1051 -51.98 10.02 1.21
C GLU C 1051 -52.33 10.50 2.61
N LEU C 1052 -51.88 11.72 2.95
CA LEU C 1052 -52.27 12.30 4.24
C LEU C 1052 -53.77 12.48 4.32
N GLU C 1053 -54.39 12.96 3.24
CA GLU C 1053 -55.83 12.98 3.10
C GLU C 1053 -56.17 12.37 1.74
N ARG C 1054 -57.35 11.76 1.67
CA ARG C 1054 -57.83 11.26 0.38
C ARG C 1054 -58.05 12.43 -0.58
N GLY C 1055 -57.73 12.22 -1.85
CA GLY C 1055 -57.76 13.29 -2.80
C GLY C 1055 -56.55 14.20 -2.76
N LYS C 1056 -55.55 13.88 -1.94
CA LYS C 1056 -54.31 14.65 -1.85
C LYS C 1056 -53.16 13.66 -1.98
N THR C 1057 -52.76 13.40 -3.23
CA THR C 1057 -51.72 12.40 -3.48
C THR C 1057 -50.39 12.81 -2.85
N LEU C 1058 -50.07 14.10 -2.88
CA LEU C 1058 -48.82 14.61 -2.33
C LEU C 1058 -47.62 13.87 -2.90
N HIS C 1059 -47.57 13.78 -4.23
CA HIS C 1059 -46.43 13.19 -4.89
C HIS C 1059 -45.19 14.00 -4.57
N ILE C 1060 -44.11 13.31 -4.22
CA ILE C 1060 -42.89 13.95 -3.74
C ILE C 1060 -41.72 13.38 -4.52
N LYS C 1061 -40.99 14.25 -5.19
CA LYS C 1061 -39.84 13.87 -6.01
C LYS C 1061 -38.62 14.61 -5.49
N ALA C 1062 -37.70 13.90 -4.88
CA ALA C 1062 -36.47 14.51 -4.37
C ALA C 1062 -35.59 14.81 -5.58
N LEU C 1063 -35.76 16.01 -6.14
CA LEU C 1063 -35.09 16.36 -7.38
C LEU C 1063 -33.58 16.44 -7.20
N ALA C 1064 -33.12 17.18 -6.20
CA ALA C 1064 -31.69 17.29 -5.94
C ALA C 1064 -31.49 17.75 -4.50
N VAL C 1065 -30.25 17.58 -4.03
CA VAL C 1065 -29.85 17.99 -2.69
C VAL C 1065 -28.61 18.86 -2.81
N SER C 1066 -28.63 20.02 -2.16
CA SER C 1066 -27.54 20.98 -2.23
C SER C 1066 -26.48 20.70 -1.18
N ASP C 1067 -25.59 21.67 -0.95
CA ASP C 1067 -24.48 21.57 -0.02
C ASP C 1067 -24.61 22.61 1.07
N LEU C 1068 -23.56 22.72 1.89
CA LEU C 1068 -23.54 23.68 2.99
C LEU C 1068 -23.38 25.10 2.44
N ASN C 1069 -24.30 25.99 2.79
CA ASN C 1069 -24.21 27.37 2.30
C ASN C 1069 -23.28 28.22 3.17
N ARG C 1070 -23.67 28.48 4.42
CA ARG C 1070 -22.83 29.28 5.31
C ARG C 1070 -22.73 28.76 6.74
N ALA C 1071 -23.72 28.04 7.26
CA ALA C 1071 -23.78 27.75 8.69
C ALA C 1071 -24.28 26.33 8.98
N GLY C 1072 -23.81 25.34 8.22
CA GLY C 1072 -24.24 23.98 8.44
C GLY C 1072 -25.73 23.79 8.23
N GLN C 1073 -26.27 24.43 7.20
CA GLN C 1073 -27.65 24.24 6.77
C GLN C 1073 -27.66 23.96 5.29
N ARG C 1074 -28.29 22.86 4.89
CA ARG C 1074 -28.35 22.48 3.50
C ARG C 1074 -29.74 22.80 2.95
N GLN C 1075 -29.87 22.61 1.64
CA GLN C 1075 -31.12 22.85 0.94
C GLN C 1075 -31.39 21.66 0.04
N VAL C 1076 -32.67 21.31 -0.10
CA VAL C 1076 -33.11 20.16 -0.87
C VAL C 1076 -34.20 20.60 -1.84
N PHE C 1077 -34.24 19.96 -3.00
CA PHE C 1077 -35.22 20.22 -4.04
C PHE C 1077 -36.31 19.15 -3.96
N PHE C 1078 -37.56 19.57 -3.79
CA PHE C 1078 -38.70 18.68 -3.89
C PHE C 1078 -39.61 19.11 -5.04
N GLU C 1079 -40.27 18.12 -5.62
CA GLU C 1079 -41.34 18.29 -6.59
C GLU C 1079 -42.61 17.76 -5.95
N LEU C 1080 -43.63 18.61 -5.84
CA LEU C 1080 -44.94 18.19 -5.36
C LEU C 1080 -45.68 17.46 -6.48
N ASN C 1081 -46.99 17.28 -6.31
CA ASN C 1081 -47.80 16.74 -7.39
C ASN C 1081 -47.56 17.54 -8.67
N GLY C 1082 -47.48 18.86 -8.55
CA GLY C 1082 -47.14 19.72 -9.66
C GLY C 1082 -46.30 20.92 -9.29
N GLN C 1083 -45.80 20.97 -8.05
CA GLN C 1083 -45.17 22.17 -7.52
C GLN C 1083 -43.75 21.89 -7.04
N LEU C 1084 -42.84 22.83 -7.33
CA LEU C 1084 -41.47 22.77 -6.85
C LEU C 1084 -41.40 23.46 -5.50
N ARG C 1085 -40.68 22.86 -4.56
CA ARG C 1085 -40.43 23.45 -3.26
C ARG C 1085 -38.95 23.34 -2.92
N SER C 1086 -38.41 24.43 -2.41
CA SER C 1086 -37.02 24.49 -1.96
C SER C 1086 -37.01 24.48 -0.44
N ILE C 1087 -36.55 23.37 0.14
CA ILE C 1087 -36.63 23.20 1.58
C ILE C 1087 -35.25 23.39 2.17
N LEU C 1088 -35.21 23.94 3.38
CA LEU C 1088 -33.95 24.23 4.07
C LEU C 1088 -33.89 23.39 5.34
N VAL C 1089 -32.85 22.56 5.44
CA VAL C 1089 -32.67 21.64 6.56
C VAL C 1089 -31.47 22.12 7.36
N LYS C 1090 -31.71 22.47 8.62
CA LYS C 1090 -30.62 22.74 9.54
C LYS C 1090 -29.98 21.43 9.93
N ASP C 1091 -28.68 21.30 9.71
CA ASP C 1091 -28.01 20.02 9.84
C ASP C 1091 -27.63 19.75 11.29
N THR C 1092 -27.49 18.47 11.63
CA THR C 1092 -27.04 18.06 12.94
C THR C 1092 -25.62 17.52 12.94
N GLN C 1093 -25.03 17.32 11.76
CA GLN C 1093 -23.73 16.68 11.65
C GLN C 1093 -22.56 17.67 11.72
N ALA C 1094 -22.82 18.97 11.72
CA ALA C 1094 -21.77 19.99 11.71
C ALA C 1094 -21.71 20.65 13.07
N MET C 1095 -20.59 20.49 13.77
CA MET C 1095 -20.38 21.10 15.08
C MET C 1095 -19.28 22.16 15.07
N LYS C 1096 -18.07 21.77 14.70
CA LYS C 1096 -16.93 22.68 14.55
C LYS C 1096 -16.73 23.57 15.78
N GLU C 1097 -16.42 22.93 16.91
CA GLU C 1097 -16.12 23.64 18.15
C GLU C 1097 -14.62 23.87 18.23
N MET C 1098 -14.18 25.01 17.73
CA MET C 1098 -12.77 25.39 17.74
C MET C 1098 -12.55 26.50 18.76
N HIS C 1099 -11.61 26.29 19.68
CA HIS C 1099 -11.27 27.25 20.71
C HIS C 1099 -9.78 27.58 20.66
N PHE C 1100 -9.46 28.86 20.85
CA PHE C 1100 -8.09 29.35 20.77
C PHE C 1100 -7.80 30.24 21.97
N HIS C 1101 -6.65 30.92 21.93
CA HIS C 1101 -6.19 31.69 23.06
C HIS C 1101 -7.11 32.89 23.30
N PRO C 1102 -7.36 33.24 24.57
CA PRO C 1102 -8.15 34.46 24.85
C PRO C 1102 -7.52 35.67 24.20
N LYS C 1103 -8.24 36.31 23.28
CA LYS C 1103 -7.68 37.43 22.56
C LYS C 1103 -7.63 38.66 23.47
N ALA C 1104 -6.49 39.34 23.48
CA ALA C 1104 -6.37 40.56 24.26
C ALA C 1104 -7.24 41.65 23.67
N LEU C 1105 -8.29 42.02 24.39
CA LEU C 1105 -9.21 43.05 23.95
C LEU C 1105 -8.48 44.39 23.97
N LYS C 1106 -8.28 44.97 22.79
CA LYS C 1106 -7.49 46.18 22.67
C LYS C 1106 -8.09 47.35 23.43
N ASP C 1107 -9.40 47.34 23.66
CA ASP C 1107 -10.02 48.41 24.43
C ASP C 1107 -9.51 48.44 25.87
N VAL C 1108 -9.28 47.27 26.46
CA VAL C 1108 -8.71 47.21 27.80
C VAL C 1108 -7.24 47.59 27.69
N LYS C 1109 -6.94 48.84 28.05
CA LYS C 1109 -5.56 49.31 28.02
C LYS C 1109 -4.69 48.49 28.97
N GLY C 1110 -5.27 48.00 30.06
CA GLY C 1110 -4.53 47.13 30.96
C GLY C 1110 -4.07 45.85 30.28
N GLN C 1111 -4.97 45.22 29.52
CA GLN C 1111 -4.60 43.99 28.84
C GLN C 1111 -3.44 44.23 27.87
N ILE C 1112 -2.64 43.19 27.68
CA ILE C 1112 -1.48 43.24 26.79
C ILE C 1112 -1.72 42.25 25.65
N GLY C 1113 -1.66 42.75 24.42
CA GLY C 1113 -1.80 41.91 23.25
C GLY C 1113 -0.46 41.58 22.65
N ALA C 1114 -0.36 40.45 21.98
CA ALA C 1114 0.90 40.04 21.39
C ALA C 1114 1.19 40.90 20.17
N PRO C 1115 2.29 41.66 20.16
CA PRO C 1115 2.59 42.47 18.96
C PRO C 1115 3.03 41.63 17.79
N MET C 1116 3.72 40.52 18.04
CA MET C 1116 4.21 39.65 16.99
C MET C 1116 3.74 38.22 17.20
N PRO C 1117 3.29 37.54 16.16
CA PRO C 1117 3.12 36.09 16.25
C PRO C 1117 4.49 35.42 16.34
N GLY C 1118 4.62 34.48 17.26
CA GLY C 1118 5.88 33.79 17.43
C GLY C 1118 5.83 32.87 18.64
N LYS C 1119 6.97 32.24 18.89
CA LYS C 1119 7.10 31.33 20.02
C LYS C 1119 7.61 32.09 21.23
N VAL C 1120 7.01 31.81 22.39
CA VAL C 1120 7.46 32.36 23.66
C VAL C 1120 8.72 31.64 24.10
N ILE C 1121 9.80 32.39 24.31
CA ILE C 1121 11.06 31.80 24.75
C ILE C 1121 11.11 31.76 26.27
N ASP C 1122 11.00 32.93 26.90
CA ASP C 1122 11.06 33.01 28.35
C ASP C 1122 10.04 34.03 28.84
N ILE C 1123 9.50 33.77 30.03
CA ILE C 1123 8.66 34.72 30.75
C ILE C 1123 9.47 35.22 31.94
N LYS C 1124 9.55 36.55 32.07
CA LYS C 1124 10.37 37.16 33.11
C LYS C 1124 9.54 37.76 34.23
N VAL C 1125 8.23 37.55 34.23
CA VAL C 1125 7.35 38.05 35.29
C VAL C 1125 6.47 36.91 35.76
N VAL C 1126 6.46 36.69 37.07
CA VAL C 1126 5.60 35.69 37.67
C VAL C 1126 4.27 36.34 38.03
N ALA C 1127 3.23 35.52 38.19
CA ALA C 1127 1.92 36.05 38.55
C ALA C 1127 1.97 36.76 39.89
N GLY C 1128 1.27 37.89 39.97
CA GLY C 1128 1.28 38.71 41.17
C GLY C 1128 2.61 39.34 41.47
N ALA C 1129 3.27 39.89 40.46
CA ALA C 1129 4.57 40.54 40.61
C ALA C 1129 4.52 41.97 40.11
N LYS C 1130 5.31 42.83 40.76
CA LYS C 1130 5.37 44.23 40.38
C LYS C 1130 6.08 44.38 39.04
N VAL C 1131 5.49 45.17 38.14
CA VAL C 1131 6.03 45.38 36.81
C VAL C 1131 6.15 46.88 36.55
N ALA C 1132 7.33 47.31 36.10
CA ALA C 1132 7.57 48.70 35.78
C ALA C 1132 7.09 49.01 34.37
N LYS C 1133 6.97 50.31 34.07
CA LYS C 1133 6.65 50.72 32.72
C LYS C 1133 7.85 50.45 31.81
N GLY C 1134 7.56 49.94 30.62
CA GLY C 1134 8.63 49.61 29.68
C GLY C 1134 9.57 48.55 30.22
N GLN C 1135 9.03 47.54 30.89
CA GLN C 1135 9.84 46.52 31.53
C GLN C 1135 9.68 45.20 30.81
N PRO C 1136 10.77 44.56 30.40
CA PRO C 1136 10.65 43.27 29.71
C PRO C 1136 9.97 42.24 30.59
N LEU C 1137 9.03 41.51 30.01
CA LEU C 1137 8.29 40.51 30.76
C LEU C 1137 8.23 39.20 29.99
N CYS C 1138 8.26 39.26 28.66
CA CYS C 1138 8.16 38.09 27.82
C CYS C 1138 8.88 38.35 26.51
N VAL C 1139 9.25 37.26 25.82
CA VAL C 1139 9.98 37.33 24.56
C VAL C 1139 9.35 36.38 23.56
N LEU C 1140 9.07 36.90 22.36
CA LEU C 1140 8.53 36.12 21.25
C LEU C 1140 9.53 36.11 20.11
N SER C 1141 9.58 35.00 19.37
CA SER C 1141 10.51 34.83 18.26
C SER C 1141 9.78 34.38 17.01
N ALA C 1142 10.18 34.92 15.86
CA ALA C 1142 9.82 34.42 14.54
C ALA C 1142 11.05 33.79 13.90
N MET C 1143 10.92 33.35 12.65
CA MET C 1143 12.06 32.74 11.98
C MET C 1143 13.18 33.75 11.72
N LYS C 1144 12.85 35.05 11.62
CA LYS C 1144 13.84 36.11 11.61
C LYS C 1144 13.46 37.32 12.44
N MET C 1145 12.31 37.29 13.11
CA MET C 1145 11.83 38.42 13.90
C MET C 1145 11.84 38.05 15.38
N GLU C 1146 12.47 38.92 16.18
CA GLU C 1146 12.50 38.78 17.63
C GLU C 1146 12.07 40.10 18.24
N THR C 1147 11.11 40.05 19.15
CA THR C 1147 10.63 41.22 19.87
C THR C 1147 10.37 40.86 21.32
N VAL C 1148 10.73 41.75 22.22
CA VAL C 1148 10.60 41.54 23.66
C VAL C 1148 9.29 42.18 24.10
N VAL C 1149 8.42 41.40 24.72
CA VAL C 1149 7.16 41.92 25.24
C VAL C 1149 7.48 42.82 26.43
N THR C 1150 6.97 44.04 26.39
CA THR C 1150 7.28 45.04 27.39
C THR C 1150 6.00 45.48 28.07
N SER C 1151 6.11 45.85 29.35
CA SER C 1151 4.97 46.40 30.07
C SER C 1151 4.85 47.88 29.78
N PRO C 1152 3.84 48.32 29.03
CA PRO C 1152 3.77 49.74 28.66
C PRO C 1152 3.35 50.64 29.79
N MET C 1153 3.12 50.12 30.99
CA MET C 1153 2.58 50.89 32.08
C MET C 1153 3.21 50.44 33.39
N GLU C 1154 3.12 51.30 34.39
CA GLU C 1154 3.50 50.93 35.75
C GLU C 1154 2.37 50.15 36.42
N GLY C 1155 2.73 49.26 37.33
CA GLY C 1155 1.72 48.52 38.06
C GLY C 1155 2.20 47.11 38.38
N THR C 1156 1.26 46.18 38.37
CA THR C 1156 1.56 44.78 38.61
C THR C 1156 0.75 43.93 37.63
N VAL C 1157 1.00 42.64 37.65
CA VAL C 1157 0.28 41.74 36.76
C VAL C 1157 -0.95 41.18 37.46
N ARG C 1158 -1.96 40.82 36.68
CA ARG C 1158 -3.15 40.15 37.17
C ARG C 1158 -3.07 38.64 36.94
N LYS C 1159 -2.91 38.23 35.69
CA LYS C 1159 -2.78 36.83 35.33
C LYS C 1159 -1.96 36.72 34.04
N VAL C 1160 -1.05 35.77 34.03
CA VAL C 1160 -0.15 35.54 32.90
C VAL C 1160 -0.63 34.33 32.13
N HIS C 1161 -0.66 34.44 30.81
CA HIS C 1161 -1.22 33.41 29.94
C HIS C 1161 -0.16 32.78 29.05
N VAL C 1162 1.02 32.50 29.60
CA VAL C 1162 2.13 31.93 28.87
C VAL C 1162 2.55 30.62 29.53
N THR C 1163 2.77 29.60 28.70
CA THR C 1163 3.30 28.32 29.18
C THR C 1163 4.79 28.16 28.88
N LYS C 1164 5.43 29.20 28.33
CA LYS C 1164 6.87 29.26 28.13
C LYS C 1164 7.33 28.31 27.01
N ASP C 1165 6.42 27.50 26.49
CA ASP C 1165 6.79 26.54 25.44
C ASP C 1165 5.75 26.44 24.33
N MET C 1166 4.77 27.33 24.29
CA MET C 1166 3.74 27.30 23.26
C MET C 1166 3.95 28.41 22.24
N THR C 1167 3.37 28.22 21.06
CA THR C 1167 3.39 29.24 20.03
C THR C 1167 2.18 30.16 20.18
N LEU C 1168 2.44 31.44 20.44
CA LEU C 1168 1.37 32.41 20.65
C LEU C 1168 1.36 33.41 19.50
N GLU C 1169 0.22 33.53 18.84
CA GLU C 1169 0.09 34.42 17.69
C GLU C 1169 -0.15 35.84 18.18
N GLY C 1170 -0.16 36.78 17.23
CA GLY C 1170 -0.24 38.19 17.59
C GLY C 1170 -1.60 38.56 18.16
N ASP C 1171 -1.58 39.61 18.99
CA ASP C 1171 -2.78 40.20 19.58
C ASP C 1171 -3.59 39.16 20.36
N ASP C 1172 -2.90 38.48 21.27
CA ASP C 1172 -3.53 37.57 22.20
C ASP C 1172 -3.32 38.09 23.62
N LEU C 1173 -4.21 37.69 24.53
CA LEU C 1173 -4.03 38.08 25.92
C LEU C 1173 -2.87 37.29 26.50
N ILE C 1174 -1.65 37.70 26.16
CA ILE C 1174 -0.45 37.05 26.66
C ILE C 1174 -0.41 37.13 28.17
N LEU C 1175 -0.76 38.29 28.72
CA LEU C 1175 -0.90 38.48 30.15
C LEU C 1175 -1.78 39.71 30.33
N GLU C 1176 -2.35 39.84 31.52
CA GLU C 1176 -3.33 40.88 31.78
C GLU C 1176 -2.81 41.81 32.86
N ILE C 1177 -3.10 43.10 32.71
CA ILE C 1177 -2.64 44.12 33.65
C ILE C 1177 -3.87 44.93 34.04
N GLU C 1178 -3.81 45.57 35.21
CA GLU C 1178 -4.89 46.43 35.65
C GLU C 1178 -5.10 47.61 34.70
N ASN D 495 -36.01 36.58 -21.47
CA ASN D 495 -35.75 35.21 -21.88
C ASN D 495 -34.30 35.03 -22.28
N ARG D 496 -33.66 36.13 -22.70
CA ARG D 496 -32.23 36.09 -23.00
C ARG D 496 -31.40 35.89 -21.74
N ALA D 497 -31.85 36.42 -20.61
CA ALA D 497 -31.23 36.06 -19.34
C ALA D 497 -31.33 34.57 -19.10
N GLN D 498 -32.48 33.99 -19.46
CA GLN D 498 -32.69 32.56 -19.28
C GLN D 498 -31.70 31.74 -20.09
N LYS D 499 -31.47 32.12 -21.36
CA LYS D 499 -30.56 31.35 -22.18
C LYS D 499 -29.11 31.56 -21.75
N LEU D 500 -28.78 32.76 -21.28
CA LEU D 500 -27.41 32.99 -20.81
C LEU D 500 -27.13 32.14 -19.57
N LEU D 501 -28.09 32.06 -18.66
CA LEU D 501 -27.91 31.19 -17.51
C LEU D 501 -27.89 29.72 -17.93
N HIS D 502 -28.64 29.39 -18.99
CA HIS D 502 -28.57 28.04 -19.53
C HIS D 502 -27.15 27.71 -20.00
N TYR D 503 -26.50 28.67 -20.68
CA TYR D 503 -25.12 28.45 -21.07
C TYR D 503 -24.19 28.37 -19.87
N LEU D 504 -24.46 29.14 -18.83
CA LEU D 504 -23.64 29.04 -17.62
C LEU D 504 -23.72 27.63 -17.04
N GLY D 505 -24.93 27.10 -16.89
CA GLY D 505 -25.06 25.73 -16.45
C GLY D 505 -24.38 24.74 -17.39
N HIS D 506 -24.48 24.99 -18.70
CA HIS D 506 -23.88 24.09 -19.68
C HIS D 506 -22.37 24.09 -19.58
N VAL D 507 -21.76 25.25 -19.31
CA VAL D 507 -20.30 25.31 -19.22
C VAL D 507 -19.84 24.70 -17.91
N MET D 508 -20.66 24.77 -16.86
CA MET D 508 -20.29 24.08 -15.65
C MET D 508 -20.37 22.56 -15.80
N VAL D 509 -21.44 22.07 -16.43
CA VAL D 509 -21.55 20.62 -16.60
C VAL D 509 -20.48 20.13 -17.58
N ASN D 510 -20.27 20.87 -18.66
CA ASN D 510 -19.37 20.41 -19.71
C ASN D 510 -17.95 20.93 -19.52
N GLY D 511 -17.79 22.24 -19.34
CA GLY D 511 -16.48 22.82 -19.18
C GLY D 511 -16.21 23.97 -20.14
N PRO D 512 -15.01 24.57 -20.03
CA PRO D 512 -14.65 25.69 -20.92
C PRO D 512 -14.61 25.31 -22.39
N THR D 513 -15.06 26.23 -23.24
CA THR D 513 -15.10 25.97 -24.67
C THR D 513 -13.71 25.99 -25.29
N THR D 514 -12.88 26.96 -24.91
CA THR D 514 -11.59 27.12 -25.54
C THR D 514 -10.62 26.02 -25.10
N PRO D 515 -9.96 25.35 -26.05
CA PRO D 515 -8.89 24.43 -25.69
C PRO D 515 -7.78 25.14 -24.96
N ILE D 516 -7.20 24.47 -23.98
CA ILE D 516 -6.29 25.11 -23.04
C ILE D 516 -4.86 24.66 -23.31
N PRO D 517 -3.92 25.59 -23.48
CA PRO D 517 -2.53 25.20 -23.74
C PRO D 517 -1.91 24.48 -22.56
N VAL D 518 -1.97 25.11 -21.39
CA VAL D 518 -1.40 24.58 -20.16
C VAL D 518 -2.47 24.56 -19.09
N LYS D 519 -2.52 23.47 -18.32
CA LYS D 519 -3.50 23.34 -17.26
C LYS D 519 -3.28 24.43 -16.23
N ALA D 520 -4.14 25.44 -16.25
CA ALA D 520 -4.05 26.57 -15.33
C ALA D 520 -5.44 27.17 -15.19
N SER D 521 -5.61 27.94 -14.12
CA SER D 521 -6.88 28.57 -13.84
C SER D 521 -6.70 30.07 -13.78
N PRO D 522 -7.70 30.84 -14.23
CA PRO D 522 -7.59 32.29 -14.12
C PRO D 522 -7.49 32.70 -12.67
N SER D 523 -6.72 33.74 -12.43
CA SER D 523 -6.65 34.29 -11.09
C SER D 523 -8.04 34.76 -10.68
N PRO D 524 -8.51 34.39 -9.49
CA PRO D 524 -9.82 34.88 -9.03
C PRO D 524 -9.87 36.38 -8.88
N THR D 525 -8.70 37.03 -8.79
CA THR D 525 -8.64 38.46 -8.56
C THR D 525 -9.26 39.23 -9.72
N ASP D 526 -9.92 40.33 -9.39
CA ASP D 526 -10.57 41.18 -10.38
C ASP D 526 -9.68 42.36 -10.69
N PRO D 527 -9.32 42.61 -11.95
CA PRO D 527 -8.50 43.79 -12.26
C PRO D 527 -9.19 45.06 -11.82
N VAL D 528 -8.42 45.93 -11.14
CA VAL D 528 -8.98 47.12 -10.51
C VAL D 528 -8.68 48.36 -11.35
N VAL D 529 -9.73 48.94 -11.91
CA VAL D 529 -9.63 50.06 -12.84
C VAL D 529 -9.42 51.33 -12.02
N PRO D 530 -8.41 52.14 -12.32
CA PRO D 530 -8.20 53.38 -11.58
C PRO D 530 -9.28 54.41 -11.89
N ALA D 531 -9.41 55.38 -11.00
CA ALA D 531 -10.32 56.48 -11.22
C ALA D 531 -9.81 57.40 -12.31
N VAL D 532 -10.74 58.03 -13.02
CA VAL D 532 -10.40 59.01 -14.04
C VAL D 532 -11.05 60.33 -13.65
N PRO D 533 -10.48 61.47 -14.02
CA PRO D 533 -11.16 62.75 -13.75
C PRO D 533 -12.49 62.83 -14.49
N ILE D 534 -13.47 63.42 -13.81
CA ILE D 534 -14.79 63.56 -14.41
C ILE D 534 -14.73 64.50 -15.62
N GLY D 535 -13.76 65.41 -15.64
CA GLY D 535 -13.63 66.37 -16.71
C GLY D 535 -13.34 65.72 -18.05
N PRO D 536 -13.55 66.48 -19.12
CA PRO D 536 -13.36 65.92 -20.46
C PRO D 536 -11.90 65.57 -20.68
N PRO D 537 -11.62 64.56 -21.51
CA PRO D 537 -10.23 64.21 -21.78
C PRO D 537 -9.53 65.33 -22.53
N PRO D 538 -8.25 65.58 -22.24
CA PRO D 538 -7.55 66.72 -22.86
C PRO D 538 -7.25 66.51 -24.34
N ALA D 539 -6.69 67.54 -24.97
CA ALA D 539 -6.53 67.57 -26.42
C ALA D 539 -5.28 66.81 -26.84
N GLY D 540 -5.46 65.86 -27.75
CA GLY D 540 -4.39 65.04 -28.27
C GLY D 540 -4.08 65.35 -29.72
N PHE D 541 -3.76 64.30 -30.47
CA PHE D 541 -3.40 64.45 -31.88
C PHE D 541 -4.52 64.07 -32.84
N ARG D 542 -5.61 63.48 -32.34
CA ARG D 542 -6.70 63.12 -33.24
C ARG D 542 -7.35 64.35 -33.86
N ASP D 543 -7.46 65.44 -33.10
CA ASP D 543 -8.12 66.64 -33.60
C ASP D 543 -7.41 67.22 -34.82
N ILE D 544 -6.09 67.06 -34.90
CA ILE D 544 -5.36 67.58 -36.05
C ILE D 544 -5.77 66.85 -37.34
N LEU D 545 -5.88 65.52 -37.27
CA LEU D 545 -6.41 64.79 -38.42
C LEU D 545 -7.86 65.13 -38.67
N LEU D 546 -8.63 65.34 -37.59
CA LEU D 546 -10.05 65.69 -37.74
C LEU D 546 -10.23 66.99 -38.49
N ARG D 547 -9.38 67.98 -38.23
CA ARG D 547 -9.50 69.30 -38.85
C ARG D 547 -8.85 69.32 -40.23
N GLU D 548 -7.56 68.99 -40.31
CA GLU D 548 -6.81 69.11 -41.54
C GLU D 548 -6.24 67.76 -41.96
N GLY D 549 -5.63 67.74 -43.14
CA GLY D 549 -5.18 66.52 -43.74
C GLY D 549 -4.00 65.91 -43.02
N PRO D 550 -3.74 64.64 -43.32
CA PRO D 550 -2.60 63.96 -42.70
C PRO D 550 -1.25 64.56 -43.06
N GLU D 551 -1.16 65.31 -44.16
CA GLU D 551 0.10 65.97 -44.49
C GLU D 551 0.52 66.93 -43.39
N GLY D 552 -0.43 67.75 -42.90
CA GLY D 552 -0.10 68.66 -41.82
C GLY D 552 0.25 67.93 -40.53
N PHE D 553 -0.39 66.79 -40.29
CA PHE D 553 -0.02 65.98 -39.14
C PHE D 553 1.42 65.48 -39.27
N ALA D 554 1.81 65.08 -40.48
CA ALA D 554 3.20 64.68 -40.71
C ALA D 554 4.15 65.84 -40.49
N ARG D 555 3.76 67.03 -40.91
CA ARG D 555 4.59 68.21 -40.67
C ARG D 555 4.77 68.44 -39.16
N ALA D 556 3.67 68.45 -38.41
CA ALA D 556 3.75 68.68 -36.98
C ALA D 556 4.58 67.61 -36.29
N VAL D 557 4.40 66.35 -36.64
CA VAL D 557 5.16 65.27 -36.03
C VAL D 557 6.64 65.42 -36.36
N ARG D 558 6.96 65.81 -37.61
CA ARG D 558 8.34 66.09 -37.97
C ARG D 558 8.93 67.18 -37.10
N ASN D 559 8.16 68.23 -36.84
CA ASN D 559 8.71 69.41 -36.18
C ASN D 559 8.48 69.40 -34.67
N HIS D 560 7.96 68.31 -34.09
CA HIS D 560 7.92 68.19 -32.64
C HIS D 560 9.32 67.94 -32.09
N PRO D 561 9.78 68.73 -31.12
CA PRO D 561 11.09 68.48 -30.48
C PRO D 561 10.96 67.51 -29.32
N GLY D 562 11.84 66.52 -29.29
CA GLY D 562 11.82 65.54 -28.22
C GLY D 562 11.65 64.13 -28.73
N LEU D 563 10.78 63.36 -28.09
CA LEU D 563 10.51 61.99 -28.50
C LEU D 563 9.03 61.65 -28.31
N LEU D 564 8.44 61.06 -29.34
CA LEU D 564 7.04 60.64 -29.37
C LEU D 564 6.96 59.12 -29.28
N LEU D 565 5.88 58.63 -28.69
CA LEU D 565 5.68 57.20 -28.49
C LEU D 565 4.22 56.85 -28.78
N MET D 566 3.99 55.63 -29.23
CA MET D 566 2.64 55.07 -29.24
C MET D 566 2.69 53.73 -28.52
N ASP D 567 1.56 53.35 -27.90
CA ASP D 567 1.48 52.08 -27.19
C ASP D 567 0.79 51.02 -28.07
N THR D 568 1.47 49.89 -28.27
CA THR D 568 0.94 48.80 -29.09
C THR D 568 0.48 47.61 -28.24
N THR D 569 0.30 47.82 -26.93
CA THR D 569 -0.06 46.72 -26.05
C THR D 569 -1.37 46.08 -26.46
N PHE D 570 -2.33 46.88 -26.91
CA PHE D 570 -3.64 46.34 -27.25
C PHE D 570 -3.57 45.39 -28.44
N ARG D 571 -2.53 45.48 -29.25
CA ARG D 571 -2.42 44.66 -30.46
C ARG D 571 -1.23 43.71 -30.39
N ASP D 572 -0.02 44.21 -30.14
CA ASP D 572 1.17 43.38 -30.28
C ASP D 572 1.57 42.68 -29.00
N ALA D 573 1.40 43.32 -27.84
CA ALA D 573 1.84 42.70 -26.59
C ALA D 573 1.09 41.42 -26.31
N HIS D 574 -0.22 41.43 -26.50
CA HIS D 574 -1.00 40.21 -26.35
C HIS D 574 -0.56 39.18 -27.37
N GLN D 575 -0.22 39.64 -28.58
CA GLN D 575 0.16 38.75 -29.66
C GLN D 575 1.46 38.01 -29.35
N SER D 576 2.41 38.70 -28.73
CA SER D 576 3.71 38.09 -28.46
C SER D 576 3.70 37.26 -27.17
N LEU D 577 3.40 37.91 -26.05
CA LEU D 577 3.41 37.22 -24.77
C LEU D 577 2.44 36.05 -24.77
N LEU D 578 1.17 36.33 -25.04
CA LEU D 578 0.13 35.31 -24.99
C LEU D 578 -0.14 34.83 -26.42
N ALA D 579 -1.16 33.98 -26.57
CA ALA D 579 -1.72 33.67 -27.87
C ALA D 579 -2.80 34.67 -28.25
N THR D 580 -2.68 35.86 -27.66
CA THR D 580 -3.61 36.98 -27.81
C THR D 580 -5.08 36.54 -27.89
N ARG D 581 -5.48 35.75 -26.90
CA ARG D 581 -6.90 35.47 -26.68
C ARG D 581 -7.55 36.56 -25.86
N VAL D 582 -6.92 37.72 -25.73
CA VAL D 582 -7.42 38.78 -24.88
C VAL D 582 -8.80 39.22 -25.34
N ARG D 583 -9.75 39.23 -24.41
CA ARG D 583 -11.13 39.56 -24.73
C ARG D 583 -11.37 41.06 -24.59
N THR D 584 -12.45 41.51 -25.21
CA THR D 584 -12.72 42.94 -25.33
C THR D 584 -13.09 43.54 -23.98
N HIS D 585 -13.59 42.73 -23.06
CA HIS D 585 -14.14 43.25 -21.81
C HIS D 585 -13.10 44.07 -21.06
N ASP D 586 -11.90 43.52 -20.89
CA ASP D 586 -10.84 44.26 -20.22
C ASP D 586 -10.47 45.53 -21.00
N LEU D 587 -10.50 45.46 -22.32
CA LEU D 587 -10.19 46.63 -23.13
C LEU D 587 -11.19 47.75 -22.86
N LYS D 588 -12.48 47.40 -22.75
CA LYS D 588 -13.49 48.37 -22.40
C LYS D 588 -13.26 48.93 -21.00
N LYS D 589 -12.89 48.08 -20.05
CA LYS D 589 -12.72 48.56 -18.68
C LYS D 589 -11.63 49.61 -18.58
N ILE D 590 -10.69 49.64 -19.53
CA ILE D 590 -9.52 50.50 -19.40
C ILE D 590 -9.43 51.59 -20.45
N ALA D 591 -10.21 51.51 -21.54
CA ALA D 591 -10.19 52.59 -22.53
C ALA D 591 -10.46 53.98 -21.96
N PRO D 592 -11.39 54.18 -21.02
CA PRO D 592 -11.58 55.55 -20.49
C PRO D 592 -10.34 56.14 -19.85
N TYR D 593 -9.54 55.33 -19.16
CA TYR D 593 -8.31 55.83 -18.56
C TYR D 593 -7.34 56.30 -19.64
N VAL D 594 -7.28 55.56 -20.75
CA VAL D 594 -6.48 55.96 -21.90
C VAL D 594 -6.96 57.29 -22.45
N ALA D 595 -8.27 57.44 -22.62
CA ALA D 595 -8.81 58.69 -23.15
C ALA D 595 -8.49 59.86 -22.23
N HIS D 596 -8.67 59.68 -20.93
CA HIS D 596 -8.52 60.78 -19.98
C HIS D 596 -7.07 61.14 -19.74
N ASN D 597 -6.15 60.17 -19.80
CA ASN D 597 -4.78 60.39 -19.34
C ASN D 597 -3.77 60.58 -20.48
N PHE D 598 -3.64 59.60 -21.37
CA PHE D 598 -2.54 59.58 -22.33
C PHE D 598 -2.94 60.35 -23.60
N SER D 599 -3.10 61.66 -23.42
CA SER D 599 -3.46 62.53 -24.52
C SER D 599 -2.31 62.81 -25.48
N LYS D 600 -1.08 62.81 -24.98
CA LYS D 600 0.09 63.10 -25.79
C LYS D 600 0.58 61.89 -26.56
N LEU D 601 -0.05 60.74 -26.37
CA LEU D 601 0.34 59.54 -27.10
C LEU D 601 0.28 59.80 -28.60
N PHE D 602 1.32 59.33 -29.29
CA PHE D 602 1.43 59.60 -30.73
C PHE D 602 0.24 59.01 -31.48
N SER D 603 -0.15 57.78 -31.14
CA SER D 603 -1.32 57.14 -31.73
C SER D 603 -1.61 55.89 -30.92
N MET D 604 -2.59 55.12 -31.39
CA MET D 604 -2.99 53.89 -30.73
C MET D 604 -3.09 52.78 -31.76
N GLU D 605 -2.38 51.67 -31.52
CA GLU D 605 -2.36 50.52 -32.41
C GLU D 605 -3.27 49.44 -31.84
N ASN D 606 -4.26 49.01 -32.63
CA ASN D 606 -5.29 48.13 -32.12
C ASN D 606 -5.69 47.00 -33.07
N TRP D 607 -5.29 47.05 -34.33
CA TRP D 607 -5.92 46.20 -35.33
C TRP D 607 -4.91 45.52 -36.23
N GLY D 608 -5.19 44.27 -36.58
CA GLY D 608 -4.33 43.50 -37.44
C GLY D 608 -4.93 42.15 -37.75
N GLY D 609 -4.28 41.43 -38.67
CA GLY D 609 -4.77 40.11 -39.05
C GLY D 609 -4.75 39.12 -37.92
N ALA D 610 -3.71 39.18 -37.08
CA ALA D 610 -3.64 38.30 -35.92
C ALA D 610 -4.84 38.48 -35.00
N THR D 611 -5.12 39.73 -34.62
CA THR D 611 -6.21 40.01 -33.70
C THR D 611 -7.54 39.58 -34.31
N PHE D 612 -7.76 39.93 -35.58
CA PHE D 612 -9.01 39.60 -36.24
C PHE D 612 -9.23 38.09 -36.28
N ASP D 613 -8.23 37.36 -36.79
CA ASP D 613 -8.39 35.92 -36.96
C ASP D 613 -8.59 35.22 -35.62
N VAL D 614 -7.80 35.57 -34.61
CA VAL D 614 -7.93 34.89 -33.33
C VAL D 614 -9.24 35.24 -32.64
N ALA D 615 -9.62 36.51 -32.64
CA ALA D 615 -10.87 36.90 -32.00
C ALA D 615 -12.07 36.32 -32.72
N MET D 616 -11.91 35.97 -33.99
CA MET D 616 -13.03 35.37 -34.72
C MET D 616 -13.12 33.87 -34.45
N ARG D 617 -12.00 33.16 -34.57
CA ARG D 617 -12.08 31.70 -34.58
C ARG D 617 -12.22 31.13 -33.16
N PHE D 618 -11.18 31.28 -32.35
CA PHE D 618 -11.18 30.75 -30.99
C PHE D 618 -12.05 31.59 -30.07
N LEU D 619 -11.97 32.91 -30.19
CA LEU D 619 -12.86 33.77 -29.45
C LEU D 619 -14.17 33.97 -30.23
N TYR D 620 -15.10 34.69 -29.61
CA TYR D 620 -16.42 34.92 -30.18
C TYR D 620 -16.77 36.41 -30.13
N GLU D 621 -15.85 37.23 -30.65
CA GLU D 621 -15.99 38.67 -30.59
C GLU D 621 -15.89 39.27 -32.00
N CYS D 622 -16.54 40.42 -32.17
CA CYS D 622 -16.57 41.11 -33.46
C CYS D 622 -15.54 42.23 -33.46
N PRO D 623 -14.47 42.13 -34.26
CA PRO D 623 -13.51 43.25 -34.31
C PRO D 623 -14.13 44.55 -34.77
N TRP D 624 -15.07 44.53 -35.72
CA TRP D 624 -15.74 45.76 -36.12
C TRP D 624 -16.51 46.36 -34.96
N ARG D 625 -17.33 45.57 -34.28
CA ARG D 625 -18.12 46.12 -33.20
C ARG D 625 -17.22 46.73 -32.15
N ARG D 626 -16.34 45.92 -31.57
CA ARG D 626 -15.46 46.43 -30.52
C ARG D 626 -14.64 47.60 -31.04
N LEU D 627 -14.41 47.66 -32.36
CA LEU D 627 -13.80 48.84 -32.96
C LEU D 627 -14.69 50.06 -32.81
N GLN D 628 -15.99 49.91 -33.07
CA GLN D 628 -16.90 51.04 -32.89
C GLN D 628 -16.91 51.50 -31.45
N GLU D 629 -17.03 50.58 -30.50
CA GLU D 629 -17.01 51.01 -29.10
C GLU D 629 -15.67 51.62 -28.71
N LEU D 630 -14.56 51.06 -29.16
CA LEU D 630 -13.25 51.65 -28.84
C LEU D 630 -13.12 53.04 -29.42
N ARG D 631 -13.67 53.26 -30.61
CA ARG D 631 -13.68 54.60 -31.19
C ARG D 631 -14.56 55.53 -30.36
N GLU D 632 -15.65 55.00 -29.79
CA GLU D 632 -16.50 55.79 -28.91
C GLU D 632 -15.75 56.22 -27.65
N LEU D 633 -14.97 55.33 -27.04
CA LEU D 633 -14.28 55.65 -25.80
C LEU D 633 -12.98 56.41 -26.03
N ILE D 634 -12.47 56.45 -27.25
CA ILE D 634 -11.27 57.23 -27.57
C ILE D 634 -11.60 58.25 -28.66
N PRO D 635 -12.03 59.46 -28.30
CA PRO D 635 -12.33 60.49 -29.29
C PRO D 635 -11.19 61.45 -29.60
N ASN D 636 -10.10 61.42 -28.83
CA ASN D 636 -9.01 62.38 -29.02
C ASN D 636 -7.64 61.74 -29.10
N ILE D 637 -7.56 60.42 -29.31
CA ILE D 637 -6.31 59.75 -29.67
C ILE D 637 -6.57 58.91 -30.90
N PRO D 638 -5.81 59.08 -31.97
CA PRO D 638 -6.11 58.38 -33.22
C PRO D 638 -5.87 56.89 -33.11
N PHE D 639 -6.54 56.15 -34.00
CA PHE D 639 -6.31 54.73 -34.17
C PHE D 639 -5.25 54.52 -35.24
N GLN D 640 -4.54 53.39 -35.12
CA GLN D 640 -3.46 53.05 -36.04
C GLN D 640 -3.52 51.56 -36.37
N MET D 641 -3.71 51.24 -37.64
CA MET D 641 -4.07 49.89 -38.08
C MET D 641 -2.95 49.29 -38.91
N LEU D 642 -2.76 47.98 -38.77
CA LEU D 642 -1.72 47.23 -39.45
C LEU D 642 -2.32 46.42 -40.59
N LEU D 643 -1.79 46.60 -41.80
CA LEU D 643 -2.31 45.89 -42.96
C LEU D 643 -1.15 45.28 -43.72
N ARG D 644 -1.31 44.02 -44.11
CA ARG D 644 -0.28 43.34 -44.87
C ARG D 644 -0.39 43.69 -46.35
N GLY D 645 0.54 43.16 -47.14
CA GLY D 645 0.68 43.53 -48.53
C GLY D 645 -0.55 43.29 -49.38
N ALA D 646 -0.90 42.03 -49.60
CA ALA D 646 -2.06 41.70 -50.43
C ALA D 646 -3.24 41.24 -49.60
N ASN D 647 -3.02 40.33 -48.66
CA ASN D 647 -4.07 39.86 -47.76
C ASN D 647 -4.38 40.95 -46.74
N ALA D 648 -5.66 41.18 -46.48
CA ALA D 648 -6.06 42.18 -45.49
C ALA D 648 -5.83 41.66 -44.08
N VAL D 649 -6.56 40.60 -43.70
CA VAL D 649 -6.41 40.00 -42.37
C VAL D 649 -6.22 38.50 -42.55
N GLY D 650 -6.36 38.03 -43.78
CA GLY D 650 -6.21 36.63 -44.10
C GLY D 650 -4.78 36.23 -44.34
N TYR D 651 -4.59 35.02 -44.88
CA TYR D 651 -3.26 34.49 -45.15
C TYR D 651 -3.00 34.18 -46.61
N THR D 652 -3.86 34.60 -47.53
CA THR D 652 -3.61 34.49 -48.95
C THR D 652 -4.00 35.79 -49.63
N ASN D 653 -3.43 36.03 -50.80
CA ASN D 653 -3.67 37.28 -51.51
C ASN D 653 -5.14 37.41 -51.86
N TYR D 654 -5.60 38.65 -51.96
CA TYR D 654 -6.99 38.94 -52.26
C TYR D 654 -7.09 39.95 -53.39
N PRO D 655 -8.19 39.94 -54.14
CA PRO D 655 -8.37 40.90 -55.22
C PRO D 655 -8.46 42.33 -54.70
N ASP D 656 -8.10 43.27 -55.57
CA ASP D 656 -7.95 44.65 -55.13
C ASP D 656 -9.28 45.25 -54.68
N ASN D 657 -10.37 44.91 -55.35
CA ASN D 657 -11.65 45.57 -55.08
C ASN D 657 -12.09 45.37 -53.63
N VAL D 658 -11.93 44.17 -53.09
CA VAL D 658 -12.31 43.95 -51.71
C VAL D 658 -11.44 44.77 -50.78
N VAL D 659 -10.17 44.96 -51.11
CA VAL D 659 -9.29 45.77 -50.26
C VAL D 659 -9.69 47.23 -50.34
N PHE D 660 -10.13 47.68 -51.52
CA PHE D 660 -10.66 49.03 -51.64
C PHE D 660 -11.87 49.21 -50.72
N LYS D 661 -12.77 48.22 -50.73
CA LYS D 661 -13.93 48.28 -49.85
C LYS D 661 -13.50 48.22 -48.39
N PHE D 662 -12.49 47.41 -48.08
CA PHE D 662 -11.90 47.39 -46.75
C PHE D 662 -11.49 48.78 -46.32
N CYS D 663 -10.71 49.45 -47.15
CA CYS D 663 -10.21 50.77 -46.80
C CYS D 663 -11.37 51.74 -46.58
N GLU D 664 -12.33 51.75 -47.51
CA GLU D 664 -13.44 52.69 -47.39
C GLU D 664 -14.23 52.45 -46.12
N VAL D 665 -14.66 51.21 -45.89
CA VAL D 665 -15.51 50.91 -44.75
C VAL D 665 -14.76 51.11 -43.44
N ALA D 666 -13.51 50.64 -43.37
CA ALA D 666 -12.73 50.81 -42.15
C ALA D 666 -12.52 52.28 -41.84
N LYS D 667 -12.19 53.08 -42.86
CA LYS D 667 -11.98 54.50 -42.63
C LYS D 667 -13.28 55.16 -42.16
N GLU D 668 -14.41 54.78 -42.75
CA GLU D 668 -15.68 55.31 -42.29
C GLU D 668 -16.00 54.83 -40.87
N ASN D 669 -15.42 53.70 -40.47
CA ASN D 669 -15.62 53.18 -39.12
C ASN D 669 -15.00 54.08 -38.07
N GLY D 670 -14.17 55.03 -38.47
CA GLY D 670 -13.53 55.93 -37.53
C GLY D 670 -12.04 55.68 -37.49
N MET D 671 -11.58 54.78 -38.36
CA MET D 671 -10.18 54.42 -38.39
C MET D 671 -9.37 55.60 -38.91
N ASP D 672 -8.16 55.78 -38.37
CA ASP D 672 -7.42 57.03 -38.58
C ASP D 672 -6.14 56.86 -39.38
N VAL D 673 -5.26 55.94 -38.98
CA VAL D 673 -3.92 55.85 -39.55
C VAL D 673 -3.73 54.44 -40.08
N PHE D 674 -3.20 54.34 -41.29
CA PHE D 674 -3.14 53.07 -42.02
C PHE D 674 -1.70 52.77 -42.36
N ARG D 675 -1.16 51.69 -41.81
CA ARG D 675 0.20 51.26 -42.09
C ARG D 675 0.14 49.98 -42.90
N VAL D 676 1.06 49.84 -43.83
CA VAL D 676 1.13 48.66 -44.69
C VAL D 676 2.54 48.11 -44.66
N PHE D 677 2.66 46.79 -44.52
CA PHE D 677 3.95 46.12 -44.61
C PHE D 677 3.80 44.89 -45.46
N ASP D 678 4.94 44.31 -45.86
CA ASP D 678 4.96 43.12 -46.69
C ASP D 678 6.01 42.15 -46.17
N SER D 679 5.69 40.86 -46.27
CA SER D 679 6.63 39.83 -45.81
C SER D 679 7.85 39.74 -46.72
N LEU D 680 7.63 39.68 -48.03
CA LEU D 680 8.70 39.51 -49.00
C LEU D 680 9.27 40.84 -49.48
N ASN D 681 8.84 41.95 -48.87
CA ASN D 681 9.21 43.28 -49.33
C ASN D 681 8.85 43.46 -50.80
N TYR D 682 7.70 42.93 -51.18
CA TYR D 682 7.23 42.99 -52.56
C TYR D 682 6.76 44.40 -52.88
N LEU D 683 7.48 45.08 -53.76
CA LEU D 683 7.17 46.48 -54.07
C LEU D 683 5.77 46.68 -54.64
N PRO D 684 5.29 45.90 -55.61
CA PRO D 684 3.94 46.17 -56.15
C PRO D 684 2.85 46.12 -55.09
N ASN D 685 2.94 45.20 -54.14
CA ASN D 685 1.97 45.17 -53.06
C ASN D 685 2.09 46.42 -52.19
N MET D 686 3.32 46.88 -51.96
CA MET D 686 3.53 48.13 -51.24
C MET D 686 2.83 49.28 -51.94
N LEU D 687 3.03 49.38 -53.25
CA LEU D 687 2.47 50.48 -54.01
C LEU D 687 0.94 50.40 -54.02
N LEU D 688 0.39 49.19 -54.17
CA LEU D 688 -1.05 49.03 -54.14
C LEU D 688 -1.61 49.42 -52.77
N GLY D 689 -0.91 49.03 -51.70
CA GLY D 689 -1.38 49.38 -50.37
C GLY D 689 -1.36 50.88 -50.11
N MET D 690 -0.26 51.54 -50.48
CA MET D 690 -0.20 52.98 -50.27
C MET D 690 -1.20 53.71 -51.17
N GLU D 691 -1.43 53.19 -52.37
CA GLU D 691 -2.48 53.73 -53.23
C GLU D 691 -3.84 53.61 -52.57
N ALA D 692 -4.15 52.45 -52.01
CA ALA D 692 -5.42 52.26 -51.33
C ALA D 692 -5.54 53.21 -50.15
N ALA D 693 -4.46 53.39 -49.40
CA ALA D 693 -4.49 54.29 -48.25
C ALA D 693 -4.73 55.72 -48.67
N GLY D 694 -3.94 56.22 -49.63
CA GLY D 694 -4.13 57.59 -50.09
C GLY D 694 -5.50 57.82 -50.69
N SER D 695 -6.01 56.81 -51.41
CA SER D 695 -7.38 56.90 -51.92
C SER D 695 -8.38 57.00 -50.79
N ALA D 696 -8.18 56.22 -49.73
CA ALA D 696 -9.06 56.32 -48.57
C ALA D 696 -8.98 57.70 -47.95
N GLY D 697 -7.78 58.25 -47.83
CA GLY D 697 -7.61 59.56 -47.24
C GLY D 697 -7.31 59.45 -45.75
N GLY D 698 -6.04 59.47 -45.40
CA GLY D 698 -5.64 59.28 -44.03
C GLY D 698 -4.13 59.11 -43.95
N VAL D 699 -3.63 59.10 -42.72
CA VAL D 699 -2.19 59.04 -42.53
C VAL D 699 -1.67 57.72 -43.08
N VAL D 700 -0.63 57.80 -43.90
CA VAL D 700 -0.08 56.65 -44.61
C VAL D 700 1.27 56.31 -43.99
N GLU D 701 1.40 55.08 -43.51
CA GLU D 701 2.62 54.58 -42.92
C GLU D 701 3.12 53.39 -43.72
N ALA D 702 4.38 53.43 -44.12
CA ALA D 702 4.97 52.36 -44.89
C ALA D 702 6.03 51.67 -44.04
N ALA D 703 5.79 50.42 -43.67
CA ALA D 703 6.67 49.69 -42.77
C ALA D 703 7.56 48.74 -43.57
N ILE D 704 8.86 48.88 -43.39
CA ILE D 704 9.83 48.00 -44.02
C ILE D 704 10.36 47.07 -42.95
N SER D 705 10.27 45.76 -43.20
CA SER D 705 10.76 44.78 -42.26
C SER D 705 12.28 44.89 -42.14
N TYR D 706 12.80 44.64 -40.95
CA TYR D 706 14.25 44.60 -40.75
C TYR D 706 14.72 43.18 -40.50
N THR D 707 15.86 42.85 -41.11
CA THR D 707 16.45 41.52 -40.99
C THR D 707 17.95 41.64 -41.14
N GLY D 708 18.66 40.77 -40.44
CA GLY D 708 20.10 40.71 -40.50
C GLY D 708 20.74 41.85 -39.75
N ASP D 709 21.97 42.13 -40.15
CA ASP D 709 22.78 43.19 -39.55
C ASP D 709 23.36 44.07 -40.66
N VAL D 710 23.51 45.36 -40.37
CA VAL D 710 24.02 46.28 -41.37
C VAL D 710 25.43 46.73 -41.05
N ALA D 711 25.88 46.53 -39.83
CA ALA D 711 27.20 46.96 -39.40
C ALA D 711 28.26 45.91 -39.58
N ASP D 712 27.90 44.75 -40.14
CA ASP D 712 28.85 43.66 -40.34
C ASP D 712 29.12 43.50 -41.83
N PRO D 713 30.35 43.69 -42.28
CA PRO D 713 30.66 43.49 -43.71
C PRO D 713 30.47 42.06 -44.17
N SER D 714 30.47 41.09 -43.25
CA SER D 714 30.41 39.68 -43.65
C SER D 714 29.11 39.37 -44.37
N ARG D 715 27.99 39.89 -43.89
CA ARG D 715 26.69 39.61 -44.49
C ARG D 715 26.41 40.65 -45.57
N THR D 716 26.67 40.29 -46.82
CA THR D 716 26.36 41.14 -47.96
C THR D 716 24.97 40.88 -48.53
N LYS D 717 24.22 39.94 -47.94
CA LYS D 717 22.90 39.62 -48.46
C LYS D 717 21.97 40.81 -48.37
N TYR D 718 22.08 41.60 -47.30
CA TYR D 718 21.27 42.79 -47.10
C TYR D 718 22.17 43.90 -46.60
N SER D 719 22.68 44.72 -47.51
CA SER D 719 23.59 45.80 -47.20
C SER D 719 22.81 47.04 -46.79
N LEU D 720 23.54 48.05 -46.30
CA LEU D 720 22.92 49.33 -45.98
C LEU D 720 22.29 49.96 -47.21
N GLN D 721 23.02 49.95 -48.34
CA GLN D 721 22.51 50.58 -49.57
C GLN D 721 21.22 49.92 -50.01
N TYR D 722 21.04 48.64 -49.72
CA TYR D 722 19.78 47.97 -50.02
C TYR D 722 18.61 48.70 -49.37
N TYR D 723 18.73 48.96 -48.07
CA TYR D 723 17.65 49.62 -47.35
C TYR D 723 17.61 51.11 -47.69
N MET D 724 18.75 51.70 -48.02
CA MET D 724 18.77 53.05 -48.54
C MET D 724 17.89 53.16 -49.78
N GLY D 725 18.11 52.29 -50.76
CA GLY D 725 17.30 52.31 -51.95
C GLY D 725 15.83 52.00 -51.65
N LEU D 726 15.59 51.04 -50.77
CA LEU D 726 14.20 50.72 -50.41
C LEU D 726 13.50 51.96 -49.87
N ALA D 727 14.10 52.63 -48.88
CA ALA D 727 13.54 53.86 -48.36
C ALA D 727 13.43 54.91 -49.45
N GLU D 728 14.30 54.85 -50.45
CA GLU D 728 14.20 55.77 -51.58
C GLU D 728 12.87 55.59 -52.31
N GLU D 729 12.55 54.35 -52.71
CA GLU D 729 11.27 54.15 -53.38
C GLU D 729 10.10 54.47 -52.44
N LEU D 730 10.23 54.11 -51.16
CA LEU D 730 9.12 54.38 -50.24
C LEU D 730 8.86 55.88 -50.10
N VAL D 731 9.91 56.69 -50.02
CA VAL D 731 9.70 58.13 -49.91
C VAL D 731 9.20 58.71 -51.22
N ARG D 732 9.78 58.29 -52.36
CA ARG D 732 9.34 58.87 -53.62
C ARG D 732 7.90 58.47 -53.94
N ALA D 733 7.41 57.40 -53.32
CA ALA D 733 6.00 57.05 -53.50
C ALA D 733 5.10 58.18 -53.01
N GLY D 734 5.62 59.05 -52.15
CA GLY D 734 4.83 60.12 -51.59
C GLY D 734 4.29 59.69 -50.25
N THR D 735 4.78 58.56 -49.76
CA THR D 735 4.33 58.03 -48.49
C THR D 735 4.53 59.04 -47.39
N HIS D 736 3.50 59.21 -46.55
CA HIS D 736 3.52 60.26 -45.55
C HIS D 736 4.61 60.03 -44.52
N ILE D 737 4.64 58.84 -43.90
CA ILE D 737 5.69 58.54 -42.92
C ILE D 737 6.15 57.09 -43.08
N LEU D 738 7.46 56.90 -42.98
CA LEU D 738 8.10 55.60 -43.07
C LEU D 738 8.24 55.00 -41.68
N CYS D 739 8.39 53.67 -41.62
CA CYS D 739 8.60 52.95 -40.38
C CYS D 739 9.52 51.77 -40.63
N ILE D 740 10.35 51.48 -39.64
CA ILE D 740 11.23 50.31 -39.67
C ILE D 740 10.67 49.29 -38.68
N LYS D 741 10.67 48.02 -39.08
CA LYS D 741 10.08 46.96 -38.29
C LYS D 741 11.17 45.99 -37.86
N ASP D 742 11.46 45.97 -36.55
CA ASP D 742 12.33 44.97 -35.93
C ASP D 742 11.46 44.00 -35.17
N MET D 743 11.30 42.79 -35.70
CA MET D 743 10.37 41.86 -35.08
C MET D 743 11.03 40.98 -34.03
N ALA D 744 12.21 40.45 -34.34
CA ALA D 744 12.95 39.60 -33.41
C ALA D 744 13.90 40.39 -32.53
N GLY D 745 13.92 41.71 -32.63
CA GLY D 745 14.78 42.52 -31.79
C GLY D 745 16.25 42.39 -32.13
N LEU D 746 16.64 42.82 -33.34
CA LEU D 746 18.01 42.71 -33.80
C LEU D 746 18.69 44.07 -33.91
N LEU D 747 18.30 45.04 -33.07
CA LEU D 747 18.87 46.38 -33.13
C LEU D 747 20.04 46.47 -32.16
N LYS D 748 21.26 46.51 -32.69
CA LYS D 748 22.42 46.78 -31.88
C LYS D 748 22.82 48.25 -32.08
N PRO D 749 23.24 48.93 -31.00
CA PRO D 749 23.30 50.42 -31.06
C PRO D 749 24.04 50.98 -32.26
N THR D 750 25.14 50.36 -32.68
CA THR D 750 25.87 50.90 -33.83
C THR D 750 25.03 50.85 -35.10
N ALA D 751 24.30 49.75 -35.31
CA ALA D 751 23.42 49.65 -36.46
C ALA D 751 22.35 50.73 -36.42
N CYS D 752 21.70 50.89 -35.27
CA CYS D 752 20.83 52.05 -35.03
C CYS D 752 21.44 53.34 -35.53
N THR D 753 22.56 53.76 -34.94
CA THR D 753 23.05 55.10 -35.20
C THR D 753 23.43 55.27 -36.67
N MET D 754 24.01 54.23 -37.28
CA MET D 754 24.45 54.38 -38.66
C MET D 754 23.26 54.40 -39.61
N LEU D 755 22.23 53.58 -39.36
CA LEU D 755 21.03 53.63 -40.18
C LEU D 755 20.31 54.96 -40.05
N VAL D 756 20.21 55.50 -38.83
CA VAL D 756 19.51 56.75 -38.65
C VAL D 756 20.28 57.89 -39.29
N SER D 757 21.62 57.84 -39.22
CA SER D 757 22.42 58.82 -39.93
C SER D 757 22.22 58.70 -41.44
N SER D 758 22.16 57.47 -41.96
CA SER D 758 21.99 57.26 -43.38
C SER D 758 20.63 57.71 -43.89
N LEU D 759 19.59 57.61 -43.07
CA LEU D 759 18.27 58.06 -43.49
C LEU D 759 18.04 59.54 -43.25
N ARG D 760 18.56 60.09 -42.16
CA ARG D 760 18.25 61.45 -41.75
C ARG D 760 18.90 62.50 -42.64
N ASP D 761 20.08 62.22 -43.18
CA ASP D 761 20.72 63.19 -44.06
C ASP D 761 19.92 63.41 -45.32
N ARG D 762 19.49 62.33 -45.97
CA ARG D 762 18.69 62.42 -47.19
C ARG D 762 17.22 62.61 -46.89
N PHE D 763 16.78 62.36 -45.66
CA PHE D 763 15.40 62.58 -45.24
C PHE D 763 15.40 63.33 -43.91
N PRO D 764 15.82 64.60 -43.89
CA PRO D 764 15.72 65.37 -42.65
C PRO D 764 14.34 65.95 -42.42
N ASP D 765 13.51 66.03 -43.47
CA ASP D 765 12.19 66.62 -43.35
C ASP D 765 11.06 65.60 -43.31
N LEU D 766 11.36 64.31 -43.52
CA LEU D 766 10.33 63.28 -43.48
C LEU D 766 10.39 62.55 -42.15
N PRO D 767 9.31 62.53 -41.38
CA PRO D 767 9.35 61.88 -40.06
C PRO D 767 9.58 60.37 -40.19
N LEU D 768 10.24 59.81 -39.18
CA LEU D 768 10.60 58.40 -39.18
C LEU D 768 9.88 57.66 -38.05
N HIS D 769 9.63 56.39 -38.29
CA HIS D 769 9.00 55.55 -37.29
C HIS D 769 9.83 54.29 -37.09
N ILE D 770 9.88 53.83 -35.84
CA ILE D 770 10.68 52.67 -35.44
C ILE D 770 9.79 51.71 -34.67
N HIS D 771 10.01 50.41 -34.85
CA HIS D 771 9.29 49.37 -34.11
C HIS D 771 10.24 48.21 -33.84
N THR D 772 10.54 47.97 -32.57
CA THR D 772 11.40 46.86 -32.18
C THR D 772 10.80 46.16 -30.97
N HIS D 773 11.07 44.87 -30.86
CA HIS D 773 10.62 44.06 -29.75
C HIS D 773 11.81 43.77 -28.85
N ASP D 774 11.68 44.07 -27.56
CA ASP D 774 12.80 43.90 -26.63
C ASP D 774 13.04 42.41 -26.35
N THR D 775 13.62 41.75 -27.35
CA THR D 775 13.77 40.30 -27.34
C THR D 775 15.04 39.85 -26.65
N SER D 776 16.21 40.18 -27.22
CA SER D 776 17.47 39.77 -26.62
C SER D 776 17.76 40.52 -25.32
N GLY D 777 17.06 41.62 -25.07
CA GLY D 777 17.20 42.36 -23.84
C GLY D 777 18.04 43.62 -23.91
N ALA D 778 18.50 44.01 -25.09
CA ALA D 778 19.24 45.26 -25.27
C ALA D 778 18.58 46.15 -26.30
N GLY D 779 17.28 45.95 -26.55
CA GLY D 779 16.57 46.80 -27.49
C GLY D 779 16.48 48.24 -27.00
N VAL D 780 16.40 48.43 -25.68
CA VAL D 780 16.24 49.77 -25.11
C VAL D 780 17.41 50.66 -25.48
N ALA D 781 18.63 50.13 -25.39
CA ALA D 781 19.81 50.92 -25.73
C ALA D 781 19.79 51.31 -27.21
N ALA D 782 19.43 50.37 -28.07
CA ALA D 782 19.38 50.67 -29.50
C ALA D 782 18.33 51.75 -29.81
N MET D 783 17.16 51.65 -29.20
CA MET D 783 16.11 52.61 -29.55
C MET D 783 16.44 53.98 -28.98
N LEU D 784 17.06 54.05 -27.81
CA LEU D 784 17.48 55.36 -27.30
C LEU D 784 18.62 55.92 -28.14
N ALA D 785 19.48 55.05 -28.67
CA ALA D 785 20.50 55.51 -29.61
C ALA D 785 19.86 56.08 -30.87
N CYS D 786 18.79 55.44 -31.35
CA CYS D 786 18.04 55.98 -32.48
C CYS D 786 17.44 57.34 -32.12
N ALA D 787 16.87 57.46 -30.92
CA ALA D 787 16.25 58.70 -30.47
C ALA D 787 17.27 59.84 -30.41
N GLN D 788 18.46 59.54 -29.91
CA GLN D 788 19.56 60.50 -29.99
C GLN D 788 19.90 60.83 -31.44
N ALA D 789 19.96 59.80 -32.29
CA ALA D 789 20.40 59.98 -33.67
C ALA D 789 19.39 60.73 -34.51
N GLY D 790 18.20 60.97 -33.99
CA GLY D 790 17.21 61.76 -34.69
C GLY D 790 15.87 61.08 -34.85
N ALA D 791 15.64 60.02 -34.09
CA ALA D 791 14.35 59.35 -34.12
C ALA D 791 13.29 60.21 -33.42
N ASP D 792 12.05 60.09 -33.89
CA ASP D 792 10.96 60.92 -33.41
C ASP D 792 9.83 60.09 -32.80
N VAL D 793 9.41 59.01 -33.46
CA VAL D 793 8.28 58.21 -33.01
C VAL D 793 8.75 56.79 -32.74
N VAL D 794 8.41 56.26 -31.56
CA VAL D 794 8.80 54.94 -31.10
C VAL D 794 7.55 54.18 -30.68
N ASP D 795 7.70 52.87 -30.54
CA ASP D 795 6.60 52.00 -30.16
C ASP D 795 6.92 51.30 -28.85
N VAL D 796 6.17 51.65 -27.79
CA VAL D 796 6.48 51.22 -26.43
C VAL D 796 5.23 50.67 -25.75
N ALA D 797 5.36 49.49 -25.15
CA ALA D 797 4.30 48.86 -24.38
C ALA D 797 4.48 49.17 -22.90
N ALA D 798 3.51 48.73 -22.10
CA ALA D 798 3.52 49.03 -20.68
C ALA D 798 4.60 48.23 -19.96
N ASP D 799 4.82 48.60 -18.70
CA ASP D 799 5.87 47.96 -17.91
C ASP D 799 5.61 46.46 -17.73
N SER D 800 4.43 46.10 -17.27
CA SER D 800 4.16 44.70 -16.92
C SER D 800 4.21 43.77 -18.12
N MET D 801 4.15 44.30 -19.34
CA MET D 801 4.21 43.50 -20.56
C MET D 801 5.47 43.79 -21.37
N SER D 802 6.55 44.19 -20.71
CA SER D 802 7.80 44.44 -21.39
C SER D 802 8.76 43.27 -21.17
N GLY D 803 9.86 43.27 -21.90
CA GLY D 803 10.83 42.22 -21.77
C GLY D 803 10.42 40.93 -22.44
N MET D 804 11.23 39.90 -22.21
CA MET D 804 11.11 38.60 -22.84
C MET D 804 11.11 38.80 -24.36
N THR D 805 9.94 38.77 -24.98
CA THR D 805 9.82 38.96 -26.42
C THR D 805 8.90 40.12 -26.78
N SER D 806 8.68 41.05 -25.86
CA SER D 806 7.74 42.14 -26.08
C SER D 806 8.49 43.45 -26.26
N GLN D 807 7.74 44.55 -26.38
CA GLN D 807 8.32 45.86 -26.56
C GLN D 807 9.05 46.31 -25.30
N PRO D 808 9.99 47.22 -25.43
CA PRO D 808 10.56 47.87 -24.24
C PRO D 808 9.51 48.69 -23.51
N SER D 809 9.73 48.86 -22.21
CA SER D 809 8.77 49.53 -21.35
C SER D 809 8.85 51.05 -21.49
N MET D 810 7.89 51.74 -20.88
CA MET D 810 7.91 53.20 -20.90
C MET D 810 8.53 53.75 -19.63
N GLY D 811 8.47 52.99 -18.54
CA GLY D 811 8.97 53.50 -17.27
C GLY D 811 10.47 53.76 -17.27
N ALA D 812 11.24 52.82 -17.81
CA ALA D 812 12.69 53.01 -17.88
C ALA D 812 13.05 54.18 -18.78
N LEU D 813 12.34 54.31 -19.91
CA LEU D 813 12.61 55.44 -20.82
C LEU D 813 12.27 56.76 -20.15
N VAL D 814 11.17 56.80 -19.40
CA VAL D 814 10.79 58.02 -18.69
C VAL D 814 11.85 58.37 -17.64
N ALA D 815 12.32 57.37 -16.90
CA ALA D 815 13.36 57.63 -15.91
C ALA D 815 14.65 58.10 -16.56
N CYS D 816 14.99 57.55 -17.73
CA CYS D 816 16.27 57.83 -18.35
C CYS D 816 16.24 59.01 -19.31
N THR D 817 15.11 59.69 -19.49
CA THR D 817 15.03 60.84 -20.37
C THR D 817 14.41 62.07 -19.70
N ARG D 818 14.39 62.11 -18.36
CA ARG D 818 13.78 63.26 -17.69
C ARG D 818 14.65 64.50 -17.85
N GLY D 819 15.94 64.39 -17.61
CA GLY D 819 16.82 65.53 -17.78
C GLY D 819 17.22 65.72 -19.22
N THR D 820 17.05 64.66 -20.01
CA THR D 820 17.42 64.72 -21.42
C THR D 820 16.37 65.50 -22.20
N PRO D 821 16.79 66.38 -23.12
CA PRO D 821 15.83 67.20 -23.87
C PRO D 821 14.85 66.42 -24.72
N LEU D 822 15.04 65.11 -24.92
CA LEU D 822 13.97 64.32 -25.51
C LEU D 822 12.70 64.45 -24.67
N ASP D 823 12.86 64.31 -23.34
CA ASP D 823 11.91 64.83 -22.35
C ASP D 823 10.48 64.36 -22.65
N THR D 824 10.30 63.04 -22.56
CA THR D 824 9.00 62.45 -22.87
C THR D 824 7.88 63.11 -22.08
N GLU D 825 8.19 63.60 -20.87
CA GLU D 825 7.28 64.44 -20.10
C GLU D 825 5.95 63.71 -19.85
N VAL D 826 6.03 62.67 -19.04
CA VAL D 826 4.84 61.96 -18.58
C VAL D 826 4.91 61.85 -17.07
N PRO D 827 3.81 62.13 -16.36
CA PRO D 827 3.81 61.88 -14.91
C PRO D 827 4.02 60.40 -14.63
N MET D 828 4.87 60.11 -13.65
CA MET D 828 5.18 58.72 -13.33
C MET D 828 3.99 58.03 -12.66
N GLU D 829 3.12 58.81 -12.02
CA GLU D 829 1.96 58.22 -11.35
C GLU D 829 1.04 57.51 -12.35
N ARG D 830 0.81 58.13 -13.51
CA ARG D 830 -0.09 57.53 -14.49
C ARG D 830 0.48 56.22 -15.03
N VAL D 831 1.78 56.19 -15.32
CA VAL D 831 2.40 54.97 -15.82
C VAL D 831 2.39 53.87 -14.76
N PHE D 832 2.70 54.24 -13.51
CA PHE D 832 2.65 53.25 -12.43
C PHE D 832 1.25 52.69 -12.28
N ASP D 833 0.24 53.54 -12.39
CA ASP D 833 -1.14 53.09 -12.30
C ASP D 833 -1.48 52.14 -13.44
N TYR D 834 -1.02 52.48 -14.66
CA TYR D 834 -1.23 51.60 -15.81
C TYR D 834 -0.59 50.24 -15.56
N SER D 835 0.64 50.24 -15.05
CA SER D 835 1.35 49.01 -14.80
C SER D 835 0.64 48.17 -13.75
N GLU D 836 0.18 48.80 -12.67
CA GLU D 836 -0.54 48.04 -11.64
C GLU D 836 -1.79 47.42 -12.19
N TYR D 837 -2.56 48.16 -13.00
CA TYR D 837 -3.79 47.59 -13.53
C TYR D 837 -3.50 46.41 -14.45
N TRP D 838 -2.51 46.52 -15.33
CA TRP D 838 -2.22 45.37 -16.19
C TRP D 838 -1.59 44.22 -15.43
N GLU D 839 -0.87 44.50 -14.34
CA GLU D 839 -0.39 43.43 -13.48
C GLU D 839 -1.57 42.67 -12.89
N GLY D 840 -2.59 43.38 -12.45
CA GLY D 840 -3.80 42.71 -12.00
C GLY D 840 -4.50 41.95 -13.12
N ALA D 841 -4.50 42.54 -14.32
CA ALA D 841 -5.31 41.98 -15.41
C ALA D 841 -4.67 40.74 -16.03
N ARG D 842 -3.34 40.68 -16.09
CA ARG D 842 -2.70 39.61 -16.85
C ARG D 842 -2.99 38.23 -16.27
N GLY D 843 -2.96 38.10 -14.95
CA GLY D 843 -3.14 36.79 -14.33
C GLY D 843 -4.45 36.13 -14.69
N LEU D 844 -5.42 36.90 -15.17
CA LEU D 844 -6.70 36.36 -15.62
C LEU D 844 -6.53 35.38 -16.77
N TYR D 845 -5.41 35.44 -17.48
CA TYR D 845 -5.14 34.58 -18.63
C TYR D 845 -4.03 33.59 -18.31
N ALA D 846 -3.97 33.16 -17.06
CA ALA D 846 -2.87 32.30 -16.60
C ALA D 846 -2.83 30.97 -17.34
N ALA D 847 -3.94 30.56 -17.95
CA ALA D 847 -3.91 29.39 -18.81
C ALA D 847 -3.15 29.62 -20.11
N PHE D 848 -2.75 30.87 -20.38
CA PHE D 848 -2.14 31.22 -21.64
C PHE D 848 -0.80 31.95 -21.47
N ASP D 849 -0.32 32.13 -20.25
CA ASP D 849 0.89 32.90 -20.01
C ASP D 849 2.12 32.07 -20.39
N CYS D 850 2.77 32.46 -21.48
CA CYS D 850 3.96 31.76 -21.95
C CYS D 850 5.17 31.98 -21.06
N THR D 851 5.12 33.01 -20.20
CA THR D 851 6.19 33.24 -19.25
C THR D 851 6.43 32.05 -18.36
N ALA D 852 5.41 31.21 -18.16
CA ALA D 852 5.58 30.03 -17.33
C ALA D 852 6.54 29.02 -17.96
N THR D 853 6.71 29.08 -19.28
CA THR D 853 7.44 28.05 -19.99
C THR D 853 8.89 28.42 -20.33
N MET D 854 9.12 29.53 -21.04
CA MET D 854 10.50 29.99 -21.22
C MET D 854 11.15 30.42 -19.91
N LYS D 855 10.38 31.10 -19.06
CA LYS D 855 10.80 31.58 -17.73
C LYS D 855 11.72 32.79 -17.85
N SER D 856 12.14 33.12 -19.06
CA SER D 856 13.01 34.27 -19.33
C SER D 856 13.25 34.32 -20.84
N GLY D 857 13.94 35.38 -21.27
CA GLY D 857 14.35 35.53 -22.65
C GLY D 857 15.86 35.36 -22.76
N ASN D 858 16.30 34.86 -23.91
CA ASN D 858 17.70 34.51 -24.11
C ASN D 858 18.33 35.40 -25.18
N SER D 859 19.65 35.28 -25.30
CA SER D 859 20.40 35.93 -26.37
C SER D 859 20.67 35.00 -27.54
N ASP D 860 19.92 33.90 -27.64
CA ASP D 860 20.07 32.95 -28.72
C ASP D 860 19.28 33.33 -29.97
N VAL D 861 18.46 34.38 -29.89
CA VAL D 861 17.64 34.78 -31.03
C VAL D 861 18.47 35.16 -32.24
N TYR D 862 19.71 35.61 -32.05
CA TYR D 862 20.59 35.91 -33.17
C TYR D 862 20.86 34.71 -34.04
N GLU D 863 20.59 33.50 -33.55
CA GLU D 863 20.69 32.29 -34.34
C GLU D 863 19.35 31.72 -34.77
N ASN D 864 18.24 32.18 -34.17
CA ASN D 864 16.92 31.68 -34.50
C ASN D 864 16.04 32.72 -35.18
N GLU D 865 16.15 33.98 -34.75
CA GLU D 865 15.41 35.09 -35.34
C GLU D 865 13.91 34.84 -35.30
N ILE D 866 13.46 34.14 -34.28
CA ILE D 866 12.04 33.84 -34.13
C ILE D 866 11.28 35.13 -33.83
N PRO D 867 10.20 35.41 -34.53
CA PRO D 867 9.43 36.64 -34.26
C PRO D 867 8.89 36.64 -32.83
N GLY D 868 8.83 37.84 -32.25
CA GLY D 868 8.32 37.95 -30.89
C GLY D 868 6.85 37.61 -30.79
N GLY D 869 6.05 38.12 -31.71
CA GLY D 869 4.62 37.86 -31.75
C GLY D 869 4.24 36.49 -32.26
N GLN D 870 5.19 35.74 -32.80
CA GLN D 870 4.95 34.43 -33.37
C GLN D 870 5.34 33.30 -32.43
N TYR D 871 6.13 33.59 -31.40
CA TYR D 871 6.72 32.54 -30.57
C TYR D 871 5.68 31.83 -29.69
N THR D 872 4.85 32.61 -28.98
CA THR D 872 3.86 31.99 -28.10
C THR D 872 2.84 31.18 -28.89
N ASN D 873 2.38 31.75 -30.01
CA ASN D 873 1.46 31.03 -30.87
C ASN D 873 2.13 29.78 -31.45
N LEU D 874 3.42 29.86 -31.74
CA LEU D 874 4.17 28.68 -32.16
C LEU D 874 4.15 27.61 -31.08
N HIS D 875 4.37 28.00 -29.83
CA HIS D 875 4.38 27.02 -28.76
C HIS D 875 3.01 26.40 -28.56
N PHE D 876 1.95 27.21 -28.65
CA PHE D 876 0.60 26.66 -28.53
C PHE D 876 0.31 25.68 -29.67
N GLN D 877 0.73 26.03 -30.89
CA GLN D 877 0.57 25.14 -32.03
C GLN D 877 1.28 23.82 -31.80
N ALA D 878 2.53 23.87 -31.31
CA ALA D 878 3.28 22.65 -31.04
C ALA D 878 2.60 21.83 -29.96
N HIS D 879 2.06 22.50 -28.94
CA HIS D 879 1.34 21.81 -27.87
C HIS D 879 0.11 21.09 -28.41
N SER D 880 -0.65 21.75 -29.30
CA SER D 880 -1.94 21.22 -29.70
C SER D 880 -1.80 19.88 -30.42
N MET D 881 -0.82 19.76 -31.32
CA MET D 881 -0.63 18.50 -32.03
C MET D 881 0.00 17.43 -31.15
N GLY D 882 0.40 17.76 -29.94
CA GLY D 882 1.13 16.83 -29.12
C GLY D 882 2.63 16.84 -29.35
N LEU D 883 3.14 17.81 -30.11
CA LEU D 883 4.57 17.95 -30.35
C LEU D 883 5.20 18.96 -29.40
N GLY D 884 4.42 19.50 -28.45
CA GLY D 884 4.99 20.42 -27.48
C GLY D 884 6.07 19.80 -26.63
N SER D 885 5.99 18.48 -26.41
CA SER D 885 7.00 17.79 -25.62
C SER D 885 8.38 17.91 -26.25
N LYS D 886 8.48 17.79 -27.57
CA LYS D 886 9.73 18.00 -28.28
C LYS D 886 9.90 19.45 -28.72
N PHE D 887 9.29 20.38 -27.98
CA PHE D 887 9.36 21.79 -28.37
C PHE D 887 10.79 22.25 -28.58
N LYS D 888 11.69 21.85 -27.69
CA LYS D 888 13.09 22.26 -27.81
C LYS D 888 13.72 21.72 -29.09
N GLU D 889 13.34 20.51 -29.49
CA GLU D 889 13.83 19.97 -30.75
C GLU D 889 13.29 20.75 -31.95
N VAL D 890 12.13 21.40 -31.78
CA VAL D 890 11.51 22.11 -32.89
C VAL D 890 12.46 23.16 -33.45
N LYS D 891 13.02 23.99 -32.57
CA LYS D 891 13.97 25.00 -33.01
C LYS D 891 15.15 24.40 -33.74
N LYS D 892 15.56 23.19 -33.38
CA LYS D 892 16.73 22.57 -33.99
C LYS D 892 16.51 22.37 -35.49
N ALA D 893 15.26 22.28 -35.92
CA ALA D 893 14.95 22.25 -37.33
C ALA D 893 14.54 23.62 -37.88
N TYR D 894 14.01 24.50 -37.03
CA TYR D 894 13.49 25.78 -37.48
C TYR D 894 14.52 26.52 -38.31
N VAL D 895 15.74 26.66 -37.78
CA VAL D 895 16.79 27.38 -38.50
C VAL D 895 17.08 26.71 -39.83
N GLU D 896 17.15 25.37 -39.84
CA GLU D 896 17.43 24.66 -41.08
C GLU D 896 16.35 24.90 -42.12
N ALA D 897 15.12 25.18 -41.65
CA ALA D 897 14.05 25.50 -42.60
C ALA D 897 14.39 26.72 -43.42
N ASN D 898 15.13 27.68 -42.83
CA ASN D 898 15.59 28.83 -43.59
C ASN D 898 16.69 28.44 -44.55
N GLN D 899 17.57 27.51 -44.15
CA GLN D 899 18.62 27.05 -45.04
C GLN D 899 18.04 26.42 -46.29
N MET D 900 16.99 25.60 -46.12
CA MET D 900 16.35 25.01 -47.29
C MET D 900 15.67 26.07 -48.15
N LEU D 901 15.02 27.04 -47.52
CA LEU D 901 14.27 28.06 -48.24
C LEU D 901 15.11 29.28 -48.61
N GLY D 902 16.37 29.33 -48.18
CA GLY D 902 17.18 30.49 -48.43
C GLY D 902 16.91 31.61 -47.44
N ASP D 903 17.76 32.63 -47.49
CA ASP D 903 17.64 33.75 -46.56
C ASP D 903 16.34 34.50 -46.82
N LEU D 904 15.38 34.35 -45.91
CA LEU D 904 14.05 34.91 -46.10
C LEU D 904 13.74 35.94 -45.02
N ILE D 905 12.94 36.93 -45.41
CA ILE D 905 12.41 37.93 -44.48
C ILE D 905 11.29 37.26 -43.69
N LYS D 906 11.59 36.79 -42.49
CA LYS D 906 10.63 36.02 -41.70
C LYS D 906 9.83 36.94 -40.79
N VAL D 907 8.63 37.31 -41.23
CA VAL D 907 7.65 38.02 -40.45
C VAL D 907 6.44 37.08 -40.46
N THR D 908 5.31 37.50 -39.90
CA THR D 908 4.23 36.56 -39.55
C THR D 908 3.85 35.58 -40.65
N PRO D 909 3.71 35.95 -41.94
CA PRO D 909 3.37 34.92 -42.92
C PRO D 909 4.55 33.96 -43.16
N SER D 910 5.72 34.54 -43.42
CA SER D 910 6.91 33.72 -43.60
C SER D 910 7.26 32.98 -42.32
N SER D 911 6.99 33.59 -41.17
CA SER D 911 7.21 32.90 -39.91
C SER D 911 6.31 31.67 -39.81
N LYS D 912 5.04 31.81 -40.21
CA LYS D 912 4.13 30.67 -40.20
C LYS D 912 4.65 29.57 -41.13
N ILE D 913 5.10 29.96 -42.32
CA ILE D 913 5.61 28.99 -43.28
C ILE D 913 6.80 28.22 -42.68
N VAL D 914 7.77 28.95 -42.13
CA VAL D 914 8.97 28.32 -41.60
C VAL D 914 8.64 27.42 -40.42
N GLY D 915 7.78 27.89 -39.51
CA GLY D 915 7.39 27.07 -38.38
C GLY D 915 6.69 25.80 -38.80
N ASP D 916 5.80 25.89 -39.79
CA ASP D 916 5.10 24.71 -40.25
C ASP D 916 6.04 23.72 -40.92
N LEU D 917 6.99 24.20 -41.72
CA LEU D 917 7.96 23.30 -42.35
C LEU D 917 8.82 22.61 -41.31
N ALA D 918 9.28 23.36 -40.30
CA ALA D 918 10.05 22.75 -39.23
C ALA D 918 9.24 21.71 -38.50
N GLN D 919 7.95 21.99 -38.25
CA GLN D 919 7.08 21.01 -37.61
C GLN D 919 6.97 19.76 -38.46
N PHE D 920 6.88 19.91 -39.78
CA PHE D 920 6.84 18.76 -40.67
C PHE D 920 8.10 17.91 -40.53
N MET D 921 9.27 18.55 -40.60
CA MET D 921 10.51 17.78 -40.48
C MET D 921 10.64 17.10 -39.13
N VAL D 922 10.29 17.80 -38.05
CA VAL D 922 10.45 17.22 -36.72
C VAL D 922 9.47 16.08 -36.51
N GLN D 923 8.28 16.18 -37.11
CA GLN D 923 7.37 15.04 -37.09
C GLN D 923 7.97 13.88 -37.87
N ASN D 924 8.63 14.16 -38.98
CA ASN D 924 9.35 13.14 -39.73
C ASN D 924 10.65 12.72 -39.06
N GLY D 925 11.45 13.65 -38.56
CA GLY D 925 12.75 13.31 -38.01
C GLY D 925 13.76 12.82 -39.01
N LEU D 926 13.95 13.55 -40.11
CA LEU D 926 15.03 13.29 -41.06
C LEU D 926 15.85 14.56 -41.23
N SER D 927 17.08 14.42 -41.71
CA SER D 927 17.93 15.58 -41.92
C SER D 927 17.55 16.31 -43.21
N ARG D 928 17.92 17.58 -43.30
CA ARG D 928 17.59 18.38 -44.46
C ARG D 928 18.37 17.93 -45.69
N ALA D 929 19.49 17.24 -45.49
CA ALA D 929 20.21 16.66 -46.63
C ALA D 929 19.37 15.61 -47.34
N GLU D 930 18.73 14.72 -46.58
CA GLU D 930 17.83 13.75 -47.19
C GLU D 930 16.64 14.44 -47.83
N ALA D 931 16.07 15.43 -47.14
CA ALA D 931 14.90 16.12 -47.68
C ALA D 931 15.22 16.77 -49.02
N GLU D 932 16.36 17.43 -49.13
CA GLU D 932 16.79 17.93 -50.43
C GLU D 932 17.10 16.80 -51.40
N ALA D 933 17.47 15.63 -50.88
CA ALA D 933 17.68 14.47 -51.74
C ALA D 933 16.37 13.85 -52.19
N GLN D 934 15.34 13.87 -51.33
CA GLN D 934 14.08 13.22 -51.66
C GLN D 934 12.88 14.15 -51.45
N ALA D 935 12.99 15.40 -51.90
CA ALA D 935 11.89 16.33 -51.76
C ALA D 935 10.68 15.93 -52.59
N GLU D 936 10.91 15.45 -53.82
CA GLU D 936 9.80 15.16 -54.73
C GLU D 936 8.88 14.09 -54.17
N GLU D 937 9.44 13.03 -53.58
CA GLU D 937 8.62 11.93 -53.09
C GLU D 937 7.82 12.32 -51.85
N LEU D 938 8.30 13.28 -51.08
CA LEU D 938 7.59 13.69 -49.87
C LEU D 938 6.27 14.39 -50.22
N SER D 939 5.38 14.41 -49.24
CA SER D 939 4.07 15.06 -49.35
C SER D 939 4.07 16.26 -48.42
N PHE D 940 4.32 17.44 -48.99
CA PHE D 940 4.44 18.65 -48.22
C PHE D 940 3.06 19.22 -47.86
N PRO D 941 2.98 20.04 -46.82
CA PRO D 941 1.72 20.70 -46.48
C PRO D 941 1.30 21.67 -47.57
N ARG D 942 0.05 22.15 -47.43
CA ARG D 942 -0.52 23.03 -48.46
C ARG D 942 0.25 24.34 -48.56
N SER D 943 0.67 24.90 -47.42
CA SER D 943 1.25 26.24 -47.43
C SER D 943 2.59 26.26 -48.14
N VAL D 944 3.35 25.17 -48.04
CA VAL D 944 4.68 25.12 -48.65
C VAL D 944 4.56 25.22 -50.16
N VAL D 945 3.73 24.38 -50.77
CA VAL D 945 3.56 24.44 -52.21
C VAL D 945 2.82 25.70 -52.62
N GLU D 946 1.95 26.23 -51.75
CA GLU D 946 1.27 27.47 -52.06
C GLU D 946 2.25 28.63 -52.20
N PHE D 947 3.16 28.77 -51.24
CA PHE D 947 4.13 29.85 -51.30
C PHE D 947 5.17 29.61 -52.38
N LEU D 948 5.56 28.35 -52.59
CA LEU D 948 6.47 28.04 -53.69
C LEU D 948 5.84 28.39 -55.02
N GLN D 949 4.54 28.20 -55.16
CA GLN D 949 3.83 28.67 -56.34
C GLN D 949 3.94 30.19 -56.46
N GLY D 950 3.79 30.91 -55.35
CA GLY D 950 4.08 32.33 -55.35
C GLY D 950 2.88 33.25 -55.21
N TYR D 951 1.88 32.83 -54.44
CA TYR D 951 0.70 33.67 -54.25
C TYR D 951 1.07 34.98 -53.56
N ILE D 952 1.91 34.92 -52.53
CA ILE D 952 2.19 36.12 -51.75
C ILE D 952 3.05 37.10 -52.54
N GLY D 953 4.08 36.62 -53.23
CA GLY D 953 4.98 37.49 -53.95
C GLY D 953 6.25 36.75 -54.30
N VAL D 954 7.28 37.52 -54.64
CA VAL D 954 8.57 37.00 -55.08
C VAL D 954 9.61 37.37 -54.04
N PRO D 955 10.49 36.46 -53.65
CA PRO D 955 11.59 36.83 -52.74
C PRO D 955 12.67 37.60 -53.49
N HIS D 956 13.47 38.34 -52.70
CA HIS D 956 14.58 39.08 -53.28
C HIS D 956 15.63 38.15 -53.87
N GLY D 957 15.99 37.10 -53.13
CA GLY D 957 17.01 36.19 -53.65
C GLY D 957 16.49 35.27 -54.72
N GLY D 958 15.17 35.04 -54.75
CA GLY D 958 14.56 34.14 -55.70
C GLY D 958 14.37 32.74 -55.13
N PHE D 959 13.36 32.06 -55.66
CA PHE D 959 13.06 30.72 -55.19
C PHE D 959 14.21 29.77 -55.52
N PRO D 960 14.53 28.83 -54.63
CA PRO D 960 15.59 27.85 -54.91
C PRO D 960 15.19 26.93 -56.05
N GLU D 961 15.92 27.05 -57.15
CA GLU D 961 15.54 26.32 -58.38
C GLU D 961 15.48 24.81 -58.21
N PRO D 962 16.49 24.12 -57.63
CA PRO D 962 16.37 22.66 -57.53
C PRO D 962 15.22 22.25 -56.63
N PHE D 963 15.07 22.91 -55.49
CA PHE D 963 13.99 22.58 -54.57
C PHE D 963 12.63 22.87 -55.18
N ARG D 964 12.50 24.02 -55.85
CA ARG D 964 11.22 24.37 -56.46
C ARG D 964 10.87 23.40 -57.58
N SER D 965 11.87 22.99 -58.37
CA SER D 965 11.63 22.01 -59.42
C SER D 965 11.27 20.64 -58.85
N LYS D 966 11.84 20.29 -57.70
CA LYS D 966 11.52 19.01 -57.09
C LYS D 966 10.14 19.04 -56.44
N VAL D 967 9.67 20.21 -56.03
CA VAL D 967 8.40 20.28 -55.30
C VAL D 967 7.24 20.56 -56.25
N LEU D 968 7.24 21.71 -56.92
CA LEU D 968 6.06 22.14 -57.65
C LEU D 968 5.82 21.31 -58.90
N LYS D 969 6.78 21.30 -59.84
CA LYS D 969 6.66 20.57 -61.10
C LYS D 969 5.41 20.98 -61.88
N ASP D 970 4.46 20.05 -61.97
CA ASP D 970 3.22 20.27 -62.71
C ASP D 970 2.31 21.29 -62.04
N LEU D 971 2.56 21.66 -60.79
CA LEU D 971 1.73 22.65 -60.13
C LEU D 971 1.90 24.00 -60.82
N PRO D 972 0.85 24.84 -60.80
CA PRO D 972 0.94 26.13 -61.48
C PRO D 972 2.00 27.03 -60.85
N ARG D 973 2.45 28.01 -61.64
CA ARG D 973 3.41 29.00 -61.20
C ARG D 973 2.84 30.37 -61.53
N VAL D 974 2.41 31.10 -60.52
CA VAL D 974 1.78 32.40 -60.73
C VAL D 974 2.84 33.48 -60.65
N GLU D 975 3.01 34.21 -61.75
CA GLU D 975 3.99 35.27 -61.85
C GLU D 975 3.29 36.62 -61.81
N GLY D 976 4.07 37.67 -61.61
CA GLY D 976 3.51 38.99 -61.44
C GLY D 976 2.84 39.09 -60.09
N ARG D 977 2.01 40.12 -59.95
CA ARG D 977 1.22 40.26 -58.73
C ARG D 977 -0.01 39.37 -58.85
N PRO D 978 -0.13 38.32 -58.02
CA PRO D 978 -1.35 37.50 -58.07
C PRO D 978 -2.60 38.26 -57.66
N GLY D 979 -2.47 39.33 -56.88
CA GLY D 979 -3.64 40.15 -56.58
C GLY D 979 -4.25 40.75 -57.83
N ALA D 980 -3.39 41.22 -58.75
CA ALA D 980 -3.87 41.56 -60.09
C ALA D 980 -4.31 40.31 -60.84
N SER D 981 -3.55 39.22 -60.70
CA SER D 981 -3.91 37.97 -61.37
C SER D 981 -5.18 37.35 -60.80
N LEU D 982 -5.51 37.63 -59.56
CA LEU D 982 -6.74 37.12 -58.98
C LEU D 982 -7.93 37.85 -59.59
N PRO D 983 -8.91 37.13 -60.15
CA PRO D 983 -10.11 37.80 -60.65
C PRO D 983 -10.81 38.52 -59.52
N PRO D 984 -11.29 39.74 -59.75
CA PRO D 984 -12.02 40.45 -58.70
C PRO D 984 -13.26 39.69 -58.27
N LEU D 985 -13.60 39.80 -57.00
CA LEU D 985 -14.69 39.06 -56.39
C LEU D 985 -15.90 39.97 -56.26
N ASP D 986 -17.08 39.40 -56.41
CA ASP D 986 -18.31 40.15 -56.17
C ASP D 986 -18.57 40.29 -54.67
N LEU D 987 -19.10 41.45 -54.29
CA LEU D 987 -19.45 41.73 -52.90
C LEU D 987 -20.95 41.73 -52.68
N GLN D 988 -21.72 41.33 -53.68
CA GLN D 988 -23.17 41.44 -53.64
C GLN D 988 -23.87 40.08 -53.56
N ALA D 989 -23.51 39.15 -54.44
CA ALA D 989 -24.12 37.82 -54.39
C ALA D 989 -23.73 37.06 -53.13
N LEU D 990 -22.55 37.34 -52.60
CA LEU D 990 -22.16 36.73 -51.33
C LEU D 990 -23.08 37.18 -50.20
N GLU D 991 -23.45 38.47 -50.18
CA GLU D 991 -24.35 38.95 -49.14
C GLU D 991 -25.68 38.23 -49.20
N LYS D 992 -26.21 38.02 -50.41
CA LYS D 992 -27.43 37.25 -50.57
C LYS D 992 -27.23 35.81 -50.09
N GLU D 993 -26.07 35.22 -50.40
CA GLU D 993 -25.81 33.85 -49.97
C GLU D 993 -25.84 33.73 -48.46
N LEU D 994 -25.17 34.64 -47.76
CA LEU D 994 -25.21 34.66 -46.30
C LEU D 994 -26.63 34.86 -45.78
N VAL D 995 -27.33 35.90 -46.26
CA VAL D 995 -28.64 36.18 -45.67
C VAL D 995 -29.60 35.04 -45.94
N ASP D 996 -29.42 34.31 -47.05
CA ASP D 996 -30.23 33.13 -47.29
C ASP D 996 -29.82 31.97 -46.39
N ARG D 997 -28.52 31.86 -46.10
CA ARG D 997 -28.07 30.85 -45.14
C ARG D 997 -28.66 31.12 -43.77
N HIS D 998 -28.66 32.38 -43.34
CA HIS D 998 -29.20 32.76 -42.04
C HIS D 998 -29.24 34.28 -41.98
N GLY D 999 -29.90 34.80 -40.96
CA GLY D 999 -29.94 36.22 -40.71
C GLY D 999 -30.86 36.96 -41.66
N GLU D 1000 -31.49 38.02 -41.13
CA GLU D 1000 -32.48 38.78 -41.88
C GLU D 1000 -32.16 40.28 -41.87
N GLU D 1001 -30.92 40.66 -41.57
CA GLU D 1001 -30.50 42.05 -41.54
C GLU D 1001 -29.21 42.22 -42.31
N VAL D 1002 -28.93 43.46 -42.72
CA VAL D 1002 -27.82 43.77 -43.63
C VAL D 1002 -26.83 44.68 -42.92
N THR D 1003 -25.56 44.29 -42.93
CA THR D 1003 -24.44 45.11 -42.50
C THR D 1003 -23.21 44.66 -43.28
N PRO D 1004 -22.36 45.60 -43.71
CA PRO D 1004 -21.26 45.22 -44.60
C PRO D 1004 -20.18 44.44 -43.89
N GLU D 1005 -20.10 44.64 -42.58
CA GLU D 1005 -18.96 44.15 -41.81
C GLU D 1005 -18.96 42.64 -41.70
N ASP D 1006 -20.09 42.03 -41.35
CA ASP D 1006 -20.13 40.58 -41.23
C ASP D 1006 -20.06 39.89 -42.58
N VAL D 1007 -20.66 40.51 -43.61
CA VAL D 1007 -20.55 39.97 -44.96
C VAL D 1007 -19.10 39.96 -45.39
N LEU D 1008 -18.38 41.04 -45.09
CA LEU D 1008 -16.95 41.09 -45.36
C LEU D 1008 -16.22 40.02 -44.58
N SER D 1009 -16.59 39.81 -43.31
CA SER D 1009 -15.96 38.79 -42.50
C SER D 1009 -16.10 37.41 -43.13
N ALA D 1010 -17.32 37.07 -43.55
CA ALA D 1010 -17.52 35.78 -44.20
C ALA D 1010 -16.77 35.71 -45.53
N ALA D 1011 -16.67 36.84 -46.23
CA ALA D 1011 -15.89 36.89 -47.44
C ALA D 1011 -14.42 36.55 -47.16
N MET D 1012 -13.94 36.92 -45.97
CA MET D 1012 -12.57 36.58 -45.60
C MET D 1012 -12.46 35.13 -45.12
N TYR D 1013 -13.24 34.77 -44.11
CA TYR D 1013 -13.21 33.42 -43.53
C TYR D 1013 -14.59 32.79 -43.64
N PRO D 1014 -14.86 32.13 -44.77
CA PRO D 1014 -16.23 31.64 -45.02
C PRO D 1014 -16.70 30.60 -44.02
N ASP D 1015 -16.00 29.47 -43.94
CA ASP D 1015 -16.43 28.41 -43.04
C ASP D 1015 -16.25 28.83 -41.58
N VAL D 1016 -15.21 29.59 -41.28
CA VAL D 1016 -14.97 30.02 -39.90
C VAL D 1016 -16.08 30.96 -39.44
N PHE D 1017 -16.44 31.94 -40.27
CA PHE D 1017 -17.56 32.81 -39.93
C PHE D 1017 -18.85 32.04 -39.86
N ALA D 1018 -19.04 31.08 -40.77
CA ALA D 1018 -20.26 30.28 -40.76
C ALA D 1018 -20.40 29.53 -39.44
N HIS D 1019 -19.33 28.90 -38.99
CA HIS D 1019 -19.38 28.17 -37.73
C HIS D 1019 -19.53 29.12 -36.54
N PHE D 1020 -18.89 30.29 -36.63
CA PHE D 1020 -19.04 31.27 -35.57
C PHE D 1020 -20.48 31.73 -35.44
N LYS D 1021 -21.14 32.01 -36.56
CA LYS D 1021 -22.53 32.43 -36.49
C LYS D 1021 -23.44 31.26 -36.16
N ASP D 1022 -23.04 30.04 -36.50
CA ASP D 1022 -23.77 28.88 -36.04
C ASP D 1022 -23.78 28.82 -34.52
N PHE D 1023 -22.60 28.98 -33.92
CA PHE D 1023 -22.51 29.05 -32.46
C PHE D 1023 -23.30 30.24 -31.91
N THR D 1024 -23.19 31.39 -32.58
CA THR D 1024 -23.86 32.60 -32.12
C THR D 1024 -25.36 32.43 -32.12
N ALA D 1025 -25.91 31.78 -33.14
CA ALA D 1025 -27.34 31.51 -33.20
C ALA D 1025 -27.73 30.41 -32.23
N THR D 1026 -26.83 29.45 -32.00
CA THR D 1026 -27.17 28.30 -31.17
C THR D 1026 -27.20 28.66 -29.69
N PHE D 1027 -26.30 29.54 -29.25
CA PHE D 1027 -26.17 29.82 -27.84
C PHE D 1027 -26.26 31.31 -27.52
N GLY D 1028 -26.45 32.17 -28.52
CA GLY D 1028 -26.53 33.59 -28.29
C GLY D 1028 -25.22 34.30 -28.52
N PRO D 1029 -25.21 35.61 -28.32
CA PRO D 1029 -23.97 36.40 -28.45
C PRO D 1029 -23.04 36.15 -27.27
N LEU D 1030 -21.82 36.68 -27.41
CA LEU D 1030 -20.77 36.45 -26.42
C LEU D 1030 -20.15 37.75 -25.93
N ASP D 1031 -19.05 37.63 -25.17
CA ASP D 1031 -18.21 38.73 -24.71
C ASP D 1031 -18.89 39.57 -23.64
N SER D 1032 -20.15 39.31 -23.36
CA SER D 1032 -20.86 40.02 -22.31
C SER D 1032 -20.42 39.58 -20.91
N LEU D 1033 -19.63 38.52 -20.82
CA LEU D 1033 -19.22 37.95 -19.55
C LEU D 1033 -17.77 38.31 -19.24
N ASN D 1034 -17.39 38.15 -17.98
CA ASN D 1034 -15.99 38.27 -17.61
C ASN D 1034 -15.19 37.12 -18.20
N THR D 1035 -13.93 37.40 -18.53
CA THR D 1035 -13.07 36.34 -19.09
C THR D 1035 -12.90 35.21 -18.09
N ARG D 1036 -12.74 35.55 -16.81
CA ARG D 1036 -12.74 34.54 -15.76
C ARG D 1036 -13.98 33.68 -15.86
N LEU D 1037 -15.15 34.32 -15.98
CA LEU D 1037 -16.39 33.59 -16.14
C LEU D 1037 -16.44 32.88 -17.48
N PHE D 1038 -15.82 33.48 -18.51
CA PHE D 1038 -15.84 32.88 -19.84
C PHE D 1038 -15.17 31.52 -19.84
N LEU D 1039 -14.00 31.41 -19.19
CA LEU D 1039 -13.30 30.13 -19.21
C LEU D 1039 -13.91 29.14 -18.23
N GLN D 1040 -13.83 29.44 -16.93
CA GLN D 1040 -14.13 28.45 -15.90
C GLN D 1040 -15.58 28.45 -15.46
N GLY D 1041 -16.22 29.60 -15.34
CA GLY D 1041 -17.63 29.64 -15.03
C GLY D 1041 -17.95 29.80 -13.56
N PRO D 1042 -19.24 29.95 -13.26
CA PRO D 1042 -19.67 30.30 -11.90
C PRO D 1042 -19.44 29.19 -10.89
N LYS D 1043 -19.19 29.60 -9.66
CA LYS D 1043 -19.11 28.63 -8.58
C LYS D 1043 -20.50 28.34 -8.02
N ILE D 1044 -20.63 27.17 -7.38
CA ILE D 1044 -21.88 26.83 -6.72
C ILE D 1044 -22.12 27.79 -5.57
N ALA D 1045 -23.37 28.23 -5.43
CA ALA D 1045 -23.80 29.19 -4.41
C ALA D 1045 -23.07 30.52 -4.53
N GLU D 1046 -22.53 30.85 -5.70
CA GLU D 1046 -21.86 32.11 -5.91
C GLU D 1046 -22.78 33.09 -6.63
N GLU D 1047 -22.82 34.32 -6.15
CA GLU D 1047 -23.67 35.36 -6.72
C GLU D 1047 -22.88 36.10 -7.79
N PHE D 1048 -23.37 36.09 -9.02
CA PHE D 1048 -22.72 36.79 -10.11
C PHE D 1048 -23.74 37.65 -10.84
N GLU D 1049 -23.33 38.85 -11.23
CA GLU D 1049 -24.21 39.78 -11.92
C GLU D 1049 -23.84 39.83 -13.39
N VAL D 1050 -24.82 39.57 -14.25
CA VAL D 1050 -24.66 39.61 -15.70
C VAL D 1050 -25.41 40.82 -16.23
N GLU D 1051 -24.79 41.52 -17.18
CA GLU D 1051 -25.31 42.74 -17.76
C GLU D 1051 -25.78 42.55 -19.21
N LEU D 1052 -26.33 41.38 -19.54
CA LEU D 1052 -26.80 41.14 -20.90
C LEU D 1052 -28.04 41.98 -21.22
N GLU D 1053 -28.96 42.10 -20.26
CA GLU D 1053 -30.13 42.94 -20.45
C GLU D 1053 -29.70 44.40 -20.54
N ARG D 1054 -30.32 45.13 -21.47
CA ARG D 1054 -29.89 46.50 -21.74
C ARG D 1054 -30.26 47.41 -20.56
N GLY D 1055 -29.24 48.01 -19.96
CA GLY D 1055 -29.44 48.92 -18.84
C GLY D 1055 -29.63 48.22 -17.51
N LYS D 1056 -30.52 47.22 -17.49
CA LYS D 1056 -30.80 46.46 -16.28
C LYS D 1056 -29.78 45.35 -16.12
N THR D 1057 -29.07 45.36 -14.99
CA THR D 1057 -28.07 44.33 -14.66
C THR D 1057 -28.68 43.36 -13.67
N LEU D 1058 -28.64 42.08 -14.01
CA LEU D 1058 -29.42 41.06 -13.32
C LEU D 1058 -28.48 40.08 -12.60
N HIS D 1059 -28.72 39.88 -11.32
CA HIS D 1059 -27.85 39.04 -10.49
C HIS D 1059 -28.45 37.65 -10.35
N ILE D 1060 -27.59 36.64 -10.26
CA ILE D 1060 -28.00 35.24 -10.27
C ILE D 1060 -27.25 34.53 -9.15
N LYS D 1061 -27.90 33.54 -8.55
CA LYS D 1061 -27.25 32.62 -7.63
C LYS D 1061 -27.44 31.19 -8.14
N ALA D 1062 -26.32 30.50 -8.37
CA ALA D 1062 -26.38 29.09 -8.74
C ALA D 1062 -26.85 28.26 -7.57
N LEU D 1063 -27.55 27.15 -7.85
CA LEU D 1063 -28.18 26.38 -6.79
C LEU D 1063 -27.61 24.97 -6.68
N ALA D 1064 -27.64 24.18 -7.75
CA ALA D 1064 -27.17 22.81 -7.69
C ALA D 1064 -26.85 22.33 -9.09
N VAL D 1065 -26.19 21.18 -9.17
CA VAL D 1065 -25.87 20.52 -10.44
C VAL D 1065 -26.76 19.29 -10.54
N SER D 1066 -27.64 19.12 -9.56
CA SER D 1066 -28.55 17.97 -9.47
C SER D 1066 -27.69 16.70 -9.42
N ASP D 1067 -28.05 15.68 -10.20
CA ASP D 1067 -27.52 14.34 -10.06
C ASP D 1067 -27.41 13.66 -11.42
N LEU D 1068 -26.62 12.59 -11.47
CA LEU D 1068 -26.38 11.91 -12.73
C LEU D 1068 -27.66 11.25 -13.24
N ASN D 1069 -27.88 11.37 -14.55
CA ASN D 1069 -29.00 10.73 -15.21
C ASN D 1069 -28.47 9.73 -16.22
N ARG D 1070 -29.24 8.66 -16.43
CA ARG D 1070 -28.87 7.67 -17.44
C ARG D 1070 -28.76 8.31 -18.82
N ALA D 1071 -29.61 9.29 -19.10
CA ALA D 1071 -29.44 10.10 -20.29
C ALA D 1071 -28.33 11.11 -20.07
N GLY D 1072 -27.70 11.53 -21.18
CA GLY D 1072 -26.69 12.57 -21.09
C GLY D 1072 -27.22 13.89 -20.60
N GLN D 1073 -28.53 14.07 -20.59
CA GLN D 1073 -29.14 15.25 -20.02
C GLN D 1073 -29.01 15.23 -18.50
N ARG D 1074 -28.66 16.40 -17.94
CA ARG D 1074 -28.49 16.57 -16.51
C ARG D 1074 -29.16 17.86 -16.09
N GLN D 1075 -29.81 17.86 -14.94
CA GLN D 1075 -30.50 19.05 -14.47
C GLN D 1075 -29.53 20.00 -13.79
N VAL D 1076 -29.72 21.29 -14.03
CA VAL D 1076 -28.93 22.35 -13.41
C VAL D 1076 -29.89 23.42 -12.94
N PHE D 1077 -29.61 24.01 -11.78
CA PHE D 1077 -30.57 24.87 -11.10
C PHE D 1077 -29.97 26.26 -10.87
N PHE D 1078 -30.75 27.29 -11.23
CA PHE D 1078 -30.33 28.66 -11.06
C PHE D 1078 -31.47 29.46 -10.44
N GLU D 1079 -31.13 30.54 -9.72
CA GLU D 1079 -32.12 31.41 -9.10
C GLU D 1079 -31.84 32.86 -9.48
N LEU D 1080 -32.86 33.56 -9.95
CA LEU D 1080 -32.80 34.98 -10.22
C LEU D 1080 -33.24 35.77 -9.00
N ASN D 1081 -33.57 37.05 -9.21
CA ASN D 1081 -34.11 37.87 -8.13
C ASN D 1081 -35.29 37.20 -7.45
N GLY D 1082 -36.26 36.74 -8.23
CA GLY D 1082 -37.46 36.17 -7.66
C GLY D 1082 -37.99 34.97 -8.41
N GLN D 1083 -37.23 34.45 -9.36
CA GLN D 1083 -37.63 33.29 -10.13
C GLN D 1083 -36.51 32.26 -10.14
N LEU D 1084 -36.90 31.01 -10.32
CA LEU D 1084 -35.98 29.88 -10.32
C LEU D 1084 -36.14 29.15 -11.64
N ARG D 1085 -35.04 28.72 -12.23
CA ARG D 1085 -35.06 28.04 -13.51
C ARG D 1085 -34.20 26.77 -13.44
N SER D 1086 -34.60 25.76 -14.20
CA SER D 1086 -33.91 24.49 -14.27
C SER D 1086 -33.66 24.15 -15.74
N ILE D 1087 -32.43 23.78 -16.07
CA ILE D 1087 -32.02 23.55 -17.45
C ILE D 1087 -31.51 22.13 -17.57
N LEU D 1088 -31.83 21.48 -18.68
CA LEU D 1088 -31.19 20.22 -19.02
C LEU D 1088 -29.96 20.47 -19.87
N VAL D 1089 -28.85 19.85 -19.49
CA VAL D 1089 -27.57 20.04 -20.15
C VAL D 1089 -27.09 18.69 -20.66
N LYS D 1090 -26.77 18.62 -21.96
CA LYS D 1090 -26.25 17.40 -22.55
C LYS D 1090 -24.84 17.15 -22.06
N ASP D 1091 -24.54 15.90 -21.73
CA ASP D 1091 -23.19 15.50 -21.37
C ASP D 1091 -22.65 14.52 -22.40
N THR D 1092 -21.35 14.62 -22.68
CA THR D 1092 -20.75 13.78 -23.71
C THR D 1092 -20.44 12.40 -23.17
N GLN D 1093 -21.44 11.74 -22.57
CA GLN D 1093 -21.24 10.42 -21.99
C GLN D 1093 -22.32 9.46 -22.45
N ALA D 1094 -23.05 9.80 -23.49
CA ALA D 1094 -24.25 9.06 -23.91
C ALA D 1094 -23.83 7.68 -24.41
N MET D 1095 -24.11 6.66 -23.59
CA MET D 1095 -23.89 5.22 -23.82
C MET D 1095 -22.47 4.87 -24.23
N LYS D 1096 -22.13 3.57 -24.21
CA LYS D 1096 -20.74 3.13 -24.35
C LYS D 1096 -20.48 2.18 -25.51
N GLU D 1097 -21.51 1.66 -26.17
CA GLU D 1097 -21.36 0.81 -27.35
C GLU D 1097 -20.53 -0.43 -27.00
N MET D 1098 -21.14 -1.28 -26.18
CA MET D 1098 -20.53 -2.52 -25.70
C MET D 1098 -21.41 -3.71 -26.02
N HIS D 1099 -20.78 -4.86 -26.27
CA HIS D 1099 -21.46 -6.14 -26.44
C HIS D 1099 -22.48 -6.10 -27.58
N PHE D 1100 -23.70 -5.70 -27.26
CA PHE D 1100 -24.86 -5.72 -28.17
C PHE D 1100 -24.86 -6.98 -29.04
N HIS D 1101 -24.84 -8.14 -28.38
CA HIS D 1101 -24.93 -9.39 -29.10
C HIS D 1101 -26.29 -9.49 -29.79
N PRO D 1102 -26.35 -9.94 -31.04
CA PRO D 1102 -27.63 -10.01 -31.75
C PRO D 1102 -28.59 -10.97 -31.06
N LYS D 1103 -29.81 -10.50 -30.85
CA LYS D 1103 -30.85 -11.26 -30.18
C LYS D 1103 -31.83 -11.81 -31.20
N ALA D 1104 -32.10 -13.10 -31.14
CA ALA D 1104 -33.01 -13.74 -32.08
C ALA D 1104 -34.45 -13.36 -31.75
N LEU D 1105 -35.17 -12.86 -32.75
CA LEU D 1105 -36.56 -12.48 -32.56
C LEU D 1105 -37.44 -13.71 -32.43
N LYS D 1106 -38.45 -13.63 -31.56
CA LYS D 1106 -39.33 -14.76 -31.31
C LYS D 1106 -40.43 -14.91 -32.36
N ASP D 1107 -40.66 -13.89 -33.19
CA ASP D 1107 -41.71 -14.01 -34.20
C ASP D 1107 -41.28 -14.91 -35.34
N VAL D 1108 -40.02 -14.84 -35.75
CA VAL D 1108 -39.51 -15.66 -36.84
C VAL D 1108 -39.13 -17.03 -36.30
N LYS D 1109 -39.73 -18.08 -36.87
CA LYS D 1109 -39.44 -19.44 -36.43
C LYS D 1109 -38.08 -19.92 -36.90
N GLY D 1110 -37.54 -19.36 -37.98
CA GLY D 1110 -36.27 -19.81 -38.50
C GLY D 1110 -35.11 -19.53 -37.57
N GLN D 1111 -35.15 -18.40 -36.86
CA GLN D 1111 -34.03 -18.00 -36.02
C GLN D 1111 -33.85 -18.97 -34.86
N ILE D 1112 -32.59 -19.27 -34.55
CA ILE D 1112 -32.23 -20.21 -33.48
C ILE D 1112 -31.52 -19.44 -32.39
N GLY D 1113 -32.06 -19.51 -31.17
CA GLY D 1113 -31.46 -18.88 -30.02
C GLY D 1113 -31.04 -19.88 -28.97
N ALA D 1114 -30.13 -19.47 -28.09
CA ALA D 1114 -29.67 -20.35 -27.02
C ALA D 1114 -30.77 -20.53 -25.99
N PRO D 1115 -31.18 -21.77 -25.67
CA PRO D 1115 -32.28 -21.95 -24.71
C PRO D 1115 -31.86 -21.71 -23.26
N MET D 1116 -30.63 -22.05 -22.90
CA MET D 1116 -30.10 -21.83 -21.56
C MET D 1116 -28.78 -21.08 -21.63
N PRO D 1117 -28.46 -20.28 -20.62
CA PRO D 1117 -27.15 -19.64 -20.58
C PRO D 1117 -26.04 -20.67 -20.36
N GLY D 1118 -24.89 -20.36 -20.91
CA GLY D 1118 -23.74 -21.24 -20.84
C GLY D 1118 -22.82 -21.00 -22.02
N LYS D 1119 -21.85 -21.89 -22.17
CA LYS D 1119 -20.84 -21.76 -23.22
C LYS D 1119 -21.03 -22.86 -24.25
N VAL D 1120 -20.78 -22.55 -25.51
CA VAL D 1120 -20.90 -23.54 -26.56
C VAL D 1120 -19.67 -24.44 -26.55
N ILE D 1121 -19.92 -25.75 -26.46
CA ILE D 1121 -18.82 -26.71 -26.47
C ILE D 1121 -18.43 -27.06 -27.90
N ASP D 1122 -19.39 -27.55 -28.68
CA ASP D 1122 -19.14 -27.91 -30.07
C ASP D 1122 -20.39 -27.63 -30.88
N ILE D 1123 -20.20 -27.34 -32.16
CA ILE D 1123 -21.29 -27.16 -33.11
C ILE D 1123 -21.09 -28.16 -34.24
N LYS D 1124 -22.11 -28.98 -34.48
CA LYS D 1124 -22.02 -30.04 -35.48
C LYS D 1124 -22.35 -29.57 -36.89
N VAL D 1125 -22.69 -28.29 -37.06
CA VAL D 1125 -23.11 -27.75 -38.35
C VAL D 1125 -22.18 -26.61 -38.73
N VAL D 1126 -21.67 -26.66 -39.95
CA VAL D 1126 -20.88 -25.60 -40.51
C VAL D 1126 -21.77 -24.75 -41.41
N ALA D 1127 -21.29 -23.58 -41.80
CA ALA D 1127 -22.06 -22.70 -42.68
C ALA D 1127 -22.33 -23.39 -44.01
N GLY D 1128 -23.53 -23.18 -44.54
CA GLY D 1128 -23.94 -23.80 -45.78
C GLY D 1128 -24.06 -25.31 -45.71
N ALA D 1129 -24.70 -25.81 -44.65
CA ALA D 1129 -24.89 -27.24 -44.45
C ALA D 1129 -26.37 -27.58 -44.39
N LYS D 1130 -26.70 -28.77 -44.86
CA LYS D 1130 -28.06 -29.26 -44.90
C LYS D 1130 -28.35 -30.10 -43.66
N VAL D 1131 -29.46 -29.79 -42.98
CA VAL D 1131 -29.86 -30.50 -41.77
C VAL D 1131 -31.33 -30.87 -41.86
N ALA D 1132 -31.70 -31.92 -41.14
CA ALA D 1132 -33.06 -32.45 -41.14
C ALA D 1132 -33.69 -32.28 -39.76
N LYS D 1133 -34.90 -32.82 -39.61
CA LYS D 1133 -35.63 -32.71 -38.36
C LYS D 1133 -35.14 -33.75 -37.35
N GLY D 1134 -35.06 -33.35 -36.09
CA GLY D 1134 -34.67 -34.24 -35.02
C GLY D 1134 -33.22 -34.65 -35.05
N GLN D 1135 -32.32 -33.67 -34.89
CA GLN D 1135 -30.89 -33.94 -34.90
C GLN D 1135 -30.19 -32.90 -34.03
N PRO D 1136 -29.17 -33.29 -33.27
CA PRO D 1136 -28.43 -32.31 -32.47
C PRO D 1136 -27.43 -31.53 -33.32
N LEU D 1137 -27.55 -30.20 -33.28
CA LEU D 1137 -26.67 -29.34 -34.08
C LEU D 1137 -25.75 -28.45 -33.27
N CYS D 1138 -26.11 -28.10 -32.04
CA CYS D 1138 -25.25 -27.28 -31.19
C CYS D 1138 -25.31 -27.83 -29.77
N VAL D 1139 -24.25 -27.59 -29.01
CA VAL D 1139 -24.13 -28.06 -27.64
C VAL D 1139 -23.76 -26.88 -26.75
N LEU D 1140 -24.61 -26.59 -25.77
CA LEU D 1140 -24.34 -25.59 -24.76
C LEU D 1140 -24.19 -26.25 -23.40
N SER D 1141 -23.22 -25.78 -22.61
CA SER D 1141 -22.92 -26.35 -21.31
C SER D 1141 -23.06 -25.28 -20.24
N ALA D 1142 -23.67 -25.67 -19.13
CA ALA D 1142 -23.85 -24.86 -17.93
C ALA D 1142 -23.25 -25.60 -16.73
N MET D 1143 -23.54 -25.10 -15.53
CA MET D 1143 -22.81 -25.51 -14.34
C MET D 1143 -22.85 -27.02 -14.13
N LYS D 1144 -24.04 -27.60 -13.97
CA LYS D 1144 -24.13 -29.04 -13.73
C LYS D 1144 -25.27 -29.66 -14.53
N MET D 1145 -25.50 -29.17 -15.75
CA MET D 1145 -26.48 -29.78 -16.64
C MET D 1145 -26.19 -29.36 -18.07
N GLU D 1146 -26.56 -30.22 -19.01
CA GLU D 1146 -26.30 -30.01 -20.42
C GLU D 1146 -27.62 -29.95 -21.20
N THR D 1147 -27.73 -28.97 -22.09
CA THR D 1147 -28.89 -28.81 -22.95
C THR D 1147 -28.46 -29.03 -24.39
N VAL D 1148 -29.21 -29.86 -25.11
CA VAL D 1148 -28.87 -30.29 -26.46
C VAL D 1148 -29.76 -29.55 -27.45
N VAL D 1149 -29.14 -28.81 -28.35
CA VAL D 1149 -29.88 -28.01 -29.34
C VAL D 1149 -30.29 -28.89 -30.51
N THR D 1150 -31.59 -28.90 -30.80
CA THR D 1150 -32.17 -29.72 -31.86
C THR D 1150 -32.71 -28.81 -32.96
N SER D 1151 -32.56 -29.25 -34.20
CA SER D 1151 -32.99 -28.46 -35.34
C SER D 1151 -34.52 -28.35 -35.36
N PRO D 1152 -35.07 -27.13 -35.40
CA PRO D 1152 -36.54 -26.99 -35.43
C PRO D 1152 -37.19 -27.63 -36.64
N MET D 1153 -36.52 -27.63 -37.79
CA MET D 1153 -37.08 -28.18 -39.01
C MET D 1153 -35.93 -28.59 -39.93
N GLU D 1154 -36.25 -28.89 -41.19
CA GLU D 1154 -35.26 -29.25 -42.19
C GLU D 1154 -34.93 -28.03 -43.05
N GLY D 1155 -33.74 -28.04 -43.62
CA GLY D 1155 -33.33 -26.96 -44.49
C GLY D 1155 -31.81 -26.83 -44.52
N THR D 1156 -31.35 -25.62 -44.81
CA THR D 1156 -29.93 -25.32 -44.88
C THR D 1156 -29.60 -24.16 -43.96
N VAL D 1157 -28.41 -24.20 -43.39
CA VAL D 1157 -27.95 -23.19 -42.44
C VAL D 1157 -27.14 -22.15 -43.19
N ARG D 1158 -27.52 -20.87 -43.04
CA ARG D 1158 -26.81 -19.80 -43.72
C ARG D 1158 -25.42 -19.59 -43.12
N LYS D 1159 -25.36 -19.28 -41.83
CA LYS D 1159 -24.10 -18.96 -41.17
C LYS D 1159 -24.25 -19.22 -39.68
N VAL D 1160 -23.13 -19.48 -39.02
CA VAL D 1160 -23.09 -19.71 -37.59
C VAL D 1160 -22.48 -18.49 -36.93
N HIS D 1161 -23.27 -17.80 -36.10
CA HIS D 1161 -22.75 -16.64 -35.38
C HIS D 1161 -21.66 -17.02 -34.40
N VAL D 1162 -21.92 -17.98 -33.53
CA VAL D 1162 -20.95 -18.41 -32.54
C VAL D 1162 -20.18 -19.58 -33.13
N THR D 1163 -18.85 -19.59 -32.93
CA THR D 1163 -18.03 -20.65 -33.49
C THR D 1163 -17.78 -21.76 -32.46
N LYS D 1164 -17.15 -21.42 -31.34
CA LYS D 1164 -16.82 -22.38 -30.29
C LYS D 1164 -16.32 -21.63 -29.06
N ASP D 1165 -16.81 -22.05 -27.90
CA ASP D 1165 -16.35 -21.55 -26.61
C ASP D 1165 -16.60 -20.05 -26.45
N MET D 1166 -17.84 -19.63 -26.64
CA MET D 1166 -18.31 -18.33 -26.20
C MET D 1166 -19.55 -18.51 -25.33
N THR D 1167 -19.59 -17.77 -24.22
CA THR D 1167 -20.74 -17.80 -23.34
C THR D 1167 -21.93 -17.16 -24.01
N LEU D 1168 -23.10 -17.75 -23.82
CA LEU D 1168 -24.34 -17.24 -24.41
C LEU D 1168 -25.29 -16.84 -23.29
N GLU D 1169 -25.94 -15.69 -23.48
CA GLU D 1169 -26.95 -15.21 -22.55
C GLU D 1169 -28.30 -15.78 -22.94
N GLY D 1170 -29.37 -15.27 -22.32
CA GLY D 1170 -30.70 -15.73 -22.65
C GLY D 1170 -31.07 -15.36 -24.08
N ASP D 1171 -31.42 -16.37 -24.87
CA ASP D 1171 -31.88 -16.19 -26.25
C ASP D 1171 -30.83 -15.46 -27.10
N ASP D 1172 -29.69 -16.12 -27.27
CA ASP D 1172 -28.61 -15.62 -28.09
C ASP D 1172 -28.52 -16.42 -29.39
N LEU D 1173 -28.37 -15.70 -30.50
CA LEU D 1173 -28.27 -16.35 -31.80
C LEU D 1173 -27.07 -17.29 -31.85
N ILE D 1174 -27.31 -18.50 -32.36
CA ILE D 1174 -26.26 -19.48 -32.56
C ILE D 1174 -26.05 -19.65 -34.06
N LEU D 1175 -27.16 -19.82 -34.78
CA LEU D 1175 -27.16 -19.92 -36.23
C LEU D 1175 -28.59 -19.74 -36.73
N GLU D 1176 -28.74 -19.69 -38.05
CA GLU D 1176 -30.03 -19.49 -38.69
C GLU D 1176 -30.34 -20.66 -39.61
N ILE D 1177 -31.58 -21.14 -39.57
CA ILE D 1177 -32.03 -22.25 -40.41
C ILE D 1177 -33.24 -21.81 -41.21
N GLU D 1178 -33.27 -22.17 -42.49
CA GLU D 1178 -34.40 -21.87 -43.37
C GLU D 1178 -34.95 -23.16 -43.99
C11 BTI E . -39.30 -0.69 25.65
O11 BTI E . -38.52 -0.48 24.78
C10 BTI E . -40.51 -1.51 25.35
C9 BTI E . -40.69 -2.57 26.43
C8 BTI E . -39.61 -3.70 26.24
C7 BTI E . -39.92 -4.85 27.24
C2 BTI E . -41.05 -5.84 26.60
S1 BTI E . -42.56 -5.53 27.33
C6 BTI E . -43.30 -6.75 27.15
C5 BTI E . -42.17 -7.93 27.29
N3 BTI E . -42.10 -8.37 28.55
C3 BTI E . -40.69 -7.99 29.12
O3 BTI E . -40.30 -8.23 30.21
N2 BTI E . -39.92 -7.28 28.03
C4 BTI E . -40.73 -7.21 26.92
N1A ACO F . 30.57 0.15 -3.77
C2A ACO F . 29.33 0.24 -3.26
N3A ACO F . 28.95 0.15 -1.99
C4A ACO F . 30.00 -0.06 -1.19
C5A ACO F . 31.32 -0.18 -1.56
C6A ACO F . 31.61 -0.07 -2.94
N6A ACO F . 32.83 -0.15 -3.45
N7A ACO F . 32.13 -0.41 -0.46
C8A ACO F . 31.29 -0.41 0.54
N9A ACO F . 29.98 -0.22 0.18
C1B ACO F . 28.82 -0.16 1.06
C2B ACO F . 28.42 -1.52 1.68
O2B ACO F . 27.27 -2.04 1.03
C3B ACO F . 28.08 -1.13 3.12
O3B ACO F . 26.73 -1.51 3.43
P3B ACO F . 26.11 -1.25 4.85
O7A ACO F . 25.57 0.14 4.87
O8A ACO F . 25.05 -2.32 5.09
O9A ACO F . 27.21 -1.46 5.89
C4B ACO F . 28.22 0.39 3.18
O4B ACO F . 29.12 0.70 2.14
C5B ACO F . 28.78 0.91 4.47
O5B ACO F . 28.99 2.32 4.37
P1A ACO F . 29.99 3.07 5.33
O1A ACO F . 31.23 3.45 4.62
O2A ACO F . 29.21 4.20 5.99
O3A ACO F . 30.30 2.03 6.47
P2A ACO F . 31.32 1.92 7.69
O4A ACO F . 31.25 0.59 8.33
O5A ACO F . 31.06 3.10 8.61
O6A ACO F . 32.70 2.18 6.99
CBP ACO F . 33.90 0.26 6.18
CCP ACO F . 33.57 1.12 7.39
CDP ACO F . 35.09 0.89 5.45
CEP ACO F . 34.28 -1.15 6.66
CAP ACO F . 32.69 0.16 5.23
OAP ACO F . 32.56 1.35 4.45
C9P ACO F . 32.70 -1.05 4.32
O9P ACO F . 31.89 -1.95 4.51
N8P ACO F . 33.60 -1.09 3.36
C7P ACO F . 33.71 -2.21 2.44
C6P ACO F . 35.02 -2.95 2.62
C5P ACO F . 35.04 -3.75 3.90
O5P ACO F . 34.17 -3.62 4.75
N4P ACO F . 36.07 -4.57 4.03
C3P ACO F . 36.27 -5.42 5.20
C2P ACO F . 37.12 -6.63 4.86
S1P ACO F . 37.10 -6.81 3.05
C ACO F . 37.21 -8.56 2.89
O ACO F . 37.36 -9.29 3.81
CH3 ACO F . 37.12 -9.02 1.45
N1A ACO G . 8.97 -26.04 11.59
C2A ACO G . 8.69 -25.23 10.56
N3A ACO G . 8.78 -25.49 9.25
C4A ACO G . 9.23 -26.73 9.03
C5A ACO G . 9.56 -27.66 9.98
C6A ACO G . 9.41 -27.28 11.34
N6A ACO G . 9.69 -28.08 12.37
N7A ACO G . 9.98 -28.85 9.40
C8A ACO G . 9.90 -28.59 8.11
N9A ACO G . 9.45 -27.32 7.82
C1B ACO G . 9.25 -26.74 6.50
C2B ACO G . 10.42 -25.88 6.03
O2B ACO G . 10.13 -24.49 6.18
C3B ACO G . 10.56 -26.28 4.57
O3B ACO G . 10.43 -25.11 3.72
P3B ACO G . 11.63 -24.60 2.86
O7A ACO G . 12.11 -25.74 2.02
O8A ACO G . 11.13 -23.42 2.01
O9A ACO G . 12.69 -24.06 3.82
C4B ACO G . 9.40 -27.25 4.30
O4B ACO G . 9.12 -27.79 5.56
C5B ACO G . 9.73 -28.35 3.33
O5B ACO G . 8.69 -28.45 2.32
P1A ACO G . 8.17 -29.84 1.81
O1A ACO G . 7.98 -30.80 2.92
O2A ACO G . 6.90 -29.58 0.99
O3A ACO G . 9.30 -30.34 0.80
P2A ACO G . 10.52 -31.35 0.84
O4A ACO G . 11.77 -30.71 0.39
O5A ACO G . 10.12 -32.60 0.04
O6A ACO G . 10.62 -31.75 2.35
CBP ACO G . 12.43 -32.17 3.92
CCP ACO G . 11.88 -32.43 2.51
CDP ACO G . 12.02 -33.33 4.83
CEP ACO G . 13.95 -32.07 3.85
CAP ACO G . 11.84 -30.84 4.47
OAP ACO G . 10.46 -30.98 4.73
C9P ACO G . 12.55 -30.31 5.71
O9P ACO G . 13.48 -29.52 5.59
N8P ACO G . 12.11 -30.73 6.89
C7P ACO G . 12.71 -30.29 8.14
C6P ACO G . 13.87 -31.17 8.55
C5P ACO G . 15.12 -30.84 7.77
O5P ACO G . 15.48 -29.67 7.61
N4P ACO G . 15.79 -31.87 7.29
C3P ACO G . 17.02 -31.74 6.51
C2P ACO G . 18.18 -31.25 7.36
S1P ACO G . 18.31 -32.29 8.85
C ACO G . 20.04 -32.15 9.19
O ACO G . 20.89 -32.49 8.42
CH3 ACO G . 20.31 -31.58 10.56
C11 BTI H . -5.30 30.07 -36.67
O11 BTI H . -6.30 30.25 -36.10
C10 BTI H . -4.17 31.06 -36.53
C9 BTI H . -4.33 31.86 -35.25
C8 BTI H . -2.93 32.46 -34.82
C7 BTI H . -2.33 33.30 -35.99
C2 BTI H . -1.23 34.33 -35.40
S1 BTI H . -1.10 35.71 -36.39
C6 BTI H . 0.12 36.32 -35.92
C5 BTI H . 1.10 35.04 -35.66
N3 BTI H . 1.81 34.81 -36.77
C3 BTI H . 1.33 33.44 -37.37
O3 BTI H . 1.74 32.95 -38.37
N2 BTI H . 0.25 32.88 -36.47
C4 BTI H . 0.08 33.77 -35.42
C11 BTI I . 18.79 33.93 7.33
O11 BTI I . 19.41 33.09 6.78
C10 BTI I . 18.89 35.36 6.87
C9 BTI I . 19.00 35.42 5.36
C8 BTI I . 18.25 36.70 4.85
C7 BTI I . 19.15 37.97 5.04
C2 BTI I . 20.08 38.17 3.74
S1 BTI I . 21.59 38.84 4.15
C6 BTI I . 22.10 39.40 2.93
C5 BTI I . 20.74 39.97 2.18
N3 BTI I . 20.57 41.25 2.49
C3 BTI I . 19.26 41.39 3.36
O3 BTI I . 18.82 42.39 3.80
N2 BTI I . 18.68 40.01 3.52
C4 BTI I . 19.50 39.13 2.84
C11 BTI J . -24.14 -30.11 -7.21
O11 BTI J . -24.26 -28.95 -6.99
C10 BTI J . -24.03 -31.06 -6.05
C9 BTI J . -24.95 -32.24 -6.25
C8 BTI J . -26.44 -31.74 -6.36
C7 BTI J . -27.38 -32.90 -5.92
C2 BTI J . -27.51 -32.90 -4.31
S1 BTI J . -27.57 -34.49 -3.72
C6 BTI J . -28.11 -34.33 -2.39
C5 BTI J . -29.23 -33.14 -2.56
N3 BTI J . -30.41 -33.70 -2.79
C3 BTI J . -30.83 -33.33 -4.28
O3 BTI J . -31.82 -33.67 -4.82
N2 BTI J . -29.73 -32.47 -4.86
C4 BTI J . -28.76 -32.31 -3.90
#